data_9AUV
#
_entry.id   9AUV
#
_cell.length_a   100.731
_cell.length_b   127.277
_cell.length_c   126.702
_cell.angle_alpha   90.00
_cell.angle_beta   104.78
_cell.angle_gamma   90.00
#
_symmetry.space_group_name_H-M   'P 1 21 1'
#
loop_
_entity.id
_entity.type
_entity.pdbx_description
1 polymer "Inosine-5'-monophosphate dehydrogenase"
2 non-polymer 'INOSINIC ACID'
3 non-polymer N-(6-chloropyridin-3-yl)-N~2~-(1,4-dihydro-2H-pyrano[3,4-c]quinolin-9-yl)-L-alaninamide
4 water water
#
_entity_poly.entity_id   1
_entity_poly.type   'polypeptide(L)'
_entity_poly.pdbx_seq_one_letter_code
;MHHHHHHGENLYFQGSMLTIVQEALTFDDVLLLPAYSTVLPKDVSLKTRLTRGIYLNIPLVSAAMDTVTESRMAIAMAQN
GGIGILHKNMDIAAQAAEVRRVKKFEAGKAESYPNSCKDDLGRLRVGAAVGTGADTPSRVEALVEAGVDVIVVDTAHGHS
AGVIERVRWVKQNFPQVQVIGGNIATGDAALALLDAGADAVKVGIGPGSICTTRIVAGIGMPQISAIDSVASALKDQIPL
IADGGIRFSGDMAKAIGAGASTIMVGSLLAGTEEAPGEVEFFQGRYYKAYRGMGSLGAMAGATGSADRYFQDSKAGAEKL
VPEGIEGRVPYKGPMGNIVHQMMGGLRSSMGYTGSAVIEDLRQNAKFVKITSAGMSESHVHDVTITKEAPNYRVG
;
_entity_poly.pdbx_strand_id   A,B,C,D,E,F,G,H
#
# COMPACT_ATOMS: atom_id res chain seq x y z
N SER A 16 1.32 -14.54 -39.98
CA SER A 16 1.32 -15.23 -41.26
C SER A 16 2.47 -16.24 -41.32
N MET A 17 3.67 -15.78 -41.01
CA MET A 17 4.82 -16.66 -40.86
C MET A 17 4.97 -17.17 -39.43
N LEU A 18 4.33 -16.52 -38.47
CA LEU A 18 4.45 -16.89 -37.07
C LEU A 18 3.74 -18.22 -36.82
N THR A 19 4.47 -19.20 -36.28
CA THR A 19 3.92 -20.52 -36.00
C THR A 19 3.45 -20.56 -34.56
N ILE A 20 2.13 -20.49 -34.36
CA ILE A 20 1.51 -20.58 -33.04
C ILE A 20 0.86 -21.96 -32.97
N VAL A 21 1.48 -22.86 -32.20
CA VAL A 21 1.00 -24.25 -32.17
C VAL A 21 -0.41 -24.31 -31.57
N GLN A 22 -0.64 -23.55 -30.50
CA GLN A 22 -1.94 -23.55 -29.83
C GLN A 22 -1.99 -22.39 -28.85
N GLU A 23 -3.18 -22.14 -28.31
CA GLU A 23 -3.32 -21.36 -27.08
C GLU A 23 -3.16 -22.34 -25.93
N ALA A 24 -2.15 -22.12 -25.11
CA ALA A 24 -1.77 -23.06 -24.07
C ALA A 24 -2.34 -22.64 -22.72
N LEU A 25 -2.82 -23.61 -21.95
CA LEU A 25 -3.56 -23.36 -20.73
C LEU A 25 -2.75 -23.74 -19.50
N THR A 26 -2.89 -22.96 -18.43
CA THR A 26 -2.35 -23.27 -17.14
C THR A 26 -3.47 -23.75 -16.21
N PHE A 27 -3.11 -24.06 -14.96
CA PHE A 27 -4.09 -24.56 -14.00
C PHE A 27 -5.25 -23.58 -13.82
N ASP A 28 -4.93 -22.29 -13.65
CA ASP A 28 -5.96 -21.28 -13.39
C ASP A 28 -6.86 -21.02 -14.58
N ASP A 29 -6.54 -21.54 -15.76
CA ASP A 29 -7.36 -21.37 -16.94
C ASP A 29 -8.56 -22.31 -17.00
N VAL A 30 -8.59 -23.37 -16.19
CA VAL A 30 -9.61 -24.41 -16.36
C VAL A 30 -10.19 -24.81 -15.01
N LEU A 31 -11.37 -25.42 -15.09
CA LEU A 31 -12.03 -26.02 -13.93
C LEU A 31 -12.57 -27.38 -14.35
N LEU A 32 -12.50 -28.34 -13.44
CA LEU A 32 -13.15 -29.63 -13.66
C LEU A 32 -14.65 -29.51 -13.45
N LEU A 33 -15.41 -30.27 -14.23
CA LEU A 33 -16.86 -30.29 -14.09
C LEU A 33 -17.30 -31.43 -13.17
N PRO A 34 -18.28 -31.19 -12.32
CA PRO A 34 -18.91 -32.31 -11.60
C PRO A 34 -19.63 -33.24 -12.57
N ALA A 35 -19.75 -34.50 -12.16
CA ALA A 35 -20.37 -35.53 -12.97
C ALA A 35 -21.14 -36.48 -12.05
N TYR A 36 -21.95 -37.36 -12.66
CA TYR A 36 -22.71 -38.31 -11.87
C TYR A 36 -21.76 -39.15 -11.01
N SER A 37 -22.10 -39.29 -9.73
CA SER A 37 -21.16 -39.86 -8.77
C SER A 37 -21.87 -40.78 -7.79
N THR A 38 -21.27 -41.95 -7.56
CA THR A 38 -21.76 -42.87 -6.55
C THR A 38 -20.75 -43.18 -5.45
N VAL A 39 -19.48 -42.84 -5.62
CA VAL A 39 -18.45 -43.18 -4.65
C VAL A 39 -18.15 -41.94 -3.82
N LEU A 40 -18.12 -42.11 -2.51
CA LEU A 40 -17.81 -41.04 -1.59
C LEU A 40 -16.31 -40.76 -1.58
N PRO A 41 -15.92 -39.52 -1.31
CA PRO A 41 -14.48 -39.21 -1.24
C PRO A 41 -13.69 -40.15 -0.35
N LYS A 42 -14.26 -40.58 0.77
CA LYS A 42 -13.53 -41.46 1.68
C LYS A 42 -13.22 -42.82 1.07
N ASP A 43 -13.94 -43.23 0.03
CA ASP A 43 -13.79 -44.57 -0.54
C ASP A 43 -13.03 -44.60 -1.85
N VAL A 44 -12.59 -43.45 -2.38
CA VAL A 44 -11.85 -43.49 -3.63
C VAL A 44 -10.46 -44.07 -3.41
N SER A 45 -9.90 -44.62 -4.48
CA SER A 45 -8.54 -45.15 -4.48
C SER A 45 -7.61 -44.12 -5.10
N LEU A 46 -6.49 -43.83 -4.43
CA LEU A 46 -5.50 -42.89 -4.93
C LEU A 46 -4.29 -43.59 -5.57
N LYS A 47 -4.34 -44.91 -5.71
CA LYS A 47 -3.22 -45.66 -6.27
C LYS A 47 -2.99 -45.29 -7.73
N THR A 48 -1.72 -45.21 -8.14
CA THR A 48 -1.39 -44.75 -9.48
C THR A 48 -0.01 -45.27 -9.87
N ARG A 49 0.34 -45.08 -11.14
CA ARG A 49 1.63 -45.46 -11.67
C ARG A 49 2.64 -44.33 -11.52
N LEU A 50 3.82 -44.65 -10.99
CA LEU A 50 4.96 -43.75 -11.15
C LEU A 50 5.65 -44.00 -12.49
N THR A 51 5.95 -45.27 -12.78
CA THR A 51 6.52 -45.68 -14.05
C THR A 51 5.73 -46.89 -14.54
N ARG A 52 6.09 -47.40 -15.71
N ARG A 52 6.11 -47.40 -15.70
CA ARG A 52 5.38 -48.58 -16.18
CA ARG A 52 5.45 -48.59 -16.23
C ARG A 52 5.52 -49.74 -15.20
C ARG A 52 5.68 -49.81 -15.37
N GLY A 53 6.55 -49.73 -14.36
CA GLY A 53 6.82 -50.85 -13.47
C GLY A 53 6.72 -50.57 -11.98
N ILE A 54 6.40 -49.34 -11.58
CA ILE A 54 6.33 -48.96 -10.17
C ILE A 54 5.01 -48.25 -9.91
N TYR A 55 4.25 -48.74 -8.94
CA TYR A 55 3.02 -48.08 -8.50
C TYR A 55 3.25 -47.36 -7.18
N LEU A 56 2.54 -46.24 -7.01
CA LEU A 56 2.46 -45.54 -5.73
C LEU A 56 1.06 -45.68 -5.15
N ASN A 57 0.94 -45.49 -3.84
CA ASN A 57 -0.37 -45.49 -3.20
C ASN A 57 -1.02 -44.12 -3.17
N ILE A 58 -0.25 -43.06 -3.38
CA ILE A 58 -0.78 -41.73 -3.68
C ILE A 58 0.04 -41.10 -4.79
N PRO A 59 -0.58 -40.20 -5.59
CA PRO A 59 0.07 -39.65 -6.78
C PRO A 59 1.00 -38.47 -6.52
N LEU A 60 1.88 -38.63 -5.53
CA LEU A 60 2.72 -37.51 -5.08
C LEU A 60 4.19 -37.92 -5.08
N VAL A 61 5.03 -37.05 -5.64
CA VAL A 61 6.48 -37.22 -5.72
C VAL A 61 7.12 -35.94 -5.21
N SER A 62 8.12 -36.06 -4.33
CA SER A 62 8.82 -34.88 -3.85
C SER A 62 9.97 -34.52 -4.78
N ALA A 63 10.19 -33.23 -4.99
CA ALA A 63 11.11 -32.74 -6.00
C ALA A 63 12.57 -33.06 -5.64
N ALA A 64 13.38 -33.30 -6.68
CA ALA A 64 14.81 -33.55 -6.53
C ALA A 64 15.57 -32.23 -6.38
N MET A 65 15.38 -31.61 -5.21
CA MET A 65 15.91 -30.28 -4.91
C MET A 65 16.62 -30.30 -3.57
N ASP A 66 17.73 -29.56 -3.46
CA ASP A 66 18.49 -29.66 -2.22
C ASP A 66 17.85 -28.88 -1.08
N THR A 67 16.69 -28.29 -1.29
CA THR A 67 15.88 -27.74 -0.20
C THR A 67 14.57 -28.50 -0.03
N VAL A 68 14.43 -29.69 -0.64
CA VAL A 68 13.18 -30.44 -0.54
C VAL A 68 13.40 -31.90 -0.13
N THR A 69 14.23 -32.64 -0.88
CA THR A 69 14.31 -34.09 -0.72
C THR A 69 15.73 -34.59 -0.44
N GLU A 70 16.00 -34.93 0.82
CA GLU A 70 17.08 -35.86 1.11
C GLU A 70 16.44 -37.09 1.77
N SER A 71 17.22 -37.94 2.46
CA SER A 71 16.69 -39.22 2.90
C SER A 71 15.51 -39.05 3.87
N ARG A 72 15.56 -38.03 4.73
CA ARG A 72 14.47 -37.83 5.68
C ARG A 72 13.14 -37.61 4.96
N MET A 73 13.14 -36.73 3.96
CA MET A 73 11.92 -36.50 3.18
C MET A 73 11.53 -37.74 2.39
N ALA A 74 12.50 -38.41 1.77
CA ALA A 74 12.19 -39.61 1.00
C ALA A 74 11.53 -40.67 1.86
N ILE A 75 12.02 -40.85 3.09
CA ILE A 75 11.41 -41.83 3.98
C ILE A 75 9.96 -41.46 4.26
N ALA A 76 9.71 -40.20 4.60
CA ALA A 76 8.35 -39.76 4.89
C ALA A 76 7.44 -39.88 3.66
N MET A 77 7.95 -39.53 2.48
CA MET A 77 7.15 -39.69 1.26
C MET A 77 6.71 -41.12 1.07
N ALA A 78 7.66 -42.07 1.15
CA ALA A 78 7.34 -43.48 0.97
C ALA A 78 6.39 -43.98 2.05
N GLN A 79 6.59 -43.55 3.30
CA GLN A 79 5.69 -43.97 4.37
C GLN A 79 4.26 -43.54 4.10
N ASN A 80 4.07 -42.38 3.45
CA ASN A 80 2.75 -41.87 3.13
C ASN A 80 2.20 -42.43 1.83
N GLY A 81 2.94 -43.30 1.16
CA GLY A 81 2.48 -43.92 -0.07
C GLY A 81 3.02 -43.31 -1.34
N GLY A 82 3.79 -42.24 -1.25
CA GLY A 82 4.42 -41.62 -2.41
C GLY A 82 5.85 -42.05 -2.56
N ILE A 83 6.68 -41.17 -3.12
CA ILE A 83 8.11 -41.44 -3.31
C ILE A 83 8.83 -40.11 -3.37
N GLY A 84 10.09 -40.11 -2.93
CA GLY A 84 10.96 -38.93 -3.02
C GLY A 84 12.07 -39.19 -4.01
N ILE A 85 12.46 -38.16 -4.75
CA ILE A 85 13.63 -38.22 -5.63
C ILE A 85 14.76 -37.46 -4.96
N LEU A 86 15.78 -38.19 -4.52
CA LEU A 86 16.94 -37.58 -3.89
C LEU A 86 17.65 -36.66 -4.88
N HIS A 87 18.00 -35.45 -4.45
CA HIS A 87 18.68 -34.54 -5.36
C HIS A 87 20.13 -34.98 -5.58
N LYS A 88 20.72 -34.45 -6.66
CA LYS A 88 22.06 -34.85 -7.07
C LYS A 88 23.11 -33.78 -6.74
N ASN A 89 22.78 -32.80 -5.91
CA ASN A 89 23.75 -31.78 -5.54
C ASN A 89 24.59 -32.29 -4.37
N MET A 90 25.17 -33.47 -4.53
CA MET A 90 26.05 -34.07 -3.53
C MET A 90 26.92 -35.08 -4.24
N ASP A 91 28.05 -35.43 -3.62
CA ASP A 91 28.93 -36.34 -4.32
C ASP A 91 28.30 -37.74 -4.38
N ILE A 92 28.90 -38.59 -5.21
CA ILE A 92 28.33 -39.90 -5.50
C ILE A 92 28.17 -40.72 -4.23
N ALA A 93 29.23 -40.79 -3.41
CA ALA A 93 29.14 -41.59 -2.19
C ALA A 93 28.01 -41.10 -1.29
N ALA A 94 27.88 -39.78 -1.16
CA ALA A 94 26.84 -39.22 -0.30
C ALA A 94 25.45 -39.60 -0.81
N GLN A 95 25.23 -39.50 -2.13
CA GLN A 95 23.90 -39.78 -2.66
C GLN A 95 23.57 -41.28 -2.55
N ALA A 96 24.56 -42.14 -2.78
CA ALA A 96 24.34 -43.58 -2.60
C ALA A 96 24.01 -43.90 -1.14
N ALA A 97 24.64 -43.19 -0.20
CA ALA A 97 24.33 -43.42 1.21
C ALA A 97 22.92 -42.96 1.55
N GLU A 98 22.45 -41.89 0.92
CA GLU A 98 21.07 -41.47 1.10
C GLU A 98 20.12 -42.55 0.62
N VAL A 99 20.41 -43.17 -0.53
CA VAL A 99 19.58 -44.26 -1.02
C VAL A 99 19.54 -45.39 0.02
N ARG A 100 20.70 -45.81 0.51
CA ARG A 100 20.71 -46.93 1.44
C ARG A 100 19.98 -46.61 2.73
N ARG A 101 20.06 -45.36 3.20
CA ARG A 101 19.31 -44.96 4.38
C ARG A 101 17.81 -45.20 4.21
N VAL A 102 17.27 -44.90 3.03
CA VAL A 102 15.85 -45.11 2.79
C VAL A 102 15.55 -46.60 2.64
N LYS A 103 16.39 -47.31 1.89
CA LYS A 103 16.12 -48.71 1.61
C LYS A 103 16.16 -49.57 2.87
N LYS A 104 16.96 -49.18 3.87
CA LYS A 104 17.08 -49.99 5.08
C LYS A 104 16.39 -49.37 6.29
N PHE A 105 15.64 -48.28 6.11
CA PHE A 105 14.90 -47.74 7.25
C PHE A 105 13.88 -48.76 7.73
N GLU A 106 13.87 -48.99 9.04
CA GLU A 106 12.86 -49.83 9.69
C GLU A 106 12.13 -49.00 10.72
N ALA A 107 10.81 -48.97 10.63
CA ALA A 107 10.03 -48.28 11.63
C ALA A 107 9.86 -49.15 12.88
N GLY A 108 9.62 -48.50 14.01
CA GLY A 108 9.26 -49.23 15.20
C GLY A 108 7.85 -49.78 15.11
N LYS A 109 7.64 -50.93 15.77
CA LYS A 109 6.32 -51.55 15.73
C LYS A 109 5.25 -50.70 16.41
N ALA A 110 5.63 -49.63 17.12
CA ALA A 110 4.66 -48.71 17.68
C ALA A 110 4.07 -47.76 16.65
N GLU A 111 4.65 -47.69 15.45
CA GLU A 111 4.16 -46.85 14.38
C GLU A 111 3.72 -47.71 13.20
N SER A 112 2.60 -47.34 12.59
CA SER A 112 2.02 -48.10 11.50
C SER A 112 1.83 -47.18 10.30
N TYR A 113 2.38 -47.58 9.16
CA TYR A 113 2.22 -46.86 7.89
C TYR A 113 1.58 -47.83 6.90
N PRO A 114 0.28 -48.05 7.01
CA PRO A 114 -0.37 -49.07 6.16
C PRO A 114 -0.33 -48.74 4.68
N ASN A 115 -0.15 -47.48 4.30
CA ASN A 115 -0.09 -47.10 2.91
C ASN A 115 1.33 -46.95 2.38
N SER A 116 2.33 -47.44 3.12
CA SER A 116 3.72 -47.34 2.69
C SER A 116 3.89 -47.84 1.26
N CYS A 117 4.77 -47.18 0.51
CA CYS A 117 5.14 -47.58 -0.84
C CYS A 117 6.45 -48.35 -0.75
N LYS A 118 6.39 -49.65 -1.04
CA LYS A 118 7.50 -50.55 -0.81
C LYS A 118 7.77 -51.40 -2.04
N ASP A 119 9.02 -51.84 -2.18
CA ASP A 119 9.39 -52.76 -3.24
C ASP A 119 8.99 -54.18 -2.86
N ASP A 120 9.26 -55.14 -3.75
CA ASP A 120 8.86 -56.52 -3.51
C ASP A 120 9.60 -57.16 -2.33
N LEU A 121 10.64 -56.52 -1.80
CA LEU A 121 11.33 -56.99 -0.61
C LEU A 121 10.81 -56.34 0.68
N GLY A 122 9.79 -55.50 0.58
CA GLY A 122 9.28 -54.83 1.77
C GLY A 122 10.04 -53.58 2.17
N ARG A 123 10.98 -53.10 1.35
CA ARG A 123 11.74 -51.90 1.65
C ARG A 123 11.08 -50.68 1.03
N LEU A 124 11.14 -49.54 1.73
CA LEU A 124 10.60 -48.31 1.20
C LEU A 124 11.24 -47.99 -0.16
N ARG A 125 10.43 -47.51 -1.09
CA ARG A 125 10.95 -47.13 -2.39
C ARG A 125 11.57 -45.74 -2.34
N VAL A 126 12.50 -45.50 -3.27
CA VAL A 126 13.17 -44.20 -3.35
C VAL A 126 13.71 -44.06 -4.77
N GLY A 127 13.78 -42.81 -5.24
CA GLY A 127 14.39 -42.48 -6.50
C GLY A 127 15.58 -41.56 -6.28
N ALA A 128 16.38 -41.39 -7.33
CA ALA A 128 17.54 -40.51 -7.24
C ALA A 128 17.77 -39.86 -8.59
N ALA A 129 18.14 -38.58 -8.56
CA ALA A 129 18.39 -37.81 -9.77
C ALA A 129 19.84 -37.95 -10.20
N VAL A 130 20.06 -37.96 -11.51
CA VAL A 130 21.38 -37.87 -12.10
C VAL A 130 21.28 -36.88 -13.26
N GLY A 131 22.43 -36.34 -13.66
CA GLY A 131 22.51 -35.45 -14.79
C GLY A 131 23.01 -36.14 -16.03
N THR A 132 23.66 -35.38 -16.90
CA THR A 132 24.29 -35.93 -18.09
C THR A 132 25.78 -35.62 -18.13
N GLY A 133 26.34 -35.11 -17.05
CA GLY A 133 27.76 -34.79 -16.97
C GLY A 133 28.62 -36.04 -16.87
N ALA A 134 29.95 -35.80 -16.83
CA ALA A 134 30.92 -36.88 -16.96
C ALA A 134 30.88 -37.86 -15.79
N ASP A 135 30.35 -37.47 -14.64
CA ASP A 135 30.30 -38.36 -13.49
C ASP A 135 29.07 -39.26 -13.51
N THR A 136 28.20 -39.13 -14.52
CA THR A 136 26.92 -39.83 -14.50
C THR A 136 27.08 -41.35 -14.53
N PRO A 137 27.93 -41.95 -15.37
CA PRO A 137 28.06 -43.42 -15.34
C PRO A 137 28.38 -43.94 -13.95
N SER A 138 29.36 -43.33 -13.26
N SER A 138 29.36 -43.33 -13.28
CA SER A 138 29.72 -43.78 -11.93
CA SER A 138 29.73 -43.77 -11.93
C SER A 138 28.61 -43.51 -10.93
C SER A 138 28.60 -43.52 -10.93
N ARG A 139 27.90 -42.39 -11.07
CA ARG A 139 26.80 -42.09 -10.16
C ARG A 139 25.67 -43.08 -10.33
N VAL A 140 25.27 -43.38 -11.57
CA VAL A 140 24.21 -44.33 -11.81
C VAL A 140 24.58 -45.69 -11.23
N GLU A 141 25.79 -46.17 -11.50
CA GLU A 141 26.20 -47.47 -11.00
C GLU A 141 26.12 -47.51 -9.48
N ALA A 142 26.54 -46.44 -8.82
CA ALA A 142 26.54 -46.43 -7.35
C ALA A 142 25.12 -46.42 -6.80
N LEU A 143 24.22 -45.69 -7.45
CA LEU A 143 22.83 -45.62 -6.97
C LEU A 143 22.12 -46.96 -7.19
N VAL A 144 22.36 -47.61 -8.32
CA VAL A 144 21.74 -48.91 -8.56
C VAL A 144 22.27 -49.93 -7.58
N GLU A 145 23.59 -49.92 -7.34
CA GLU A 145 24.17 -50.83 -6.37
C GLU A 145 23.59 -50.63 -4.98
N ALA A 146 23.21 -49.39 -4.63
CA ALA A 146 22.60 -49.10 -3.34
C ALA A 146 21.12 -49.48 -3.27
N GLY A 147 20.54 -49.96 -4.36
CA GLY A 147 19.17 -50.42 -4.36
C GLY A 147 18.13 -49.39 -4.78
N VAL A 148 18.53 -48.31 -5.45
CA VAL A 148 17.56 -47.31 -5.86
C VAL A 148 16.51 -47.96 -6.76
N ASP A 149 15.27 -47.50 -6.64
CA ASP A 149 14.17 -48.07 -7.41
C ASP A 149 14.04 -47.46 -8.79
N VAL A 150 14.38 -46.17 -8.93
CA VAL A 150 14.21 -45.46 -10.18
C VAL A 150 15.31 -44.40 -10.28
N ILE A 151 15.91 -44.31 -11.46
CA ILE A 151 16.88 -43.26 -11.80
C ILE A 151 16.13 -42.17 -12.56
N VAL A 152 16.29 -40.93 -12.14
CA VAL A 152 15.67 -39.80 -12.83
C VAL A 152 16.78 -39.04 -13.56
N VAL A 153 16.85 -39.19 -14.88
CA VAL A 153 17.75 -38.37 -15.68
C VAL A 153 17.11 -37.00 -15.79
N ASP A 154 17.65 -36.03 -15.05
CA ASP A 154 16.95 -34.83 -14.63
C ASP A 154 17.70 -33.60 -15.12
N THR A 155 17.15 -32.92 -16.12
CA THR A 155 17.76 -31.71 -16.66
C THR A 155 16.68 -30.71 -17.00
N ALA A 156 17.12 -29.49 -17.30
CA ALA A 156 16.21 -28.44 -17.75
C ALA A 156 15.61 -28.73 -19.11
N HIS A 157 16.24 -29.60 -19.91
CA HIS A 157 15.87 -29.74 -21.31
C HIS A 157 15.99 -31.22 -21.69
N GLY A 158 14.92 -31.97 -21.42
CA GLY A 158 14.91 -33.40 -21.71
C GLY A 158 14.88 -33.74 -23.19
N HIS A 159 14.42 -32.82 -24.04
CA HIS A 159 14.38 -33.07 -25.47
C HIS A 159 15.72 -32.77 -26.11
N SER A 160 16.79 -33.33 -25.55
CA SER A 160 18.14 -33.08 -26.01
C SER A 160 18.86 -34.40 -26.24
N ALA A 161 19.79 -34.41 -27.20
CA ALA A 161 20.56 -35.61 -27.45
C ALA A 161 21.20 -36.12 -26.17
N GLY A 162 21.66 -35.21 -25.31
CA GLY A 162 22.32 -35.64 -24.08
C GLY A 162 21.42 -36.47 -23.17
N VAL A 163 20.19 -36.01 -22.95
CA VAL A 163 19.28 -36.74 -22.07
C VAL A 163 18.78 -38.00 -22.74
N ILE A 164 18.41 -37.91 -24.02
CA ILE A 164 17.94 -39.09 -24.75
C ILE A 164 18.99 -40.19 -24.73
N GLU A 165 20.24 -39.83 -25.01
CA GLU A 165 21.30 -40.83 -25.03
C GLU A 165 21.55 -41.40 -23.64
N ARG A 166 21.48 -40.56 -22.61
CA ARG A 166 21.72 -41.07 -21.25
C ARG A 166 20.59 -41.99 -20.80
N VAL A 167 19.35 -41.67 -21.16
CA VAL A 167 18.23 -42.56 -20.83
C VAL A 167 18.44 -43.93 -21.47
N ARG A 168 18.75 -43.96 -22.77
CA ARG A 168 19.01 -45.22 -23.44
C ARG A 168 20.17 -45.97 -22.79
N TRP A 169 21.20 -45.24 -22.35
CA TRP A 169 22.35 -45.88 -21.73
C TRP A 169 21.99 -46.54 -20.40
N VAL A 170 21.19 -45.86 -19.58
CA VAL A 170 20.77 -46.46 -18.31
C VAL A 170 19.93 -47.71 -18.57
N LYS A 171 18.99 -47.63 -19.53
CA LYS A 171 18.14 -48.77 -19.83
C LYS A 171 18.97 -49.94 -20.36
N GLN A 172 19.98 -49.64 -21.17
CA GLN A 172 20.80 -50.67 -21.77
C GLN A 172 21.71 -51.34 -20.73
N ASN A 173 22.31 -50.54 -19.85
CA ASN A 173 23.32 -51.05 -18.94
C ASN A 173 22.77 -51.43 -17.58
N PHE A 174 21.60 -50.93 -17.20
CA PHE A 174 21.00 -51.24 -15.90
C PHE A 174 19.51 -51.51 -16.10
N PRO A 175 19.18 -52.57 -16.84
CA PRO A 175 17.76 -52.88 -17.08
C PRO A 175 16.98 -53.19 -15.82
N GLN A 176 17.65 -53.47 -14.70
CA GLN A 176 16.97 -53.82 -13.47
C GLN A 176 16.38 -52.61 -12.75
N VAL A 177 16.69 -51.40 -13.20
CA VAL A 177 16.16 -50.19 -12.56
C VAL A 177 15.23 -49.49 -13.54
N GLN A 178 14.24 -48.80 -12.99
CA GLN A 178 13.38 -47.95 -13.80
C GLN A 178 14.08 -46.63 -14.05
N VAL A 179 13.79 -46.00 -15.19
CA VAL A 179 14.42 -44.75 -15.57
C VAL A 179 13.35 -43.77 -16.02
N ILE A 180 13.46 -42.53 -15.53
CA ILE A 180 12.58 -41.44 -15.91
C ILE A 180 13.42 -40.40 -16.61
N GLY A 181 12.89 -39.81 -17.68
CA GLY A 181 13.56 -38.73 -18.39
C GLY A 181 12.75 -37.45 -18.34
N GLY A 182 13.44 -36.32 -18.28
CA GLY A 182 12.81 -35.03 -18.31
C GLY A 182 13.85 -33.93 -18.24
N ASN A 183 13.39 -32.69 -18.17
CA ASN A 183 11.97 -32.34 -18.25
C ASN A 183 11.58 -31.98 -19.67
N ILE A 184 10.31 -32.23 -20.03
CA ILE A 184 9.81 -32.00 -21.38
C ILE A 184 8.49 -31.24 -21.29
N ALA A 185 8.03 -30.75 -22.44
CA ALA A 185 6.79 -29.99 -22.50
C ALA A 185 5.97 -30.24 -23.75
N THR A 186 6.36 -31.19 -24.60
CA THR A 186 5.66 -31.42 -25.87
C THR A 186 5.53 -32.92 -26.12
N GLY A 187 4.55 -33.27 -26.95
CA GLY A 187 4.39 -34.66 -27.35
C GLY A 187 5.58 -35.18 -28.14
N ASP A 188 6.17 -34.33 -28.99
CA ASP A 188 7.39 -34.71 -29.71
C ASP A 188 8.47 -35.16 -28.75
N ALA A 189 8.72 -34.38 -27.70
CA ALA A 189 9.73 -34.74 -26.72
C ALA A 189 9.37 -36.04 -26.02
N ALA A 190 8.08 -36.23 -25.72
CA ALA A 190 7.66 -37.47 -25.06
C ALA A 190 7.96 -38.69 -25.93
N LEU A 191 7.66 -38.61 -27.23
CA LEU A 191 7.94 -39.76 -28.10
C LEU A 191 9.42 -40.03 -28.22
N ALA A 192 10.26 -39.00 -28.18
CA ALA A 192 11.71 -39.21 -28.25
C ALA A 192 12.22 -39.92 -27.00
N LEU A 193 11.70 -39.56 -25.82
CA LEU A 193 12.11 -40.25 -24.60
C LEU A 193 11.52 -41.66 -24.54
N LEU A 194 10.28 -41.84 -25.00
CA LEU A 194 9.70 -43.17 -25.09
C LEU A 194 10.57 -44.08 -25.94
N ASP A 195 10.94 -43.62 -27.14
CA ASP A 195 11.78 -44.44 -28.01
C ASP A 195 13.17 -44.68 -27.42
N ALA A 196 13.62 -43.82 -26.51
CA ALA A 196 14.90 -44.03 -25.85
C ALA A 196 14.84 -45.10 -24.77
N GLY A 197 13.65 -45.55 -24.39
CA GLY A 197 13.48 -46.55 -23.36
C GLY A 197 12.97 -46.05 -22.03
N ALA A 198 12.61 -44.76 -21.93
CA ALA A 198 12.14 -44.22 -20.67
C ALA A 198 10.93 -44.99 -20.17
N ASP A 199 10.89 -45.24 -18.86
CA ASP A 199 9.75 -45.89 -18.23
C ASP A 199 8.69 -44.90 -17.77
N ALA A 200 8.99 -43.61 -17.80
CA ALA A 200 8.07 -42.50 -17.57
C ALA A 200 8.79 -41.24 -18.01
N VAL A 201 8.02 -40.17 -18.22
CA VAL A 201 8.59 -38.87 -18.53
C VAL A 201 8.11 -37.85 -17.51
N LYS A 202 8.93 -36.84 -17.27
CA LYS A 202 8.62 -35.78 -16.32
C LYS A 202 8.35 -34.50 -17.11
N VAL A 203 7.18 -33.91 -16.88
CA VAL A 203 6.66 -32.82 -17.70
C VAL A 203 6.69 -31.53 -16.90
N GLY A 204 7.33 -30.51 -17.46
CA GLY A 204 7.37 -29.22 -16.81
C GLY A 204 8.52 -28.35 -17.26
N ILE A 205 8.24 -27.36 -18.11
CA ILE A 205 9.22 -26.34 -18.48
C ILE A 205 8.49 -25.01 -18.41
N GLY A 206 8.80 -24.22 -17.39
CA GLY A 206 8.13 -22.96 -17.19
C GLY A 206 7.30 -22.82 -15.92
N PRO A 207 6.69 -23.90 -15.43
CA PRO A 207 5.64 -23.74 -14.41
C PRO A 207 6.13 -23.61 -12.97
N GLY A 208 7.38 -23.94 -12.67
CA GLY A 208 7.80 -24.00 -11.28
C GLY A 208 7.67 -22.67 -10.57
N SER A 209 7.37 -22.73 -9.27
CA SER A 209 7.18 -21.51 -8.49
C SER A 209 8.42 -20.63 -8.46
N ILE A 210 9.62 -21.23 -8.55
CA ILE A 210 10.87 -20.49 -8.51
C ILE A 210 11.50 -20.39 -9.89
N CYS A 211 10.73 -20.66 -10.94
CA CYS A 211 11.25 -20.63 -12.30
C CYS A 211 11.38 -19.20 -12.82
N THR A 212 12.52 -18.92 -13.45
CA THR A 212 12.66 -17.69 -14.24
C THR A 212 13.04 -18.00 -15.68
N THR A 213 12.94 -19.26 -16.09
CA THR A 213 13.22 -19.63 -17.47
C THR A 213 12.38 -18.81 -18.44
N ARG A 214 11.11 -18.58 -18.11
N ARG A 214 11.11 -18.58 -18.09
CA ARG A 214 10.25 -17.80 -18.99
CA ARG A 214 10.24 -17.81 -18.98
C ARG A 214 10.83 -16.41 -19.23
C ARG A 214 10.77 -16.40 -19.20
N ILE A 215 11.39 -15.80 -18.18
CA ILE A 215 11.92 -14.45 -18.32
C ILE A 215 13.31 -14.46 -18.96
N VAL A 216 14.14 -15.42 -18.58
CA VAL A 216 15.53 -15.44 -19.05
C VAL A 216 15.59 -15.89 -20.50
N ALA A 217 14.85 -16.95 -20.85
CA ALA A 217 14.94 -17.56 -22.15
C ALA A 217 13.70 -17.36 -23.00
N GLY A 218 12.60 -16.85 -22.42
CA GLY A 218 11.36 -16.75 -23.17
C GLY A 218 10.76 -18.10 -23.52
N ILE A 219 11.12 -19.15 -22.77
CA ILE A 219 10.79 -20.54 -23.06
C ILE A 219 9.80 -21.04 -22.01
N GLY A 220 8.81 -21.80 -22.44
CA GLY A 220 7.92 -22.41 -21.47
C GLY A 220 6.65 -22.93 -22.11
N MET A 221 5.90 -23.65 -21.30
CA MET A 221 4.63 -24.20 -21.75
C MET A 221 3.67 -24.24 -20.57
N PRO A 222 2.55 -23.52 -20.63
CA PRO A 222 1.54 -23.64 -19.58
C PRO A 222 1.23 -25.10 -19.28
N GLN A 223 1.13 -25.42 -17.99
CA GLN A 223 1.31 -26.80 -17.56
C GLN A 223 0.14 -27.71 -17.95
N ILE A 224 -1.09 -27.19 -18.02
CA ILE A 224 -2.20 -28.05 -18.41
C ILE A 224 -2.04 -28.49 -19.86
N SER A 225 -1.60 -27.58 -20.73
CA SER A 225 -1.38 -27.95 -22.12
C SER A 225 -0.12 -28.79 -22.29
N ALA A 226 0.90 -28.56 -21.47
CA ALA A 226 2.07 -29.45 -21.51
C ALA A 226 1.65 -30.88 -21.18
N ILE A 227 0.91 -31.06 -20.09
CA ILE A 227 0.43 -32.39 -19.73
C ILE A 227 -0.41 -32.98 -20.87
N ASP A 228 -1.35 -32.20 -21.39
CA ASP A 228 -2.18 -32.69 -22.49
C ASP A 228 -1.34 -33.06 -23.71
N SER A 229 -0.39 -32.21 -24.08
CA SER A 229 0.43 -32.51 -25.25
C SER A 229 1.19 -33.82 -25.07
N VAL A 230 1.76 -34.03 -23.88
CA VAL A 230 2.53 -35.24 -23.63
C VAL A 230 1.60 -36.46 -23.54
N ALA A 231 0.53 -36.34 -22.74
CA ALA A 231 -0.38 -37.47 -22.58
C ALA A 231 -0.97 -37.89 -23.91
N SER A 232 -1.34 -36.93 -24.75
CA SER A 232 -1.97 -37.24 -26.03
C SER A 232 -1.02 -38.01 -26.94
N ALA A 233 0.27 -37.67 -26.91
CA ALA A 233 1.23 -38.38 -27.75
C ALA A 233 1.53 -39.78 -27.21
N LEU A 234 1.67 -39.91 -25.90
CA LEU A 234 2.06 -41.19 -25.32
C LEU A 234 0.93 -42.21 -25.38
N LYS A 235 -0.33 -41.76 -25.36
CA LYS A 235 -1.48 -42.66 -25.35
C LYS A 235 -1.33 -43.74 -24.27
N ASP A 236 -0.86 -43.32 -23.09
CA ASP A 236 -0.72 -44.16 -21.91
C ASP A 236 0.28 -45.29 -22.09
N GLN A 237 1.16 -45.21 -23.10
CA GLN A 237 2.19 -46.23 -23.24
C GLN A 237 3.13 -46.22 -22.03
N ILE A 238 3.45 -45.03 -21.52
CA ILE A 238 4.12 -44.86 -20.24
C ILE A 238 3.49 -43.68 -19.52
N PRO A 239 3.62 -43.62 -18.20
CA PRO A 239 3.01 -42.52 -17.44
C PRO A 239 3.87 -41.26 -17.47
N LEU A 240 3.26 -40.15 -17.05
CA LEU A 240 3.96 -38.88 -16.98
C LEU A 240 3.81 -38.29 -15.59
N ILE A 241 4.86 -37.62 -15.15
CA ILE A 241 4.90 -36.91 -13.89
C ILE A 241 4.74 -35.43 -14.19
N ALA A 242 3.69 -34.81 -13.64
CA ALA A 242 3.45 -33.38 -13.83
C ALA A 242 4.22 -32.63 -12.76
N ASP A 243 5.32 -31.97 -13.16
CA ASP A 243 6.33 -31.43 -12.26
C ASP A 243 6.32 -29.91 -12.33
N GLY A 244 5.89 -29.26 -11.26
CA GLY A 244 6.01 -27.82 -11.13
C GLY A 244 4.67 -27.12 -11.21
N GLY A 245 4.58 -26.00 -10.50
CA GLY A 245 3.39 -25.15 -10.54
C GLY A 245 2.25 -25.56 -9.65
N ILE A 246 2.36 -26.67 -8.91
CA ILE A 246 1.30 -27.11 -8.02
C ILE A 246 1.29 -26.20 -6.79
N ARG A 247 0.17 -25.51 -6.57
CA ARG A 247 -0.02 -24.67 -5.39
C ARG A 247 -1.10 -25.16 -4.47
N PHE A 248 -2.16 -25.76 -5.00
CA PHE A 248 -3.32 -26.19 -4.23
C PHE A 248 -3.67 -27.62 -4.61
N SER A 249 -4.40 -28.29 -3.72
CA SER A 249 -4.91 -29.62 -4.06
C SER A 249 -5.70 -29.59 -5.37
N GLY A 250 -6.42 -28.50 -5.63
CA GLY A 250 -7.16 -28.42 -6.88
C GLY A 250 -6.27 -28.51 -8.11
N ASP A 251 -5.05 -27.98 -8.03
CA ASP A 251 -4.10 -28.13 -9.13
C ASP A 251 -3.78 -29.59 -9.39
N MET A 252 -3.70 -30.40 -8.33
CA MET A 252 -3.40 -31.82 -8.51
C MET A 252 -4.50 -32.52 -9.28
N ALA A 253 -5.75 -32.28 -8.88
CA ALA A 253 -6.87 -32.90 -9.58
C ALA A 253 -6.89 -32.49 -11.05
N LYS A 254 -6.64 -31.21 -11.34
CA LYS A 254 -6.63 -30.75 -12.73
C LYS A 254 -5.50 -31.41 -13.50
N ALA A 255 -4.31 -31.53 -12.89
CA ALA A 255 -3.19 -32.16 -13.57
C ALA A 255 -3.52 -33.60 -13.92
N ILE A 256 -4.08 -34.34 -12.96
CA ILE A 256 -4.43 -35.73 -13.23
C ILE A 256 -5.54 -35.82 -14.28
N GLY A 257 -6.58 -34.98 -14.15
CA GLY A 257 -7.62 -34.95 -15.16
C GLY A 257 -7.07 -34.64 -16.55
N ALA A 258 -6.01 -33.84 -16.62
CA ALA A 258 -5.39 -33.54 -17.90
C ALA A 258 -4.52 -34.68 -18.41
N GLY A 259 -4.27 -35.70 -17.60
CA GLY A 259 -3.55 -36.86 -18.09
C GLY A 259 -2.36 -37.30 -17.25
N ALA A 260 -1.99 -36.51 -16.25
CA ALA A 260 -0.88 -36.88 -15.38
C ALA A 260 -1.21 -38.13 -14.58
N SER A 261 -0.19 -38.95 -14.32
CA SER A 261 -0.34 -40.06 -13.39
C SER A 261 0.15 -39.73 -12.00
N THR A 262 1.12 -38.82 -11.88
CA THR A 262 1.60 -38.33 -10.61
C THR A 262 1.92 -36.86 -10.76
N ILE A 263 2.08 -36.18 -9.63
CA ILE A 263 2.56 -34.81 -9.63
C ILE A 263 3.80 -34.74 -8.75
N MET A 264 4.74 -33.90 -9.15
CA MET A 264 5.93 -33.61 -8.37
C MET A 264 5.82 -32.21 -7.80
N VAL A 265 6.15 -32.07 -6.51
CA VAL A 265 6.03 -30.78 -5.83
C VAL A 265 7.35 -30.45 -5.16
N GLY A 266 7.73 -29.18 -5.24
CA GLY A 266 8.82 -28.63 -4.45
C GLY A 266 8.32 -27.69 -3.38
N SER A 267 7.74 -26.55 -3.79
N SER A 267 7.76 -26.55 -3.81
CA SER A 267 7.38 -25.52 -2.82
CA SER A 267 7.35 -25.51 -2.85
C SER A 267 6.43 -26.05 -1.76
C SER A 267 6.44 -26.07 -1.76
N LEU A 268 5.49 -26.93 -2.13
CA LEU A 268 4.51 -27.41 -1.15
C LEU A 268 5.18 -28.17 -0.02
N LEU A 269 6.26 -28.88 -0.30
CA LEU A 269 6.96 -29.65 0.73
C LEU A 269 8.16 -28.92 1.31
N ALA A 270 8.65 -27.89 0.64
CA ALA A 270 9.66 -27.03 1.24
C ALA A 270 9.11 -26.44 2.55
N GLY A 271 10.00 -26.25 3.52
CA GLY A 271 9.61 -25.70 4.80
C GLY A 271 8.98 -26.68 5.76
N THR A 272 8.75 -27.93 5.35
CA THR A 272 8.30 -28.94 6.29
C THR A 272 9.47 -29.41 7.15
N GLU A 273 9.14 -30.07 8.26
CA GLU A 273 10.15 -30.54 9.19
C GLU A 273 11.13 -31.48 8.50
N GLU A 274 10.65 -32.34 7.61
CA GLU A 274 11.48 -33.35 6.99
C GLU A 274 12.33 -32.82 5.84
N ALA A 275 12.05 -31.62 5.33
CA ALA A 275 12.87 -31.05 4.28
C ALA A 275 14.25 -30.71 4.81
N PRO A 276 15.27 -30.74 3.96
CA PRO A 276 16.61 -30.35 4.41
C PRO A 276 16.63 -28.91 4.91
N GLY A 277 17.61 -28.62 5.74
CA GLY A 277 17.78 -27.26 6.20
C GLY A 277 17.21 -27.04 7.59
N GLU A 278 17.81 -26.08 8.30
CA GLU A 278 17.34 -25.70 9.62
C GLU A 278 16.29 -24.59 9.52
N VAL A 279 15.43 -24.52 10.51
CA VAL A 279 14.44 -23.45 10.57
C VAL A 279 15.16 -22.15 10.93
N GLU A 280 14.90 -21.10 10.16
CA GLU A 280 15.48 -19.80 10.41
C GLU A 280 14.47 -18.89 11.09
N PHE A 281 14.94 -18.17 12.10
CA PHE A 281 14.13 -17.18 12.79
C PHE A 281 14.33 -15.82 12.11
N PHE A 282 13.28 -15.28 11.50
CA PHE A 282 13.37 -14.05 10.74
C PHE A 282 12.16 -13.18 11.07
N GLN A 283 12.40 -12.08 11.80
CA GLN A 283 11.35 -11.13 12.15
C GLN A 283 10.18 -11.81 12.86
N GLY A 284 10.52 -12.60 13.89
CA GLY A 284 9.54 -13.28 14.69
C GLY A 284 8.98 -14.56 14.10
N ARG A 285 9.20 -14.82 12.80
CA ARG A 285 8.63 -15.97 12.13
C ARG A 285 9.72 -16.98 11.79
N TYR A 286 9.31 -18.24 11.64
CA TYR A 286 10.22 -19.32 11.28
C TYR A 286 10.07 -19.66 9.81
N TYR A 287 11.21 -19.89 9.16
CA TYR A 287 11.24 -20.21 7.73
C TYR A 287 12.26 -21.30 7.48
N LYS A 288 12.18 -21.87 6.27
CA LYS A 288 13.25 -22.67 5.72
C LYS A 288 13.57 -22.15 4.33
N ALA A 289 14.80 -22.39 3.90
CA ALA A 289 15.21 -21.98 2.56
C ALA A 289 14.46 -22.79 1.51
N TYR A 290 14.19 -22.15 0.37
CA TYR A 290 13.73 -22.84 -0.81
C TYR A 290 14.36 -22.12 -2.00
N ARG A 291 14.96 -22.88 -2.92
CA ARG A 291 15.67 -22.26 -4.03
C ARG A 291 15.64 -23.18 -5.24
N GLY A 292 15.59 -22.57 -6.42
CA GLY A 292 15.71 -23.35 -7.64
C GLY A 292 17.09 -23.97 -7.76
N MET A 293 17.15 -25.13 -8.40
CA MET A 293 18.44 -25.75 -8.65
C MET A 293 19.22 -25.02 -9.74
N GLY A 294 18.58 -24.08 -10.43
CA GLY A 294 19.25 -23.24 -11.40
C GLY A 294 19.46 -21.84 -10.87
N SER A 295 19.35 -21.69 -9.55
CA SER A 295 19.63 -20.41 -8.91
C SER A 295 21.14 -20.22 -8.74
N LEU A 296 21.51 -18.97 -8.47
CA LEU A 296 22.92 -18.65 -8.26
C LEU A 296 23.53 -19.49 -7.15
N GLY A 297 22.90 -19.48 -5.97
CA GLY A 297 23.47 -20.23 -4.84
C GLY A 297 23.54 -21.72 -5.10
N ALA A 298 22.55 -22.27 -5.80
CA ALA A 298 22.55 -23.70 -6.09
C ALA A 298 23.67 -24.08 -7.05
N MET A 299 23.94 -23.22 -8.05
CA MET A 299 24.97 -23.54 -9.04
C MET A 299 26.37 -23.32 -8.50
N ALA A 300 26.54 -22.55 -7.43
CA ALA A 300 27.83 -22.40 -6.78
C ALA A 300 28.17 -23.66 -6.00
N GLY A 301 27.50 -23.85 -4.86
CA GLY A 301 27.70 -25.04 -4.05
C GLY A 301 26.46 -25.91 -3.95
N LYS A 319 28.80 -22.41 -17.94
CA LYS A 319 28.38 -21.31 -17.06
C LYS A 319 27.14 -20.62 -17.60
N LEU A 320 25.98 -21.16 -17.26
CA LEU A 320 24.70 -20.62 -17.70
C LEU A 320 24.26 -19.49 -16.80
N VAL A 321 23.50 -18.55 -17.36
CA VAL A 321 22.85 -17.54 -16.52
C VAL A 321 21.81 -18.22 -15.63
N PRO A 322 21.64 -17.81 -14.38
CA PRO A 322 20.69 -18.51 -13.50
C PRO A 322 19.27 -18.43 -14.05
N GLU A 323 18.49 -19.49 -13.77
CA GLU A 323 17.10 -19.55 -14.19
C GLU A 323 16.17 -19.91 -13.04
N GLY A 324 16.59 -19.68 -11.80
CA GLY A 324 15.72 -19.87 -10.65
C GLY A 324 16.06 -18.84 -9.61
N ILE A 325 15.14 -18.64 -8.67
CA ILE A 325 15.34 -17.70 -7.59
C ILE A 325 15.58 -18.46 -6.29
N GLU A 326 15.94 -17.72 -5.26
CA GLU A 326 16.35 -18.24 -3.96
C GLU A 326 15.62 -17.44 -2.89
N GLY A 327 14.95 -18.13 -1.96
CA GLY A 327 14.20 -17.43 -0.94
C GLY A 327 13.84 -18.28 0.25
N ARG A 328 12.90 -17.78 1.04
CA ARG A 328 12.39 -18.43 2.23
C ARG A 328 10.95 -18.89 2.01
N VAL A 329 10.58 -19.96 2.70
CA VAL A 329 9.17 -20.36 2.77
C VAL A 329 8.81 -20.52 4.25
N PRO A 330 7.56 -20.25 4.62
CA PRO A 330 7.16 -20.40 6.02
C PRO A 330 7.34 -21.85 6.49
N TYR A 331 7.70 -21.99 7.77
CA TYR A 331 7.81 -23.32 8.36
C TYR A 331 6.43 -23.94 8.44
N LYS A 332 6.32 -25.21 8.05
CA LYS A 332 5.02 -25.86 7.89
C LYS A 332 4.80 -27.04 8.83
N GLY A 333 5.79 -27.42 9.63
CA GLY A 333 5.65 -28.56 10.51
C GLY A 333 5.81 -29.87 9.77
N PRO A 334 5.32 -30.96 10.34
CA PRO A 334 5.48 -32.28 9.72
C PRO A 334 4.79 -32.36 8.36
N MET A 335 5.51 -32.90 7.38
CA MET A 335 4.99 -32.97 6.02
C MET A 335 3.72 -33.81 5.93
N GLY A 336 3.49 -34.69 6.90
CA GLY A 336 2.31 -35.55 6.85
C GLY A 336 1.01 -34.76 6.80
N ASN A 337 0.95 -33.65 7.53
CA ASN A 337 -0.26 -32.85 7.54
C ASN A 337 -0.52 -32.22 6.17
N ILE A 338 0.53 -31.70 5.53
CA ILE A 338 0.37 -31.14 4.18
C ILE A 338 -0.10 -32.22 3.22
N VAL A 339 0.53 -33.40 3.28
CA VAL A 339 0.13 -34.48 2.38
C VAL A 339 -1.32 -34.87 2.61
N HIS A 340 -1.73 -34.99 3.88
CA HIS A 340 -3.10 -35.35 4.18
C HIS A 340 -4.08 -34.31 3.63
N GLN A 341 -3.76 -33.03 3.77
CA GLN A 341 -4.63 -31.98 3.24
C GLN A 341 -4.74 -32.07 1.72
N MET A 342 -3.61 -32.23 1.03
CA MET A 342 -3.63 -32.33 -0.43
C MET A 342 -4.46 -33.53 -0.89
N MET A 343 -4.23 -34.69 -0.29
CA MET A 343 -4.96 -35.88 -0.70
C MET A 343 -6.44 -35.77 -0.34
N GLY A 344 -6.76 -35.08 0.75
CA GLY A 344 -8.15 -34.81 1.05
C GLY A 344 -8.83 -33.99 -0.04
N GLY A 345 -8.13 -33.01 -0.58
CA GLY A 345 -8.70 -32.21 -1.66
C GLY A 345 -8.92 -33.04 -2.91
N LEU A 346 -7.97 -33.91 -3.23
CA LEU A 346 -8.10 -34.78 -4.39
C LEU A 346 -9.25 -35.76 -4.22
N ARG A 347 -9.40 -36.33 -3.02
CA ARG A 347 -10.56 -37.20 -2.76
C ARG A 347 -11.86 -36.45 -2.99
N SER A 348 -11.94 -35.20 -2.54
N SER A 348 -11.95 -35.20 -2.55
CA SER A 348 -13.13 -34.38 -2.79
CA SER A 348 -13.17 -34.42 -2.78
C SER A 348 -13.37 -34.24 -4.28
C SER A 348 -13.37 -34.17 -4.27
N SER A 349 -12.33 -33.87 -5.04
N SER A 349 -12.30 -33.88 -5.00
CA SER A 349 -12.46 -33.71 -6.49
CA SER A 349 -12.39 -33.73 -6.44
C SER A 349 -12.95 -35.00 -7.14
C SER A 349 -12.96 -34.99 -7.08
N MET A 350 -12.41 -36.15 -6.71
CA MET A 350 -12.86 -37.40 -7.32
C MET A 350 -14.29 -37.73 -6.95
N GLY A 351 -14.74 -37.31 -5.76
CA GLY A 351 -16.15 -37.44 -5.43
C GLY A 351 -17.03 -36.62 -6.36
N TYR A 352 -16.61 -35.38 -6.65
CA TYR A 352 -17.38 -34.51 -7.56
C TYR A 352 -17.43 -35.07 -8.97
N THR A 353 -16.34 -35.68 -9.44
CA THR A 353 -16.28 -36.14 -10.81
C THR A 353 -16.75 -37.58 -10.97
N GLY A 354 -17.18 -38.22 -9.88
CA GLY A 354 -17.58 -39.61 -9.96
C GLY A 354 -16.45 -40.56 -10.29
N SER A 355 -15.23 -40.25 -9.85
CA SER A 355 -14.05 -41.05 -10.15
C SER A 355 -13.74 -41.94 -8.96
N ALA A 356 -13.94 -43.25 -9.12
CA ALA A 356 -13.65 -44.19 -8.04
C ALA A 356 -12.16 -44.47 -7.91
N VAL A 357 -11.41 -44.35 -9.00
CA VAL A 357 -9.99 -44.64 -9.03
C VAL A 357 -9.30 -43.60 -9.90
N ILE A 358 -7.99 -43.48 -9.72
CA ILE A 358 -7.23 -42.44 -10.41
C ILE A 358 -7.46 -42.50 -11.92
N GLU A 359 -7.51 -43.72 -12.47
CA GLU A 359 -7.67 -43.84 -13.91
C GLU A 359 -9.00 -43.30 -14.41
N ASP A 360 -10.05 -43.37 -13.57
CA ASP A 360 -11.32 -42.76 -13.94
C ASP A 360 -11.17 -41.26 -14.17
N LEU A 361 -10.47 -40.58 -13.25
CA LEU A 361 -10.24 -39.15 -13.42
C LEU A 361 -9.42 -38.87 -14.66
N ARG A 362 -8.36 -39.66 -14.90
CA ARG A 362 -7.52 -39.45 -16.07
C ARG A 362 -8.30 -39.64 -17.37
N GLN A 363 -9.22 -40.59 -17.40
CA GLN A 363 -9.91 -40.94 -18.64
C GLN A 363 -11.21 -40.17 -18.84
N ASN A 364 -11.88 -39.77 -17.76
CA ASN A 364 -13.24 -39.26 -17.86
C ASN A 364 -13.38 -37.78 -17.54
N ALA A 365 -12.31 -37.11 -17.11
CA ALA A 365 -12.43 -35.72 -16.69
C ALA A 365 -12.93 -34.84 -17.83
N LYS A 366 -13.82 -33.91 -17.50
CA LYS A 366 -14.28 -32.86 -18.42
C LYS A 366 -13.93 -31.51 -17.82
N PHE A 367 -13.46 -30.60 -18.66
CA PHE A 367 -13.03 -29.28 -18.23
C PHE A 367 -13.87 -28.20 -18.89
N VAL A 368 -13.89 -27.03 -18.26
CA VAL A 368 -14.27 -25.79 -18.92
C VAL A 368 -13.09 -24.84 -18.84
N LYS A 369 -12.93 -24.02 -19.87
CA LYS A 369 -12.00 -22.91 -19.84
C LYS A 369 -12.70 -21.69 -19.27
N ILE A 370 -12.02 -20.97 -18.39
CA ILE A 370 -12.60 -19.79 -17.76
C ILE A 370 -11.81 -18.56 -18.18
N THR A 371 -12.43 -17.40 -18.02
CA THR A 371 -11.83 -16.13 -18.37
C THR A 371 -11.09 -15.57 -17.15
N SER A 372 -10.47 -14.40 -17.35
CA SER A 372 -9.81 -13.71 -16.24
C SER A 372 -10.80 -13.34 -15.15
N ALA A 373 -12.06 -13.07 -15.52
CA ALA A 373 -13.06 -12.77 -14.50
C ALA A 373 -13.35 -13.98 -13.63
N GLY A 374 -13.42 -15.17 -14.23
CA GLY A 374 -13.63 -16.38 -13.45
C GLY A 374 -12.50 -16.66 -12.47
N MET A 375 -11.29 -16.18 -12.78
CA MET A 375 -10.15 -16.34 -11.89
C MET A 375 -10.09 -15.26 -10.82
N SER A 376 -10.70 -14.10 -11.06
CA SER A 376 -10.74 -13.02 -10.08
C SER A 376 -11.95 -13.17 -9.18
N SER B 16 -19.24 -4.74 -37.69
CA SER B 16 -19.78 -5.05 -39.02
C SER B 16 -19.03 -4.28 -40.09
N MET B 17 -18.92 -2.96 -39.92
CA MET B 17 -18.00 -2.16 -40.73
C MET B 17 -16.64 -1.98 -40.07
N LEU B 18 -16.51 -2.37 -38.79
CA LEU B 18 -15.26 -2.24 -38.08
C LEU B 18 -14.24 -3.23 -38.65
N THR B 19 -13.10 -2.71 -39.11
CA THR B 19 -12.06 -3.52 -39.71
C THR B 19 -11.02 -3.86 -38.64
N ILE B 20 -11.06 -5.10 -38.17
CA ILE B 20 -10.07 -5.62 -37.23
C ILE B 20 -9.16 -6.54 -38.03
N VAL B 21 -7.91 -6.11 -38.24
CA VAL B 21 -7.00 -6.86 -39.08
C VAL B 21 -6.61 -8.18 -38.43
N GLN B 22 -6.43 -8.18 -37.11
CA GLN B 22 -6.02 -9.39 -36.40
C GLN B 22 -6.09 -9.12 -34.91
N GLU B 23 -6.02 -10.19 -34.12
CA GLU B 23 -5.65 -10.05 -32.72
C GLU B 23 -4.14 -10.02 -32.63
N ALA B 24 -3.59 -8.90 -32.19
CA ALA B 24 -2.16 -8.65 -32.24
C ALA B 24 -1.51 -8.99 -30.90
N LEU B 25 -0.31 -9.57 -30.97
CA LEU B 25 0.36 -10.16 -29.81
C LEU B 25 1.61 -9.37 -29.43
N THR B 26 1.83 -9.22 -28.12
CA THR B 26 3.05 -8.65 -27.58
C THR B 26 3.93 -9.78 -27.03
N PHE B 27 5.11 -9.40 -26.52
CA PHE B 27 6.05 -10.40 -25.99
C PHE B 27 5.39 -11.24 -24.90
N ASP B 28 4.66 -10.60 -23.98
CA ASP B 28 4.09 -11.36 -22.87
C ASP B 28 2.94 -12.27 -23.28
N ASP B 29 2.45 -12.16 -24.51
CA ASP B 29 1.39 -13.03 -25.00
C ASP B 29 1.90 -14.39 -25.47
N VAL B 30 3.20 -14.58 -25.66
CA VAL B 30 3.69 -15.79 -26.28
C VAL B 30 4.87 -16.36 -25.50
N LEU B 31 5.12 -17.65 -25.72
CA LEU B 31 6.29 -18.34 -25.20
C LEU B 31 6.87 -19.19 -26.32
N LEU B 32 8.19 -19.28 -26.38
CA LEU B 32 8.85 -20.22 -27.27
C LEU B 32 8.74 -21.64 -26.73
N LEU B 33 8.61 -22.60 -27.65
CA LEU B 33 8.59 -24.00 -27.25
C LEU B 33 9.98 -24.61 -27.37
N PRO B 34 10.38 -25.44 -26.41
CA PRO B 34 11.61 -26.21 -26.58
C PRO B 34 11.47 -27.22 -27.72
N ALA B 35 12.60 -27.57 -28.32
CA ALA B 35 12.65 -28.48 -29.46
C ALA B 35 13.90 -29.34 -29.35
N TYR B 36 13.96 -30.39 -30.17
CA TYR B 36 15.11 -31.28 -30.15
C TYR B 36 16.40 -30.49 -30.39
N SER B 37 17.38 -30.69 -29.50
N SER B 37 17.38 -30.68 -29.51
CA SER B 37 18.58 -29.88 -29.49
CA SER B 37 18.59 -29.86 -29.51
C SER B 37 19.82 -30.75 -29.36
C SER B 37 19.82 -30.74 -29.36
N THR B 38 20.89 -30.37 -30.07
CA THR B 38 22.19 -31.02 -29.95
C THR B 38 23.32 -30.09 -29.57
N VAL B 39 23.17 -28.77 -29.73
CA VAL B 39 24.26 -27.85 -29.46
C VAL B 39 23.96 -27.11 -28.16
N LEU B 40 24.99 -26.96 -27.33
CA LEU B 40 24.89 -26.36 -26.02
C LEU B 40 24.88 -24.84 -26.13
N PRO B 41 24.27 -24.15 -25.16
CA PRO B 41 24.29 -22.68 -25.17
C PRO B 41 25.66 -22.08 -25.42
N LYS B 42 26.71 -22.61 -24.79
CA LYS B 42 28.04 -22.04 -24.96
C LYS B 42 28.54 -22.14 -26.40
N ASP B 43 27.94 -23.01 -27.22
CA ASP B 43 28.47 -23.25 -28.56
C ASP B 43 27.64 -22.60 -29.66
N VAL B 44 26.50 -21.98 -29.34
CA VAL B 44 25.70 -21.38 -30.41
C VAL B 44 26.39 -20.13 -30.93
N SER B 45 26.05 -19.78 -32.16
CA SER B 45 26.56 -18.57 -32.80
C SER B 45 25.50 -17.48 -32.72
N LEU B 46 25.92 -16.27 -32.33
CA LEU B 46 25.02 -15.14 -32.24
C LEU B 46 25.20 -14.15 -33.39
N LYS B 47 25.99 -14.52 -34.39
CA LYS B 47 26.19 -13.64 -35.54
C LYS B 47 24.89 -13.44 -36.31
N THR B 48 24.68 -12.23 -36.82
CA THR B 48 23.46 -11.89 -37.52
C THR B 48 23.74 -10.70 -38.42
N ARG B 49 22.75 -10.29 -39.20
CA ARG B 49 22.94 -9.14 -40.07
C ARG B 49 22.09 -7.96 -39.58
N LEU B 50 22.74 -6.80 -39.49
CA LEU B 50 22.05 -5.56 -39.23
C LEU B 50 21.32 -5.07 -40.49
N THR B 51 22.04 -5.07 -41.61
CA THR B 51 21.51 -4.69 -42.93
C THR B 51 21.94 -5.78 -43.90
N ARG B 52 21.48 -5.68 -45.15
CA ARG B 52 21.93 -6.71 -46.08
C ARG B 52 23.44 -6.69 -46.26
N GLY B 53 24.09 -5.55 -46.00
CA GLY B 53 25.52 -5.43 -46.16
C GLY B 53 26.35 -5.51 -44.89
N ILE B 54 25.77 -5.33 -43.72
CA ILE B 54 26.51 -5.25 -42.47
C ILE B 54 26.11 -6.39 -41.56
N TYR B 55 27.09 -7.18 -41.11
CA TYR B 55 26.87 -8.24 -40.13
C TYR B 55 27.36 -7.81 -38.77
N LEU B 56 26.67 -8.30 -37.74
CA LEU B 56 27.06 -8.09 -36.34
C LEU B 56 27.45 -9.43 -35.73
N ASN B 57 28.22 -9.37 -34.65
CA ASN B 57 28.59 -10.58 -33.93
C ASN B 57 27.59 -10.92 -32.82
N ILE B 58 26.80 -9.95 -32.38
CA ILE B 58 25.63 -10.18 -31.52
C ILE B 58 24.48 -9.37 -32.08
N PRO B 59 23.22 -9.78 -31.80
CA PRO B 59 22.04 -9.13 -32.40
C PRO B 59 21.51 -7.95 -31.59
N LEU B 60 22.42 -7.07 -31.14
CA LEU B 60 22.07 -5.97 -30.24
C LEU B 60 22.49 -4.64 -30.83
N VAL B 61 21.55 -3.68 -30.84
CA VAL B 61 21.73 -2.31 -31.30
C VAL B 61 21.27 -1.37 -30.20
N SER B 62 22.07 -0.34 -29.92
CA SER B 62 21.69 0.66 -28.92
C SER B 62 20.89 1.79 -29.56
N ALA B 63 19.84 2.22 -28.85
CA ALA B 63 18.86 3.16 -29.40
C ALA B 63 19.48 4.53 -29.67
N ALA B 64 18.97 5.19 -30.72
CA ALA B 64 19.41 6.53 -31.09
C ALA B 64 18.67 7.56 -30.21
N MET B 65 19.05 7.60 -28.95
CA MET B 65 18.40 8.46 -27.96
C MET B 65 19.47 9.23 -27.20
N ASP B 66 19.16 10.47 -26.82
CA ASP B 66 20.19 11.31 -26.22
C ASP B 66 20.46 10.95 -24.76
N THR B 67 19.77 9.95 -24.22
CA THR B 67 20.14 9.39 -22.93
C THR B 67 20.66 7.95 -23.06
N VAL B 68 21.00 7.51 -24.28
CA VAL B 68 21.45 6.13 -24.49
C VAL B 68 22.76 6.06 -25.29
N THR B 69 22.82 6.70 -26.47
CA THR B 69 23.93 6.44 -27.39
C THR B 69 24.59 7.72 -27.87
N GLU B 70 25.78 8.01 -27.33
CA GLU B 70 26.73 8.88 -28.01
C GLU B 70 27.99 8.06 -28.27
N SER B 71 29.14 8.70 -28.50
CA SER B 71 30.28 7.93 -29.00
C SER B 71 30.76 6.89 -28.00
N ARG B 72 30.71 7.22 -26.71
CA ARG B 72 31.16 6.29 -25.68
C ARG B 72 30.37 4.99 -25.73
N MET B 73 29.04 5.09 -25.80
CA MET B 73 28.20 3.89 -25.89
C MET B 73 28.41 3.19 -27.23
N ALA B 74 28.54 3.96 -28.31
CA ALA B 74 28.74 3.36 -29.62
C ALA B 74 30.02 2.54 -29.66
N ILE B 75 31.10 3.05 -29.07
CA ILE B 75 32.34 2.29 -29.01
C ILE B 75 32.13 1.00 -28.24
N ALA B 76 31.50 1.09 -27.06
CA ALA B 76 31.27 -0.09 -26.25
C ALA B 76 30.41 -1.12 -26.99
N MET B 77 29.37 -0.67 -27.69
CA MET B 77 28.52 -1.60 -28.44
C MET B 77 29.33 -2.35 -29.49
N ALA B 78 30.13 -1.62 -30.27
CA ALA B 78 30.91 -2.27 -31.32
C ALA B 78 31.96 -3.20 -30.74
N GLN B 79 32.57 -2.83 -29.61
CA GLN B 79 33.57 -3.72 -29.02
C GLN B 79 32.94 -5.04 -28.58
N ASN B 80 31.68 -5.00 -28.16
CA ASN B 80 30.97 -6.20 -27.75
C ASN B 80 30.35 -6.96 -28.91
N GLY B 81 30.51 -6.47 -30.14
CA GLY B 81 30.03 -7.17 -31.30
C GLY B 81 28.73 -6.64 -31.88
N GLY B 82 28.14 -5.63 -31.27
CA GLY B 82 26.91 -4.99 -31.76
C GLY B 82 27.22 -3.69 -32.46
N ILE B 83 26.29 -2.73 -32.36
CA ILE B 83 26.49 -1.42 -32.97
C ILE B 83 25.62 -0.41 -32.24
N GLY B 84 26.06 0.83 -32.22
CA GLY B 84 25.30 1.93 -31.65
C GLY B 84 24.86 2.89 -32.75
N ILE B 85 23.64 3.42 -32.61
CA ILE B 85 23.13 4.43 -33.52
C ILE B 85 23.19 5.77 -32.78
N LEU B 86 24.09 6.65 -33.20
CA LEU B 86 24.23 7.96 -32.59
C LEU B 86 22.97 8.78 -32.77
N HIS B 87 22.49 9.38 -31.69
CA HIS B 87 21.27 10.17 -31.77
C HIS B 87 21.51 11.46 -32.55
N LYS B 88 20.41 12.08 -32.99
CA LYS B 88 20.49 13.25 -33.87
C LYS B 88 20.15 14.55 -33.15
N ASN B 89 20.01 14.54 -31.82
CA ASN B 89 19.72 15.75 -31.06
C ASN B 89 21.01 16.52 -30.76
N MET B 90 21.70 16.87 -31.83
CA MET B 90 22.92 17.66 -31.77
C MET B 90 23.18 18.19 -33.17
N ASP B 91 23.97 19.26 -33.26
CA ASP B 91 24.14 19.86 -34.57
C ASP B 91 25.00 18.95 -35.45
N ILE B 92 25.04 19.31 -36.73
CA ILE B 92 25.66 18.45 -37.73
C ILE B 92 27.13 18.21 -37.41
N ALA B 93 27.88 19.29 -37.14
CA ALA B 93 29.30 19.13 -36.84
C ALA B 93 29.52 18.23 -35.64
N ALA B 94 28.70 18.38 -34.61
CA ALA B 94 28.87 17.56 -33.40
C ALA B 94 28.61 16.09 -33.70
N GLN B 95 27.57 15.79 -34.48
CA GLN B 95 27.25 14.39 -34.77
C GLN B 95 28.29 13.76 -35.67
N ALA B 96 28.80 14.51 -36.65
CA ALA B 96 29.89 13.99 -37.48
C ALA B 96 31.13 13.70 -36.63
N ALA B 97 31.43 14.56 -35.66
CA ALA B 97 32.59 14.32 -34.79
C ALA B 97 32.39 13.08 -33.92
N GLU B 98 31.16 12.80 -33.50
CA GLU B 98 30.89 11.57 -32.78
C GLU B 98 31.18 10.35 -33.65
N VAL B 99 30.78 10.41 -34.93
CA VAL B 99 31.09 9.32 -35.85
C VAL B 99 32.60 9.09 -35.92
N ARG B 100 33.36 10.16 -36.14
CA ARG B 100 34.80 10.00 -36.30
C ARG B 100 35.45 9.49 -35.03
N ARG B 101 34.93 9.87 -33.86
CA ARG B 101 35.44 9.34 -32.60
C ARG B 101 35.35 7.82 -32.55
N VAL B 102 34.21 7.26 -32.97
CA VAL B 102 34.06 5.82 -33.00
C VAL B 102 34.98 5.21 -34.06
N LYS B 103 34.98 5.79 -35.27
CA LYS B 103 35.71 5.21 -36.38
C LYS B 103 37.21 5.17 -36.14
N LYS B 104 37.75 6.14 -35.40
CA LYS B 104 39.19 6.20 -35.19
C LYS B 104 39.59 5.76 -33.77
N PHE B 105 38.67 5.20 -32.99
CA PHE B 105 39.06 4.69 -31.69
C PHE B 105 40.04 3.53 -31.85
N GLU B 106 41.11 3.55 -31.07
CA GLU B 106 42.07 2.45 -31.04
C GLU B 106 42.17 1.93 -29.61
N ALA B 107 41.97 0.63 -29.45
CA ALA B 107 42.04 0.05 -28.12
C ALA B 107 43.49 -0.02 -27.63
N GLY B 108 43.64 -0.13 -26.31
CA GLY B 108 44.95 -0.27 -25.73
C GLY B 108 45.56 -1.63 -26.01
N LYS B 109 46.87 -1.72 -25.75
CA LYS B 109 47.57 -2.98 -25.96
C LYS B 109 47.13 -4.05 -24.98
N ALA B 110 46.51 -3.67 -23.86
CA ALA B 110 46.13 -4.61 -22.81
C ALA B 110 44.68 -5.07 -22.91
N GLU B 111 43.87 -4.44 -23.77
CA GLU B 111 42.47 -4.79 -23.93
C GLU B 111 42.28 -5.58 -25.21
N SER B 112 41.57 -6.71 -25.10
CA SER B 112 41.26 -7.55 -26.25
C SER B 112 39.75 -7.70 -26.37
N TYR B 113 39.19 -7.24 -27.49
CA TYR B 113 37.78 -7.37 -27.79
C TYR B 113 37.67 -8.27 -29.03
N PRO B 114 37.82 -9.58 -28.86
CA PRO B 114 37.84 -10.47 -30.02
C PRO B 114 36.54 -10.51 -30.79
N ASN B 115 35.43 -10.11 -30.17
CA ASN B 115 34.14 -10.11 -30.84
C ASN B 115 33.79 -8.75 -31.45
N SER B 116 34.77 -7.84 -31.56
CA SER B 116 34.53 -6.51 -32.09
C SER B 116 33.85 -6.58 -33.45
N CYS B 117 32.92 -5.65 -33.69
CA CYS B 117 32.27 -5.47 -34.98
C CYS B 117 32.99 -4.37 -35.74
N LYS B 118 33.59 -4.71 -36.87
CA LYS B 118 34.50 -3.82 -37.57
C LYS B 118 34.21 -3.83 -39.06
N ASP B 119 34.57 -2.73 -39.73
CA ASP B 119 34.42 -2.61 -41.16
C ASP B 119 35.63 -3.24 -41.85
N ASP B 120 35.72 -3.09 -43.18
CA ASP B 120 36.81 -3.70 -43.94
C ASP B 120 38.18 -3.13 -43.59
N LEU B 121 38.24 -1.90 -43.08
CA LEU B 121 39.49 -1.27 -42.68
C LEU B 121 39.90 -1.60 -41.25
N GLY B 122 39.14 -2.45 -40.56
CA GLY B 122 39.43 -2.75 -39.18
C GLY B 122 38.94 -1.71 -38.18
N ARG B 123 38.08 -0.79 -38.59
CA ARG B 123 37.56 0.24 -37.71
C ARG B 123 36.20 -0.19 -37.16
N LEU B 124 35.96 0.14 -35.89
CA LEU B 124 34.68 -0.15 -35.27
C LEU B 124 33.54 0.43 -36.11
N ARG B 125 32.44 -0.32 -36.19
CA ARG B 125 31.24 0.12 -36.89
C ARG B 125 30.45 1.10 -36.03
N VAL B 126 29.69 1.97 -36.71
CA VAL B 126 28.81 2.91 -36.02
C VAL B 126 27.72 3.33 -36.99
N GLY B 127 26.54 3.62 -36.44
CA GLY B 127 25.45 4.20 -37.20
C GLY B 127 25.13 5.59 -36.68
N ALA B 128 24.30 6.31 -37.44
CA ALA B 128 23.87 7.64 -37.05
C ALA B 128 22.45 7.87 -37.54
N ALA B 129 21.64 8.49 -36.69
CA ALA B 129 20.26 8.79 -37.02
C ALA B 129 20.15 10.14 -37.71
N VAL B 130 19.25 10.22 -38.69
CA VAL B 130 18.86 11.49 -39.29
C VAL B 130 17.33 11.53 -39.36
N GLY B 131 16.80 12.73 -39.45
CA GLY B 131 15.38 12.94 -39.59
C GLY B 131 14.97 13.20 -41.03
N THR B 132 13.88 13.97 -41.19
CA THR B 132 13.44 14.41 -42.50
C THR B 132 13.37 15.92 -42.60
N GLY B 133 13.88 16.64 -41.60
CA GLY B 133 13.86 18.09 -41.61
C GLY B 133 14.79 18.69 -42.65
N ALA B 134 14.77 20.02 -42.71
CA ALA B 134 15.48 20.72 -43.78
C ALA B 134 16.98 20.50 -43.72
N ASP B 135 17.54 20.26 -42.53
CA ASP B 135 19.00 20.10 -42.44
C ASP B 135 19.46 18.71 -42.81
N THR B 136 18.54 17.81 -43.18
CA THR B 136 18.89 16.42 -43.40
C THR B 136 19.88 16.21 -44.55
N PRO B 137 19.73 16.83 -45.72
CA PRO B 137 20.74 16.63 -46.78
C PRO B 137 22.15 16.94 -46.32
N SER B 138 22.36 18.08 -45.67
N SER B 138 22.34 18.08 -45.67
CA SER B 138 23.69 18.43 -45.19
CA SER B 138 23.67 18.44 -45.18
C SER B 138 24.15 17.47 -44.09
C SER B 138 24.14 17.47 -44.11
N ARG B 139 23.22 17.04 -43.23
CA ARG B 139 23.61 16.13 -42.15
C ARG B 139 24.06 14.79 -42.71
N VAL B 140 23.29 14.22 -43.65
CA VAL B 140 23.67 12.95 -44.27
C VAL B 140 25.07 13.06 -44.88
N GLU B 141 25.30 14.13 -45.66
CA GLU B 141 26.59 14.29 -46.33
C GLU B 141 27.73 14.32 -45.33
N ALA B 142 27.55 15.02 -44.20
CA ALA B 142 28.61 15.12 -43.21
C ALA B 142 28.86 13.78 -42.51
N LEU B 143 27.79 13.03 -42.24
CA LEU B 143 27.95 11.73 -41.58
C LEU B 143 28.65 10.73 -42.49
N VAL B 144 28.31 10.72 -43.77
CA VAL B 144 28.97 9.81 -44.72
C VAL B 144 30.45 10.17 -44.85
N GLU B 145 30.74 11.46 -44.99
CA GLU B 145 32.12 11.91 -45.08
C GLU B 145 32.93 11.52 -43.84
N ALA B 146 32.29 11.49 -42.67
CA ALA B 146 32.94 11.06 -41.44
C ALA B 146 33.13 9.54 -41.36
N GLY B 147 32.61 8.79 -42.33
CA GLY B 147 32.83 7.36 -42.36
C GLY B 147 31.76 6.51 -41.70
N VAL B 148 30.56 7.07 -41.49
CA VAL B 148 29.50 6.29 -40.85
C VAL B 148 29.20 5.05 -41.69
N ASP B 149 28.85 3.95 -41.02
CA ASP B 149 28.57 2.72 -41.72
C ASP B 149 27.13 2.63 -42.20
N VAL B 150 26.20 3.22 -41.44
CA VAL B 150 24.78 3.13 -41.78
C VAL B 150 24.10 4.41 -41.34
N ILE B 151 23.24 4.92 -42.22
CA ILE B 151 22.36 6.06 -41.94
C ILE B 151 21.00 5.50 -41.55
N VAL B 152 20.47 5.95 -40.42
CA VAL B 152 19.17 5.53 -39.94
C VAL B 152 18.20 6.69 -40.12
N VAL B 153 17.39 6.64 -41.17
CA VAL B 153 16.31 7.60 -41.36
C VAL B 153 15.17 7.15 -40.43
N ASP B 154 15.05 7.78 -39.27
CA ASP B 154 14.15 7.29 -38.24
C ASP B 154 13.24 8.41 -37.77
N THR B 155 11.93 8.16 -37.85
CA THR B 155 10.94 9.04 -37.28
C THR B 155 9.90 8.16 -36.60
N ALA B 156 8.93 8.81 -35.97
CA ALA B 156 7.82 8.09 -35.35
C ALA B 156 7.00 7.32 -36.37
N HIS B 157 7.08 7.68 -37.66
CA HIS B 157 6.16 7.16 -38.68
C HIS B 157 6.93 6.92 -39.98
N GLY B 158 7.51 5.74 -40.11
CA GLY B 158 8.28 5.39 -41.28
C GLY B 158 7.45 5.15 -42.54
N HIS B 159 6.17 4.83 -42.38
CA HIS B 159 5.28 4.66 -43.53
C HIS B 159 4.73 6.00 -44.03
N SER B 160 5.58 7.00 -44.14
CA SER B 160 5.20 8.32 -44.62
C SER B 160 6.03 8.66 -45.85
N ALA B 161 5.48 9.51 -46.71
CA ALA B 161 6.26 9.97 -47.86
C ALA B 161 7.58 10.57 -47.41
N GLY B 162 7.57 11.31 -46.29
CA GLY B 162 8.78 11.95 -45.83
C GLY B 162 9.92 10.96 -45.61
N VAL B 163 9.64 9.89 -44.87
CA VAL B 163 10.70 8.93 -44.55
C VAL B 163 11.04 8.10 -45.78
N ILE B 164 10.03 7.60 -46.49
CA ILE B 164 10.29 6.75 -47.64
C ILE B 164 11.13 7.50 -48.67
N GLU B 165 10.80 8.77 -48.91
CA GLU B 165 11.52 9.50 -49.96
C GLU B 165 12.92 9.91 -49.51
N ARG B 166 13.12 10.13 -48.21
CA ARG B 166 14.47 10.42 -47.74
C ARG B 166 15.35 9.17 -47.79
N VAL B 167 14.79 8.01 -47.47
CA VAL B 167 15.50 6.75 -47.67
C VAL B 167 15.94 6.62 -49.12
N ARG B 168 15.01 6.86 -50.05
CA ARG B 168 15.35 6.76 -51.47
C ARG B 168 16.46 7.74 -51.84
N TRP B 169 16.40 8.96 -51.30
CA TRP B 169 17.42 9.96 -51.60
C TRP B 169 18.79 9.56 -51.09
N VAL B 170 18.86 9.00 -49.88
CA VAL B 170 20.15 8.57 -49.34
C VAL B 170 20.73 7.45 -50.19
N LYS B 171 19.91 6.46 -50.54
CA LYS B 171 20.39 5.35 -51.36
C LYS B 171 20.88 5.82 -52.72
N GLN B 172 20.14 6.74 -53.35
CA GLN B 172 20.51 7.20 -54.68
C GLN B 172 21.73 8.12 -54.64
N ASN B 173 21.90 8.90 -53.58
CA ASN B 173 22.97 9.89 -53.55
C ASN B 173 24.22 9.39 -52.83
N PHE B 174 24.09 8.43 -51.93
CA PHE B 174 25.22 7.87 -51.19
C PHE B 174 25.11 6.36 -51.21
N PRO B 175 25.27 5.74 -52.38
CA PRO B 175 25.15 4.28 -52.45
C PRO B 175 26.20 3.55 -51.63
N GLN B 176 27.30 4.22 -51.28
CA GLN B 176 28.37 3.57 -50.53
C GLN B 176 28.04 3.37 -49.06
N VAL B 177 26.92 3.89 -48.58
CA VAL B 177 26.53 3.72 -47.19
C VAL B 177 25.27 2.86 -47.13
N GLN B 178 25.12 2.15 -46.02
CA GLN B 178 23.87 1.43 -45.80
C GLN B 178 22.83 2.37 -45.22
N VAL B 179 21.56 2.09 -45.47
CA VAL B 179 20.50 2.96 -44.99
C VAL B 179 19.37 2.11 -44.40
N ILE B 180 18.87 2.56 -43.27
CA ILE B 180 17.76 1.92 -42.57
C ILE B 180 16.63 2.93 -42.48
N GLY B 181 15.39 2.47 -42.64
CA GLY B 181 14.22 3.32 -42.52
C GLY B 181 13.29 2.79 -41.45
N GLY B 182 12.61 3.71 -40.77
CA GLY B 182 11.68 3.34 -39.71
C GLY B 182 11.08 4.60 -39.11
N ASN B 183 10.20 4.41 -38.13
CA ASN B 183 9.78 3.11 -37.63
C ASN B 183 8.48 2.65 -38.27
N ILE B 184 8.31 1.34 -38.44
CA ILE B 184 7.13 0.79 -39.10
C ILE B 184 6.53 -0.33 -38.25
N ALA B 185 5.32 -0.74 -38.63
CA ALA B 185 4.61 -1.77 -37.89
C ALA B 185 3.85 -2.75 -38.78
N THR B 186 3.91 -2.61 -40.10
CA THR B 186 3.13 -3.45 -41.00
C THR B 186 3.98 -3.90 -42.17
N GLY B 187 3.58 -5.03 -42.75
CA GLY B 187 4.23 -5.53 -43.96
C GLY B 187 4.13 -4.55 -45.12
N ASP B 188 2.98 -3.88 -45.25
CA ASP B 188 2.83 -2.87 -46.30
C ASP B 188 3.91 -1.80 -46.19
N ALA B 189 4.16 -1.31 -44.98
CA ALA B 189 5.22 -0.32 -44.78
C ALA B 189 6.58 -0.88 -45.13
N ALA B 190 6.82 -2.15 -44.78
CA ALA B 190 8.11 -2.77 -45.07
C ALA B 190 8.36 -2.84 -46.57
N LEU B 191 7.34 -3.22 -47.34
CA LEU B 191 7.49 -3.32 -48.79
C LEU B 191 7.76 -1.96 -49.41
N ALA B 192 7.16 -0.90 -48.87
CA ALA B 192 7.41 0.43 -49.41
C ALA B 192 8.86 0.84 -49.19
N LEU B 193 9.39 0.55 -48.00
CA LEU B 193 10.78 0.90 -47.72
C LEU B 193 11.74 0.04 -48.51
N LEU B 194 11.44 -1.26 -48.64
CA LEU B 194 12.23 -2.13 -49.50
C LEU B 194 12.29 -1.58 -50.92
N ASP B 195 11.13 -1.19 -51.47
CA ASP B 195 11.10 -0.63 -52.83
C ASP B 195 11.91 0.64 -52.93
N ALA B 196 11.97 1.43 -51.84
CA ALA B 196 12.74 2.67 -51.86
C ALA B 196 14.24 2.46 -51.74
N GLY B 197 14.69 1.22 -51.50
CA GLY B 197 16.11 0.92 -51.41
C GLY B 197 16.65 0.69 -50.02
N ALA B 198 15.80 0.64 -49.00
CA ALA B 198 16.28 0.40 -47.65
C ALA B 198 17.07 -0.90 -47.58
N ASP B 199 18.17 -0.89 -46.83
CA ASP B 199 18.96 -2.09 -46.59
C ASP B 199 18.50 -2.84 -45.35
N ALA B 200 17.58 -2.27 -44.59
CA ALA B 200 16.92 -2.88 -43.44
C ALA B 200 15.81 -1.93 -43.01
N VAL B 201 14.85 -2.46 -42.25
CA VAL B 201 13.78 -1.64 -41.70
C VAL B 201 13.76 -1.80 -40.19
N LYS B 202 13.32 -0.77 -39.49
CA LYS B 202 13.24 -0.79 -38.04
C LYS B 202 11.77 -0.82 -37.64
N VAL B 203 11.42 -1.78 -36.79
CA VAL B 203 10.03 -2.12 -36.48
C VAL B 203 9.74 -1.74 -35.03
N GLY B 204 8.66 -0.99 -34.84
CA GLY B 204 8.27 -0.61 -33.50
C GLY B 204 7.48 0.68 -33.46
N ILE B 205 6.16 0.56 -33.35
CA ILE B 205 5.26 1.69 -33.15
C ILE B 205 4.42 1.33 -31.92
N GLY B 206 4.73 1.94 -30.78
CA GLY B 206 3.95 1.73 -29.58
C GLY B 206 4.62 0.96 -28.45
N PRO B 207 5.62 0.13 -28.72
CA PRO B 207 6.11 -0.80 -27.68
C PRO B 207 7.13 -0.20 -26.71
N GLY B 208 7.71 0.95 -27.02
CA GLY B 208 8.80 1.45 -26.19
C GLY B 208 8.39 1.65 -24.75
N SER B 209 9.36 1.45 -23.85
CA SER B 209 9.07 1.59 -22.42
C SER B 209 8.60 3.00 -22.07
N ILE B 210 9.08 4.01 -22.79
CA ILE B 210 8.74 5.40 -22.50
C ILE B 210 7.69 5.93 -23.48
N CYS B 211 6.96 5.04 -24.15
CA CYS B 211 6.00 5.45 -25.17
C CYS B 211 4.67 5.87 -24.55
N THR B 212 4.12 6.97 -25.06
CA THR B 212 2.73 7.34 -24.77
C THR B 212 1.93 7.50 -26.06
N THR B 213 2.51 7.12 -27.20
CA THR B 213 1.79 7.19 -28.47
C THR B 213 0.45 6.46 -28.39
N ARG B 214 0.42 5.31 -27.72
N ARG B 214 0.42 5.32 -27.71
CA ARG B 214 -0.84 4.57 -27.59
CA ARG B 214 -0.82 4.56 -27.59
C ARG B 214 -1.90 5.40 -26.90
C ARG B 214 -1.90 5.38 -26.88
N ILE B 215 -1.50 6.21 -25.91
CA ILE B 215 -2.47 6.99 -25.15
C ILE B 215 -2.81 8.29 -25.89
N VAL B 216 -1.82 8.95 -26.47
CA VAL B 216 -2.02 10.25 -27.10
C VAL B 216 -2.77 10.10 -28.42
N ALA B 217 -2.35 9.13 -29.24
CA ALA B 217 -2.89 8.98 -30.58
C ALA B 217 -3.74 7.72 -30.74
N GLY B 218 -3.75 6.82 -29.77
CA GLY B 218 -4.46 5.57 -29.93
C GLY B 218 -3.88 4.66 -30.99
N ILE B 219 -2.59 4.83 -31.30
CA ILE B 219 -1.91 4.15 -32.40
C ILE B 219 -0.90 3.17 -31.81
N GLY B 220 -0.80 2.00 -32.41
CA GLY B 220 0.24 1.08 -31.99
C GLY B 220 0.02 -0.30 -32.55
N MET B 221 1.04 -1.13 -32.42
CA MET B 221 1.00 -2.50 -32.88
C MET B 221 1.80 -3.37 -31.92
N PRO B 222 1.16 -4.29 -31.20
CA PRO B 222 1.92 -5.21 -30.34
C PRO B 222 3.10 -5.83 -31.10
N GLN B 223 4.24 -5.88 -30.42
CA GLN B 223 5.52 -5.98 -31.14
C GLN B 223 5.71 -7.35 -31.79
N ILE B 224 5.20 -8.43 -31.19
CA ILE B 224 5.38 -9.73 -31.82
C ILE B 224 4.64 -9.77 -33.15
N SER B 225 3.42 -9.24 -33.20
CA SER B 225 2.69 -9.22 -34.47
C SER B 225 3.28 -8.21 -35.44
N ALA B 226 3.84 -7.10 -34.95
CA ALA B 226 4.53 -6.17 -35.85
C ALA B 226 5.71 -6.86 -36.53
N ILE B 227 6.54 -7.54 -35.74
CA ILE B 227 7.69 -8.26 -36.29
C ILE B 227 7.23 -9.27 -37.31
N ASP B 228 6.20 -10.06 -36.97
CA ASP B 228 5.71 -11.09 -37.88
C ASP B 228 5.15 -10.50 -39.16
N SER B 229 4.40 -9.40 -39.07
CA SER B 229 3.84 -8.79 -40.27
C SER B 229 4.95 -8.29 -41.20
N VAL B 230 5.98 -7.67 -40.62
CA VAL B 230 7.07 -7.15 -41.43
C VAL B 230 7.91 -8.29 -41.99
N ALA B 231 8.31 -9.24 -41.14
CA ALA B 231 9.13 -10.35 -41.60
C ALA B 231 8.42 -11.16 -42.69
N SER B 232 7.12 -11.40 -42.52
CA SER B 232 6.39 -12.20 -43.50
C SER B 232 6.36 -11.50 -44.85
N ALA B 233 6.22 -10.17 -44.87
CA ALA B 233 6.18 -9.46 -46.14
C ALA B 233 7.55 -9.41 -46.80
N LEU B 234 8.62 -9.25 -46.01
CA LEU B 234 9.94 -9.05 -46.59
C LEU B 234 10.52 -10.33 -47.18
N LYS B 235 10.11 -11.49 -46.66
CA LYS B 235 10.61 -12.78 -47.14
C LYS B 235 12.14 -12.78 -47.20
N ASP B 236 12.77 -12.22 -46.19
CA ASP B 236 14.23 -12.23 -46.00
C ASP B 236 14.98 -11.39 -47.03
N GLN B 237 14.30 -10.56 -47.81
CA GLN B 237 15.02 -9.72 -48.77
C GLN B 237 15.95 -8.74 -48.06
N ILE B 238 15.52 -8.20 -46.93
CA ILE B 238 16.35 -7.41 -46.03
C ILE B 238 15.97 -7.75 -44.60
N PRO B 239 16.90 -7.57 -43.67
CA PRO B 239 16.60 -7.85 -42.26
C PRO B 239 15.77 -6.73 -41.63
N LEU B 240 15.19 -7.04 -40.47
CA LEU B 240 14.47 -6.05 -39.68
C LEU B 240 15.06 -5.96 -38.28
N ILE B 241 15.07 -4.74 -37.75
CA ILE B 241 15.49 -4.45 -36.39
C ILE B 241 14.23 -4.31 -35.54
N ALA B 242 14.13 -5.11 -34.47
CA ALA B 242 12.97 -5.05 -33.57
C ALA B 242 13.30 -4.05 -32.46
N ASP B 243 12.62 -2.89 -32.50
CA ASP B 243 13.01 -1.72 -31.72
C ASP B 243 11.91 -1.40 -30.72
N GLY B 244 12.20 -1.59 -29.44
CA GLY B 244 11.32 -1.14 -28.38
C GLY B 244 10.65 -2.28 -27.64
N GLY B 245 10.41 -2.06 -26.35
CA GLY B 245 9.66 -2.99 -25.54
C GLY B 245 10.45 -4.17 -25.00
N ILE B 246 11.75 -4.25 -25.28
CA ILE B 246 12.57 -5.33 -24.73
C ILE B 246 12.88 -5.02 -23.27
N ARG B 247 12.44 -5.90 -22.37
CA ARG B 247 12.72 -5.78 -20.95
C ARG B 247 13.60 -6.88 -20.42
N PHE B 248 13.51 -8.08 -20.98
CA PHE B 248 14.27 -9.24 -20.51
C PHE B 248 14.95 -9.91 -21.68
N SER B 249 15.95 -10.75 -21.38
CA SER B 249 16.61 -11.50 -22.43
C SER B 249 15.61 -12.40 -23.16
N GLY B 250 14.60 -12.90 -22.46
CA GLY B 250 13.56 -13.69 -23.11
C GLY B 250 12.83 -12.94 -24.21
N ASP B 251 12.64 -11.63 -24.04
CA ASP B 251 12.02 -10.83 -25.09
C ASP B 251 12.86 -10.84 -26.37
N MET B 252 14.18 -10.84 -26.22
N MET B 252 14.18 -10.86 -26.22
CA MET B 252 15.06 -10.88 -27.39
CA MET B 252 15.05 -10.87 -27.39
C MET B 252 14.86 -12.17 -28.18
C MET B 252 14.92 -12.17 -28.18
N ALA B 253 14.82 -13.30 -27.47
CA ALA B 253 14.64 -14.58 -28.15
C ALA B 253 13.29 -14.64 -28.87
N LYS B 254 12.23 -14.16 -28.21
CA LYS B 254 10.92 -14.13 -28.86
C LYS B 254 10.95 -13.24 -30.10
N ALA B 255 11.59 -12.07 -30.01
CA ALA B 255 11.64 -11.18 -31.16
C ALA B 255 12.32 -11.85 -32.35
N ILE B 256 13.46 -12.49 -32.12
CA ILE B 256 14.18 -13.18 -33.19
C ILE B 256 13.35 -14.34 -33.71
N GLY B 257 12.80 -15.15 -32.81
CA GLY B 257 11.93 -16.23 -33.23
C GLY B 257 10.78 -15.77 -34.10
N ALA B 258 10.26 -14.56 -33.84
CA ALA B 258 9.19 -14.02 -34.65
C ALA B 258 9.67 -13.44 -35.98
N GLY B 259 10.98 -13.37 -36.19
CA GLY B 259 11.49 -12.94 -37.48
C GLY B 259 12.52 -11.82 -37.44
N ALA B 260 12.75 -11.22 -36.27
CA ALA B 260 13.74 -10.15 -36.18
C ALA B 260 15.14 -10.71 -36.43
N SER B 261 15.99 -9.87 -37.02
CA SER B 261 17.42 -10.19 -37.16
C SER B 261 18.27 -9.53 -36.08
N THR B 262 17.86 -8.38 -35.58
CA THR B 262 18.53 -7.71 -34.49
C THR B 262 17.44 -7.10 -33.60
N ILE B 263 17.82 -6.68 -32.41
CA ILE B 263 16.93 -5.93 -31.54
C ILE B 263 17.61 -4.64 -31.11
N MET B 264 16.84 -3.57 -31.02
CA MET B 264 17.31 -2.28 -30.52
C MET B 264 16.73 -2.05 -29.13
N VAL B 265 17.57 -1.58 -28.21
CA VAL B 265 17.15 -1.35 -26.83
C VAL B 265 17.56 0.05 -26.41
N GLY B 266 16.69 0.72 -25.66
CA GLY B 266 17.03 1.95 -25.01
C GLY B 266 17.09 1.77 -23.51
N SER B 267 15.97 1.41 -22.89
N SER B 267 15.96 1.42 -22.90
CA SER B 267 15.90 1.38 -21.44
CA SER B 267 15.87 1.36 -21.44
C SER B 267 16.92 0.41 -20.83
C SER B 267 16.94 0.44 -20.86
N LEU B 268 17.17 -0.72 -21.50
CA LEU B 268 18.12 -1.68 -20.94
C LEU B 268 19.54 -1.10 -20.84
N LEU B 269 19.91 -0.22 -21.78
CA LEU B 269 21.24 0.37 -21.77
C LEU B 269 21.27 1.74 -21.12
N ALA B 270 20.13 2.40 -20.95
CA ALA B 270 20.10 3.60 -20.13
C ALA B 270 20.59 3.29 -18.74
N GLY B 271 21.23 4.27 -18.10
CA GLY B 271 21.75 4.08 -16.77
C GLY B 271 23.07 3.33 -16.68
N THR B 272 23.61 2.84 -17.80
CA THR B 272 24.93 2.25 -17.77
C THR B 272 25.98 3.36 -17.72
N GLU B 273 27.20 2.96 -17.34
CA GLU B 273 28.30 3.91 -17.27
C GLU B 273 28.52 4.59 -18.61
N GLU B 274 28.40 3.85 -19.71
CA GLU B 274 28.72 4.40 -21.02
C GLU B 274 27.62 5.28 -21.61
N ALA B 275 26.39 5.21 -21.09
CA ALA B 275 25.32 6.05 -21.59
C ALA B 275 25.63 7.52 -21.27
N PRO B 276 25.13 8.45 -22.09
CA PRO B 276 25.36 9.88 -21.80
C PRO B 276 24.75 10.26 -20.45
N GLY B 277 25.23 11.37 -19.92
CA GLY B 277 24.67 11.90 -18.68
C GLY B 277 25.44 11.43 -17.45
N GLU B 278 25.41 12.28 -16.43
CA GLU B 278 26.07 11.98 -15.16
C GLU B 278 25.13 11.21 -14.25
N VAL B 279 25.72 10.39 -13.38
CA VAL B 279 24.93 9.73 -12.34
C VAL B 279 24.45 10.78 -11.34
N GLU B 280 23.18 10.71 -10.98
CA GLU B 280 22.60 11.64 -10.02
C GLU B 280 22.23 10.91 -8.75
N PHE B 281 22.43 11.57 -7.61
CA PHE B 281 22.11 11.02 -6.31
C PHE B 281 20.70 11.43 -5.93
N PHE B 282 19.87 10.46 -5.56
CA PHE B 282 18.47 10.72 -5.25
C PHE B 282 17.99 9.71 -4.22
N GLN B 283 17.75 10.17 -2.99
CA GLN B 283 17.23 9.32 -1.92
C GLN B 283 18.15 8.12 -1.67
N GLY B 284 19.43 8.41 -1.47
CA GLY B 284 20.40 7.35 -1.23
C GLY B 284 20.46 6.31 -2.32
N ARG B 285 20.20 6.71 -3.57
CA ARG B 285 20.36 5.82 -4.71
C ARG B 285 20.91 6.62 -5.89
N TYR B 286 21.55 5.93 -6.81
CA TYR B 286 22.13 6.53 -8.00
C TYR B 286 21.30 6.20 -9.23
N TYR B 287 21.09 7.20 -10.07
CA TYR B 287 20.28 7.05 -11.28
C TYR B 287 20.95 7.78 -12.43
N LYS B 288 20.44 7.51 -13.63
CA LYS B 288 20.69 8.34 -14.79
C LYS B 288 19.34 8.67 -15.44
N ALA B 289 19.33 9.77 -16.18
CA ALA B 289 18.12 10.16 -16.90
C ALA B 289 17.82 9.20 -18.04
N TYR B 290 16.54 9.00 -18.31
CA TYR B 290 16.10 8.31 -19.50
C TYR B 290 14.80 8.94 -19.96
N ARG B 291 14.74 9.34 -21.22
CA ARG B 291 13.57 10.08 -21.69
C ARG B 291 13.33 9.76 -23.15
N GLY B 292 12.05 9.73 -23.52
CA GLY B 292 11.70 9.58 -24.92
C GLY B 292 12.14 10.79 -25.72
N MET B 293 12.51 10.54 -26.98
CA MET B 293 12.85 11.64 -27.87
C MET B 293 11.63 12.47 -28.25
N GLY B 294 10.43 11.96 -27.99
CA GLY B 294 9.20 12.71 -28.12
C GLY B 294 8.69 13.28 -26.82
N SER B 295 9.48 13.25 -25.75
CA SER B 295 9.11 13.89 -24.51
C SER B 295 9.26 15.40 -24.63
N LEU B 296 8.63 16.11 -23.71
CA LEU B 296 8.73 17.57 -23.70
C LEU B 296 10.18 18.01 -23.57
N GLY B 297 10.91 17.42 -22.63
CA GLY B 297 12.30 17.80 -22.44
C GLY B 297 13.14 17.62 -23.69
N ALA B 298 12.92 16.51 -24.42
CA ALA B 298 13.73 16.25 -25.61
C ALA B 298 13.34 17.18 -26.75
N MET B 299 12.04 17.45 -26.93
CA MET B 299 11.62 18.29 -28.06
C MET B 299 12.04 19.74 -27.87
N ALA B 300 12.11 20.22 -26.62
CA ALA B 300 12.64 21.55 -26.38
C ALA B 300 14.16 21.57 -26.52
N GLY B 301 14.84 20.59 -25.94
CA GLY B 301 16.28 20.48 -26.05
C GLY B 301 16.71 19.58 -27.19
N LYS B 319 3.32 22.47 -33.77
CA LYS B 319 4.15 21.64 -32.91
C LYS B 319 3.35 20.46 -32.36
N LEU B 320 4.02 19.31 -32.20
CA LEU B 320 3.36 18.08 -31.79
C LEU B 320 3.27 18.00 -30.27
N VAL B 321 2.17 17.41 -29.80
CA VAL B 321 2.02 17.10 -28.37
C VAL B 321 3.01 16.01 -28.02
N PRO B 322 3.54 15.98 -26.80
CA PRO B 322 4.54 14.96 -26.45
C PRO B 322 3.99 13.54 -26.56
N GLU B 323 4.88 12.62 -26.96
CA GLU B 323 4.51 11.21 -27.05
C GLU B 323 5.49 10.33 -26.28
N GLY B 324 6.29 10.91 -25.40
CA GLY B 324 7.17 10.14 -24.56
C GLY B 324 7.23 10.75 -23.18
N ILE B 325 7.66 9.94 -22.22
CA ILE B 325 7.80 10.38 -20.86
C ILE B 325 9.28 10.57 -20.56
N GLU B 326 9.55 11.25 -19.44
CA GLU B 326 10.90 11.64 -19.04
C GLU B 326 11.09 11.21 -17.60
N GLY B 327 12.15 10.47 -17.33
CA GLY B 327 12.37 9.96 -15.99
C GLY B 327 13.81 9.63 -15.70
N ARG B 328 14.01 8.76 -14.72
CA ARG B 328 15.33 8.31 -14.34
C ARG B 328 15.31 6.79 -14.18
N VAL B 329 16.46 6.17 -14.41
CA VAL B 329 16.61 4.72 -14.29
C VAL B 329 17.79 4.44 -13.36
N PRO B 330 17.79 3.31 -12.67
CA PRO B 330 18.89 3.01 -11.74
C PRO B 330 20.22 2.91 -12.47
N TYR B 331 21.28 3.30 -11.78
CA TYR B 331 22.62 3.13 -12.31
C TYR B 331 22.95 1.64 -12.44
N LYS B 332 23.50 1.25 -13.57
CA LYS B 332 23.73 -0.15 -13.88
C LYS B 332 25.20 -0.54 -14.00
N GLY B 333 26.12 0.40 -13.86
CA GLY B 333 27.52 0.11 -14.06
C GLY B 333 27.87 -0.12 -15.52
N PRO B 334 29.00 -0.75 -15.77
CA PRO B 334 29.47 -0.93 -17.15
C PRO B 334 28.47 -1.70 -17.99
N MET B 335 28.24 -1.22 -19.22
CA MET B 335 27.25 -1.86 -20.09
C MET B 335 27.63 -3.29 -20.44
N GLY B 336 28.91 -3.65 -20.40
CA GLY B 336 29.31 -4.99 -20.80
C GLY B 336 28.65 -6.08 -19.97
N ASN B 337 28.41 -5.82 -18.69
CA ASN B 337 27.77 -6.82 -17.85
C ASN B 337 26.32 -7.07 -18.27
N ILE B 338 25.56 -6.00 -18.53
CA ILE B 338 24.19 -6.19 -18.96
C ILE B 338 24.14 -6.87 -20.33
N VAL B 339 25.07 -6.50 -21.22
CA VAL B 339 25.14 -7.16 -22.52
C VAL B 339 25.42 -8.66 -22.34
N HIS B 340 26.38 -8.98 -21.47
CA HIS B 340 26.70 -10.38 -21.22
C HIS B 340 25.50 -11.13 -20.66
N GLN B 341 24.75 -10.50 -19.76
CA GLN B 341 23.57 -11.14 -19.18
C GLN B 341 22.51 -11.41 -20.24
N MET B 342 22.25 -10.42 -21.10
CA MET B 342 21.24 -10.58 -22.15
C MET B 342 21.65 -11.68 -23.13
N MET B 343 22.92 -11.65 -23.58
CA MET B 343 23.37 -12.65 -24.53
C MET B 343 23.39 -14.05 -23.91
N GLY B 344 23.68 -14.14 -22.61
CA GLY B 344 23.57 -15.41 -21.93
C GLY B 344 22.16 -15.97 -21.96
N GLY B 345 21.16 -15.10 -21.80
CA GLY B 345 19.78 -15.56 -21.87
C GLY B 345 19.41 -16.04 -23.26
N LEU B 346 19.86 -15.33 -24.29
CA LEU B 346 19.61 -15.76 -25.66
C LEU B 346 20.27 -17.10 -25.96
N ARG B 347 21.51 -17.29 -25.48
CA ARG B 347 22.19 -18.56 -25.69
C ARG B 347 21.39 -19.71 -25.07
N SER B 348 20.87 -19.49 -23.86
N SER B 348 20.85 -19.49 -23.86
CA SER B 348 20.00 -20.48 -23.23
CA SER B 348 20.03 -20.53 -23.25
C SER B 348 18.80 -20.80 -24.11
C SER B 348 18.75 -20.78 -24.04
N SER B 349 18.09 -19.76 -24.56
N SER B 349 18.12 -19.72 -24.55
CA SER B 349 16.93 -19.97 -25.41
CA SER B 349 16.96 -19.89 -25.42
C SER B 349 17.28 -20.77 -26.65
C SER B 349 17.30 -20.76 -26.62
N MET B 350 18.41 -20.46 -27.29
CA MET B 350 18.79 -21.20 -28.49
C MET B 350 19.15 -22.64 -28.16
N GLY B 351 19.67 -22.90 -26.96
CA GLY B 351 19.85 -24.28 -26.54
C GLY B 351 18.53 -25.03 -26.39
N TYR B 352 17.52 -24.36 -25.81
CA TYR B 352 16.21 -24.98 -25.66
C TYR B 352 15.56 -25.27 -27.01
N THR B 353 15.75 -24.38 -27.98
CA THR B 353 15.08 -24.53 -29.27
C THR B 353 15.91 -25.28 -30.29
N GLY B 354 17.08 -25.78 -29.91
CA GLY B 354 17.93 -26.46 -30.87
C GLY B 354 18.42 -25.59 -31.99
N SER B 355 18.63 -24.29 -31.73
CA SER B 355 19.09 -23.34 -32.72
C SER B 355 20.59 -23.16 -32.58
N ALA B 356 21.37 -23.67 -33.55
CA ALA B 356 22.82 -23.53 -33.51
C ALA B 356 23.28 -22.15 -33.98
N VAL B 357 22.50 -21.49 -34.83
CA VAL B 357 22.82 -20.17 -35.33
C VAL B 357 21.54 -19.33 -35.30
N ILE B 358 21.71 -18.01 -35.44
CA ILE B 358 20.55 -17.12 -35.35
C ILE B 358 19.49 -17.50 -36.38
N GLU B 359 19.90 -17.79 -37.62
CA GLU B 359 18.91 -18.09 -38.65
C GLU B 359 18.07 -19.32 -38.29
N ASP B 360 18.63 -20.28 -37.57
CA ASP B 360 17.85 -21.43 -37.11
C ASP B 360 16.68 -20.96 -36.26
N LEU B 361 16.93 -20.06 -35.30
CA LEU B 361 15.85 -19.57 -34.45
C LEU B 361 14.84 -18.78 -35.27
N ARG B 362 15.33 -17.99 -36.23
CA ARG B 362 14.43 -17.21 -37.07
C ARG B 362 13.49 -18.10 -37.87
N GLN B 363 13.99 -19.23 -38.35
CA GLN B 363 13.21 -20.05 -39.28
C GLN B 363 12.43 -21.16 -38.59
N ASN B 364 12.88 -21.64 -37.43
CA ASN B 364 12.32 -22.85 -36.83
C ASN B 364 11.58 -22.61 -35.52
N ALA B 365 11.52 -21.37 -35.03
CA ALA B 365 10.86 -21.14 -33.76
C ALA B 365 9.39 -21.52 -33.83
N LYS B 366 8.90 -22.13 -32.74
CA LYS B 366 7.49 -22.43 -32.55
C LYS B 366 7.02 -21.77 -31.26
N PHE B 367 5.83 -21.18 -31.29
CA PHE B 367 5.29 -20.43 -30.17
C PHE B 367 3.99 -21.06 -29.69
N VAL B 368 3.63 -20.74 -28.46
CA VAL B 368 2.27 -20.90 -27.98
C VAL B 368 1.80 -19.54 -27.49
N LYS B 369 0.50 -19.28 -27.62
CA LYS B 369 -0.13 -18.11 -27.03
C LYS B 369 -0.64 -18.47 -25.64
N ILE B 370 -0.42 -17.57 -24.68
CA ILE B 370 -0.80 -17.83 -23.30
C ILE B 370 -1.85 -16.81 -22.86
N THR B 371 -2.58 -17.17 -21.82
CA THR B 371 -3.64 -16.31 -21.32
C THR B 371 -3.11 -15.34 -20.29
N SER B 372 -3.99 -14.48 -19.78
CA SER B 372 -3.63 -13.60 -18.68
C SER B 372 -3.13 -14.39 -17.48
N ALA B 373 -3.61 -15.61 -17.29
CA ALA B 373 -3.17 -16.42 -16.16
C ALA B 373 -1.73 -16.91 -16.32
N GLY B 374 -1.21 -16.96 -17.54
CA GLY B 374 0.16 -17.38 -17.78
C GLY B 374 1.19 -16.36 -17.34
N SER C 16 -26.19 -22.31 -24.97
CA SER C 16 -27.00 -23.06 -25.92
C SER C 16 -28.30 -22.31 -26.21
N MET C 17 -29.04 -21.97 -25.15
CA MET C 17 -30.12 -20.99 -25.26
C MET C 17 -29.63 -19.57 -25.05
N LEU C 18 -28.44 -19.39 -24.48
CA LEU C 18 -27.89 -18.06 -24.24
C LEU C 18 -27.61 -17.37 -25.56
N THR C 19 -28.15 -16.16 -25.72
CA THR C 19 -27.94 -15.36 -26.92
C THR C 19 -26.84 -14.35 -26.65
N ILE C 20 -25.63 -14.64 -27.15
CA ILE C 20 -24.51 -13.72 -27.08
C ILE C 20 -24.36 -13.12 -28.47
N VAL C 21 -24.66 -11.82 -28.59
CA VAL C 21 -24.69 -11.19 -29.91
C VAL C 21 -23.29 -11.03 -30.47
N GLN C 22 -22.29 -10.84 -29.62
CA GLN C 22 -20.91 -10.64 -30.07
C GLN C 22 -20.02 -10.50 -28.85
N GLU C 23 -18.71 -10.54 -29.07
CA GLU C 23 -17.74 -10.08 -28.09
C GLU C 23 -17.56 -8.58 -28.33
N ALA C 24 -18.03 -7.77 -27.40
CA ALA C 24 -18.04 -6.33 -27.58
C ALA C 24 -16.74 -5.73 -27.09
N LEU C 25 -16.27 -4.70 -27.80
CA LEU C 25 -14.96 -4.10 -27.55
C LEU C 25 -15.11 -2.69 -26.99
N THR C 26 -14.23 -2.34 -26.05
CA THR C 26 -14.10 -0.99 -25.53
C THR C 26 -12.83 -0.36 -26.10
N PHE C 27 -12.59 0.91 -25.72
CA PHE C 27 -11.44 1.63 -26.26
C PHE C 27 -10.13 0.89 -26.01
N ASP C 28 -9.96 0.35 -24.80
CA ASP C 28 -8.70 -0.30 -24.44
C ASP C 28 -8.48 -1.63 -25.15
N ASP C 29 -9.51 -2.19 -25.78
CA ASP C 29 -9.38 -3.45 -26.49
C ASP C 29 -8.73 -3.33 -27.86
N VAL C 30 -8.57 -2.11 -28.39
CA VAL C 30 -8.14 -1.94 -29.78
C VAL C 30 -7.07 -0.85 -29.88
N LEU C 31 -6.31 -0.92 -30.96
CA LEU C 31 -5.38 0.12 -31.37
C LEU C 31 -5.58 0.39 -32.85
N LEU C 32 -5.44 1.66 -33.23
CA LEU C 32 -5.39 2.02 -34.64
C LEU C 32 -4.04 1.66 -35.24
N LEU C 33 -4.06 1.27 -36.51
CA LEU C 33 -2.81 0.96 -37.19
C LEU C 33 -2.31 2.16 -37.98
N PRO C 34 -1.00 2.40 -37.99
CA PRO C 34 -0.45 3.41 -38.91
C PRO C 34 -0.66 2.96 -40.34
N ALA C 35 -0.72 3.94 -41.25
CA ALA C 35 -0.91 3.68 -42.66
C ALA C 35 -0.11 4.70 -43.45
N TYR C 36 -0.02 4.49 -44.76
CA TYR C 36 0.74 5.40 -45.61
C TYR C 36 0.17 6.81 -45.47
N SER C 37 1.06 7.78 -45.25
CA SER C 37 0.64 9.12 -44.89
C SER C 37 1.44 10.16 -45.66
N THR C 38 0.74 11.18 -46.16
CA THR C 38 1.38 12.31 -46.81
C THR C 38 1.05 13.65 -46.16
N VAL C 39 0.02 13.72 -45.32
CA VAL C 39 -0.40 14.99 -44.73
C VAL C 39 0.08 15.05 -43.29
N LEU C 40 0.71 16.17 -42.93
CA LEU C 40 1.26 16.33 -41.60
C LEU C 40 0.15 16.64 -40.59
N PRO C 41 0.35 16.28 -39.32
CA PRO C 41 -0.65 16.61 -38.29
C PRO C 41 -1.11 18.05 -38.30
N LYS C 42 -0.19 19.00 -38.52
CA LYS C 42 -0.57 20.41 -38.53
C LYS C 42 -1.53 20.77 -39.66
N ASP C 43 -1.61 19.95 -40.71
CA ASP C 43 -2.37 20.30 -41.90
C ASP C 43 -3.68 19.53 -42.04
N VAL C 44 -3.99 18.61 -41.12
CA VAL C 44 -5.25 17.90 -41.24
C VAL C 44 -6.42 18.82 -40.87
N SER C 45 -7.60 18.46 -41.36
CA SER C 45 -8.84 19.15 -41.04
C SER C 45 -9.61 18.36 -40.00
N LEU C 46 -10.06 19.05 -38.95
CA LEU C 46 -10.88 18.45 -37.90
C LEU C 46 -12.36 18.74 -38.06
N LYS C 47 -12.75 19.37 -39.17
CA LYS C 47 -14.15 19.69 -39.38
C LYS C 47 -14.99 18.43 -39.51
N THR C 48 -16.19 18.44 -38.93
CA THR C 48 -17.05 17.28 -38.92
C THR C 48 -18.48 17.78 -38.82
N ARG C 49 -19.44 16.86 -38.80
CA ARG C 49 -20.83 17.26 -38.63
C ARG C 49 -21.37 16.73 -37.31
N LEU C 50 -22.09 17.60 -36.61
CA LEU C 50 -22.83 17.25 -35.40
C LEU C 50 -24.14 16.55 -35.75
N THR C 51 -24.89 17.14 -36.68
CA THR C 51 -26.13 16.60 -37.21
C THR C 51 -26.07 16.70 -38.73
N ARG C 52 -27.11 16.23 -39.42
CA ARG C 52 -27.06 16.37 -40.87
C ARG C 52 -27.07 17.82 -41.32
N GLY C 53 -27.48 18.75 -40.45
CA GLY C 53 -27.54 20.15 -40.81
C GLY C 53 -26.49 21.05 -40.17
N ILE C 54 -25.81 20.57 -39.14
CA ILE C 54 -24.90 21.39 -38.35
C ILE C 54 -23.50 20.80 -38.43
N TYR C 55 -22.54 21.62 -38.87
CA TYR C 55 -21.14 21.24 -38.90
C TYR C 55 -20.37 21.92 -37.77
N LEU C 56 -19.38 21.21 -37.25
CA LEU C 56 -18.45 21.74 -36.26
C LEU C 56 -17.07 21.85 -36.87
N ASN C 57 -16.23 22.69 -36.29
CA ASN C 57 -14.84 22.79 -36.72
C ASN C 57 -13.92 21.86 -35.95
N ILE C 58 -14.36 21.36 -34.80
CA ILE C 58 -13.69 20.24 -34.13
C ILE C 58 -14.74 19.26 -33.65
N PRO C 59 -14.36 17.99 -33.53
CA PRO C 59 -15.37 16.95 -33.22
C PRO C 59 -15.66 16.78 -31.74
N LEU C 60 -15.81 17.88 -31.00
CA LEU C 60 -15.92 17.82 -29.54
C LEU C 60 -17.22 18.47 -29.09
N VAL C 61 -17.95 17.78 -28.20
CA VAL C 61 -19.21 18.24 -27.63
C VAL C 61 -19.10 18.12 -26.11
N SER C 62 -19.53 19.15 -25.38
CA SER C 62 -19.51 19.08 -23.93
C SER C 62 -20.83 18.50 -23.41
N ALA C 63 -20.72 17.66 -22.38
CA ALA C 63 -21.85 16.88 -21.89
C ALA C 63 -22.93 17.77 -21.26
N ALA C 64 -24.18 17.33 -21.39
CA ALA C 64 -25.34 18.00 -20.81
C ALA C 64 -25.47 17.60 -19.34
N MET C 65 -24.52 18.09 -18.54
CA MET C 65 -24.43 17.75 -17.13
C MET C 65 -24.28 19.01 -16.29
N ASP C 66 -24.89 18.99 -15.10
CA ASP C 66 -24.90 20.21 -14.30
C ASP C 66 -23.58 20.47 -13.60
N THR C 67 -22.55 19.65 -13.85
CA THR C 67 -21.19 19.98 -13.46
C THR C 67 -20.27 20.15 -14.66
N VAL C 68 -20.82 20.28 -15.87
CA VAL C 68 -19.98 20.41 -17.07
C VAL C 68 -20.39 21.60 -17.93
N THR C 69 -21.67 21.72 -18.32
CA THR C 69 -22.07 22.68 -19.33
C THR C 69 -23.22 23.58 -18.87
N GLU C 70 -22.89 24.83 -18.57
CA GLU C 70 -23.87 25.91 -18.60
C GLU C 70 -23.37 26.91 -19.64
N SER C 71 -23.87 28.15 -19.63
CA SER C 71 -23.61 29.04 -20.75
C SER C 71 -22.11 29.33 -20.89
N ARG C 72 -21.39 29.45 -19.77
CA ARG C 72 -19.98 29.78 -19.85
C ARG C 72 -19.21 28.70 -20.60
N MET C 73 -19.51 27.42 -20.32
CA MET C 73 -18.84 26.34 -21.02
C MET C 73 -19.30 26.26 -22.47
N ALA C 74 -20.60 26.47 -22.72
CA ALA C 74 -21.09 26.43 -24.09
C ALA C 74 -20.42 27.50 -24.94
N ILE C 75 -20.23 28.70 -24.40
CA ILE C 75 -19.58 29.76 -25.14
C ILE C 75 -18.15 29.36 -25.50
N ALA C 76 -17.40 28.86 -24.51
CA ALA C 76 -16.03 28.42 -24.76
C ALA C 76 -15.98 27.29 -25.79
N MET C 77 -16.89 26.32 -25.69
CA MET C 77 -16.91 25.23 -26.66
C MET C 77 -17.07 25.75 -28.09
N ALA C 78 -18.05 26.64 -28.29
CA ALA C 78 -18.28 27.17 -29.63
C ALA C 78 -17.11 28.00 -30.10
N GLN C 79 -16.53 28.82 -29.22
CA GLN C 79 -15.36 29.61 -29.61
C GLN C 79 -14.22 28.72 -30.10
N ASN C 80 -14.10 27.51 -29.57
CA ASN C 80 -13.05 26.59 -29.98
C ASN C 80 -13.44 25.73 -31.18
N GLY C 81 -14.64 25.91 -31.71
CA GLY C 81 -15.08 25.17 -32.88
C GLY C 81 -16.00 24.01 -32.59
N GLY C 82 -16.28 23.72 -31.33
CA GLY C 82 -17.19 22.67 -30.94
C GLY C 82 -18.55 23.22 -30.56
N ILE C 83 -19.23 22.53 -29.65
CA ILE C 83 -20.54 22.98 -29.20
C ILE C 83 -20.77 22.40 -27.81
N GLY C 84 -21.57 23.11 -27.02
CA GLY C 84 -21.97 22.64 -25.70
C GLY C 84 -23.45 22.36 -25.68
N ILE C 85 -23.84 21.31 -24.95
CA ILE C 85 -25.24 20.98 -24.73
C ILE C 85 -25.59 21.38 -23.31
N LEU C 86 -26.43 22.42 -23.17
CA LEU C 86 -26.84 22.89 -21.86
C LEU C 86 -27.67 21.82 -21.14
N HIS C 87 -27.38 21.61 -19.86
CA HIS C 87 -28.09 20.60 -19.11
C HIS C 87 -29.51 21.08 -18.77
N LYS C 88 -30.39 20.13 -18.45
CA LYS C 88 -31.79 20.42 -18.20
C LYS C 88 -32.15 20.39 -16.72
N ASN C 89 -31.16 20.38 -15.83
CA ASN C 89 -31.45 20.40 -14.40
C ASN C 89 -31.66 21.84 -13.95
N MET C 90 -32.54 22.55 -14.64
CA MET C 90 -32.92 23.91 -14.26
C MET C 90 -34.28 24.16 -14.88
N ASP C 91 -34.97 25.19 -14.39
CA ASP C 91 -36.31 25.40 -14.91
C ASP C 91 -36.24 25.97 -16.32
N ILE C 92 -37.39 25.98 -16.98
CA ILE C 92 -37.47 26.34 -18.40
C ILE C 92 -36.92 27.75 -18.62
N ALA C 93 -37.37 28.71 -17.82
CA ALA C 93 -36.92 30.09 -18.00
C ALA C 93 -35.39 30.18 -17.88
N ALA C 94 -34.81 29.45 -16.92
CA ALA C 94 -33.37 29.51 -16.74
C ALA C 94 -32.63 28.91 -17.92
N GLN C 95 -33.08 27.75 -18.41
CA GLN C 95 -32.41 27.14 -19.55
C GLN C 95 -32.53 28.00 -20.78
N ALA C 96 -33.71 28.59 -21.01
CA ALA C 96 -33.87 29.48 -22.17
C ALA C 96 -32.94 30.68 -22.05
N ALA C 97 -32.75 31.20 -20.84
CA ALA C 97 -31.83 32.33 -20.66
C ALA C 97 -30.39 31.91 -20.94
N GLU C 98 -30.01 30.69 -20.55
CA GLU C 98 -28.69 30.19 -20.90
C GLU C 98 -28.49 30.15 -22.41
N VAL C 99 -29.51 29.70 -23.15
CA VAL C 99 -29.41 29.68 -24.60
C VAL C 99 -29.16 31.09 -25.13
N ARG C 100 -29.98 32.05 -24.72
CA ARG C 100 -29.82 33.41 -25.23
C ARG C 100 -28.45 33.98 -24.87
N ARG C 101 -27.94 33.67 -23.69
CA ARG C 101 -26.60 34.13 -23.30
C ARG C 101 -25.54 33.71 -24.32
N VAL C 102 -25.64 32.48 -24.83
CA VAL C 102 -24.69 32.00 -25.82
C VAL C 102 -24.94 32.65 -27.17
N LYS C 103 -26.21 32.72 -27.59
CA LYS C 103 -26.54 33.17 -28.94
C LYS C 103 -26.21 34.64 -29.15
N LYS C 104 -26.22 35.45 -28.09
CA LYS C 104 -25.94 36.87 -28.23
C LYS C 104 -24.58 37.26 -27.63
N PHE C 105 -23.78 36.29 -27.22
CA PHE C 105 -22.43 36.62 -26.78
C PHE C 105 -21.66 37.25 -27.94
N GLU C 106 -20.97 38.35 -27.66
CA GLU C 106 -20.13 39.01 -28.66
C GLU C 106 -18.72 39.12 -28.10
N ALA C 107 -17.74 38.66 -28.87
CA ALA C 107 -16.35 38.78 -28.45
C ALA C 107 -15.97 40.24 -28.32
N GLY C 108 -14.93 40.48 -27.52
CA GLY C 108 -14.34 41.80 -27.48
C GLY C 108 -13.30 42.00 -28.55
N LYS C 109 -13.06 43.25 -28.91
CA LYS C 109 -11.99 43.55 -29.85
C LYS C 109 -10.66 43.14 -29.24
N ALA C 110 -9.83 42.47 -30.05
CA ALA C 110 -8.57 41.83 -29.68
C ALA C 110 -8.81 40.39 -29.25
N GLU C 111 -10.06 39.93 -29.21
CA GLU C 111 -10.38 38.53 -28.95
C GLU C 111 -10.63 37.85 -30.29
N SER C 112 -9.74 36.94 -30.66
CA SER C 112 -9.79 36.26 -31.96
C SER C 112 -10.01 34.78 -31.75
N TYR C 113 -11.15 34.28 -32.24
CA TYR C 113 -11.47 32.85 -32.25
C TYR C 113 -11.81 32.49 -33.70
N PRO C 114 -10.80 32.34 -34.55
CA PRO C 114 -11.07 32.11 -35.98
C PRO C 114 -11.75 30.77 -36.26
N ASN C 115 -11.69 29.82 -35.34
CA ASN C 115 -12.34 28.54 -35.51
C ASN C 115 -13.75 28.50 -34.96
N SER C 116 -14.31 29.65 -34.57
CA SER C 116 -15.62 29.68 -33.93
C SER C 116 -16.65 28.90 -34.73
N CYS C 117 -17.52 28.19 -34.01
CA CYS C 117 -18.64 27.47 -34.61
C CYS C 117 -19.87 28.35 -34.49
N LYS C 118 -20.38 28.81 -35.65
CA LYS C 118 -21.42 29.82 -35.68
C LYS C 118 -22.53 29.40 -36.64
N ASP C 119 -23.72 29.95 -36.40
CA ASP C 119 -24.85 29.73 -37.30
C ASP C 119 -24.78 30.73 -38.46
N ASP C 120 -25.81 30.70 -39.32
CA ASP C 120 -25.82 31.55 -40.50
C ASP C 120 -25.87 33.04 -40.17
N LEU C 121 -26.26 33.40 -38.95
CA LEU C 121 -26.27 34.79 -38.52
C LEU C 121 -24.98 35.22 -37.84
N GLY C 122 -23.96 34.36 -37.80
CA GLY C 122 -22.73 34.69 -37.12
C GLY C 122 -22.79 34.53 -35.61
N ARG C 123 -23.83 33.91 -35.07
CA ARG C 123 -23.93 33.70 -33.64
C ARG C 123 -23.39 32.32 -33.25
N LEU C 124 -22.74 32.26 -32.10
CA LEU C 124 -22.22 31.00 -31.59
C LEU C 124 -23.34 29.96 -31.52
N ARG C 125 -23.00 28.73 -31.92
CA ARG C 125 -23.95 27.62 -31.82
C ARG C 125 -24.07 27.14 -30.38
N VAL C 126 -25.24 26.59 -30.05
CA VAL C 126 -25.47 25.96 -28.75
C VAL C 126 -26.58 24.92 -28.90
N GLY C 127 -26.51 23.88 -28.06
CA GLY C 127 -27.54 22.89 -27.95
C GLY C 127 -28.14 22.91 -26.55
N ALA C 128 -29.27 22.22 -26.41
CA ALA C 128 -29.94 22.15 -25.12
C ALA C 128 -30.60 20.80 -24.96
N ALA C 129 -30.51 20.25 -23.76
CA ALA C 129 -31.10 18.95 -23.44
C ALA C 129 -32.53 19.10 -22.96
N VAL C 130 -33.38 18.15 -23.37
CA VAL C 130 -34.73 18.02 -22.85
C VAL C 130 -34.97 16.55 -22.54
N GLY C 131 -35.91 16.32 -21.63
CA GLY C 131 -36.33 14.99 -21.26
C GLY C 131 -37.57 14.55 -22.01
N THR C 132 -38.32 13.64 -21.41
CA THR C 132 -39.61 13.22 -21.93
C THR C 132 -40.75 13.49 -20.95
N GLY C 133 -40.47 14.20 -19.86
CA GLY C 133 -41.48 14.50 -18.86
C GLY C 133 -42.53 15.49 -19.36
N ALA C 134 -43.46 15.80 -18.46
CA ALA C 134 -44.63 16.60 -18.81
C ALA C 134 -44.26 18.03 -19.18
N ASP C 135 -43.13 18.54 -18.72
CA ASP C 135 -42.75 19.91 -19.04
C ASP C 135 -42.06 20.02 -20.40
N THR C 136 -41.81 18.89 -21.07
CA THR C 136 -41.00 18.92 -22.30
C THR C 136 -41.61 19.80 -23.37
N PRO C 137 -42.92 19.74 -23.67
CA PRO C 137 -43.45 20.61 -24.73
C PRO C 137 -43.16 22.08 -24.49
N SER C 138 -43.38 22.55 -23.26
N SER C 138 -43.39 22.55 -23.26
CA SER C 138 -43.11 23.96 -22.95
CA SER C 138 -43.11 23.95 -22.93
C SER C 138 -41.61 24.25 -22.98
C SER C 138 -41.62 24.24 -23.00
N ARG C 139 -40.80 23.30 -22.55
CA ARG C 139 -39.35 23.51 -22.56
C ARG C 139 -38.82 23.62 -23.99
N VAL C 140 -39.25 22.71 -24.86
CA VAL C 140 -38.82 22.74 -26.26
C VAL C 140 -39.18 24.08 -26.89
N GLU C 141 -40.44 24.51 -26.73
CA GLU C 141 -40.87 25.76 -27.33
C GLU C 141 -40.02 26.93 -26.86
N ALA C 142 -39.73 26.99 -25.56
CA ALA C 142 -38.93 28.10 -25.04
C ALA C 142 -37.52 28.07 -25.59
N LEU C 143 -36.92 26.88 -25.66
CA LEU C 143 -35.55 26.77 -26.18
C LEU C 143 -35.48 27.16 -27.65
N VAL C 144 -36.47 26.74 -28.44
CA VAL C 144 -36.47 27.07 -29.86
C VAL C 144 -36.67 28.57 -30.04
N GLU C 145 -37.58 29.16 -29.28
CA GLU C 145 -37.80 30.60 -29.36
C GLU C 145 -36.56 31.37 -28.94
N ALA C 146 -35.76 30.81 -28.03
CA ALA C 146 -34.52 31.45 -27.62
C ALA C 146 -33.40 31.30 -28.64
N GLY C 147 -33.61 30.53 -29.71
CA GLY C 147 -32.63 30.42 -30.77
C GLY C 147 -31.72 29.22 -30.71
N VAL C 148 -32.04 28.21 -29.89
CA VAL C 148 -31.18 27.04 -29.80
C VAL C 148 -31.01 26.41 -31.17
N ASP C 149 -29.82 25.89 -31.43
CA ASP C 149 -29.53 25.28 -32.72
C ASP C 149 -29.96 23.82 -32.79
N VAL C 150 -29.90 23.10 -31.68
CA VAL C 150 -30.25 21.69 -31.67
C VAL C 150 -30.87 21.34 -30.33
N ILE C 151 -31.95 20.56 -30.39
CA ILE C 151 -32.60 19.99 -29.22
C ILE C 151 -32.08 18.57 -29.06
N VAL C 152 -31.64 18.21 -27.85
CA VAL C 152 -31.15 16.88 -27.56
C VAL C 152 -32.17 16.21 -26.66
N VAL C 153 -33.01 15.33 -27.23
CA VAL C 153 -33.90 14.51 -26.41
C VAL C 153 -33.03 13.44 -25.78
N ASP C 154 -32.80 13.56 -24.47
CA ASP C 154 -31.66 12.94 -23.80
C ASP C 154 -32.15 12.16 -22.58
N THR C 155 -32.07 10.83 -22.65
CA THR C 155 -32.44 9.98 -21.53
C THR C 155 -31.47 8.80 -21.45
N ALA C 156 -31.60 8.04 -20.36
CA ALA C 156 -30.79 6.84 -20.19
C ALA C 156 -31.10 5.78 -21.22
N HIS C 157 -32.29 5.80 -21.83
CA HIS C 157 -32.75 4.70 -22.67
C HIS C 157 -33.47 5.28 -23.89
N GLY C 158 -32.68 5.62 -24.91
CA GLY C 158 -33.25 6.21 -26.13
C GLY C 158 -34.08 5.25 -26.96
N HIS C 159 -33.86 3.95 -26.81
CA HIS C 159 -34.63 2.97 -27.56
C HIS C 159 -35.96 2.70 -26.87
N SER C 160 -36.69 3.75 -26.55
CA SER C 160 -37.95 3.64 -25.82
C SER C 160 -39.02 4.42 -26.56
N ALA C 161 -40.27 4.00 -26.38
CA ALA C 161 -41.38 4.75 -26.97
C ALA C 161 -41.32 6.21 -26.59
N GLY C 162 -41.00 6.51 -25.33
CA GLY C 162 -40.97 7.89 -24.88
C GLY C 162 -40.04 8.76 -25.70
N VAL C 163 -38.79 8.31 -25.88
CA VAL C 163 -37.84 9.14 -26.61
C VAL C 163 -38.17 9.17 -28.09
N ILE C 164 -38.51 8.02 -28.67
CA ILE C 164 -38.81 7.96 -30.10
C ILE C 164 -39.98 8.89 -30.42
N GLU C 165 -41.05 8.81 -29.65
CA GLU C 165 -42.22 9.65 -29.93
C GLU C 165 -41.90 11.12 -29.73
N ARG C 166 -41.06 11.45 -28.74
CA ARG C 166 -40.74 12.85 -28.50
C ARG C 166 -39.84 13.40 -29.60
N VAL C 167 -38.93 12.59 -30.12
CA VAL C 167 -38.11 13.02 -31.26
C VAL C 167 -39.01 13.34 -32.45
N ARG C 168 -39.97 12.45 -32.74
CA ARG C 168 -40.89 12.70 -33.85
C ARG C 168 -41.70 13.96 -33.62
N TRP C 169 -42.15 14.18 -32.38
CA TRP C 169 -42.92 15.38 -32.05
C TRP C 169 -42.12 16.64 -32.29
N VAL C 170 -40.84 16.65 -31.89
CA VAL C 170 -40.01 17.83 -32.10
C VAL C 170 -39.84 18.10 -33.60
N LYS C 171 -39.58 17.05 -34.38
CA LYS C 171 -39.33 17.24 -35.80
C LYS C 171 -40.59 17.68 -36.53
N GLN C 172 -41.76 17.18 -36.12
CA GLN C 172 -42.99 17.58 -36.78
C GLN C 172 -43.44 18.98 -36.39
N ASN C 173 -43.18 19.37 -35.13
CA ASN C 173 -43.67 20.65 -34.63
C ASN C 173 -42.66 21.78 -34.72
N PHE C 174 -41.37 21.46 -34.72
CA PHE C 174 -40.31 22.46 -34.81
C PHE C 174 -39.28 22.02 -35.84
N PRO C 175 -39.69 21.96 -37.12
CA PRO C 175 -38.74 21.54 -38.16
C PRO C 175 -37.58 22.52 -38.36
N GLN C 176 -37.70 23.76 -37.88
CA GLN C 176 -36.61 24.71 -38.03
C GLN C 176 -35.42 24.41 -37.12
N VAL C 177 -35.55 23.46 -36.22
CA VAL C 177 -34.48 23.13 -35.30
C VAL C 177 -34.00 21.72 -35.58
N GLN C 178 -32.71 21.47 -35.32
CA GLN C 178 -32.20 20.10 -35.39
C GLN C 178 -32.51 19.37 -34.09
N VAL C 179 -32.63 18.05 -34.18
CA VAL C 179 -32.95 17.25 -33.01
C VAL C 179 -32.04 16.02 -32.96
N ILE C 180 -31.56 15.71 -31.76
CA ILE C 180 -30.72 14.53 -31.51
C ILE C 180 -31.47 13.65 -30.51
N GLY C 181 -31.39 12.34 -30.72
CA GLY C 181 -31.99 11.37 -29.82
C GLY C 181 -30.95 10.45 -29.22
N GLY C 182 -31.15 10.07 -27.96
CA GLY C 182 -30.25 9.16 -27.29
C GLY C 182 -30.73 8.92 -25.87
N ASN C 183 -29.97 8.12 -25.13
CA ASN C 183 -28.78 7.44 -25.62
C ASN C 183 -29.09 6.02 -26.08
N ILE C 184 -28.32 5.53 -27.05
CA ILE C 184 -28.54 4.20 -27.62
C ILE C 184 -27.22 3.45 -27.67
N ALA C 185 -27.32 2.16 -27.94
CA ALA C 185 -26.14 1.31 -28.05
C ALA C 185 -26.21 0.28 -29.16
N THR C 186 -27.28 0.25 -29.97
CA THR C 186 -27.45 -0.78 -30.98
C THR C 186 -27.90 -0.15 -32.30
N GLY C 187 -27.60 -0.85 -33.39
CA GLY C 187 -28.09 -0.41 -34.69
C GLY C 187 -29.61 -0.41 -34.77
N ASP C 188 -30.25 -1.35 -34.09
CA ASP C 188 -31.72 -1.35 -34.03
C ASP C 188 -32.23 -0.03 -33.46
N ALA C 189 -31.68 0.40 -32.34
CA ALA C 189 -32.10 1.67 -31.75
C ALA C 189 -31.85 2.83 -32.71
N ALA C 190 -30.72 2.80 -33.41
CA ALA C 190 -30.39 3.89 -34.32
C ALA C 190 -31.40 4.00 -35.45
N LEU C 191 -31.83 2.87 -36.01
CA LEU C 191 -32.79 2.91 -37.11
C LEU C 191 -34.14 3.43 -36.63
N ALA C 192 -34.52 3.09 -35.40
CA ALA C 192 -35.79 3.60 -34.87
C ALA C 192 -35.75 5.11 -34.72
N LEU C 193 -34.61 5.66 -34.28
CA LEU C 193 -34.50 7.10 -34.14
C LEU C 193 -34.40 7.78 -35.49
N LEU C 194 -33.68 7.15 -36.43
CA LEU C 194 -33.66 7.65 -37.81
C LEU C 194 -35.07 7.73 -38.38
N ASP C 195 -35.85 6.65 -38.22
CA ASP C 195 -37.21 6.65 -38.72
C ASP C 195 -38.07 7.72 -38.06
N ALA C 196 -37.78 8.06 -36.80
CA ALA C 196 -38.54 9.07 -36.09
C ALA C 196 -38.19 10.49 -36.55
N GLY C 197 -37.13 10.66 -37.32
CA GLY C 197 -36.73 11.96 -37.82
C GLY C 197 -35.50 12.57 -37.18
N ALA C 198 -34.80 11.83 -36.32
CA ALA C 198 -33.61 12.37 -35.67
C ALA C 198 -32.59 12.82 -36.70
N ASP C 199 -31.95 13.97 -36.43
CA ASP C 199 -30.88 14.46 -37.29
C ASP C 199 -29.52 13.92 -36.88
N ALA C 200 -29.45 13.21 -35.76
CA ALA C 200 -28.26 12.54 -35.27
C ALA C 200 -28.69 11.70 -34.07
N VAL C 201 -27.87 10.71 -33.72
CA VAL C 201 -28.12 9.91 -32.54
C VAL C 201 -26.91 9.99 -31.62
N LYS C 202 -27.14 9.80 -30.32
CA LYS C 202 -26.08 9.84 -29.34
C LYS C 202 -25.91 8.44 -28.75
N VAL C 203 -24.68 7.94 -28.78
CA VAL C 203 -24.37 6.54 -28.50
C VAL C 203 -23.60 6.45 -27.20
N GLY C 204 -24.12 5.64 -26.27
CA GLY C 204 -23.43 5.42 -25.01
C GLY C 204 -24.34 4.93 -23.91
N ILE C 205 -24.31 3.63 -23.64
CA ILE C 205 -25.02 3.03 -22.50
C ILE C 205 -23.97 2.24 -21.73
N GLY C 206 -23.53 2.77 -20.60
CA GLY C 206 -22.57 2.06 -19.78
C GLY C 206 -21.13 2.59 -19.76
N PRO C 207 -20.70 3.39 -20.75
CA PRO C 207 -19.28 3.73 -20.82
C PRO C 207 -18.84 4.91 -19.95
N GLY C 208 -19.76 5.73 -19.45
CA GLY C 208 -19.37 6.97 -18.80
C GLY C 208 -18.55 6.74 -17.54
N SER C 209 -17.66 7.69 -17.26
CA SER C 209 -16.74 7.55 -16.12
C SER C 209 -17.49 7.44 -14.80
N ILE C 210 -18.66 8.08 -14.68
CA ILE C 210 -19.42 8.07 -13.45
C ILE C 210 -20.59 7.08 -13.50
N CYS C 211 -20.57 6.16 -14.47
CA CYS C 211 -21.67 5.23 -14.67
C CYS C 211 -21.61 4.10 -13.65
N THR C 212 -22.79 3.75 -13.11
CA THR C 212 -22.95 2.51 -12.35
C THR C 212 -24.09 1.69 -12.91
N THR C 213 -24.63 2.06 -14.07
CA THR C 213 -25.66 1.28 -14.74
C THR C 213 -25.23 -0.16 -14.93
N ARG C 214 -23.96 -0.39 -15.29
N ARG C 214 -23.97 -0.39 -15.27
CA ARG C 214 -23.48 -1.75 -15.46
CA ARG C 214 -23.48 -1.75 -15.46
C ARG C 214 -23.66 -2.57 -14.18
C ARG C 214 -23.63 -2.57 -14.18
N ILE C 215 -23.42 -1.95 -13.03
CA ILE C 215 -23.52 -2.66 -11.76
C ILE C 215 -24.95 -2.75 -11.28
N VAL C 216 -25.71 -1.65 -11.40
CA VAL C 216 -27.08 -1.62 -10.86
C VAL C 216 -28.01 -2.48 -11.70
N ALA C 217 -27.92 -2.35 -13.03
CA ALA C 217 -28.85 -3.02 -13.93
C ALA C 217 -28.21 -4.15 -14.73
N GLY C 218 -26.89 -4.29 -14.70
CA GLY C 218 -26.23 -5.29 -15.53
C GLY C 218 -26.34 -5.02 -17.00
N ILE C 219 -26.54 -3.74 -17.38
CA ILE C 219 -26.82 -3.32 -18.75
C ILE C 219 -25.64 -2.51 -19.27
N GLY C 220 -25.29 -2.71 -20.53
CA GLY C 220 -24.28 -1.88 -21.13
C GLY C 220 -23.76 -2.45 -22.43
N MET C 221 -23.01 -1.62 -23.14
CA MET C 221 -22.39 -2.00 -24.40
C MET C 221 -21.00 -1.35 -24.49
N PRO C 222 -19.93 -2.13 -24.52
CA PRO C 222 -18.60 -1.54 -24.75
C PRO C 222 -18.61 -0.59 -25.94
N GLN C 223 -17.97 0.57 -25.75
CA GLN C 223 -18.29 1.73 -26.59
C GLN C 223 -17.81 1.58 -28.02
N ILE C 224 -16.68 0.90 -28.26
CA ILE C 224 -16.24 0.72 -29.64
C ILE C 224 -17.25 -0.11 -30.43
N SER C 225 -17.77 -1.18 -29.82
CA SER C 225 -18.77 -1.98 -30.51
C SER C 225 -20.11 -1.26 -30.60
N ALA C 226 -20.44 -0.42 -29.62
CA ALA C 226 -21.66 0.36 -29.73
C ALA C 226 -21.59 1.32 -30.90
N ILE C 227 -20.47 2.05 -31.01
CA ILE C 227 -20.28 2.94 -32.15
C ILE C 227 -20.39 2.17 -33.46
N ASP C 228 -19.68 1.04 -33.55
CA ASP C 228 -19.70 0.25 -34.78
C ASP C 228 -21.11 -0.22 -35.11
N SER C 229 -21.83 -0.74 -34.12
CA SER C 229 -23.19 -1.22 -34.37
C SER C 229 -24.07 -0.10 -34.91
N VAL C 230 -23.97 1.09 -34.33
CA VAL C 230 -24.82 2.20 -34.76
C VAL C 230 -24.38 2.71 -36.13
N ALA C 231 -23.06 2.92 -36.30
CA ALA C 231 -22.57 3.40 -37.58
C ALA C 231 -22.92 2.44 -38.71
N SER C 232 -22.76 1.13 -38.47
CA SER C 232 -23.03 0.15 -39.50
C SER C 232 -24.50 0.17 -39.93
N ALA C 233 -25.40 0.41 -38.98
CA ALA C 233 -26.83 0.45 -39.30
C ALA C 233 -27.19 1.73 -40.05
N LEU C 234 -26.61 2.87 -39.65
CA LEU C 234 -27.02 4.15 -40.21
C LEU C 234 -26.51 4.35 -41.64
N LYS C 235 -25.37 3.75 -41.97
CA LYS C 235 -24.77 3.91 -43.29
C LYS C 235 -24.67 5.38 -43.68
N ASP C 236 -24.24 6.21 -42.72
CA ASP C 236 -23.96 7.63 -42.90
C ASP C 236 -25.19 8.47 -43.24
N GLN C 237 -26.40 7.94 -43.06
CA GLN C 237 -27.59 8.76 -43.31
C GLN C 237 -27.68 9.91 -42.32
N ILE C 238 -27.30 9.66 -41.07
CA ILE C 238 -27.07 10.72 -40.09
C ILE C 238 -25.86 10.37 -39.25
N PRO C 239 -25.20 11.38 -38.69
CA PRO C 239 -24.02 11.13 -37.87
C PRO C 239 -24.41 10.69 -36.46
N LEU C 240 -23.42 10.15 -35.74
CA LEU C 240 -23.59 9.72 -34.36
C LEU C 240 -22.56 10.42 -33.47
N ILE C 241 -22.98 10.76 -32.26
CA ILE C 241 -22.14 11.34 -31.22
C ILE C 241 -21.73 10.22 -30.28
N ALA C 242 -20.42 10.00 -30.13
CA ALA C 242 -19.90 8.98 -29.21
C ALA C 242 -19.78 9.58 -27.82
N ASP C 243 -20.68 9.19 -26.92
CA ASP C 243 -20.89 9.84 -25.63
C ASP C 243 -20.45 8.93 -24.49
N GLY C 244 -19.37 9.30 -23.82
CA GLY C 244 -18.98 8.63 -22.60
C GLY C 244 -17.73 7.79 -22.75
N GLY C 245 -16.96 7.71 -21.66
CA GLY C 245 -15.80 6.84 -21.61
C GLY C 245 -14.54 7.39 -22.27
N ILE C 246 -14.56 8.61 -22.78
CA ILE C 246 -13.36 9.22 -23.33
C ILE C 246 -12.47 9.67 -22.17
N ARG C 247 -11.26 9.11 -22.10
CA ARG C 247 -10.29 9.50 -21.09
C ARG C 247 -9.05 10.17 -21.67
N PHE C 248 -8.69 9.82 -22.89
CA PHE C 248 -7.47 10.31 -23.53
C PHE C 248 -7.78 10.70 -24.96
N SER C 249 -6.92 11.53 -25.53
CA SER C 249 -7.08 11.89 -26.94
C SER C 249 -7.07 10.65 -27.82
N GLY C 250 -6.32 9.61 -27.43
CA GLY C 250 -6.34 8.38 -28.20
C GLY C 250 -7.72 7.76 -28.31
N ASP C 251 -8.53 7.87 -27.25
CA ASP C 251 -9.90 7.38 -27.30
C ASP C 251 -10.72 8.09 -28.38
N MET C 252 -10.51 9.41 -28.52
N MET C 252 -10.48 9.39 -28.55
CA MET C 252 -11.22 10.17 -29.54
CA MET C 252 -11.25 10.16 -29.53
C MET C 252 -10.95 9.60 -30.93
C MET C 252 -10.95 9.69 -30.96
N ALA C 253 -9.67 9.42 -31.25
CA ALA C 253 -9.32 8.88 -32.56
C ALA C 253 -9.94 7.50 -32.77
N LYS C 254 -9.90 6.64 -31.75
CA LYS C 254 -10.48 5.33 -31.88
C LYS C 254 -11.98 5.41 -32.14
N ALA C 255 -12.67 6.29 -31.41
CA ALA C 255 -14.12 6.43 -31.58
C ALA C 255 -14.46 6.89 -32.99
N ILE C 256 -13.70 7.84 -33.53
CA ILE C 256 -13.97 8.31 -34.88
C ILE C 256 -13.66 7.23 -35.89
N GLY C 257 -12.52 6.53 -35.71
CA GLY C 257 -12.20 5.42 -36.60
C GLY C 257 -13.26 4.33 -36.60
N ALA C 258 -13.95 4.15 -35.47
CA ALA C 258 -15.04 3.18 -35.39
C ALA C 258 -16.34 3.69 -35.99
N GLY C 259 -16.44 4.98 -36.32
CA GLY C 259 -17.61 5.47 -37.03
C GLY C 259 -18.22 6.73 -36.47
N ALA C 260 -17.77 7.18 -35.31
CA ALA C 260 -18.31 8.41 -34.74
C ALA C 260 -17.95 9.61 -35.60
N SER C 261 -18.86 10.59 -35.62
CA SER C 261 -18.58 11.88 -36.22
C SER C 261 -18.17 12.93 -35.21
N THR C 262 -18.64 12.80 -33.97
CA THR C 262 -18.24 13.66 -32.88
C THR C 262 -18.15 12.82 -31.62
N ILE C 263 -17.51 13.36 -30.59
CA ILE C 263 -17.47 12.72 -29.29
C ILE C 263 -17.97 13.72 -28.25
N MET C 264 -18.68 13.22 -27.25
CA MET C 264 -19.13 14.02 -26.13
C MET C 264 -18.34 13.62 -24.90
N VAL C 265 -17.92 14.61 -24.11
CA VAL C 265 -17.09 14.37 -22.94
C VAL C 265 -17.68 15.10 -21.74
N GLY C 266 -17.68 14.42 -20.60
CA GLY C 266 -18.00 15.04 -19.34
C GLY C 266 -16.77 15.21 -18.47
N SER C 267 -16.16 14.10 -18.05
N SER C 267 -16.18 14.09 -18.04
CA SER C 267 -15.08 14.16 -17.07
CA SER C 267 -15.07 14.13 -17.09
C SER C 267 -13.91 15.00 -17.57
C SER C 267 -13.94 15.01 -17.58
N LEU C 268 -13.60 14.93 -18.87
CA LEU C 268 -12.46 15.68 -19.38
C LEU C 268 -12.64 17.18 -19.20
N LEU C 269 -13.86 17.69 -19.31
CA LEU C 269 -14.12 19.12 -19.17
C LEU C 269 -14.58 19.50 -17.77
N ALA C 270 -14.97 18.54 -16.94
CA ALA C 270 -15.22 18.82 -15.54
C ALA C 270 -13.95 19.32 -14.88
N GLY C 271 -14.10 20.21 -13.91
CA GLY C 271 -12.97 20.79 -13.23
C GLY C 271 -12.26 21.91 -13.96
N THR C 272 -12.68 22.24 -15.19
CA THR C 272 -12.11 23.39 -15.85
C THR C 272 -12.74 24.68 -15.33
N GLU C 273 -12.08 25.80 -15.61
CA GLU C 273 -12.56 27.09 -15.12
C GLU C 273 -13.96 27.39 -15.64
N GLU C 274 -14.26 26.99 -16.88
CA GLU C 274 -15.54 27.33 -17.48
C GLU C 274 -16.68 26.45 -17.01
N ALA C 275 -16.38 25.31 -16.38
CA ALA C 275 -17.44 24.43 -15.93
C ALA C 275 -18.18 25.03 -14.74
N PRO C 276 -19.44 24.66 -14.54
CA PRO C 276 -20.18 25.16 -13.37
C PRO C 276 -19.46 24.78 -12.08
N GLY C 277 -19.76 25.54 -11.03
CA GLY C 277 -19.26 25.25 -9.71
C GLY C 277 -18.02 26.06 -9.36
N GLU C 278 -17.80 26.23 -8.06
CA GLU C 278 -16.62 26.89 -7.53
C GLU C 278 -15.54 25.86 -7.26
N VAL C 279 -14.29 26.33 -7.30
CA VAL C 279 -13.17 25.49 -6.89
C VAL C 279 -13.19 25.35 -5.38
N GLU C 280 -12.98 24.12 -4.89
CA GLU C 280 -12.99 23.85 -3.46
C GLU C 280 -11.61 23.42 -3.01
N PHE C 281 -11.20 23.94 -1.85
CA PHE C 281 -9.92 23.61 -1.24
C PHE C 281 -10.09 22.35 -0.41
N PHE C 282 -9.33 21.30 -0.73
CA PHE C 282 -9.43 20.02 -0.02
C PHE C 282 -8.03 19.43 0.10
N GLN C 283 -7.42 19.59 1.27
CA GLN C 283 -6.12 18.98 1.56
C GLN C 283 -5.01 19.57 0.68
N GLY C 284 -4.94 20.91 0.66
CA GLY C 284 -3.94 21.61 -0.10
C GLY C 284 -4.10 21.54 -1.60
N ARG C 285 -5.20 20.97 -2.10
CA ARG C 285 -5.45 20.88 -3.53
C ARG C 285 -6.83 21.46 -3.84
N TYR C 286 -6.98 21.90 -5.08
CA TYR C 286 -8.23 22.50 -5.56
C TYR C 286 -8.99 21.49 -6.43
N TYR C 287 -10.30 21.46 -6.26
CA TYR C 287 -11.16 20.55 -7.00
C TYR C 287 -12.43 21.27 -7.42
N LYS C 288 -13.13 20.65 -8.37
CA LYS C 288 -14.52 20.97 -8.66
C LYS C 288 -15.33 19.69 -8.61
N ALA C 289 -16.63 19.84 -8.37
CA ALA C 289 -17.51 18.70 -8.32
C ALA C 289 -17.73 18.11 -9.71
N TYR C 290 -17.90 16.79 -9.76
CA TYR C 290 -18.36 16.10 -10.96
C TYR C 290 -19.27 14.99 -10.50
N ARG C 291 -20.46 14.89 -11.10
CA ARG C 291 -21.44 13.89 -10.67
C ARG C 291 -22.29 13.45 -11.84
N GLY C 292 -22.68 12.17 -11.84
CA GLY C 292 -23.63 11.70 -12.82
C GLY C 292 -24.99 12.35 -12.64
N MET C 293 -25.70 12.53 -13.75
CA MET C 293 -27.05 13.06 -13.64
C MET C 293 -28.02 12.05 -13.05
N GLY C 294 -27.58 10.79 -12.88
CA GLY C 294 -28.38 9.76 -12.26
C GLY C 294 -27.89 9.44 -10.86
N SER C 295 -27.06 10.34 -10.32
CA SER C 295 -26.60 10.19 -8.95
C SER C 295 -27.64 10.70 -7.96
N LEU C 296 -27.48 10.27 -6.70
CA LEU C 296 -28.40 10.71 -5.65
C LEU C 296 -28.52 12.23 -5.61
N GLY C 297 -27.38 12.92 -5.50
CA GLY C 297 -27.42 14.36 -5.36
C GLY C 297 -28.07 15.05 -6.55
N ALA C 298 -27.84 14.52 -7.75
CA ALA C 298 -28.42 15.13 -8.94
C ALA C 298 -29.92 14.90 -9.02
N MET C 299 -30.37 13.69 -8.66
CA MET C 299 -31.80 13.40 -8.70
C MET C 299 -32.55 14.12 -7.58
N ALA C 300 -31.88 14.42 -6.48
CA ALA C 300 -32.44 15.27 -5.44
C ALA C 300 -32.15 16.74 -5.66
N GLY C 301 -31.10 17.07 -6.42
CA GLY C 301 -30.75 18.45 -6.71
C GLY C 301 -30.88 18.81 -8.18
N LYS C 319 -39.49 6.74 -8.67
CA LYS C 319 -38.15 6.94 -8.15
C LYS C 319 -37.23 5.76 -8.50
N LEU C 320 -36.22 6.03 -9.32
CA LEU C 320 -35.26 5.03 -9.73
C LEU C 320 -34.07 5.01 -8.77
N VAL C 321 -33.48 3.83 -8.63
CA VAL C 321 -32.25 3.68 -7.83
C VAL C 321 -31.16 4.45 -8.57
N PRO C 322 -30.23 5.09 -7.87
CA PRO C 322 -29.20 5.87 -8.56
C PRO C 322 -28.37 4.99 -9.50
N GLU C 323 -27.90 5.59 -10.59
CA GLU C 323 -27.04 4.90 -11.53
C GLU C 323 -25.80 5.73 -11.86
N GLY C 324 -25.46 6.72 -11.03
CA GLY C 324 -24.22 7.45 -11.20
C GLY C 324 -23.62 7.76 -9.84
N ILE C 325 -22.34 8.07 -9.85
CA ILE C 325 -21.63 8.42 -8.64
C ILE C 325 -21.43 9.94 -8.61
N GLU C 326 -21.03 10.45 -7.45
CA GLU C 326 -20.82 11.87 -7.22
C GLU C 326 -19.45 12.04 -6.58
N GLY C 327 -18.64 12.92 -7.14
CA GLY C 327 -17.30 13.11 -6.63
C GLY C 327 -16.73 14.45 -7.00
N ARG C 328 -15.40 14.53 -7.00
CA ARG C 328 -14.69 15.75 -7.33
C ARG C 328 -13.51 15.41 -8.23
N VAL C 329 -13.18 16.33 -9.12
CA VAL C 329 -12.07 16.16 -10.05
C VAL C 329 -11.09 17.30 -9.81
N PRO C 330 -9.82 17.11 -10.17
CA PRO C 330 -8.84 18.18 -9.96
C PRO C 330 -9.17 19.39 -10.80
N TYR C 331 -8.86 20.57 -10.27
CA TYR C 331 -8.99 21.80 -11.04
C TYR C 331 -8.01 21.78 -12.20
N LYS C 332 -8.51 22.09 -13.40
CA LYS C 332 -7.73 21.96 -14.62
C LYS C 332 -7.42 23.28 -15.30
N GLY C 333 -7.94 24.40 -14.79
CA GLY C 333 -7.70 25.69 -15.41
C GLY C 333 -8.61 25.90 -16.61
N PRO C 334 -8.25 26.83 -17.47
CA PRO C 334 -9.09 27.15 -18.63
C PRO C 334 -9.25 25.95 -19.55
N MET C 335 -10.48 25.74 -20.02
CA MET C 335 -10.79 24.57 -20.84
C MET C 335 -10.03 24.59 -22.17
N GLY C 336 -9.64 25.76 -22.66
CA GLY C 336 -8.94 25.82 -23.94
C GLY C 336 -7.69 24.98 -23.99
N ASN C 337 -6.96 24.88 -22.87
CA ASN C 337 -5.75 24.09 -22.84
C ASN C 337 -6.06 22.60 -23.00
N ILE C 338 -7.07 22.10 -22.29
CA ILE C 338 -7.44 20.70 -22.44
C ILE C 338 -7.91 20.42 -23.86
N VAL C 339 -8.74 21.30 -24.42
CA VAL C 339 -9.19 21.11 -25.79
C VAL C 339 -8.00 21.07 -26.74
N HIS C 340 -7.06 22.01 -26.57
CA HIS C 340 -5.89 22.03 -27.43
C HIS C 340 -5.11 20.72 -27.35
N GLN C 341 -4.90 20.22 -26.14
CA GLN C 341 -4.17 18.95 -25.99
C GLN C 341 -4.90 17.80 -26.68
N MET C 342 -6.22 17.71 -26.47
CA MET C 342 -6.99 16.63 -27.08
C MET C 342 -6.93 16.70 -28.60
N MET C 343 -7.13 17.90 -29.16
CA MET C 343 -7.11 18.01 -30.62
C MET C 343 -5.71 17.78 -31.16
N GLY C 344 -4.68 18.13 -30.39
CA GLY C 344 -3.32 17.81 -30.79
C GLY C 344 -3.09 16.32 -30.91
N GLY C 345 -3.63 15.54 -29.97
CA GLY C 345 -3.51 14.10 -30.06
C GLY C 345 -4.26 13.54 -31.26
N LEU C 346 -5.46 14.05 -31.53
CA LEU C 346 -6.20 13.62 -32.71
C LEU C 346 -5.43 13.95 -33.99
N ARG C 347 -4.83 15.14 -34.06
CA ARG C 347 -4.02 15.49 -35.23
C ARG C 347 -2.89 14.51 -35.43
N SER C 348 -2.21 14.13 -34.33
N SER C 348 -2.21 14.11 -34.34
CA SER C 348 -1.17 13.12 -34.40
CA SER C 348 -1.15 13.13 -34.48
C SER C 348 -1.71 11.82 -34.98
C SER C 348 -1.70 11.78 -34.95
N SER C 349 -2.83 11.34 -34.44
N SER C 349 -2.83 11.36 -34.39
CA SER C 349 -3.41 10.09 -34.89
CA SER C 349 -3.48 10.13 -34.85
C SER C 349 -3.76 10.14 -36.37
C SER C 349 -3.73 10.17 -36.36
N MET C 350 -4.28 11.29 -36.85
CA MET C 350 -4.63 11.38 -38.26
C MET C 350 -3.37 11.42 -39.13
N GLY C 351 -2.28 12.00 -38.62
CA GLY C 351 -1.01 11.89 -39.31
C GLY C 351 -0.52 10.45 -39.42
N TYR C 352 -0.68 9.67 -38.34
CA TYR C 352 -0.28 8.26 -38.36
C TYR C 352 -1.12 7.45 -39.34
N THR C 353 -2.42 7.77 -39.47
CA THR C 353 -3.30 6.96 -40.30
C THR C 353 -3.44 7.50 -41.72
N GLY C 354 -2.74 8.59 -42.06
CA GLY C 354 -2.86 9.16 -43.39
C GLY C 354 -4.22 9.78 -43.65
N SER C 355 -4.89 10.26 -42.61
CA SER C 355 -6.21 10.86 -42.72
C SER C 355 -6.06 12.37 -42.82
N ALA C 356 -6.36 12.94 -43.99
CA ALA C 356 -6.27 14.38 -44.17
C ALA C 356 -7.50 15.10 -43.62
N VAL C 357 -8.65 14.43 -43.55
CA VAL C 357 -9.88 15.01 -43.02
C VAL C 357 -10.58 13.94 -42.18
N ILE C 358 -11.51 14.40 -41.34
CA ILE C 358 -12.18 13.50 -40.41
C ILE C 358 -12.78 12.31 -41.14
N GLU C 359 -13.41 12.55 -42.29
CA GLU C 359 -14.07 11.47 -43.02
C GLU C 359 -13.07 10.40 -43.46
N ASP C 360 -11.82 10.77 -43.74
CA ASP C 360 -10.80 9.77 -44.04
C ASP C 360 -10.63 8.80 -42.88
N LEU C 361 -10.55 9.32 -41.66
CA LEU C 361 -10.38 8.44 -40.50
C LEU C 361 -11.61 7.57 -40.30
N ARG C 362 -12.81 8.14 -40.47
CA ARG C 362 -14.04 7.36 -40.31
C ARG C 362 -14.10 6.20 -41.28
N GLN C 363 -13.67 6.42 -42.53
CA GLN C 363 -13.87 5.43 -43.58
C GLN C 363 -12.72 4.45 -43.71
N ASN C 364 -11.50 4.85 -43.33
CA ASN C 364 -10.31 4.09 -43.65
C ASN C 364 -9.58 3.53 -42.44
N ALA C 365 -10.04 3.81 -41.22
CA ALA C 365 -9.35 3.29 -40.04
C ALA C 365 -9.26 1.77 -40.08
N LYS C 366 -8.10 1.24 -39.71
CA LYS C 366 -7.92 -0.18 -39.48
C LYS C 366 -7.47 -0.38 -38.05
N PHE C 367 -7.99 -1.42 -37.40
CA PHE C 367 -7.72 -1.71 -36.01
C PHE C 367 -7.07 -3.08 -35.86
N VAL C 368 -6.36 -3.25 -34.75
CA VAL C 368 -6.05 -4.58 -34.23
C VAL C 368 -6.67 -4.68 -32.85
N LYS C 369 -7.06 -5.90 -32.48
CA LYS C 369 -7.47 -6.20 -31.12
C LYS C 369 -6.28 -6.66 -30.31
N ILE C 370 -6.16 -6.14 -29.09
CA ILE C 370 -5.03 -6.48 -28.24
C ILE C 370 -5.55 -7.21 -27.00
N THR C 371 -4.62 -7.87 -26.31
CA THR C 371 -4.93 -8.67 -25.13
C THR C 371 -4.73 -7.85 -23.86
N SER C 372 -4.93 -8.50 -22.72
CA SER C 372 -4.66 -7.87 -21.44
C SER C 372 -3.20 -7.44 -21.32
N ALA C 373 -2.30 -8.21 -21.92
CA ALA C 373 -0.89 -7.87 -21.85
C ALA C 373 -0.55 -6.67 -22.71
N GLY C 374 -1.24 -6.50 -23.85
CA GLY C 374 -0.96 -5.40 -24.74
C GLY C 374 -1.32 -4.03 -24.20
N MET C 375 -2.20 -3.97 -23.21
CA MET C 375 -2.61 -2.71 -22.61
C MET C 375 -2.02 -2.47 -21.23
N SER C 376 -1.22 -3.40 -20.71
CA SER C 376 -0.57 -3.22 -19.42
C SER C 376 0.88 -2.80 -19.61
N SER D 16 -5.60 -32.06 -27.16
CA SER D 16 -5.98 -33.07 -28.14
C SER D 16 -6.89 -34.11 -27.50
N MET D 17 -6.43 -34.75 -26.43
CA MET D 17 -7.31 -35.56 -25.60
C MET D 17 -8.01 -34.75 -24.53
N LEU D 18 -7.53 -33.55 -24.24
CA LEU D 18 -8.15 -32.69 -23.24
C LEU D 18 -9.54 -32.29 -23.70
N THR D 19 -10.56 -32.61 -22.90
CA THR D 19 -11.95 -32.36 -23.25
C THR D 19 -12.38 -31.05 -22.59
N ILE D 20 -12.44 -29.98 -23.38
CA ILE D 20 -12.91 -28.68 -22.93
C ILE D 20 -14.32 -28.50 -23.47
N VAL D 21 -15.31 -28.58 -22.56
CA VAL D 21 -16.71 -28.52 -22.98
C VAL D 21 -17.03 -27.17 -23.62
N GLN D 22 -16.51 -26.09 -23.04
CA GLN D 22 -16.81 -24.74 -23.51
C GLN D 22 -15.93 -23.76 -22.74
N GLU D 23 -15.87 -22.53 -23.24
CA GLU D 23 -15.41 -21.41 -22.44
C GLU D 23 -16.59 -20.89 -21.64
N ALA D 24 -16.56 -21.11 -20.33
CA ALA D 24 -17.70 -20.83 -19.46
C ALA D 24 -17.61 -19.41 -18.92
N LEU D 25 -18.78 -18.79 -18.73
CA LEU D 25 -18.89 -17.38 -18.41
C LEU D 25 -19.46 -17.17 -17.02
N THR D 26 -18.92 -16.19 -16.31
CA THR D 26 -19.50 -15.72 -15.07
C THR D 26 -20.21 -14.39 -15.31
N PHE D 27 -20.81 -13.84 -14.24
CA PHE D 27 -21.57 -12.59 -14.37
C PHE D 27 -20.73 -11.48 -14.98
N ASP D 28 -19.48 -11.32 -14.52
CA ASP D 28 -18.64 -10.24 -14.99
C ASP D 28 -18.24 -10.37 -16.45
N ASP D 29 -18.42 -11.54 -17.06
CA ASP D 29 -18.10 -11.75 -18.47
C ASP D 29 -19.14 -11.19 -19.43
N VAL D 30 -20.33 -10.83 -18.98
CA VAL D 30 -21.42 -10.51 -19.89
C VAL D 30 -22.13 -9.23 -19.47
N LEU D 31 -22.81 -8.62 -20.44
CA LEU D 31 -23.68 -7.49 -20.18
C LEU D 31 -24.98 -7.71 -20.94
N LEU D 32 -26.11 -7.34 -20.31
CA LEU D 32 -27.38 -7.29 -21.02
C LEU D 32 -27.43 -6.11 -21.96
N LEU D 33 -28.03 -6.31 -23.13
CA LEU D 33 -28.22 -5.24 -24.11
C LEU D 33 -29.57 -4.57 -23.89
N PRO D 34 -29.63 -3.24 -24.01
CA PRO D 34 -30.93 -2.56 -24.03
C PRO D 34 -31.71 -2.94 -25.27
N ALA D 35 -33.04 -2.91 -25.15
CA ALA D 35 -33.94 -3.26 -26.23
C ALA D 35 -35.11 -2.27 -26.26
N TYR D 36 -35.89 -2.33 -27.32
CA TYR D 36 -37.07 -1.47 -27.43
C TYR D 36 -37.98 -1.70 -26.23
N SER D 37 -38.41 -0.61 -25.59
CA SER D 37 -39.11 -0.71 -24.31
C SER D 37 -40.28 0.26 -24.27
N THR D 38 -41.39 -0.19 -23.65
CA THR D 38 -42.55 0.65 -23.44
C THR D 38 -43.05 0.71 -22.00
N VAL D 39 -42.63 -0.20 -21.12
CA VAL D 39 -43.11 -0.17 -19.74
C VAL D 39 -41.98 0.34 -18.86
N LEU D 40 -42.35 1.19 -17.91
CA LEU D 40 -41.44 1.84 -16.99
C LEU D 40 -41.01 0.88 -15.88
N PRO D 41 -39.83 1.09 -15.30
CA PRO D 41 -39.40 0.21 -14.18
C PRO D 41 -40.45 0.06 -13.09
N LYS D 42 -41.14 1.14 -12.72
CA LYS D 42 -42.13 1.07 -11.65
C LYS D 42 -43.29 0.14 -11.99
N ASP D 43 -43.50 -0.17 -13.27
CA ASP D 43 -44.67 -0.92 -13.70
C ASP D 43 -44.37 -2.38 -14.01
N VAL D 44 -43.10 -2.81 -13.96
CA VAL D 44 -42.80 -4.19 -14.30
C VAL D 44 -43.30 -5.12 -13.18
N SER D 45 -43.57 -6.37 -13.55
CA SER D 45 -43.95 -7.41 -12.60
C SER D 45 -42.72 -8.23 -12.27
N LEU D 46 -42.49 -8.45 -10.97
CA LEU D 46 -41.39 -9.28 -10.50
C LEU D 46 -41.83 -10.67 -10.07
N LYS D 47 -43.10 -11.01 -10.30
CA LYS D 47 -43.60 -12.32 -9.91
C LYS D 47 -42.92 -13.43 -10.72
N THR D 48 -42.65 -14.54 -10.06
CA THR D 48 -41.91 -15.64 -10.67
C THR D 48 -42.29 -16.91 -9.91
N ARG D 49 -41.75 -18.04 -10.35
CA ARG D 49 -42.01 -19.30 -9.65
C ARG D 49 -40.73 -19.83 -9.02
N LEU D 50 -40.85 -20.22 -7.76
CA LEU D 50 -39.80 -20.94 -7.05
C LEU D 50 -39.71 -22.39 -7.50
N THR D 51 -40.86 -23.06 -7.56
CA THR D 51 -40.99 -24.44 -8.02
C THR D 51 -42.15 -24.47 -9.00
N ARG D 52 -42.42 -25.64 -9.59
CA ARG D 52 -43.55 -25.68 -10.49
C ARG D 52 -44.87 -25.41 -9.77
N GLY D 53 -44.90 -25.58 -8.46
CA GLY D 53 -46.13 -25.38 -7.71
C GLY D 53 -46.18 -24.14 -6.83
N ILE D 54 -45.05 -23.45 -6.65
CA ILE D 54 -44.96 -22.33 -5.71
C ILE D 54 -44.49 -21.10 -6.48
N TYR D 55 -45.29 -20.05 -6.44
CA TYR D 55 -44.94 -18.76 -7.03
C TYR D 55 -44.51 -17.78 -5.94
N LEU D 56 -43.57 -16.91 -6.29
CA LEU D 56 -43.11 -15.83 -5.45
C LEU D 56 -43.49 -14.49 -6.07
N ASN D 57 -43.55 -13.45 -5.23
CA ASN D 57 -43.80 -12.11 -5.73
C ASN D 57 -42.53 -11.36 -6.10
N ILE D 58 -41.37 -11.81 -5.59
CA ILE D 58 -40.07 -11.36 -6.09
C ILE D 58 -39.15 -12.56 -6.22
N PRO D 59 -38.14 -12.48 -7.10
CA PRO D 59 -37.31 -13.65 -7.40
C PRO D 59 -36.11 -13.84 -6.45
N LEU D 60 -36.36 -13.76 -5.14
CA LEU D 60 -35.29 -13.74 -4.16
C LEU D 60 -35.53 -14.82 -3.10
N VAL D 61 -34.49 -15.60 -2.82
CA VAL D 61 -34.49 -16.67 -1.84
C VAL D 61 -33.29 -16.47 -0.93
N SER D 62 -33.50 -16.56 0.39
CA SER D 62 -32.37 -16.46 1.30
C SER D 62 -31.74 -17.83 1.49
N ALA D 63 -30.40 -17.83 1.60
CA ALA D 63 -29.64 -19.07 1.59
C ALA D 63 -29.84 -19.87 2.87
N ALA D 64 -29.75 -21.20 2.73
CA ALA D 64 -29.90 -22.12 3.86
C ALA D 64 -28.57 -22.24 4.59
N MET D 65 -28.19 -21.15 5.26
CA MET D 65 -26.92 -21.06 5.97
C MET D 65 -27.16 -20.57 7.38
N ASP D 66 -26.35 -21.05 8.33
CA ASP D 66 -26.62 -20.74 9.73
C ASP D 66 -26.22 -19.34 10.11
N THR D 67 -25.64 -18.57 9.18
CA THR D 67 -25.45 -17.14 9.37
C THR D 67 -26.37 -16.30 8.48
N VAL D 68 -27.39 -16.90 7.87
CA VAL D 68 -28.27 -16.16 6.97
C VAL D 68 -29.74 -16.36 7.33
N THR D 69 -30.22 -17.60 7.38
CA THR D 69 -31.66 -17.88 7.45
C THR D 69 -32.05 -18.77 8.63
N GLU D 70 -32.64 -18.16 9.65
CA GLU D 70 -33.50 -18.88 10.57
C GLU D 70 -34.89 -18.24 10.48
N SER D 71 -35.76 -18.46 11.47
CA SER D 71 -37.15 -18.10 11.30
C SER D 71 -37.32 -16.58 11.10
N ARG D 72 -36.52 -15.78 11.79
CA ARG D 72 -36.66 -14.33 11.67
C ARG D 72 -36.40 -13.86 10.25
N MET D 73 -35.33 -14.37 9.63
CA MET D 73 -35.06 -14.02 8.23
C MET D 73 -36.13 -14.58 7.31
N ALA D 74 -36.58 -15.80 7.58
CA ALA D 74 -37.60 -16.41 6.72
C ALA D 74 -38.89 -15.61 6.74
N ILE D 75 -39.29 -15.10 7.91
CA ILE D 75 -40.47 -14.26 8.00
C ILE D 75 -40.28 -13.00 7.17
N ALA D 76 -39.13 -12.36 7.32
CA ALA D 76 -38.85 -11.13 6.57
C ALA D 76 -38.84 -11.40 5.07
N MET D 77 -38.23 -12.51 4.64
CA MET D 77 -38.23 -12.84 3.21
C MET D 77 -39.66 -12.99 2.69
N ALA D 78 -40.48 -13.77 3.39
CA ALA D 78 -41.84 -14.01 2.94
C ALA D 78 -42.65 -12.71 2.92
N GLN D 79 -42.50 -11.88 3.95
CA GLN D 79 -43.23 -10.60 3.98
C GLN D 79 -42.86 -9.72 2.78
N ASN D 80 -41.62 -9.80 2.31
CA ASN D 80 -41.19 -9.01 1.17
C ASN D 80 -41.52 -9.68 -0.16
N GLY D 81 -42.15 -10.84 -0.14
CA GLY D 81 -42.56 -11.49 -1.36
C GLY D 81 -41.69 -12.63 -1.82
N GLY D 82 -40.58 -12.90 -1.13
CA GLY D 82 -39.68 -14.00 -1.43
C GLY D 82 -39.91 -15.18 -0.51
N ILE D 83 -38.84 -15.92 -0.23
CA ILE D 83 -38.93 -17.07 0.66
C ILE D 83 -37.56 -17.33 1.25
N GLY D 84 -37.55 -17.85 2.47
CA GLY D 84 -36.32 -18.24 3.16
C GLY D 84 -36.24 -19.75 3.25
N ILE D 85 -35.03 -20.28 3.12
CA ILE D 85 -34.77 -21.71 3.30
C ILE D 85 -34.04 -21.87 4.62
N LEU D 86 -34.72 -22.44 5.62
CA LEU D 86 -34.13 -22.65 6.93
C LEU D 86 -32.96 -23.64 6.84
N HIS D 87 -31.84 -23.28 7.46
CA HIS D 87 -30.67 -24.14 7.39
C HIS D 87 -30.88 -25.38 8.26
N LYS D 88 -30.10 -26.43 7.97
CA LYS D 88 -30.25 -27.71 8.64
C LYS D 88 -29.18 -27.97 9.69
N ASN D 89 -28.43 -26.95 10.09
CA ASN D 89 -27.43 -27.08 11.15
C ASN D 89 -28.10 -26.90 12.52
N MET D 90 -29.08 -27.77 12.78
CA MET D 90 -29.78 -27.82 14.05
C MET D 90 -30.54 -29.14 14.08
N ASP D 91 -30.92 -29.56 15.28
CA ASP D 91 -31.55 -30.87 15.35
C ASP D 91 -32.98 -30.78 14.81
N ILE D 92 -33.59 -31.95 14.65
CA ILE D 92 -34.88 -32.04 13.97
C ILE D 92 -35.94 -31.21 14.69
N ALA D 93 -36.04 -31.37 16.01
CA ALA D 93 -37.06 -30.62 16.75
C ALA D 93 -36.87 -29.11 16.57
N ALA D 94 -35.61 -28.64 16.56
CA ALA D 94 -35.37 -27.21 16.43
C ALA D 94 -35.78 -26.71 15.05
N GLN D 95 -35.45 -27.45 13.99
CA GLN D 95 -35.77 -26.98 12.65
C GLN D 95 -37.28 -27.01 12.42
N ALA D 96 -37.97 -28.03 12.93
CA ALA D 96 -39.42 -28.07 12.82
C ALA D 96 -40.06 -26.90 13.55
N ALA D 97 -39.53 -26.55 14.73
CA ALA D 97 -40.05 -25.40 15.46
C ALA D 97 -39.84 -24.11 14.69
N GLU D 98 -38.73 -24.00 13.95
CA GLU D 98 -38.52 -22.84 13.11
C GLU D 98 -39.55 -22.75 12.00
N VAL D 99 -39.89 -23.89 11.39
CA VAL D 99 -40.93 -23.91 10.38
C VAL D 99 -42.24 -23.40 10.95
N ARG D 100 -42.64 -23.93 12.11
CA ARG D 100 -43.92 -23.51 12.69
C ARG D 100 -43.93 -22.04 13.07
N ARG D 101 -42.79 -21.49 13.53
CA ARG D 101 -42.72 -20.06 13.82
C ARG D 101 -43.08 -19.22 12.59
N VAL D 102 -42.60 -19.62 11.42
CA VAL D 102 -42.91 -18.88 10.20
C VAL D 102 -44.36 -19.12 9.79
N LYS D 103 -44.80 -20.38 9.84
CA LYS D 103 -46.12 -20.72 9.32
C LYS D 103 -47.24 -20.05 10.12
N LYS D 104 -47.07 -19.88 11.43
CA LYS D 104 -48.12 -19.28 12.24
C LYS D 104 -47.82 -17.84 12.65
N PHE D 105 -46.80 -17.22 12.07
CA PHE D 105 -46.59 -15.80 12.32
C PHE D 105 -47.80 -15.01 11.82
N GLU D 106 -48.25 -14.06 12.63
CA GLU D 106 -49.35 -13.19 12.25
C GLU D 106 -48.89 -11.74 12.40
N ALA D 107 -48.97 -10.98 11.31
CA ALA D 107 -48.55 -9.59 11.36
C ALA D 107 -49.36 -8.83 12.40
N GLY D 108 -48.78 -7.73 12.87
CA GLY D 108 -49.46 -6.89 13.84
C GLY D 108 -50.34 -5.84 13.19
N LYS D 109 -51.10 -5.15 14.03
CA LYS D 109 -51.90 -4.04 13.55
C LYS D 109 -50.99 -2.92 13.07
N ALA D 110 -51.49 -2.15 12.09
CA ALA D 110 -50.72 -1.10 11.45
C ALA D 110 -49.51 -1.65 10.70
N GLU D 111 -49.49 -2.96 10.44
CA GLU D 111 -48.44 -3.60 9.67
C GLU D 111 -49.05 -4.14 8.38
N SER D 112 -48.60 -3.61 7.25
CA SER D 112 -49.10 -4.00 5.93
C SER D 112 -47.95 -4.50 5.10
N TYR D 113 -48.05 -5.75 4.63
CA TYR D 113 -47.09 -6.34 3.69
C TYR D 113 -47.88 -6.83 2.49
N PRO D 114 -48.31 -5.92 1.62
CA PRO D 114 -49.20 -6.31 0.51
C PRO D 114 -48.58 -7.32 -0.43
N ASN D 115 -47.25 -7.44 -0.47
CA ASN D 115 -46.58 -8.36 -1.36
C ASN D 115 -46.22 -9.67 -0.70
N SER D 116 -46.73 -9.93 0.51
CA SER D 116 -46.42 -11.16 1.22
C SER D 116 -46.61 -12.38 0.32
N CYS D 117 -45.70 -13.35 0.48
CA CYS D 117 -45.77 -14.63 -0.22
C CYS D 117 -46.42 -15.65 0.73
N LYS D 118 -47.62 -16.11 0.39
CA LYS D 118 -48.43 -16.91 1.29
C LYS D 118 -48.96 -18.16 0.60
N ASP D 119 -49.24 -19.19 1.41
CA ASP D 119 -49.85 -20.41 0.90
C ASP D 119 -51.36 -20.24 0.76
N ASP D 120 -52.05 -21.32 0.37
CA ASP D 120 -53.49 -21.25 0.14
C ASP D 120 -54.28 -20.91 1.41
N LEU D 121 -53.71 -21.17 2.59
CA LEU D 121 -54.35 -20.84 3.85
C LEU D 121 -54.03 -19.43 4.32
N GLY D 122 -53.28 -18.66 3.56
CA GLY D 122 -52.88 -17.34 3.97
C GLY D 122 -51.71 -17.28 4.91
N ARG D 123 -50.96 -18.38 5.06
CA ARG D 123 -49.77 -18.41 5.91
C ARG D 123 -48.52 -18.11 5.07
N LEU D 124 -47.56 -17.43 5.71
CA LEU D 124 -46.30 -17.14 5.04
C LEU D 124 -45.61 -18.43 4.60
N ARG D 125 -45.02 -18.40 3.41
CA ARG D 125 -44.29 -19.55 2.89
C ARG D 125 -42.94 -19.68 3.56
N VAL D 126 -42.43 -20.91 3.62
CA VAL D 126 -41.08 -21.16 4.12
C VAL D 126 -40.61 -22.49 3.55
N GLY D 127 -39.28 -22.60 3.37
CA GLY D 127 -38.67 -23.84 2.97
C GLY D 127 -37.68 -24.29 4.05
N ALA D 128 -37.20 -25.51 3.90
CA ALA D 128 -36.26 -26.07 4.86
C ALA D 128 -35.31 -27.01 4.15
N ALA D 129 -34.03 -26.94 4.52
CA ALA D 129 -33.00 -27.79 3.93
C ALA D 129 -32.90 -29.12 4.69
N VAL D 130 -32.63 -30.18 3.94
CA VAL D 130 -32.25 -31.47 4.50
C VAL D 130 -31.06 -32.00 3.72
N GLY D 131 -30.34 -32.91 4.34
CA GLY D 131 -29.21 -33.57 3.73
C GLY D 131 -29.58 -34.93 3.18
N THR D 132 -28.60 -35.83 3.15
CA THR D 132 -28.83 -37.22 2.79
C THR D 132 -28.38 -38.19 3.89
N GLY D 133 -28.02 -37.68 5.06
CA GLY D 133 -27.57 -38.53 6.15
C GLY D 133 -28.69 -39.36 6.75
N ALA D 134 -28.32 -40.13 7.77
CA ALA D 134 -29.24 -41.10 8.35
C ALA D 134 -30.46 -40.46 9.01
N ASP D 135 -30.37 -39.21 9.43
CA ASP D 135 -31.50 -38.56 10.09
C ASP D 135 -32.50 -37.97 9.10
N THR D 136 -32.25 -38.08 7.79
CA THR D 136 -33.07 -37.38 6.82
C THR D 136 -34.52 -37.86 6.81
N PRO D 137 -34.83 -39.16 6.83
CA PRO D 137 -36.24 -39.57 6.84
C PRO D 137 -37.02 -38.95 7.98
N SER D 138 -36.48 -38.99 9.19
N SER D 138 -36.48 -39.00 9.20
CA SER D 138 -37.18 -38.40 10.33
CA SER D 138 -37.17 -38.39 10.34
C SER D 138 -37.27 -36.88 10.20
C SER D 138 -37.28 -36.88 10.17
N ARG D 139 -36.24 -36.24 9.62
CA ARG D 139 -36.25 -34.79 9.47
C ARG D 139 -37.31 -34.36 8.46
N VAL D 140 -37.36 -35.02 7.30
CA VAL D 140 -38.38 -34.68 6.30
C VAL D 140 -39.77 -34.81 6.91
N GLU D 141 -40.05 -35.94 7.56
CA GLU D 141 -41.37 -36.15 8.14
C GLU D 141 -41.75 -35.03 9.10
N ALA D 142 -40.81 -34.63 9.96
CA ALA D 142 -41.11 -33.58 10.93
C ALA D 142 -41.35 -32.24 10.24
N LEU D 143 -40.54 -31.91 9.22
CA LEU D 143 -40.69 -30.64 8.53
C LEU D 143 -42.02 -30.57 7.78
N VAL D 144 -42.42 -31.67 7.13
CA VAL D 144 -43.70 -31.69 6.42
C VAL D 144 -44.84 -31.55 7.42
N GLU D 145 -44.78 -32.30 8.52
CA GLU D 145 -45.81 -32.23 9.55
C GLU D 145 -45.93 -30.82 10.11
N ALA D 146 -44.83 -30.07 10.16
CA ALA D 146 -44.86 -28.69 10.64
C ALA D 146 -45.41 -27.72 9.61
N GLY D 147 -45.73 -28.17 8.40
CA GLY D 147 -46.30 -27.30 7.39
C GLY D 147 -45.31 -26.66 6.44
N VAL D 148 -44.10 -27.19 6.33
CA VAL D 148 -43.12 -26.61 5.41
C VAL D 148 -43.68 -26.66 4.01
N ASP D 149 -43.38 -25.62 3.22
CA ASP D 149 -43.90 -25.55 1.87
C ASP D 149 -43.02 -26.29 0.87
N VAL D 150 -41.71 -26.28 1.06
CA VAL D 150 -40.80 -26.95 0.13
C VAL D 150 -39.64 -27.51 0.93
N ILE D 151 -39.27 -28.76 0.59
CA ILE D 151 -38.08 -29.41 1.14
C ILE D 151 -36.95 -29.23 0.14
N VAL D 152 -35.81 -28.74 0.62
CA VAL D 152 -34.64 -28.54 -0.24
C VAL D 152 -33.62 -29.63 0.13
N VAL D 153 -33.51 -30.65 -0.72
CA VAL D 153 -32.45 -31.64 -0.58
C VAL D 153 -31.18 -30.96 -1.10
N ASP D 154 -30.31 -30.53 -0.18
CA ASP D 154 -29.27 -29.57 -0.48
C ASP D 154 -27.92 -30.14 -0.07
N THR D 155 -27.05 -30.37 -1.05
CA THR D 155 -25.69 -30.82 -0.79
C THR D 155 -24.75 -30.11 -1.75
N ALA D 156 -23.46 -30.34 -1.55
CA ALA D 156 -22.46 -29.78 -2.44
C ALA D 156 -22.53 -30.39 -3.84
N HIS D 157 -23.17 -31.56 -3.99
CA HIS D 157 -23.03 -32.33 -5.23
C HIS D 157 -24.37 -33.04 -5.50
N GLY D 158 -25.29 -32.30 -6.12
CA GLY D 158 -26.61 -32.82 -6.43
C GLY D 158 -26.63 -33.91 -7.48
N HIS D 159 -25.61 -33.98 -8.33
CA HIS D 159 -25.55 -35.00 -9.39
C HIS D 159 -24.95 -36.30 -8.84
N SER D 160 -25.59 -36.78 -7.77
CA SER D 160 -25.11 -37.95 -7.05
C SER D 160 -26.28 -38.88 -6.76
N ALA D 161 -25.99 -40.17 -6.68
CA ALA D 161 -27.03 -41.12 -6.33
C ALA D 161 -27.73 -40.72 -5.04
N GLY D 162 -26.96 -40.26 -4.05
CA GLY D 162 -27.53 -39.88 -2.77
C GLY D 162 -28.64 -38.85 -2.90
N VAL D 163 -28.36 -37.75 -3.60
CA VAL D 163 -29.37 -36.69 -3.71
C VAL D 163 -30.51 -37.11 -4.63
N ILE D 164 -30.18 -37.71 -5.78
CA ILE D 164 -31.21 -38.12 -6.72
C ILE D 164 -32.19 -39.07 -6.05
N GLU D 165 -31.67 -40.08 -5.35
CA GLU D 165 -32.55 -41.05 -4.70
C GLU D 165 -33.33 -40.44 -3.55
N ARG D 166 -32.74 -39.47 -2.83
CA ARG D 166 -33.47 -38.83 -1.75
C ARG D 166 -34.57 -37.92 -2.29
N VAL D 167 -34.32 -37.23 -3.41
CA VAL D 167 -35.38 -36.45 -4.04
C VAL D 167 -36.55 -37.35 -4.42
N ARG D 168 -36.26 -38.46 -5.09
CA ARG D 168 -37.31 -39.40 -5.47
C ARG D 168 -38.07 -39.90 -4.24
N TRP D 169 -37.36 -40.18 -3.15
CA TRP D 169 -38.00 -40.64 -1.93
C TRP D 169 -38.99 -39.61 -1.39
N VAL D 170 -38.58 -38.34 -1.35
CA VAL D 170 -39.47 -37.29 -0.85
C VAL D 170 -40.71 -37.18 -1.73
N LYS D 171 -40.51 -37.18 -3.04
CA LYS D 171 -41.64 -37.04 -3.96
C LYS D 171 -42.61 -38.22 -3.85
N GLN D 172 -42.07 -39.42 -3.62
CA GLN D 172 -42.93 -40.60 -3.56
C GLN D 172 -43.64 -40.73 -2.21
N ASN D 173 -43.00 -40.32 -1.13
CA ASN D 173 -43.55 -40.50 0.20
C ASN D 173 -44.25 -39.26 0.75
N PHE D 174 -43.94 -38.08 0.23
CA PHE D 174 -44.57 -36.84 0.67
C PHE D 174 -44.96 -36.01 -0.55
N PRO D 175 -45.87 -36.53 -1.37
CA PRO D 175 -46.25 -35.78 -2.58
C PRO D 175 -46.84 -34.42 -2.29
N GLN D 176 -47.41 -34.22 -1.09
CA GLN D 176 -48.06 -32.96 -0.76
C GLN D 176 -47.08 -31.82 -0.57
N VAL D 177 -45.77 -32.07 -0.57
CA VAL D 177 -44.78 -31.01 -0.42
C VAL D 177 -43.99 -30.89 -1.71
N GLN D 178 -43.52 -29.66 -1.99
CA GLN D 178 -42.61 -29.44 -3.10
C GLN D 178 -41.19 -29.82 -2.67
N VAL D 179 -40.39 -30.25 -3.64
CA VAL D 179 -39.02 -30.69 -3.36
C VAL D 179 -38.08 -30.05 -4.37
N ILE D 180 -36.95 -29.56 -3.88
CA ILE D 180 -35.89 -28.99 -4.69
C ILE D 180 -34.65 -29.82 -4.49
N GLY D 181 -33.88 -30.02 -5.55
CA GLY D 181 -32.62 -30.76 -5.48
C GLY D 181 -31.46 -29.91 -5.97
N GLY D 182 -30.30 -30.11 -5.35
CA GLY D 182 -29.11 -29.35 -5.72
C GLY D 182 -27.96 -29.75 -4.85
N ASN D 183 -26.81 -29.11 -5.06
CA ASN D 183 -26.63 -28.12 -6.12
C ASN D 183 -26.05 -28.79 -7.37
N ILE D 184 -26.36 -28.24 -8.54
CA ILE D 184 -25.89 -28.80 -9.81
C ILE D 184 -25.29 -27.67 -10.65
N ALA D 185 -24.62 -28.07 -11.73
CA ALA D 185 -24.03 -27.09 -12.63
C ALA D 185 -24.10 -27.50 -14.10
N THR D 186 -24.81 -28.56 -14.44
CA THR D 186 -24.85 -29.06 -15.81
C THR D 186 -26.27 -29.46 -16.20
N GLY D 187 -26.54 -29.41 -17.51
CA GLY D 187 -27.82 -29.91 -18.01
C GLY D 187 -28.04 -31.37 -17.67
N ASP D 188 -26.99 -32.19 -17.79
CA ASP D 188 -27.10 -33.61 -17.44
C ASP D 188 -27.64 -33.79 -16.02
N ALA D 189 -27.08 -33.05 -15.07
CA ALA D 189 -27.53 -33.14 -13.70
C ALA D 189 -28.98 -32.69 -13.58
N ALA D 190 -29.34 -31.61 -14.28
CA ALA D 190 -30.71 -31.12 -14.26
C ALA D 190 -31.69 -32.20 -14.72
N LEU D 191 -31.38 -32.91 -15.80
CA LEU D 191 -32.29 -33.94 -16.28
C LEU D 191 -32.43 -35.06 -15.27
N ALA D 192 -31.33 -35.45 -14.62
CA ALA D 192 -31.40 -36.52 -13.62
C ALA D 192 -32.32 -36.13 -12.47
N LEU D 193 -32.24 -34.87 -12.01
CA LEU D 193 -33.12 -34.45 -10.92
C LEU D 193 -34.55 -34.29 -11.40
N LEU D 194 -34.73 -33.79 -12.63
CA LEU D 194 -36.06 -33.78 -13.22
C LEU D 194 -36.67 -35.17 -13.25
N ASP D 195 -35.90 -36.15 -13.73
CA ASP D 195 -36.40 -37.52 -13.77
C ASP D 195 -36.74 -38.05 -12.39
N ALA D 196 -35.99 -37.62 -11.37
CA ALA D 196 -36.25 -38.06 -10.00
C ALA D 196 -37.53 -37.46 -9.42
N GLY D 197 -38.13 -36.47 -10.07
CA GLY D 197 -39.33 -35.84 -9.58
C GLY D 197 -39.15 -34.48 -8.94
N ALA D 198 -37.97 -33.87 -9.07
CA ALA D 198 -37.75 -32.56 -8.49
C ALA D 198 -38.72 -31.55 -9.08
N ASP D 199 -39.20 -30.64 -8.21
CA ASP D 199 -40.07 -29.56 -8.65
C ASP D 199 -39.29 -28.30 -9.02
N ALA D 200 -38.01 -28.27 -8.72
CA ALA D 200 -37.06 -27.25 -9.16
C ALA D 200 -35.67 -27.78 -8.86
N VAL D 201 -34.66 -27.18 -9.49
CA VAL D 201 -33.27 -27.51 -9.20
C VAL D 201 -32.53 -26.24 -8.80
N LYS D 202 -31.50 -26.42 -7.98
CA LYS D 202 -30.70 -25.31 -7.49
C LYS D 202 -29.31 -25.41 -8.12
N VAL D 203 -28.90 -24.33 -8.78
CA VAL D 203 -27.71 -24.32 -9.64
C VAL D 203 -26.62 -23.50 -8.96
N GLY D 204 -25.45 -24.09 -8.80
CA GLY D 204 -24.31 -23.36 -8.27
C GLY D 204 -23.25 -24.26 -7.67
N ILE D 205 -22.16 -24.46 -8.40
CA ILE D 205 -20.99 -25.19 -7.92
C ILE D 205 -19.80 -24.28 -8.18
N GLY D 206 -19.28 -23.65 -7.13
CA GLY D 206 -18.12 -22.80 -7.27
C GLY D 206 -18.29 -21.28 -7.11
N PRO D 207 -19.47 -20.74 -7.37
CA PRO D 207 -19.60 -19.27 -7.47
C PRO D 207 -19.77 -18.54 -6.15
N GLY D 208 -20.07 -19.23 -5.05
CA GLY D 208 -20.37 -18.54 -3.80
C GLY D 208 -19.23 -17.67 -3.34
N SER D 209 -19.59 -16.59 -2.64
CA SER D 209 -18.60 -15.63 -2.15
C SER D 209 -17.63 -16.28 -1.17
N ILE D 210 -18.06 -17.29 -0.44
CA ILE D 210 -17.25 -17.93 0.58
C ILE D 210 -16.76 -19.30 0.11
N CYS D 211 -16.85 -19.58 -1.18
CA CYS D 211 -16.46 -20.89 -1.72
C CYS D 211 -14.95 -21.02 -1.86
N THR D 212 -14.44 -22.19 -1.49
CA THR D 212 -13.07 -22.56 -1.82
C THR D 212 -13.01 -23.89 -2.55
N THR D 213 -14.17 -24.43 -2.97
CA THR D 213 -14.19 -25.67 -3.74
C THR D 213 -13.29 -25.57 -4.98
N ARG D 214 -13.27 -24.40 -5.62
N ARG D 214 -13.27 -24.41 -5.63
CA ARG D 214 -12.43 -24.22 -6.80
CA ARG D 214 -12.43 -24.24 -6.81
C ARG D 214 -10.96 -24.47 -6.48
C ARG D 214 -10.96 -24.49 -6.47
N ILE D 215 -10.52 -24.05 -5.30
CA ILE D 215 -9.12 -24.19 -4.92
C ILE D 215 -8.84 -25.56 -4.32
N VAL D 216 -9.75 -26.06 -3.46
CA VAL D 216 -9.53 -27.34 -2.80
C VAL D 216 -9.65 -28.48 -3.80
N ALA D 217 -10.71 -28.46 -4.62
CA ALA D 217 -11.03 -29.58 -5.49
C ALA D 217 -10.79 -29.29 -6.97
N GLY D 218 -10.55 -28.03 -7.34
CA GLY D 218 -10.41 -27.72 -8.75
C GLY D 218 -11.68 -27.82 -9.55
N ILE D 219 -12.82 -27.84 -8.85
CA ILE D 219 -14.15 -28.09 -9.42
C ILE D 219 -14.93 -26.78 -9.46
N GLY D 220 -15.66 -26.57 -10.55
CA GLY D 220 -16.52 -25.41 -10.60
C GLY D 220 -17.06 -25.19 -11.99
N MET D 221 -18.09 -24.35 -12.06
CA MET D 221 -18.71 -23.92 -13.31
C MET D 221 -19.12 -22.45 -13.22
N PRO D 222 -18.52 -21.56 -14.02
CA PRO D 222 -18.95 -20.16 -14.02
C PRO D 222 -20.46 -20.05 -14.15
N GLN D 223 -21.04 -19.16 -13.34
CA GLN D 223 -22.46 -19.28 -13.00
C GLN D 223 -23.37 -18.97 -14.19
N ILE D 224 -23.00 -18.02 -15.05
CA ILE D 224 -23.85 -17.75 -16.21
C ILE D 224 -23.93 -18.97 -17.12
N SER D 225 -22.80 -19.64 -17.35
CA SER D 225 -22.81 -20.86 -18.15
C SER D 225 -23.51 -22.00 -17.44
N ALA D 226 -23.41 -22.06 -16.11
CA ALA D 226 -24.15 -23.07 -15.36
C ALA D 226 -25.65 -22.87 -15.52
N ILE D 227 -26.12 -21.64 -15.35
CA ILE D 227 -27.54 -21.34 -15.52
C ILE D 227 -28.00 -21.72 -16.92
N ASP D 228 -27.22 -21.34 -17.93
CA ASP D 228 -27.59 -21.61 -19.31
C ASP D 228 -27.64 -23.11 -19.59
N SER D 229 -26.62 -23.85 -19.13
CA SER D 229 -26.63 -25.29 -19.34
C SER D 229 -27.86 -25.93 -18.71
N VAL D 230 -28.18 -25.56 -17.48
CA VAL D 230 -29.33 -26.15 -16.80
C VAL D 230 -30.63 -25.72 -17.46
N ALA D 231 -30.79 -24.42 -17.70
CA ALA D 231 -32.03 -23.93 -18.30
C ALA D 231 -32.27 -24.56 -19.66
N SER D 232 -31.21 -24.66 -20.49
CA SER D 232 -31.38 -25.21 -21.83
C SER D 232 -31.83 -26.66 -21.79
N ALA D 233 -31.32 -27.44 -20.83
CA ALA D 233 -31.71 -28.84 -20.74
C ALA D 233 -33.15 -28.99 -20.25
N LEU D 234 -33.57 -28.15 -19.30
CA LEU D 234 -34.89 -28.31 -18.69
C LEU D 234 -36.02 -27.88 -19.62
N LYS D 235 -35.76 -26.93 -20.50
CA LYS D 235 -36.79 -26.40 -21.42
C LYS D 235 -38.06 -26.01 -20.65
N ASP D 236 -37.87 -25.34 -19.51
CA ASP D 236 -38.93 -24.78 -18.70
C ASP D 236 -39.85 -25.81 -18.06
N GLN D 237 -39.46 -27.09 -18.06
CA GLN D 237 -40.31 -28.09 -17.40
C GLN D 237 -40.39 -27.82 -15.90
N ILE D 238 -39.29 -27.38 -15.31
CA ILE D 238 -39.26 -26.89 -13.94
C ILE D 238 -38.30 -25.72 -13.86
N PRO D 239 -38.52 -24.82 -12.90
CA PRO D 239 -37.65 -23.66 -12.77
C PRO D 239 -36.35 -24.00 -12.06
N LEU D 240 -35.38 -23.10 -12.18
CA LEU D 240 -34.09 -23.25 -11.52
C LEU D 240 -33.81 -22.03 -10.65
N ILE D 241 -33.15 -22.30 -9.52
CA ILE D 241 -32.71 -21.28 -8.58
C ILE D 241 -31.23 -21.04 -8.79
N ALA D 242 -30.85 -19.82 -9.18
CA ALA D 242 -29.44 -19.48 -9.37
C ALA D 242 -28.83 -19.09 -8.02
N ASP D 243 -28.00 -19.98 -7.47
CA ASP D 243 -27.54 -19.92 -6.10
C ASP D 243 -26.04 -19.62 -6.04
N GLY D 244 -25.69 -18.44 -5.55
CA GLY D 244 -24.30 -18.13 -5.29
C GLY D 244 -23.72 -17.11 -6.26
N GLY D 245 -22.80 -16.29 -5.77
CA GLY D 245 -22.07 -15.34 -6.59
C GLY D 245 -22.76 -14.02 -6.86
N ILE D 246 -23.98 -13.82 -6.34
CA ILE D 246 -24.70 -12.56 -6.55
C ILE D 246 -24.08 -11.51 -5.63
N ARG D 247 -23.55 -10.44 -6.23
CA ARG D 247 -23.00 -9.32 -5.48
C ARG D 247 -23.74 -8.02 -5.69
N PHE D 248 -24.34 -7.82 -6.86
CA PHE D 248 -25.02 -6.59 -7.20
C PHE D 248 -26.37 -6.91 -7.81
N SER D 249 -27.27 -5.92 -7.80
CA SER D 249 -28.55 -6.11 -8.46
C SER D 249 -28.36 -6.49 -9.93
N GLY D 250 -27.32 -5.95 -10.57
CA GLY D 250 -27.07 -6.33 -11.95
C GLY D 250 -26.84 -7.81 -12.15
N ASP D 251 -26.20 -8.46 -11.17
CA ASP D 251 -26.03 -9.91 -11.25
C ASP D 251 -27.38 -10.63 -11.33
N MET D 252 -28.36 -10.15 -10.56
N MET D 252 -28.38 -10.13 -10.59
CA MET D 252 -29.69 -10.76 -10.59
CA MET D 252 -29.67 -10.79 -10.59
C MET D 252 -30.29 -10.72 -11.98
C MET D 252 -30.35 -10.69 -11.95
N ALA D 253 -30.24 -9.55 -12.62
CA ALA D 253 -30.80 -9.41 -13.97
C ALA D 253 -30.09 -10.35 -14.94
N LYS D 254 -28.76 -10.44 -14.85
CA LYS D 254 -28.04 -11.35 -15.75
C LYS D 254 -28.46 -12.80 -15.51
N ALA D 255 -28.56 -13.20 -14.24
CA ALA D 255 -28.93 -14.58 -13.94
C ALA D 255 -30.30 -14.92 -14.53
N ILE D 256 -31.26 -14.01 -14.38
CA ILE D 256 -32.60 -14.28 -14.88
C ILE D 256 -32.61 -14.27 -16.40
N GLY D 257 -31.91 -13.31 -17.02
CA GLY D 257 -31.77 -13.31 -18.47
C GLY D 257 -31.10 -14.55 -19.00
N ALA D 258 -30.23 -15.17 -18.21
CA ALA D 258 -29.60 -16.42 -18.60
C ALA D 258 -30.50 -17.64 -18.38
N GLY D 259 -31.66 -17.47 -17.75
CA GLY D 259 -32.57 -18.58 -17.62
C GLY D 259 -33.09 -18.84 -16.21
N ALA D 260 -32.51 -18.21 -15.21
CA ALA D 260 -32.94 -18.43 -13.84
C ALA D 260 -34.36 -17.91 -13.63
N SER D 261 -35.09 -18.57 -12.72
CA SER D 261 -36.39 -18.07 -12.30
C SER D 261 -36.35 -17.37 -10.96
N THR D 262 -35.39 -17.74 -10.12
CA THR D 262 -35.15 -17.07 -8.84
C THR D 262 -33.66 -17.09 -8.59
N ILE D 263 -33.20 -16.25 -7.67
CA ILE D 263 -31.81 -16.25 -7.25
C ILE D 263 -31.76 -16.44 -5.73
N MET D 264 -30.77 -17.19 -5.27
CA MET D 264 -30.51 -17.39 -3.85
C MET D 264 -29.27 -16.61 -3.46
N VAL D 265 -29.35 -15.89 -2.34
CA VAL D 265 -28.25 -15.05 -1.87
C VAL D 265 -27.93 -15.38 -0.43
N GLY D 266 -26.64 -15.39 -0.10
CA GLY D 266 -26.21 -15.48 1.27
C GLY D 266 -25.52 -14.21 1.72
N SER D 267 -24.41 -13.86 1.08
N SER D 267 -24.40 -13.88 1.08
CA SER D 267 -23.62 -12.71 1.53
CA SER D 267 -23.61 -12.73 1.48
C SER D 267 -24.43 -11.43 1.53
C SER D 267 -24.45 -11.45 1.53
N LEU D 268 -25.34 -11.26 0.56
CA LEU D 268 -26.11 -10.02 0.49
C LEU D 268 -27.01 -9.83 1.70
N LEU D 269 -27.53 -10.92 2.26
CA LEU D 269 -28.42 -10.84 3.40
C LEU D 269 -27.70 -11.10 4.72
N ALA D 270 -26.49 -11.63 4.69
CA ALA D 270 -25.68 -11.69 5.90
C ALA D 270 -25.39 -10.28 6.41
N GLY D 271 -25.32 -10.14 7.73
CA GLY D 271 -25.11 -8.85 8.34
C GLY D 271 -26.36 -8.01 8.50
N THR D 272 -27.49 -8.42 7.94
CA THR D 272 -28.72 -7.69 8.20
C THR D 272 -29.22 -7.98 9.61
N GLU D 273 -30.12 -7.12 10.08
CA GLU D 273 -30.66 -7.29 11.43
C GLU D 273 -31.38 -8.63 11.58
N GLU D 274 -32.03 -9.11 10.51
CA GLU D 274 -32.82 -10.33 10.60
C GLU D 274 -31.98 -11.60 10.49
N ALA D 275 -30.72 -11.52 10.09
CA ALA D 275 -29.88 -12.69 10.02
C ALA D 275 -29.53 -13.20 11.42
N PRO D 276 -29.28 -14.50 11.57
CA PRO D 276 -28.87 -15.01 12.88
C PRO D 276 -27.56 -14.36 13.33
N GLY D 277 -27.35 -14.39 14.63
CA GLY D 277 -26.10 -13.89 15.18
C GLY D 277 -26.23 -12.48 15.71
N GLU D 278 -25.38 -12.14 16.68
CA GLU D 278 -25.34 -10.81 17.27
C GLU D 278 -24.35 -9.94 16.53
N VAL D 279 -24.55 -8.62 16.61
CA VAL D 279 -23.62 -7.67 16.04
C VAL D 279 -22.43 -7.55 16.98
N GLU D 280 -21.23 -7.77 16.44
CA GLU D 280 -20.01 -7.67 17.23
C GLU D 280 -19.32 -6.35 16.93
N PHE D 281 -18.68 -5.79 17.96
CA PHE D 281 -17.91 -4.56 17.83
C PHE D 281 -16.47 -4.91 17.55
N PHE D 282 -15.89 -4.28 16.53
CA PHE D 282 -14.53 -4.61 16.12
C PHE D 282 -13.92 -3.41 15.40
N GLN D 283 -12.86 -2.85 15.97
CA GLN D 283 -12.19 -1.67 15.41
C GLN D 283 -13.18 -0.54 15.19
N GLY D 284 -14.06 -0.33 16.16
CA GLY D 284 -15.04 0.73 16.08
C GLY D 284 -16.17 0.51 15.09
N ARG D 285 -16.17 -0.61 14.37
CA ARG D 285 -17.22 -0.92 13.41
C ARG D 285 -18.00 -2.14 13.87
N TYR D 286 -19.23 -2.24 13.38
CA TYR D 286 -20.13 -3.33 13.73
C TYR D 286 -20.20 -4.35 12.60
N TYR D 287 -20.21 -5.63 12.98
CA TYR D 287 -20.19 -6.73 12.03
C TYR D 287 -21.11 -7.84 12.49
N LYS D 288 -21.36 -8.78 11.58
CA LYS D 288 -21.93 -10.08 11.92
C LYS D 288 -21.11 -11.15 11.23
N ALA D 289 -21.15 -12.36 11.80
CA ALA D 289 -20.45 -13.49 11.21
C ALA D 289 -21.13 -13.90 9.90
N TYR D 290 -20.31 -14.33 8.95
CA TYR D 290 -20.80 -15.01 7.76
C TYR D 290 -19.81 -16.11 7.42
N ARG D 291 -20.31 -17.33 7.22
CA ARG D 291 -19.40 -18.46 7.04
C ARG D 291 -20.04 -19.48 6.12
N GLY D 292 -19.19 -20.12 5.32
CA GLY D 292 -19.65 -21.22 4.50
C GLY D 292 -20.08 -22.39 5.36
N MET D 293 -21.10 -23.12 4.88
CA MET D 293 -21.53 -24.32 5.58
C MET D 293 -20.52 -25.45 5.47
N GLY D 294 -19.58 -25.35 4.54
CA GLY D 294 -18.41 -26.22 4.48
C GLY D 294 -17.15 -25.68 5.13
N SER D 295 -17.26 -24.61 5.92
CA SER D 295 -16.11 -24.10 6.67
C SER D 295 -15.84 -24.99 7.89
N LEU D 296 -14.61 -24.89 8.40
CA LEU D 296 -14.23 -25.65 9.59
C LEU D 296 -15.18 -25.37 10.75
N GLY D 297 -15.53 -24.09 10.95
CA GLY D 297 -16.41 -23.75 12.04
C GLY D 297 -17.80 -24.35 11.90
N ALA D 298 -18.33 -24.35 10.68
CA ALA D 298 -19.68 -24.88 10.46
C ALA D 298 -19.70 -26.41 10.56
N MET D 299 -18.69 -27.08 10.02
CA MET D 299 -18.67 -28.54 10.06
C MET D 299 -18.47 -29.08 11.47
N ALA D 300 -17.90 -28.30 12.36
CA ALA D 300 -17.68 -28.74 13.74
C ALA D 300 -18.83 -28.27 14.64
N LYS D 319 -14.98 -37.49 6.93
CA LYS D 319 -14.58 -36.14 7.28
C LYS D 319 -13.88 -35.46 6.10
N LEU D 320 -14.55 -34.47 5.51
CA LEU D 320 -14.06 -33.78 4.33
C LEU D 320 -13.23 -32.56 4.72
N VAL D 321 -12.24 -32.23 3.89
CA VAL D 321 -11.47 -31.00 4.09
C VAL D 321 -12.41 -29.82 3.87
N PRO D 322 -12.23 -28.71 4.59
CA PRO D 322 -13.16 -27.58 4.44
C PRO D 322 -13.16 -27.02 3.02
N GLU D 323 -14.33 -26.54 2.60
CA GLU D 323 -14.49 -25.94 1.29
C GLU D 323 -15.16 -24.57 1.37
N GLY D 324 -15.19 -23.95 2.56
CA GLY D 324 -15.68 -22.60 2.68
C GLY D 324 -14.84 -21.85 3.70
N ILE D 325 -14.96 -20.52 3.66
CA ILE D 325 -14.23 -19.67 4.57
C ILE D 325 -15.20 -19.13 5.62
N GLU D 326 -14.63 -18.56 6.69
CA GLU D 326 -15.39 -18.05 7.83
C GLU D 326 -14.94 -16.62 8.09
N GLY D 327 -15.88 -15.70 8.15
CA GLY D 327 -15.49 -14.31 8.33
C GLY D 327 -16.57 -13.46 8.95
N ARG D 328 -16.45 -12.16 8.73
CA ARG D 328 -17.39 -11.17 9.23
C ARG D 328 -17.77 -10.22 8.10
N VAL D 329 -19.03 -9.80 8.09
CA VAL D 329 -19.53 -8.85 7.10
C VAL D 329 -20.06 -7.61 7.83
N PRO D 330 -20.03 -6.43 7.21
CA PRO D 330 -20.50 -5.23 7.91
C PRO D 330 -21.98 -5.35 8.25
N TYR D 331 -22.36 -4.74 9.38
CA TYR D 331 -23.76 -4.67 9.74
C TYR D 331 -24.51 -3.82 8.73
N LYS D 332 -25.66 -4.32 8.28
CA LYS D 332 -26.40 -3.71 7.18
C LYS D 332 -27.76 -3.16 7.59
N GLY D 333 -28.18 -3.36 8.83
CA GLY D 333 -29.49 -2.93 9.25
C GLY D 333 -30.60 -3.82 8.72
N PRO D 334 -31.83 -3.30 8.71
CA PRO D 334 -32.97 -4.12 8.29
C PRO D 334 -32.82 -4.63 6.86
N MET D 335 -33.10 -5.92 6.66
CA MET D 335 -32.97 -6.54 5.35
C MET D 335 -33.90 -5.90 4.33
N GLY D 336 -35.01 -5.28 4.77
CA GLY D 336 -35.92 -4.67 3.82
C GLY D 336 -35.26 -3.66 2.90
N ASN D 337 -34.27 -2.93 3.42
CA ASN D 337 -33.61 -1.91 2.61
C ASN D 337 -32.75 -2.53 1.52
N ILE D 338 -32.03 -3.60 1.83
CA ILE D 338 -31.21 -4.25 0.81
C ILE D 338 -32.11 -4.89 -0.24
N VAL D 339 -33.19 -5.54 0.19
CA VAL D 339 -34.12 -6.15 -0.77
C VAL D 339 -34.68 -5.08 -1.70
N HIS D 340 -35.09 -3.94 -1.14
CA HIS D 340 -35.64 -2.86 -1.96
C HIS D 340 -34.62 -2.35 -2.96
N GLN D 341 -33.37 -2.18 -2.55
CA GLN D 341 -32.33 -1.75 -3.46
C GLN D 341 -32.13 -2.76 -4.59
N MET D 342 -32.06 -4.05 -4.24
CA MET D 342 -31.84 -5.09 -5.25
C MET D 342 -32.98 -5.12 -6.25
N MET D 343 -34.23 -5.10 -5.77
CA MET D 343 -35.37 -5.15 -6.68
C MET D 343 -35.46 -3.88 -7.52
N GLY D 344 -35.10 -2.74 -6.93
CA GLY D 344 -35.03 -1.52 -7.72
C GLY D 344 -34.08 -1.63 -8.89
N GLY D 345 -32.91 -2.23 -8.66
CA GLY D 345 -31.98 -2.43 -9.77
C GLY D 345 -32.53 -3.36 -10.83
N LEU D 346 -33.23 -4.41 -10.41
CA LEU D 346 -33.82 -5.34 -11.38
C LEU D 346 -34.93 -4.65 -12.18
N ARG D 347 -35.77 -3.85 -11.53
CA ARG D 347 -36.78 -3.08 -12.25
C ARG D 347 -36.15 -2.20 -13.33
N SER D 348 -35.04 -1.53 -12.99
N SER D 348 -35.05 -1.52 -12.99
CA SER D 348 -34.33 -0.73 -13.97
CA SER D 348 -34.38 -0.70 -13.99
C SER D 348 -33.90 -1.58 -15.15
C SER D 348 -33.84 -1.54 -15.14
N SER D 349 -33.24 -2.72 -14.87
N SER D 349 -33.27 -2.70 -14.83
CA SER D 349 -32.80 -3.61 -15.93
CA SER D 349 -32.82 -3.62 -15.87
C SER D 349 -33.97 -4.02 -16.83
C SER D 349 -33.98 -3.98 -16.80
N MET D 350 -35.12 -4.36 -16.23
CA MET D 350 -36.26 -4.77 -17.05
C MET D 350 -36.80 -3.61 -17.86
N GLY D 351 -36.67 -2.38 -17.36
CA GLY D 351 -37.00 -1.22 -18.19
C GLY D 351 -36.09 -1.09 -19.38
N TYR D 352 -34.79 -1.33 -19.18
CA TYR D 352 -33.83 -1.27 -20.28
C TYR D 352 -34.09 -2.34 -21.33
N THR D 353 -34.50 -3.53 -20.90
CA THR D 353 -34.66 -4.67 -21.81
C THR D 353 -36.08 -4.78 -22.37
N GLY D 354 -36.97 -3.86 -22.01
CA GLY D 354 -38.34 -3.96 -22.48
C GLY D 354 -39.08 -5.17 -21.94
N SER D 355 -38.73 -5.61 -20.73
CA SER D 355 -39.32 -6.79 -20.11
C SER D 355 -40.38 -6.33 -19.11
N ALA D 356 -41.66 -6.59 -19.43
CA ALA D 356 -42.74 -6.20 -18.53
C ALA D 356 -42.96 -7.20 -17.41
N VAL D 357 -42.57 -8.46 -17.61
CA VAL D 357 -42.69 -9.50 -16.61
C VAL D 357 -41.40 -10.33 -16.63
N ILE D 358 -41.19 -11.09 -15.55
CA ILE D 358 -39.97 -11.88 -15.42
C ILE D 358 -39.75 -12.78 -16.63
N GLU D 359 -40.82 -13.43 -17.11
CA GLU D 359 -40.67 -14.35 -18.23
C GLU D 359 -40.19 -13.66 -19.49
N ASP D 360 -40.55 -12.39 -19.68
CA ASP D 360 -40.01 -11.64 -20.81
C ASP D 360 -38.49 -11.58 -20.74
N LEU D 361 -37.95 -11.26 -19.57
CA LEU D 361 -36.49 -11.21 -19.42
C LEU D 361 -35.86 -12.59 -19.63
N ARG D 362 -36.50 -13.63 -19.10
CA ARG D 362 -35.96 -14.98 -19.28
C ARG D 362 -35.94 -15.37 -20.75
N GLN D 363 -36.93 -14.95 -21.52
CA GLN D 363 -37.06 -15.41 -22.89
C GLN D 363 -36.39 -14.50 -23.91
N ASN D 364 -36.25 -13.21 -23.61
CA ASN D 364 -35.86 -12.22 -24.61
C ASN D 364 -34.51 -11.57 -24.35
N ALA D 365 -33.84 -11.90 -23.24
CA ALA D 365 -32.58 -11.24 -22.94
C ALA D 365 -31.54 -11.53 -24.03
N LYS D 366 -30.80 -10.50 -24.41
CA LYS D 366 -29.66 -10.63 -25.29
C LYS D 366 -28.42 -10.09 -24.59
N PHE D 367 -27.30 -10.79 -24.76
CA PHE D 367 -26.06 -10.49 -24.05
C PHE D 367 -24.95 -10.17 -25.03
N VAL D 368 -23.94 -9.45 -24.55
CA VAL D 368 -22.64 -9.41 -25.19
C VAL D 368 -21.62 -9.91 -24.19
N LYS D 369 -20.57 -10.57 -24.70
CA LYS D 369 -19.42 -10.94 -23.89
C LYS D 369 -18.40 -9.81 -23.90
N ILE D 370 -17.82 -9.51 -22.75
CA ILE D 370 -16.90 -8.40 -22.64
C ILE D 370 -15.53 -8.94 -22.22
N THR D 371 -14.50 -8.16 -22.53
CA THR D 371 -13.14 -8.55 -22.17
C THR D 371 -12.82 -8.11 -20.75
N SER D 372 -11.62 -8.47 -20.29
CA SER D 372 -11.13 -7.96 -19.01
C SER D 372 -10.92 -6.46 -19.04
N ALA D 373 -10.86 -5.85 -20.23
CA ALA D 373 -10.78 -4.41 -20.33
C ALA D 373 -12.12 -3.74 -20.03
N GLY D 374 -13.22 -4.37 -20.46
CA GLY D 374 -14.54 -3.83 -20.13
C GLY D 374 -14.89 -3.99 -18.67
N MET D 375 -14.34 -5.00 -18.01
CA MET D 375 -14.55 -5.17 -16.58
C MET D 375 -13.74 -4.17 -15.76
N SER D 376 -12.66 -3.64 -16.32
CA SER D 376 -11.84 -2.63 -15.65
C SER D 376 -12.70 -1.46 -15.17
N SER E 16 -3.02 21.63 37.21
CA SER E 16 -2.96 22.22 38.55
C SER E 16 -3.64 21.32 39.58
N MET E 17 -4.87 20.89 39.29
CA MET E 17 -5.49 19.82 40.06
C MET E 17 -5.23 18.44 39.47
N LEU E 18 -4.64 18.39 38.27
CA LEU E 18 -4.34 17.13 37.62
C LEU E 18 -3.16 16.46 38.31
N THR E 19 -3.37 15.27 38.86
CA THR E 19 -2.34 14.54 39.57
C THR E 19 -1.64 13.60 38.58
N ILE E 20 -0.45 13.99 38.15
CA ILE E 20 0.41 13.15 37.31
C ILE E 20 1.50 12.60 38.20
N VAL E 21 1.45 11.28 38.44
CA VAL E 21 2.37 10.66 39.39
C VAL E 21 3.79 10.67 38.84
N GLN E 22 3.94 10.43 37.54
CA GLN E 22 5.26 10.32 36.93
C GLN E 22 5.07 10.18 35.42
N GLU E 23 6.16 10.37 34.69
CA GLU E 23 6.23 9.90 33.31
C GLU E 23 6.64 8.43 33.35
N ALA E 24 5.79 7.56 32.86
CA ALA E 24 5.97 6.12 32.98
C ALA E 24 6.56 5.56 31.69
N LEU E 25 7.44 4.57 31.82
CA LEU E 25 8.25 4.06 30.73
C LEU E 25 7.85 2.63 30.39
N THR E 26 7.84 2.32 29.09
CA THR E 26 7.66 0.97 28.60
C THR E 26 9.00 0.45 28.09
N PHE E 27 8.99 -0.79 27.60
CA PHE E 27 10.22 -1.42 27.15
C PHE E 27 10.93 -0.58 26.09
N ASP E 28 10.18 -0.09 25.10
CA ASP E 28 10.77 0.66 24.00
C ASP E 28 11.35 2.00 24.41
N ASP E 29 11.02 2.51 25.60
CA ASP E 29 11.56 3.77 26.07
C ASP E 29 12.98 3.69 26.62
N VAL E 30 13.51 2.50 26.88
CA VAL E 30 14.79 2.38 27.57
C VAL E 30 15.68 1.36 26.86
N LEU E 31 16.98 1.49 27.11
CA LEU E 31 17.97 0.50 26.71
C LEU E 31 18.89 0.21 27.88
N LEU E 32 19.32 -1.04 27.99
CA LEU E 32 20.35 -1.41 28.95
C LEU E 32 21.72 -0.98 28.44
N LEU E 33 22.58 -0.51 29.36
CA LEU E 33 23.92 -0.11 28.99
C LEU E 33 24.89 -1.28 29.13
N PRO E 34 25.82 -1.45 28.18
CA PRO E 34 26.89 -2.42 28.39
C PRO E 34 27.76 -1.99 29.57
N ALA E 35 28.34 -2.97 30.24
CA ALA E 35 29.20 -2.74 31.41
C ALA E 35 30.38 -3.70 31.35
N TYR E 36 31.37 -3.43 32.20
CA TYR E 36 32.55 -4.29 32.24
C TYR E 36 32.14 -5.74 32.49
N SER E 37 32.63 -6.65 31.67
CA SER E 37 32.19 -8.04 31.73
C SER E 37 33.36 -9.00 31.64
N THR E 38 33.36 -10.00 32.51
CA THR E 38 34.22 -11.17 32.40
C THR E 38 33.41 -12.45 32.29
N VAL E 39 32.20 -12.35 31.75
CA VAL E 39 31.35 -13.53 31.57
C VAL E 39 30.84 -13.56 30.13
N LEU E 40 30.97 -14.71 29.48
CA LEU E 40 30.46 -14.96 28.15
C LEU E 40 29.00 -15.42 28.22
N PRO E 41 28.20 -15.07 27.22
CA PRO E 41 26.79 -15.51 27.24
C PRO E 41 26.61 -17.00 27.51
N LYS E 42 27.46 -17.85 26.95
CA LYS E 42 27.26 -19.28 27.09
C LYS E 42 27.40 -19.74 28.54
N ASP E 43 28.05 -18.95 29.40
CA ASP E 43 28.34 -19.36 30.76
C ASP E 43 27.42 -18.71 31.80
N VAL E 44 26.50 -17.83 31.40
CA VAL E 44 25.64 -17.21 32.40
C VAL E 44 24.64 -18.24 32.90
N SER E 45 24.20 -18.05 34.15
CA SER E 45 23.18 -18.90 34.75
C SER E 45 21.85 -18.16 34.74
N LEU E 46 20.80 -18.83 34.27
CA LEU E 46 19.47 -18.24 34.17
C LEU E 46 18.55 -18.66 35.32
N LYS E 47 19.09 -19.34 36.34
CA LYS E 47 18.29 -19.74 37.49
C LYS E 47 17.73 -18.51 38.19
N THR E 48 16.49 -18.62 38.66
CA THR E 48 15.82 -17.52 39.35
C THR E 48 14.72 -18.13 40.21
N ARG E 49 14.02 -17.29 40.96
CA ARG E 49 12.93 -17.78 41.80
C ARG E 49 11.60 -17.27 41.25
N LEU E 50 10.65 -18.21 41.12
CA LEU E 50 9.28 -17.89 40.77
C LEU E 50 8.53 -17.29 41.96
N THR E 51 8.68 -17.92 43.12
CA THR E 51 8.10 -17.47 44.38
C THR E 51 9.18 -17.57 45.44
N ARG E 52 8.89 -17.14 46.66
CA ARG E 52 9.92 -17.24 47.67
C ARG E 52 10.26 -18.70 47.98
N GLY E 53 9.41 -19.64 47.59
CA GLY E 53 9.69 -21.05 47.80
C GLY E 53 10.06 -21.86 46.58
N ILE E 54 9.78 -21.36 45.38
CA ILE E 54 9.97 -22.12 44.14
C ILE E 54 11.01 -21.43 43.27
N TYR E 55 12.03 -22.18 42.89
CA TYR E 55 13.06 -21.70 41.97
C TYR E 55 12.86 -22.35 40.59
N LEU E 56 13.19 -21.59 39.56
CA LEU E 56 13.19 -22.07 38.18
C LEU E 56 14.62 -22.08 37.65
N ASN E 57 14.84 -22.87 36.61
CA ASN E 57 16.14 -22.89 35.93
C ASN E 57 16.22 -21.88 34.79
N ILE E 58 15.08 -21.40 34.29
CA ILE E 58 15.02 -20.24 33.41
C ILE E 58 13.86 -19.35 33.85
N PRO E 59 13.96 -18.05 33.56
CA PRO E 59 12.97 -17.11 34.11
C PRO E 59 11.69 -16.99 33.30
N LEU E 60 11.26 -18.06 32.65
CA LEU E 60 10.13 -17.99 31.71
C LEU E 60 8.92 -18.72 32.28
N VAL E 61 7.76 -18.07 32.20
CA VAL E 61 6.49 -18.62 32.65
C VAL E 61 5.48 -18.47 31.50
N SER E 62 4.78 -19.56 31.18
CA SER E 62 3.78 -19.50 30.11
C SER E 62 2.44 -18.99 30.66
N ALA E 63 1.78 -18.14 29.87
CA ALA E 63 0.58 -17.44 30.33
C ALA E 63 -0.57 -18.41 30.62
N ALA E 64 -1.41 -18.02 31.58
CA ALA E 64 -2.59 -18.80 31.94
C ALA E 64 -3.74 -18.41 30.99
N MET E 65 -3.60 -18.85 29.75
CA MET E 65 -4.52 -18.50 28.68
C MET E 65 -4.92 -19.76 27.93
N ASP E 66 -6.18 -19.80 27.47
CA ASP E 66 -6.67 -21.02 26.83
C ASP E 66 -6.18 -21.20 25.40
N THR E 67 -5.35 -20.28 24.90
CA THR E 67 -4.63 -20.51 23.66
C THR E 67 -3.13 -20.66 23.88
N VAL E 68 -2.69 -20.82 25.14
CA VAL E 68 -1.26 -20.92 25.45
C VAL E 68 -0.94 -22.14 26.29
N THR E 69 -1.53 -22.27 27.48
CA THR E 69 -1.05 -23.23 28.48
C THR E 69 -2.14 -24.21 28.91
N GLU E 70 -2.06 -25.44 28.39
CA GLU E 70 -2.68 -26.59 29.04
C GLU E 70 -1.57 -27.57 29.38
N SER E 71 -1.89 -28.84 29.63
CA SER E 71 -0.89 -29.74 30.19
C SER E 71 0.30 -29.92 29.25
N ARG E 72 0.06 -29.99 27.95
CA ARG E 72 1.14 -30.18 27.00
C ARG E 72 2.17 -29.05 27.10
N MET E 73 1.70 -27.81 27.13
CA MET E 73 2.62 -26.68 27.29
C MET E 73 3.28 -26.71 28.66
N ALA E 74 2.52 -27.01 29.72
CA ALA E 74 3.09 -27.03 31.06
C ALA E 74 4.24 -28.03 31.15
N ILE E 75 4.05 -29.21 30.58
CA ILE E 75 5.13 -30.22 30.57
C ILE E 75 6.35 -29.67 29.85
N ALA E 76 6.16 -29.11 28.66
CA ALA E 76 7.27 -28.58 27.89
C ALA E 76 7.98 -27.44 28.63
N MET E 77 7.20 -26.54 29.24
CA MET E 77 7.81 -25.46 30.01
C MET E 77 8.68 -26.01 31.14
N ALA E 78 8.14 -26.96 31.92
CA ALA E 78 8.92 -27.52 33.02
C ALA E 78 10.15 -28.26 32.52
N GLN E 79 10.03 -28.98 31.40
CA GLN E 79 11.18 -29.69 30.86
C GLN E 79 12.30 -28.74 30.46
N ASN E 80 11.95 -27.52 30.06
CA ASN E 80 12.92 -26.52 29.68
C ASN E 80 13.43 -25.70 30.85
N GLY E 81 12.97 -25.99 32.07
CA GLY E 81 13.43 -25.27 33.24
C GLY E 81 12.53 -24.17 33.71
N GLY E 82 11.43 -23.89 33.02
CA GLY E 82 10.46 -22.90 33.42
C GLY E 82 9.25 -23.55 34.07
N ILE E 83 8.09 -22.90 33.91
CA ILE E 83 6.84 -23.44 34.44
C ILE E 83 5.70 -22.86 33.63
N GLY E 84 4.60 -23.62 33.55
CA GLY E 84 3.38 -23.16 32.91
C GLY E 84 2.28 -23.00 33.94
N ILE E 85 1.42 -22.00 33.72
CA ILE E 85 0.24 -21.76 34.55
C ILE E 85 -0.98 -22.20 33.75
N LEU E 86 -1.55 -23.34 34.12
CA LEU E 86 -2.76 -23.83 33.46
C LEU E 86 -3.87 -22.81 33.60
N HIS E 87 -4.53 -22.49 32.48
CA HIS E 87 -5.61 -21.53 32.52
C HIS E 87 -6.83 -22.11 33.23
N LYS E 88 -7.69 -21.22 33.71
CA LYS E 88 -8.88 -21.58 34.49
C LYS E 88 -10.16 -21.52 33.66
N ASN E 89 -10.04 -21.46 32.34
CA ASN E 89 -11.19 -21.48 31.45
C ASN E 89 -11.65 -22.92 31.22
N MET E 90 -11.81 -23.67 32.31
CA MET E 90 -12.21 -25.06 32.22
C MET E 90 -12.77 -25.49 33.56
N ASP E 91 -13.44 -26.65 33.56
CA ASP E 91 -14.06 -27.17 34.78
C ASP E 91 -13.00 -27.51 35.82
N ILE E 92 -13.42 -27.49 37.09
CA ILE E 92 -12.52 -27.85 38.18
C ILE E 92 -11.89 -29.22 37.91
N ALA E 93 -12.72 -30.22 37.65
CA ALA E 93 -12.21 -31.57 37.41
C ALA E 93 -11.27 -31.58 36.20
N ALA E 94 -11.58 -30.79 35.17
CA ALA E 94 -10.71 -30.73 34.01
C ALA E 94 -9.36 -30.11 34.35
N GLN E 95 -9.36 -29.03 35.13
CA GLN E 95 -8.09 -28.39 35.48
C GLN E 95 -7.26 -29.29 36.39
N ALA E 96 -7.91 -29.99 37.32
CA ALA E 96 -7.20 -30.90 38.20
C ALA E 96 -6.60 -32.07 37.43
N ALA E 97 -7.34 -32.60 36.45
CA ALA E 97 -6.79 -33.65 35.60
C ALA E 97 -5.56 -33.16 34.86
N GLU E 98 -5.59 -31.92 34.39
CA GLU E 98 -4.42 -31.34 33.74
C GLU E 98 -3.21 -31.33 34.67
N VAL E 99 -3.42 -30.91 35.92
CA VAL E 99 -2.34 -30.91 36.90
C VAL E 99 -1.78 -32.32 37.06
N ARG E 100 -2.66 -33.31 37.22
CA ARG E 100 -2.18 -34.68 37.36
C ARG E 100 -1.39 -35.12 36.14
N ARG E 101 -1.81 -34.68 34.96
CA ARG E 101 -1.07 -35.02 33.74
C ARG E 101 0.38 -34.58 33.83
N VAL E 102 0.62 -33.37 34.35
CA VAL E 102 1.99 -32.88 34.46
C VAL E 102 2.71 -33.58 35.61
N LYS E 103 2.04 -33.73 36.75
CA LYS E 103 2.69 -34.31 37.91
C LYS E 103 3.01 -35.78 37.70
N LYS E 104 2.18 -36.48 36.92
CA LYS E 104 2.41 -37.90 36.65
C LYS E 104 3.24 -38.15 35.41
N PHE E 105 3.66 -37.09 34.71
CA PHE E 105 4.38 -37.29 33.46
C PHE E 105 5.72 -37.95 33.70
N GLU E 106 6.06 -38.92 32.84
CA GLU E 106 7.36 -39.58 32.86
C GLU E 106 7.95 -39.51 31.47
N ALA E 107 9.15 -38.95 31.38
CA ALA E 107 9.80 -38.79 30.08
C ALA E 107 10.21 -40.13 29.50
N GLY E 108 10.25 -40.20 28.17
CA GLY E 108 10.71 -41.41 27.52
C GLY E 108 12.15 -41.72 27.86
N LYS E 109 12.48 -43.02 27.85
CA LYS E 109 13.80 -43.48 28.28
C LYS E 109 14.91 -43.17 27.26
N ALA E 110 14.65 -42.34 26.26
CA ALA E 110 15.69 -41.83 25.37
C ALA E 110 15.59 -40.31 25.26
N GLU E 111 15.15 -39.66 26.33
CA GLU E 111 14.93 -38.22 26.35
C GLU E 111 15.52 -37.66 27.63
N SER E 112 16.48 -36.75 27.50
CA SER E 112 17.15 -36.13 28.63
C SER E 112 16.80 -34.66 28.69
N TYR E 113 16.30 -34.21 29.84
CA TYR E 113 16.01 -32.80 30.10
C TYR E 113 16.71 -32.43 31.41
N PRO E 114 18.03 -32.21 31.37
CA PRO E 114 18.77 -32.00 32.62
C PRO E 114 18.38 -30.72 33.34
N ASN E 115 17.78 -29.75 32.66
CA ASN E 115 17.38 -28.50 33.27
C ASN E 115 15.94 -28.50 33.73
N SER E 116 15.31 -29.68 33.81
CA SER E 116 13.91 -29.76 34.21
C SER E 116 13.68 -29.07 35.54
N CYS E 117 12.55 -28.40 35.65
CA CYS E 117 12.12 -27.79 36.91
C CYS E 117 11.19 -28.77 37.62
N LYS E 118 11.67 -29.34 38.72
CA LYS E 118 10.99 -30.44 39.41
C LYS E 118 10.78 -30.09 40.87
N ASP E 119 9.80 -30.73 41.48
CA ASP E 119 9.53 -30.58 42.90
C ASP E 119 10.39 -31.56 43.70
N ASP E 120 10.18 -31.59 45.02
CA ASP E 120 11.01 -32.43 45.88
C ASP E 120 10.89 -33.91 45.53
N LEU E 121 9.78 -34.31 44.92
CA LEU E 121 9.56 -35.71 44.57
C LEU E 121 10.02 -36.06 43.16
N GLY E 122 10.72 -35.14 42.49
CA GLY E 122 11.17 -35.39 41.14
C GLY E 122 10.12 -35.24 40.07
N ARG E 123 8.96 -34.65 40.39
CA ARG E 123 7.90 -34.46 39.42
C ARG E 123 8.02 -33.08 38.80
N LEU E 124 7.68 -32.98 37.52
CA LEU E 124 7.64 -31.67 36.87
C LEU E 124 6.74 -30.73 37.64
N ARG E 125 7.16 -29.47 37.75
CA ARG E 125 6.39 -28.45 38.44
C ARG E 125 5.31 -27.88 37.52
N VAL E 126 4.22 -27.41 38.12
CA VAL E 126 3.13 -26.80 37.36
C VAL E 126 2.37 -25.86 38.28
N GLY E 127 1.79 -24.81 37.69
CA GLY E 127 0.92 -23.90 38.40
C GLY E 127 -0.46 -23.90 37.79
N ALA E 128 -1.41 -23.33 38.52
CA ALA E 128 -2.78 -23.27 38.05
C ALA E 128 -3.42 -21.97 38.50
N ALA E 129 -4.18 -21.36 37.59
CA ALA E 129 -4.89 -20.12 37.87
C ALA E 129 -6.25 -20.41 38.49
N VAL E 130 -6.66 -19.53 39.41
CA VAL E 130 -8.01 -19.52 39.94
C VAL E 130 -8.50 -18.09 39.99
N GLY E 131 -9.81 -17.94 40.13
CA GLY E 131 -10.43 -16.64 40.29
C GLY E 131 -10.66 -16.30 41.75
N THR E 132 -11.69 -15.49 41.99
CA THR E 132 -12.06 -15.11 43.33
C THR E 132 -13.50 -15.45 43.67
N GLY E 133 -14.26 -15.98 42.72
CA GLY E 133 -15.67 -16.24 42.89
C GLY E 133 -15.96 -17.48 43.70
N ALA E 134 -17.26 -17.81 43.77
CA ALA E 134 -17.74 -18.83 44.71
C ALA E 134 -17.09 -20.19 44.45
N ASP E 135 -16.73 -20.49 43.20
CA ASP E 135 -16.14 -21.79 42.88
C ASP E 135 -14.70 -21.92 43.34
N THR E 136 -14.07 -20.82 43.76
CA THR E 136 -12.64 -20.85 44.03
C THR E 136 -12.26 -21.82 45.14
N PRO E 137 -12.94 -21.86 46.29
CA PRO E 137 -12.52 -22.80 47.34
C PRO E 137 -12.44 -24.23 46.86
N SER E 138 -13.45 -24.72 46.15
N SER E 138 -13.46 -24.72 46.15
CA SER E 138 -13.42 -26.07 45.63
CA SER E 138 -13.42 -26.07 45.63
C SER E 138 -12.32 -26.24 44.58
C SER E 138 -12.32 -26.24 44.58
N ARG E 139 -12.13 -25.22 43.73
CA ARG E 139 -11.09 -25.30 42.71
C ARG E 139 -9.71 -25.42 43.35
N VAL E 140 -9.43 -24.58 44.34
CA VAL E 140 -8.12 -24.64 45.01
C VAL E 140 -7.93 -25.99 45.66
N GLU E 141 -8.96 -26.50 46.34
CA GLU E 141 -8.83 -27.79 47.00
C GLU E 141 -8.53 -28.90 46.00
N ALA E 142 -9.23 -28.89 44.85
CA ALA E 142 -8.98 -29.92 43.84
C ALA E 142 -7.58 -29.79 43.26
N LEU E 143 -7.11 -28.56 43.05
CA LEU E 143 -5.78 -28.35 42.47
C LEU E 143 -4.69 -28.76 43.45
N VAL E 144 -4.84 -28.41 44.72
CA VAL E 144 -3.85 -28.81 45.72
C VAL E 144 -3.81 -30.32 45.86
N GLU E 145 -4.99 -30.95 45.91
CA GLU E 145 -5.04 -32.40 46.04
C GLU E 145 -4.33 -33.08 44.87
N ALA E 146 -4.38 -32.49 43.68
CA ALA E 146 -3.75 -33.07 42.51
C ALA E 146 -2.24 -32.83 42.47
N GLY E 147 -1.69 -32.06 43.40
CA GLY E 147 -0.26 -31.84 43.48
C GLY E 147 0.26 -30.56 42.86
N VAL E 148 -0.60 -29.56 42.64
CA VAL E 148 -0.14 -28.32 42.03
C VAL E 148 0.91 -27.68 42.92
N ASP E 149 1.90 -27.06 42.29
CA ASP E 149 2.98 -26.44 43.04
C ASP E 149 2.64 -25.01 43.47
N VAL E 150 1.86 -24.29 42.67
CA VAL E 150 1.56 -22.89 42.99
C VAL E 150 0.18 -22.57 42.46
N ILE E 151 -0.59 -21.85 43.29
CA ILE E 151 -1.89 -21.32 42.94
C ILE E 151 -1.70 -19.87 42.53
N VAL E 152 -2.24 -19.49 41.36
CA VAL E 152 -2.17 -18.13 40.87
C VAL E 152 -3.57 -17.54 40.95
N VAL E 153 -3.80 -16.66 41.92
CA VAL E 153 -5.06 -15.94 41.99
C VAL E 153 -4.93 -14.76 41.03
N ASP E 154 -5.43 -14.93 39.81
CA ASP E 154 -5.15 -14.00 38.73
C ASP E 154 -6.45 -13.35 38.26
N THR E 155 -6.52 -12.04 38.38
CA THR E 155 -7.63 -11.27 37.85
C THR E 155 -7.05 -10.08 37.10
N ALA E 156 -7.94 -9.34 36.44
CA ALA E 156 -7.54 -8.11 35.79
C ALA E 156 -7.10 -7.05 36.79
N HIS E 157 -7.54 -7.15 38.05
CA HIS E 157 -7.33 -6.06 39.01
C HIS E 157 -7.02 -6.67 40.38
N GLY E 158 -5.74 -6.95 40.61
CA GLY E 158 -5.31 -7.58 41.85
C GLY E 158 -5.35 -6.65 43.05
N HIS E 159 -5.39 -5.33 42.83
CA HIS E 159 -5.48 -4.37 43.93
C HIS E 159 -6.94 -4.20 44.36
N SER E 160 -7.52 -5.30 44.81
CA SER E 160 -8.93 -5.33 45.15
C SER E 160 -9.13 -6.21 46.38
N ALA E 161 -10.21 -5.93 47.12
CA ALA E 161 -10.51 -6.75 48.29
C ALA E 161 -10.65 -8.23 47.90
N GLY E 162 -11.27 -8.49 46.74
CA GLY E 162 -11.49 -9.87 46.36
C GLY E 162 -10.20 -10.66 46.24
N VAL E 163 -9.21 -10.08 45.56
CA VAL E 163 -7.96 -10.79 45.34
C VAL E 163 -7.14 -10.84 46.64
N ILE E 164 -7.04 -9.71 47.33
CA ILE E 164 -6.25 -9.67 48.56
C ILE E 164 -6.77 -10.70 49.55
N GLU E 165 -8.08 -10.75 49.77
CA GLU E 165 -8.63 -11.67 50.76
C GLU E 165 -8.58 -13.11 50.28
N ARG E 166 -8.66 -13.35 48.98
CA ARG E 166 -8.54 -14.73 48.48
C ARG E 166 -7.10 -15.22 48.57
N VAL E 167 -6.13 -14.34 48.35
CA VAL E 167 -4.73 -14.70 48.56
C VAL E 167 -4.51 -15.08 50.03
N ARG E 168 -5.02 -14.25 50.95
CA ARG E 168 -4.89 -14.56 52.37
C ARG E 168 -5.56 -15.89 52.70
N TRP E 169 -6.72 -16.14 52.10
CA TRP E 169 -7.44 -17.39 52.38
C TRP E 169 -6.65 -18.60 51.92
N VAL E 170 -6.00 -18.53 50.76
CA VAL E 170 -5.21 -19.66 50.28
C VAL E 170 -4.01 -19.89 51.19
N LYS E 171 -3.36 -18.80 51.62
CA LYS E 171 -2.18 -18.93 52.47
C LYS E 171 -2.54 -19.52 53.83
N GLN E 172 -3.65 -19.08 54.44
CA GLN E 172 -4.02 -19.58 55.75
C GLN E 172 -4.53 -21.02 55.68
N ASN E 173 -5.20 -21.40 54.59
CA ASN E 173 -5.85 -22.70 54.53
C ASN E 173 -5.03 -23.76 53.81
N PHE E 174 -4.15 -23.36 52.88
CA PHE E 174 -3.28 -24.30 52.18
C PHE E 174 -1.83 -23.82 52.27
N PRO E 175 -1.28 -23.76 53.47
CA PRO E 175 0.12 -23.33 53.63
C PRO E 175 1.11 -24.18 52.85
N GLN E 176 0.72 -25.40 52.45
CA GLN E 176 1.64 -26.29 51.75
C GLN E 176 1.80 -25.95 50.28
N VAL E 177 1.01 -25.02 49.74
CA VAL E 177 1.15 -24.60 48.35
C VAL E 177 1.60 -23.14 48.34
N GLN E 178 2.32 -22.77 47.28
CA GLN E 178 2.69 -21.40 47.06
C GLN E 178 1.53 -20.68 46.38
N VAL E 179 1.44 -19.37 46.62
CA VAL E 179 0.34 -18.59 46.06
C VAL E 179 0.87 -17.30 45.47
N ILE E 180 0.36 -16.94 44.30
CA ILE E 180 0.72 -15.71 43.61
C ILE E 180 -0.56 -14.87 43.44
N GLY E 181 -0.43 -13.56 43.61
CA GLY E 181 -1.54 -12.65 43.41
C GLY E 181 -1.24 -11.65 42.31
N GLY E 182 -2.29 -11.26 41.59
CA GLY E 182 -2.17 -10.29 40.52
C GLY E 182 -3.49 -10.14 39.80
N ASN E 183 -3.48 -9.28 38.78
CA ASN E 183 -2.31 -8.51 38.36
C ASN E 183 -2.31 -7.12 38.98
N ILE E 184 -1.12 -6.56 39.20
CA ILE E 184 -0.95 -5.26 39.82
C ILE E 184 0.02 -4.42 38.99
N ALA E 185 0.07 -3.12 39.32
CA ALA E 185 0.95 -2.22 38.60
C ALA E 185 1.58 -1.17 39.50
N THR E 186 1.38 -1.23 40.81
CA THR E 186 1.85 -0.18 41.71
C THR E 186 2.48 -0.81 42.96
N GLY E 187 3.38 -0.06 43.57
CA GLY E 187 3.97 -0.52 44.83
C GLY E 187 2.93 -0.69 45.94
N ASP E 188 1.93 0.21 45.97
CA ASP E 188 0.86 0.07 46.95
C ASP E 188 0.18 -1.29 46.84
N ALA E 189 -0.15 -1.70 45.61
CA ALA E 189 -0.81 -2.99 45.42
C ALA E 189 0.10 -4.13 45.86
N ALA E 190 1.40 -4.03 45.58
CA ALA E 190 2.32 -5.10 45.93
C ALA E 190 2.41 -5.25 47.45
N LEU E 191 2.43 -4.14 48.19
CA LEU E 191 2.50 -4.22 49.64
C LEU E 191 1.23 -4.82 50.22
N ALA E 192 0.07 -4.48 49.64
CA ALA E 192 -1.17 -5.09 50.08
C ALA E 192 -1.11 -6.61 49.92
N LEU E 193 -0.63 -7.08 48.77
CA LEU E 193 -0.56 -8.53 48.54
C LEU E 193 0.53 -9.16 49.40
N LEU E 194 1.66 -8.47 49.58
CA LEU E 194 2.70 -8.95 50.48
C LEU E 194 2.13 -9.20 51.87
N ASP E 195 1.42 -8.21 52.43
CA ASP E 195 0.93 -8.35 53.78
C ASP E 195 -0.19 -9.38 53.89
N ALA E 196 -0.85 -9.72 52.79
CA ALA E 196 -1.83 -10.80 52.80
C ALA E 196 -1.21 -12.19 52.73
N GLY E 197 0.10 -12.28 52.49
CA GLY E 197 0.79 -13.56 52.48
C GLY E 197 1.22 -14.06 51.12
N ALA E 198 1.11 -13.25 50.06
CA ALA E 198 1.52 -13.71 48.75
C ALA E 198 2.98 -14.14 48.76
N ASP E 199 3.29 -15.22 48.03
CA ASP E 199 4.65 -15.67 47.85
C ASP E 199 5.33 -15.03 46.64
N ALA E 200 4.55 -14.36 45.80
CA ALA E 200 5.04 -13.57 44.66
C ALA E 200 3.86 -12.75 44.17
N VAL E 201 4.16 -11.71 43.39
CA VAL E 201 3.10 -10.93 42.76
C VAL E 201 3.35 -10.93 41.25
N LYS E 202 2.26 -10.79 40.50
CA LYS E 202 2.32 -10.74 39.04
C LYS E 202 1.96 -9.33 38.59
N VAL E 203 2.82 -8.75 37.77
CA VAL E 203 2.77 -7.34 37.42
C VAL E 203 2.39 -7.21 35.95
N GLY E 204 1.36 -6.41 35.67
CA GLY E 204 0.97 -6.13 34.31
C GLY E 204 -0.48 -5.70 34.19
N ILE E 205 -0.70 -4.40 33.99
CA ILE E 205 -2.02 -3.84 33.70
C ILE E 205 -1.86 -3.02 32.44
N GLY E 206 -2.31 -3.55 31.30
CA GLY E 206 -2.26 -2.81 30.06
C GLY E 206 -1.26 -3.29 29.00
N PRO E 207 -0.15 -3.93 29.38
CA PRO E 207 0.92 -4.18 28.40
C PRO E 207 0.71 -5.36 27.46
N GLY E 208 -0.24 -6.25 27.73
CA GLY E 208 -0.37 -7.46 26.92
C GLY E 208 -0.55 -7.13 25.45
N SER E 209 -0.07 -8.04 24.59
CA SER E 209 -0.18 -7.83 23.15
C SER E 209 -1.63 -7.80 22.69
N ILE E 210 -2.50 -8.59 23.31
CA ILE E 210 -3.91 -8.64 22.95
C ILE E 210 -4.76 -7.73 23.83
N CYS E 211 -4.13 -6.84 24.60
CA CYS E 211 -4.85 -6.00 25.54
C CYS E 211 -5.55 -4.84 24.82
N THR E 212 -6.80 -4.59 25.21
CA THR E 212 -7.49 -3.36 24.84
C THR E 212 -7.95 -2.57 26.06
N THR E 213 -7.48 -2.96 27.26
CA THR E 213 -7.86 -2.22 28.46
C THR E 213 -7.48 -0.75 28.37
N ARG E 214 -6.34 -0.46 27.74
N ARG E 214 -6.34 -0.46 27.74
CA ARG E 214 -5.91 0.94 27.59
CA ARG E 214 -5.91 0.93 27.60
C ARG E 214 -6.95 1.74 26.81
C ARG E 214 -6.91 1.74 26.79
N ILE E 215 -7.54 1.13 25.78
CA ILE E 215 -8.51 1.83 24.95
C ILE E 215 -9.91 1.80 25.57
N VAL E 216 -10.30 0.66 26.13
CA VAL E 216 -11.65 0.51 26.65
C VAL E 216 -11.82 1.29 27.95
N ALA E 217 -10.85 1.18 28.85
CA ALA E 217 -10.96 1.77 30.17
C ALA E 217 -10.05 2.95 30.39
N GLY E 218 -9.11 3.21 29.47
CA GLY E 218 -8.15 4.26 29.69
C GLY E 218 -7.19 3.99 30.83
N ILE E 219 -7.03 2.72 31.19
CA ILE E 219 -6.27 2.27 32.36
C ILE E 219 -4.99 1.58 31.90
N GLY E 220 -3.91 1.82 32.63
CA GLY E 220 -2.69 1.08 32.34
C GLY E 220 -1.49 1.70 32.99
N MET E 221 -0.40 0.93 32.98
CA MET E 221 0.87 1.40 33.51
C MET E 221 1.99 0.86 32.61
N PRO E 222 2.73 1.72 31.91
CA PRO E 222 3.86 1.23 31.11
C PRO E 222 4.74 0.30 31.94
N GLN E 223 5.14 -0.82 31.32
CA GLN E 223 5.55 -1.99 32.10
C GLN E 223 6.88 -1.81 32.82
N ILE E 224 7.82 -1.06 32.25
CA ILE E 224 9.08 -0.82 32.95
C ILE E 224 8.84 -0.08 34.25
N SER E 225 8.01 0.97 34.22
CA SER E 225 7.70 1.70 35.45
C SER E 225 6.84 0.86 36.40
N ALA E 226 5.97 0.00 35.87
CA ALA E 226 5.22 -0.89 36.73
C ALA E 226 6.15 -1.83 37.48
N ILE E 227 7.10 -2.44 36.77
CA ILE E 227 8.05 -3.34 37.42
C ILE E 227 8.83 -2.59 38.49
N ASP E 228 9.33 -1.41 38.14
CA ASP E 228 10.12 -0.62 39.09
C ASP E 228 9.30 -0.23 40.32
N SER E 229 8.06 0.20 40.12
CA SER E 229 7.22 0.59 41.27
C SER E 229 7.03 -0.59 42.21
N VAL E 230 6.72 -1.76 41.66
CA VAL E 230 6.50 -2.94 42.48
C VAL E 230 7.81 -3.41 43.09
N ALA E 231 8.87 -3.53 42.29
CA ALA E 231 10.14 -4.00 42.83
C ALA E 231 10.65 -3.09 43.93
N SER E 232 10.51 -1.77 43.76
CA SER E 232 11.03 -0.84 44.75
C SER E 232 10.30 -0.95 46.09
N ALA E 233 8.99 -1.24 46.05
CA ALA E 233 8.25 -1.36 47.30
C ALA E 233 8.53 -2.69 48.00
N LEU E 234 8.69 -3.77 47.23
CA LEU E 234 8.87 -5.09 47.82
C LEU E 234 10.23 -5.25 48.50
N LYS E 235 11.25 -4.55 48.03
CA LYS E 235 12.60 -4.66 48.59
C LYS E 235 13.03 -6.13 48.67
N ASP E 236 12.72 -6.90 47.63
CA ASP E 236 13.12 -8.29 47.45
C ASP E 236 12.53 -9.22 48.50
N GLN E 237 11.50 -8.80 49.23
CA GLN E 237 10.88 -9.71 50.19
C GLN E 237 10.21 -10.88 49.49
N ILE E 238 9.56 -10.62 48.36
CA ILE E 238 9.08 -11.66 47.45
C ILE E 238 9.40 -11.24 46.02
N PRO E 239 9.50 -12.21 45.11
CA PRO E 239 9.76 -11.88 43.71
C PRO E 239 8.50 -11.46 42.98
N LEU E 240 8.69 -10.85 41.82
CA LEU E 240 7.58 -10.43 40.98
C LEU E 240 7.73 -11.05 39.59
N ILE E 241 6.58 -11.33 38.98
CA ILE E 241 6.50 -11.88 37.63
C ILE E 241 6.08 -10.74 36.70
N ALA E 242 6.93 -10.43 35.72
CA ALA E 242 6.60 -9.40 34.74
C ALA E 242 5.74 -10.01 33.63
N ASP E 243 4.46 -9.68 33.62
CA ASP E 243 3.46 -10.37 32.80
C ASP E 243 2.93 -9.44 31.71
N GLY E 244 3.31 -9.73 30.47
CA GLY E 244 2.70 -9.11 29.31
C GLY E 244 3.62 -8.11 28.63
N GLY E 245 3.39 -7.92 27.33
CA GLY E 245 4.14 -6.94 26.55
C GLY E 245 5.51 -7.39 26.10
N ILE E 246 5.91 -8.62 26.39
CA ILE E 246 7.21 -9.15 25.95
C ILE E 246 7.09 -9.53 24.48
N ARG E 247 7.81 -8.81 23.61
CA ARG E 247 7.83 -9.14 22.19
C ARG E 247 9.16 -9.71 21.72
N PHE E 248 10.26 -9.29 22.33
CA PHE E 248 11.60 -9.71 21.95
C PHE E 248 12.35 -10.17 23.19
N SER E 249 13.40 -10.95 22.97
CA SER E 249 14.26 -11.33 24.10
C SER E 249 14.81 -10.09 24.80
N GLY E 250 15.10 -9.02 24.05
CA GLY E 250 15.56 -7.80 24.68
C GLY E 250 14.61 -7.27 25.74
N ASP E 251 13.30 -7.44 25.53
CA ASP E 251 12.32 -7.01 26.54
C ASP E 251 12.50 -7.79 27.84
N MET E 252 12.84 -9.08 27.75
N MET E 252 12.83 -9.08 27.74
CA MET E 252 13.04 -9.87 28.95
CA MET E 252 13.04 -9.88 28.95
C MET E 252 14.21 -9.35 29.77
C MET E 252 14.20 -9.33 29.77
N ALA E 253 15.33 -9.02 29.10
CA ALA E 253 16.47 -8.48 29.81
C ALA E 253 16.10 -7.16 30.48
N LYS E 254 15.38 -6.29 29.76
CA LYS E 254 14.97 -5.02 30.36
C LYS E 254 14.08 -5.23 31.58
N ALA E 255 13.13 -6.18 31.48
CA ALA E 255 12.22 -6.41 32.60
C ALA E 255 12.97 -6.90 33.83
N ILE E 256 13.94 -7.79 33.64
CA ILE E 256 14.70 -8.30 34.79
C ILE E 256 15.60 -7.21 35.34
N GLY E 257 16.27 -6.44 34.46
CA GLY E 257 17.06 -5.32 34.93
C GLY E 257 16.24 -4.30 35.70
N ALA E 258 14.95 -4.15 35.36
CA ALA E 258 14.07 -3.25 36.09
C ALA E 258 13.60 -3.82 37.41
N GLY E 259 13.83 -5.10 37.68
CA GLY E 259 13.49 -5.66 38.97
C GLY E 259 12.72 -6.97 38.94
N ALA E 260 12.31 -7.42 37.75
CA ALA E 260 11.56 -8.66 37.66
C ALA E 260 12.45 -9.86 37.96
N SER E 261 11.84 -10.92 38.47
CA SER E 261 12.52 -12.19 38.71
C SER E 261 12.19 -13.24 37.65
N THR E 262 10.99 -13.18 37.10
CA THR E 262 10.56 -14.04 36.00
C THR E 262 9.72 -13.20 35.04
N ILE E 263 9.53 -13.77 33.84
N ILE E 263 9.52 -13.72 33.82
CA ILE E 263 8.73 -13.19 32.77
CA ILE E 263 8.66 -13.04 32.84
C ILE E 263 7.61 -14.15 32.42
C ILE E 263 7.66 -14.05 32.29
N MET E 264 6.40 -13.63 32.24
CA MET E 264 5.31 -14.44 31.72
C MET E 264 4.99 -13.97 30.30
N VAL E 265 4.84 -14.92 29.38
CA VAL E 265 4.58 -14.60 27.98
C VAL E 265 3.39 -15.41 27.50
N GLY E 266 2.56 -14.78 26.66
CA GLY E 266 1.52 -15.48 25.93
C GLY E 266 1.79 -15.50 24.44
N SER E 267 1.83 -14.31 23.81
N SER E 267 1.81 -14.31 23.81
CA SER E 267 1.97 -14.25 22.36
CA SER E 267 1.98 -14.23 22.37
C SER E 267 3.20 -15.03 21.87
C SER E 267 3.19 -15.03 21.90
N LEU E 268 4.31 -14.97 22.63
CA LEU E 268 5.53 -15.61 22.17
C LEU E 268 5.41 -17.14 22.13
N LEU E 269 4.58 -17.72 23.00
CA LEU E 269 4.36 -19.16 23.00
C LEU E 269 3.09 -19.59 22.27
N ALA E 270 2.16 -18.66 22.04
CA ALA E 270 1.03 -18.95 21.16
C ALA E 270 1.53 -19.37 19.80
N GLY E 271 0.84 -20.31 19.17
CA GLY E 271 1.21 -20.80 17.87
C GLY E 271 2.27 -21.88 17.86
N THR E 272 2.87 -22.20 19.00
CA THR E 272 3.78 -23.33 19.06
C THR E 272 3.00 -24.63 19.03
N GLU E 273 3.71 -25.72 18.73
CA GLU E 273 3.04 -27.02 18.65
C GLU E 273 2.39 -27.39 19.97
N GLU E 274 3.02 -27.04 21.09
CA GLU E 274 2.52 -27.47 22.40
C GLU E 274 1.36 -26.63 22.89
N ALA E 275 1.15 -25.45 22.32
CA ALA E 275 0.03 -24.61 22.73
C ALA E 275 -1.29 -25.27 22.33
N PRO E 276 -2.35 -25.03 23.09
CA PRO E 276 -3.66 -25.61 22.75
C PRO E 276 -4.13 -25.12 21.38
N GLY E 277 -5.03 -25.89 20.78
CA GLY E 277 -5.63 -25.52 19.52
C GLY E 277 -4.97 -26.22 18.34
N GLU E 278 -5.72 -26.32 17.25
CA GLU E 278 -5.24 -26.93 16.03
C GLU E 278 -4.60 -25.88 15.11
N VAL E 279 -3.63 -26.33 14.32
CA VAL E 279 -3.10 -25.49 13.26
C VAL E 279 -4.15 -25.37 12.16
N GLU E 280 -4.30 -24.17 11.62
CA GLU E 280 -5.31 -23.93 10.60
C GLU E 280 -4.67 -23.39 9.33
N PHE E 281 -5.12 -23.93 8.19
CA PHE E 281 -4.64 -23.51 6.88
C PHE E 281 -5.36 -22.24 6.47
N PHE E 282 -4.60 -21.20 6.12
CA PHE E 282 -5.20 -19.92 5.73
C PHE E 282 -4.22 -19.19 4.82
N GLN E 283 -4.58 -19.05 3.55
CA GLN E 283 -3.69 -18.42 2.56
C GLN E 283 -2.42 -19.26 2.40
N GLY E 284 -2.58 -20.58 2.36
CA GLY E 284 -1.46 -21.49 2.23
C GLY E 284 -0.65 -21.71 3.48
N ARG E 285 -0.74 -20.83 4.46
CA ARG E 285 0.10 -20.87 5.65
C ARG E 285 -0.65 -21.43 6.85
N TYR E 286 0.12 -21.88 7.84
CA TYR E 286 -0.43 -22.44 9.07
C TYR E 286 -0.43 -21.40 10.18
N TYR E 287 -1.51 -21.36 10.94
CA TYR E 287 -1.66 -20.46 12.07
C TYR E 287 -2.24 -21.23 13.25
N LYS E 288 -2.20 -20.59 14.42
CA LYS E 288 -3.00 -21.01 15.56
C LYS E 288 -3.69 -19.79 16.12
N ALA E 289 -4.79 -20.03 16.83
CA ALA E 289 -5.54 -18.95 17.44
C ALA E 289 -4.81 -18.41 18.67
N TYR E 290 -4.95 -17.10 18.88
CA TYR E 290 -4.47 -16.45 20.10
C TYR E 290 -5.48 -15.38 20.47
N ARG E 291 -5.95 -15.40 21.72
CA ARG E 291 -7.01 -14.49 22.11
C ARG E 291 -6.85 -14.11 23.57
N GLY E 292 -7.17 -12.86 23.88
CA GLY E 292 -7.21 -12.44 25.27
C GLY E 292 -8.29 -13.19 26.03
N MET E 293 -8.03 -13.42 27.31
CA MET E 293 -9.06 -14.05 28.15
C MET E 293 -10.22 -13.12 28.44
N GLY E 294 -10.09 -11.84 28.10
CA GLY E 294 -11.20 -10.89 28.18
C GLY E 294 -11.77 -10.58 26.81
N SER E 295 -11.46 -11.41 25.83
CA SER E 295 -12.05 -11.29 24.51
C SER E 295 -13.48 -11.83 24.51
N LEU E 296 -14.24 -11.45 23.48
CA LEU E 296 -15.60 -11.95 23.34
C LEU E 296 -15.63 -13.47 23.36
N GLY E 297 -14.80 -14.10 22.52
CA GLY E 297 -14.79 -15.56 22.46
C GLY E 297 -14.47 -16.20 23.80
N ALA E 298 -13.39 -15.73 24.45
CA ALA E 298 -13.01 -16.31 25.74
C ALA E 298 -14.12 -16.17 26.76
N MET E 299 -14.89 -15.08 26.72
CA MET E 299 -15.91 -14.87 27.73
C MET E 299 -17.18 -15.66 27.44
N ALA E 300 -17.47 -15.95 26.18
CA ALA E 300 -18.64 -16.75 25.81
C ALA E 300 -18.37 -18.23 25.96
N LYS E 319 -22.41 -7.93 32.50
CA LYS E 319 -21.44 -8.51 31.58
C LYS E 319 -20.38 -7.46 31.18
N LEU E 320 -19.14 -7.72 31.56
CA LEU E 320 -18.05 -6.82 31.18
C LEU E 320 -17.96 -6.69 29.67
N VAL E 321 -17.74 -5.47 29.19
CA VAL E 321 -17.43 -5.27 27.79
C VAL E 321 -16.05 -5.88 27.55
N PRO E 322 -15.77 -6.44 26.36
CA PRO E 322 -14.50 -7.10 26.14
C PRO E 322 -13.30 -6.16 26.29
N GLU E 323 -12.19 -6.71 26.81
CA GLU E 323 -10.95 -5.96 26.95
C GLU E 323 -9.78 -6.69 26.30
N GLY E 324 -10.04 -7.65 25.42
CA GLY E 324 -8.99 -8.30 24.67
C GLY E 324 -9.46 -8.62 23.27
N ILE E 325 -8.49 -8.83 22.38
CA ILE E 325 -8.79 -9.16 21.00
C ILE E 325 -8.52 -10.64 20.75
N GLU E 326 -9.03 -11.13 19.63
CA GLU E 326 -8.83 -12.51 19.19
C GLU E 326 -8.24 -12.47 17.79
N GLY E 327 -7.20 -13.27 17.56
CA GLY E 327 -6.60 -13.30 16.25
C GLY E 327 -5.88 -14.60 15.93
N ARG E 328 -5.11 -14.59 14.86
CA ARG E 328 -4.26 -15.71 14.48
C ARG E 328 -2.80 -15.33 14.68
N VAL E 329 -1.99 -16.32 15.05
CA VAL E 329 -0.55 -16.13 15.09
C VAL E 329 0.10 -17.20 14.23
N PRO E 330 1.20 -16.90 13.55
CA PRO E 330 1.83 -17.90 12.68
C PRO E 330 2.31 -19.11 13.48
N TYR E 331 2.24 -20.27 12.83
CA TYR E 331 2.72 -21.51 13.43
C TYR E 331 4.23 -21.46 13.65
N LYS E 332 4.66 -21.85 14.86
CA LYS E 332 6.06 -21.68 15.26
C LYS E 332 6.81 -22.99 15.47
N GLY E 333 6.16 -24.13 15.29
CA GLY E 333 6.79 -25.41 15.56
C GLY E 333 6.95 -25.66 17.05
N PRO E 334 7.82 -26.59 17.40
CA PRO E 334 8.01 -26.93 18.82
C PRO E 334 8.46 -25.71 19.63
N MET E 335 7.91 -25.60 20.84
CA MET E 335 8.18 -24.42 21.67
C MET E 335 9.64 -24.35 22.08
N GLY E 336 10.34 -25.49 22.11
CA GLY E 336 11.73 -25.47 22.51
C GLY E 336 12.57 -24.52 21.68
N ASN E 337 12.27 -24.42 20.39
CA ASN E 337 13.01 -23.52 19.50
C ASN E 337 12.89 -22.07 19.99
N ILE E 338 11.65 -21.59 20.12
CA ILE E 338 11.46 -20.19 20.52
C ILE E 338 12.03 -19.95 21.90
N VAL E 339 11.85 -20.90 22.82
CA VAL E 339 12.44 -20.76 24.15
C VAL E 339 13.96 -20.65 24.05
N HIS E 340 14.58 -21.49 23.21
CA HIS E 340 16.03 -21.41 23.03
C HIS E 340 16.45 -20.04 22.48
N GLN E 341 15.72 -19.53 21.48
CA GLN E 341 16.02 -18.21 20.94
C GLN E 341 15.93 -17.14 22.02
N MET E 342 14.83 -17.14 22.78
CA MET E 342 14.61 -16.10 23.78
C MET E 342 15.70 -16.14 24.85
N MET E 343 16.00 -17.34 25.36
CA MET E 343 17.02 -17.44 26.40
C MET E 343 18.41 -17.10 25.86
N GLY E 344 18.66 -17.38 24.58
CA GLY E 344 19.93 -16.99 24.00
C GLY E 344 20.11 -15.48 23.96
N GLY E 345 19.02 -14.75 23.66
CA GLY E 345 19.09 -13.30 23.71
C GLY E 345 19.34 -12.77 25.11
N LEU E 346 18.68 -13.38 26.10
CA LEU E 346 18.91 -12.97 27.48
C LEU E 346 20.36 -13.23 27.89
N ARG E 347 20.90 -14.40 27.50
CA ARG E 347 22.31 -14.70 27.76
C ARG E 347 23.22 -13.64 27.15
N SER E 348 22.94 -13.24 25.90
N SER E 348 22.95 -13.24 25.91
CA SER E 348 23.72 -12.20 25.27
CA SER E 348 23.76 -12.19 25.30
C SER E 348 23.68 -10.93 26.09
C SER E 348 23.65 -10.89 26.09
N SER E 349 22.48 -10.50 26.49
N SER E 349 22.43 -10.52 26.48
CA SER E 349 22.33 -9.29 27.30
CA SER E 349 22.24 -9.33 27.32
C SER E 349 23.12 -9.38 28.59
C SER E 349 23.10 -9.40 28.58
N MET E 350 23.09 -10.55 29.25
CA MET E 350 23.83 -10.68 30.50
C MET E 350 25.33 -10.65 30.26
N GLY E 351 25.78 -11.19 29.12
CA GLY E 351 27.18 -11.01 28.76
C GLY E 351 27.56 -9.55 28.59
N TYR E 352 26.70 -8.78 27.93
CA TYR E 352 26.96 -7.35 27.74
C TYR E 352 27.00 -6.60 29.08
N THR E 353 26.21 -7.02 30.06
CA THR E 353 26.14 -6.31 31.33
C THR E 353 27.06 -6.90 32.39
N GLY E 354 27.84 -7.91 32.06
CA GLY E 354 28.68 -8.55 33.05
C GLY E 354 27.92 -9.27 34.14
N SER E 355 26.73 -9.79 33.82
CA SER E 355 25.84 -10.42 34.81
C SER E 355 25.99 -11.93 34.70
N ALA E 356 26.66 -12.53 35.70
CA ALA E 356 26.88 -13.98 35.68
C ALA E 356 25.64 -14.74 36.13
N VAL E 357 24.78 -14.11 36.93
CA VAL E 357 23.56 -14.74 37.43
C VAL E 357 22.45 -13.70 37.36
N ILE E 358 21.20 -14.19 37.45
CA ILE E 358 20.05 -13.31 37.28
C ILE E 358 20.10 -12.16 38.27
N GLU E 359 20.47 -12.44 39.53
CA GLU E 359 20.48 -11.39 40.55
C GLU E 359 21.48 -10.30 40.24
N ASP E 360 22.55 -10.62 39.49
CA ASP E 360 23.47 -9.57 39.06
C ASP E 360 22.77 -8.56 38.16
N LEU E 361 21.98 -9.05 37.21
CA LEU E 361 21.26 -8.14 36.32
C LEU E 361 20.22 -7.33 37.08
N ARG E 362 19.49 -7.98 38.00
CA ARG E 362 18.49 -7.26 38.79
C ARG E 362 19.14 -6.15 39.62
N GLN E 363 20.33 -6.41 40.16
CA GLN E 363 20.95 -5.45 41.06
C GLN E 363 21.75 -4.38 40.34
N ASN E 364 22.42 -4.71 39.23
CA ASN E 364 23.41 -3.82 38.63
C ASN E 364 22.97 -3.19 37.32
N ALA E 365 21.78 -3.50 36.82
CA ALA E 365 21.37 -2.96 35.53
C ALA E 365 21.38 -1.44 35.54
N LYS E 366 21.87 -0.85 34.47
CA LYS E 366 21.80 0.58 34.26
C LYS E 366 21.16 0.84 32.90
N PHE E 367 20.25 1.80 32.86
CA PHE E 367 19.48 2.12 31.68
C PHE E 367 19.78 3.54 31.21
N VAL E 368 19.50 3.78 29.94
CA VAL E 368 19.31 5.12 29.42
C VAL E 368 17.91 5.20 28.86
N LYS E 369 17.32 6.39 28.94
CA LYS E 369 16.06 6.67 28.28
C LYS E 369 16.35 7.16 26.87
N ILE E 370 15.55 6.70 25.92
CA ILE E 370 15.75 7.07 24.53
C ILE E 370 14.50 7.79 24.02
N THR E 371 14.68 8.55 22.95
CA THR E 371 13.61 9.33 22.36
C THR E 371 12.87 8.49 21.32
N SER E 372 11.84 9.09 20.71
CA SER E 372 11.10 8.41 19.67
C SER E 372 11.96 8.14 18.42
N ALA E 373 13.03 8.91 18.23
CA ALA E 373 13.88 8.69 17.06
C ALA E 373 14.60 7.35 17.12
N GLY E 374 14.86 6.85 18.32
CA GLY E 374 15.55 5.57 18.48
C GLY E 374 14.66 4.46 19.02
N SER F 16 12.81 33.11 24.40
CA SER F 16 13.17 34.15 25.36
C SER F 16 12.01 35.13 25.55
N MET F 17 11.50 35.67 24.44
CA MET F 17 10.22 36.37 24.46
C MET F 17 9.05 35.43 24.22
N LEU F 18 9.33 34.18 23.86
CA LEU F 18 8.28 33.20 23.56
C LEU F 18 7.59 32.77 24.85
N THR F 19 6.29 33.03 24.95
CA THR F 19 5.52 32.67 26.15
C THR F 19 4.91 31.30 25.92
N ILE F 20 5.49 30.28 26.54
CA ILE F 20 4.95 28.92 26.52
C ILE F 20 4.34 28.66 27.90
N VAL F 21 3.01 28.60 27.94
CA VAL F 21 2.31 28.52 29.22
C VAL F 21 2.55 27.17 29.87
N GLN F 22 2.55 26.10 29.09
CA GLN F 22 2.74 24.75 29.63
C GLN F 22 2.96 23.80 28.46
N GLU F 23 3.42 22.58 28.78
CA GLU F 23 3.28 21.47 27.87
C GLU F 23 1.89 20.87 28.07
N ALA F 24 1.06 20.95 27.05
CA ALA F 24 -0.35 20.58 27.16
C ALA F 24 -0.57 19.15 26.69
N LEU F 25 -1.47 18.44 27.36
CA LEU F 25 -1.66 17.00 27.22
C LEU F 25 -2.99 16.68 26.57
N THR F 26 -3.00 15.67 25.71
CA THR F 26 -4.22 15.15 25.12
C THR F 26 -4.52 13.78 25.73
N PHE F 27 -5.63 13.18 25.29
CA PHE F 27 -6.05 11.89 25.84
C PHE F 27 -4.95 10.85 25.71
N ASP F 28 -4.29 10.78 24.55
CA ASP F 28 -3.28 9.75 24.32
C ASP F 28 -2.00 9.97 25.12
N ASP F 29 -1.82 11.14 25.73
CA ASP F 29 -0.62 11.41 26.52
C ASP F 29 -0.67 10.81 27.92
N VAL F 30 -1.82 10.35 28.40
CA VAL F 30 -1.97 9.96 29.80
C VAL F 30 -2.71 8.62 29.91
N LEU F 31 -2.48 7.95 31.03
CA LEU F 31 -3.24 6.77 31.43
C LEU F 31 -3.68 6.93 32.87
N LEU F 32 -4.89 6.44 33.16
CA LEU F 32 -5.36 6.35 34.53
C LEU F 32 -4.68 5.17 35.22
N LEU F 33 -4.30 5.38 36.47
CA LEU F 33 -3.70 4.31 37.27
C LEU F 33 -4.79 3.49 37.98
N PRO F 34 -4.64 2.17 38.02
CA PRO F 34 -5.50 1.36 38.88
C PRO F 34 -5.23 1.69 40.34
N ALA F 35 -6.26 1.53 41.17
CA ALA F 35 -6.19 1.87 42.57
C ALA F 35 -6.98 0.82 43.35
N TYR F 36 -6.81 0.82 44.67
CA TYR F 36 -7.54 -0.13 45.50
C TYR F 36 -9.03 0.02 45.27
N SER F 37 -9.70 -1.11 45.00
CA SER F 37 -11.11 -1.06 44.65
C SER F 37 -11.90 -2.12 45.39
N THR F 38 -13.08 -1.72 45.86
CA THR F 38 -14.08 -2.66 46.36
C THR F 38 -15.39 -2.49 45.60
N VAL F 39 -15.33 -2.05 44.35
CA VAL F 39 -16.53 -1.88 43.54
C VAL F 39 -16.34 -2.57 42.20
N LEU F 40 -17.30 -3.34 41.80
CA LEU F 40 -17.31 -4.00 40.51
C LEU F 40 -17.92 -3.08 39.46
N PRO F 41 -17.45 -3.17 38.23
CA PRO F 41 -18.00 -2.30 37.17
C PRO F 41 -19.52 -2.30 37.12
N LYS F 42 -20.16 -3.45 37.35
CA LYS F 42 -21.61 -3.50 37.24
C LYS F 42 -22.33 -2.71 38.33
N ASP F 43 -21.62 -2.33 39.40
CA ASP F 43 -22.25 -1.65 40.52
C ASP F 43 -21.93 -0.17 40.60
N VAL F 44 -21.13 0.38 39.68
CA VAL F 44 -20.82 1.80 39.77
C VAL F 44 -22.02 2.61 39.32
N SER F 45 -22.11 3.84 39.82
CA SER F 45 -23.17 4.76 39.43
C SER F 45 -22.60 5.78 38.47
N LEU F 46 -23.27 5.95 37.33
CA LEU F 46 -22.86 6.91 36.32
C LEU F 46 -23.61 8.23 36.41
N LYS F 47 -24.38 8.45 37.47
CA LYS F 47 -25.12 9.71 37.63
C LYS F 47 -24.17 10.89 37.75
N THR F 48 -24.54 12.00 37.15
CA THR F 48 -23.67 13.18 37.14
C THR F 48 -24.54 14.40 36.87
N ARG F 49 -23.93 15.58 36.87
CA ARG F 49 -24.68 16.80 36.62
C ARG F 49 -24.23 17.44 35.32
N LEU F 50 -25.20 17.80 34.48
CA LEU F 50 -24.95 18.54 33.25
C LEU F 50 -24.71 20.00 33.55
N THR F 51 -25.55 20.59 34.39
CA THR F 51 -25.42 21.96 34.87
C THR F 51 -25.61 21.97 36.37
N ARG F 52 -25.51 23.14 36.99
CA ARG F 52 -25.76 23.12 38.42
C ARG F 52 -27.20 22.78 38.75
N GLY F 53 -28.11 22.84 37.78
CA GLY F 53 -29.51 22.54 38.04
C GLY F 53 -30.03 21.27 37.40
N ILE F 54 -29.26 20.66 36.50
CA ILE F 54 -29.71 19.49 35.74
C ILE F 54 -28.75 18.34 35.99
N TYR F 55 -29.28 17.23 36.50
CA TYR F 55 -28.53 16.00 36.63
C TYR F 55 -28.91 15.02 35.53
N LEU F 56 -27.97 14.16 35.17
CA LEU F 56 -28.14 13.10 34.19
C LEU F 56 -27.87 11.76 34.85
N ASN F 57 -28.39 10.70 34.23
CA ASN F 57 -28.11 9.35 34.71
C ASN F 57 -26.90 8.72 34.04
N ILE F 58 -26.43 9.27 32.92
CA ILE F 58 -25.12 8.94 32.37
C ILE F 58 -24.46 10.21 31.85
N PRO F 59 -23.12 10.25 31.85
CA PRO F 59 -22.43 11.51 31.55
C PRO F 59 -22.26 11.80 30.07
N LEU F 60 -23.21 11.38 29.24
CA LEU F 60 -23.08 11.48 27.80
C LEU F 60 -24.04 12.53 27.24
N VAL F 61 -23.53 13.36 26.33
CA VAL F 61 -24.28 14.41 25.67
C VAL F 61 -24.02 14.29 24.17
N SER F 62 -25.07 14.33 23.35
CA SER F 62 -24.92 14.28 21.91
C SER F 62 -24.68 15.68 21.34
N ALA F 63 -23.77 15.76 20.36
CA ALA F 63 -23.29 17.04 19.86
C ALA F 63 -24.36 17.80 19.10
N ALA F 64 -24.30 19.13 19.18
CA ALA F 64 -25.25 19.99 18.48
C ALA F 64 -24.77 20.18 17.03
N MET F 65 -24.91 19.10 16.26
CA MET F 65 -24.46 19.05 14.88
C MET F 65 -25.57 18.50 13.99
N ASP F 66 -25.68 19.06 12.77
CA ASP F 66 -26.79 18.66 11.92
C ASP F 66 -26.61 17.27 11.31
N THR F 67 -25.56 16.54 11.68
CA THR F 67 -25.46 15.12 11.35
C THR F 67 -25.45 14.25 12.60
N VAL F 68 -25.81 14.81 13.77
CA VAL F 68 -25.80 14.04 15.01
C VAL F 68 -27.14 14.14 15.74
N THR F 69 -27.59 15.35 16.07
CA THR F 69 -28.69 15.55 17.01
C THR F 69 -29.83 16.38 16.40
N GLU F 70 -30.91 15.70 16.03
CA GLU F 70 -32.24 16.29 15.95
C GLU F 70 -33.14 15.50 16.90
N SER F 71 -34.46 15.68 16.76
CA SER F 71 -35.37 15.20 17.81
C SER F 71 -35.22 13.69 18.03
N ARG F 72 -35.04 12.90 16.97
CA ARG F 72 -34.92 11.46 17.14
C ARG F 72 -33.73 11.09 18.00
N MET F 73 -32.57 11.72 17.76
CA MET F 73 -31.41 11.47 18.61
C MET F 73 -31.64 11.97 20.02
N ALA F 74 -32.20 13.17 20.17
CA ALA F 74 -32.42 13.74 21.50
C ALA F 74 -33.32 12.84 22.34
N ILE F 75 -34.38 12.30 21.73
CA ILE F 75 -35.26 11.38 22.45
C ILE F 75 -34.47 10.16 22.94
N ALA F 76 -33.69 9.56 22.03
CA ALA F 76 -32.92 8.38 22.39
C ALA F 76 -31.89 8.69 23.49
N MET F 77 -31.23 9.85 23.40
CA MET F 77 -30.26 10.22 24.43
C MET F 77 -30.93 10.32 25.79
N ALA F 78 -32.08 10.99 25.85
CA ALA F 78 -32.76 11.15 27.14
C ALA F 78 -33.30 9.80 27.64
N GLN F 79 -33.74 8.94 26.72
CA GLN F 79 -34.22 7.62 27.12
C GLN F 79 -33.10 6.79 27.76
N ASN F 80 -31.86 7.02 27.35
CA ASN F 80 -30.71 6.30 27.88
C ASN F 80 -30.08 6.98 29.10
N GLY F 81 -30.65 8.09 29.56
CA GLY F 81 -30.15 8.77 30.73
C GLY F 81 -29.27 9.98 30.46
N GLY F 82 -28.95 10.25 29.20
CA GLY F 82 -28.20 11.42 28.82
C GLY F 82 -29.10 12.52 28.29
N ILE F 83 -28.55 13.35 27.42
CA ILE F 83 -29.32 14.44 26.83
C ILE F 83 -28.74 14.79 25.47
N GLY F 84 -29.57 15.34 24.60
CA GLY F 84 -29.14 15.78 23.29
C GLY F 84 -29.27 17.29 23.16
N ILE F 85 -28.33 17.90 22.44
CA ILE F 85 -28.36 19.33 22.15
C ILE F 85 -28.74 19.48 20.69
N LEU F 86 -29.99 19.91 20.45
CA LEU F 86 -30.45 20.17 19.09
C LEU F 86 -29.58 21.24 18.44
N HIS F 87 -29.11 20.94 17.23
CA HIS F 87 -28.28 21.89 16.50
C HIS F 87 -29.11 23.09 16.03
N LYS F 88 -28.41 24.19 15.75
CA LYS F 88 -29.07 25.43 15.35
C LYS F 88 -28.98 25.70 13.86
N ASN F 89 -28.60 24.71 13.06
CA ASN F 89 -28.59 24.88 11.61
C ASN F 89 -29.98 24.65 11.04
N MET F 90 -30.97 25.35 11.62
CA MET F 90 -32.34 25.21 11.18
C MET F 90 -33.13 26.42 11.65
N ASP F 91 -34.29 26.63 11.04
CA ASP F 91 -35.11 27.79 11.35
C ASP F 91 -35.55 27.75 12.81
N ILE F 92 -35.79 28.95 13.37
CA ILE F 92 -36.27 29.02 14.75
C ILE F 92 -37.51 28.16 14.91
N ALA F 93 -38.47 28.29 13.99
CA ALA F 93 -39.69 27.49 14.05
C ALA F 93 -39.37 26.00 14.03
N ALA F 94 -38.43 25.58 13.18
CA ALA F 94 -38.07 24.17 13.10
C ALA F 94 -37.45 23.70 14.41
N GLN F 95 -36.51 24.47 14.94
CA GLN F 95 -35.85 24.07 16.19
C GLN F 95 -36.84 23.99 17.33
N ALA F 96 -37.80 24.92 17.38
CA ALA F 96 -38.80 24.89 18.44
C ALA F 96 -39.70 23.67 18.31
N ALA F 97 -40.11 23.34 17.08
CA ALA F 97 -40.87 22.12 16.86
C ALA F 97 -40.08 20.89 17.30
N GLU F 98 -38.78 20.87 17.01
CA GLU F 98 -37.94 19.77 17.47
C GLU F 98 -38.00 19.63 19.00
N VAL F 99 -37.95 20.77 19.70
CA VAL F 99 -38.04 20.73 21.17
C VAL F 99 -39.38 20.14 21.60
N ARG F 100 -40.48 20.64 21.02
CA ARG F 100 -41.80 20.13 21.40
C ARG F 100 -41.92 18.63 21.13
N ARG F 101 -41.28 18.14 20.06
CA ARG F 101 -41.31 16.71 19.78
C ARG F 101 -40.73 15.89 20.94
N VAL F 102 -39.65 16.39 21.54
CA VAL F 102 -39.02 15.67 22.64
C VAL F 102 -39.86 15.81 23.91
N LYS F 103 -40.26 17.04 24.24
CA LYS F 103 -41.00 17.27 25.48
C LYS F 103 -42.32 16.49 25.50
N LYS F 104 -42.94 16.31 24.33
CA LYS F 104 -44.23 15.63 24.24
C LYS F 104 -44.11 14.16 23.92
N PHE F 105 -42.91 13.65 23.67
CA PHE F 105 -42.76 12.24 23.33
C PHE F 105 -43.34 11.36 24.43
N GLU F 106 -44.09 10.35 24.03
CA GLU F 106 -44.66 9.37 24.94
C GLU F 106 -44.23 7.98 24.52
N ALA F 107 -43.65 7.23 25.44
CA ALA F 107 -43.13 5.91 25.12
C ALA F 107 -44.26 4.91 24.93
N GLY F 108 -43.97 3.86 24.16
CA GLY F 108 -44.95 2.84 23.89
C GLY F 108 -45.34 2.07 25.14
N LYS F 109 -46.43 1.31 25.01
CA LYS F 109 -46.96 0.55 26.13
C LYS F 109 -46.04 -0.59 26.55
N ALA F 110 -45.14 -1.02 25.67
CA ALA F 110 -44.14 -2.03 26.02
C ALA F 110 -42.74 -1.44 25.88
N GLU F 111 -42.51 -0.28 26.50
CA GLU F 111 -41.26 0.44 26.35
C GLU F 111 -40.81 0.91 27.72
N SER F 112 -39.92 0.13 28.35
CA SER F 112 -39.40 0.44 29.68
C SER F 112 -38.02 1.07 29.52
N TYR F 113 -37.91 2.35 29.92
CA TYR F 113 -36.64 3.09 29.95
C TYR F 113 -36.46 3.61 31.37
N PRO F 114 -36.00 2.75 32.29
CA PRO F 114 -35.97 3.15 33.70
C PRO F 114 -34.93 4.20 34.03
N ASN F 115 -33.92 4.40 33.18
CA ASN F 115 -32.89 5.42 33.43
C ASN F 115 -33.15 6.70 32.65
N SER F 116 -34.37 6.91 32.19
CA SER F 116 -34.69 8.12 31.43
C SER F 116 -34.31 9.37 32.21
N CYS F 117 -33.83 10.38 31.49
CA CYS F 117 -33.53 11.68 32.06
C CYS F 117 -34.72 12.60 31.81
N LYS F 118 -35.45 12.95 32.88
CA LYS F 118 -36.72 13.66 32.77
C LYS F 118 -36.72 14.90 33.64
N ASP F 119 -37.55 15.88 33.26
CA ASP F 119 -37.75 17.08 34.05
C ASP F 119 -38.77 16.82 35.14
N ASP F 120 -39.11 17.87 35.90
CA ASP F 120 -40.04 17.71 37.02
C ASP F 120 -41.45 17.33 36.57
N LEU F 121 -41.77 17.50 35.30
CA LEU F 121 -43.09 17.14 34.77
C LEU F 121 -43.11 15.77 34.14
N GLY F 122 -42.04 14.98 34.29
CA GLY F 122 -41.98 13.66 33.71
C GLY F 122 -41.68 13.62 32.24
N ARG F 123 -41.32 14.76 31.64
CA ARG F 123 -41.01 14.82 30.22
C ARG F 123 -39.52 14.64 30.00
N LEU F 124 -39.16 13.99 28.90
CA LEU F 124 -37.76 13.84 28.55
C LEU F 124 -37.09 15.21 28.45
N ARG F 125 -35.86 15.30 28.93
CA ARG F 125 -35.10 16.53 28.86
C ARG F 125 -34.48 16.71 27.47
N VAL F 126 -34.24 17.97 27.11
CA VAL F 126 -33.61 18.28 25.83
C VAL F 126 -32.95 19.65 25.94
N GLY F 127 -31.87 19.83 25.18
CA GLY F 127 -31.19 21.10 25.08
C GLY F 127 -31.23 21.58 23.63
N ALA F 128 -30.86 22.84 23.44
CA ALA F 128 -30.87 23.44 22.12
C ALA F 128 -29.78 24.49 22.03
N ALA F 129 -29.08 24.51 20.90
CA ALA F 129 -28.00 25.45 20.66
C ALA F 129 -28.55 26.76 20.10
N VAL F 130 -27.93 27.87 20.49
CA VAL F 130 -28.17 29.16 19.88
C VAL F 130 -26.83 29.82 19.61
N GLY F 131 -26.85 30.83 18.75
CA GLY F 131 -25.69 31.63 18.48
C GLY F 131 -25.66 32.89 19.31
N THR F 132 -25.05 33.93 18.77
CA THR F 132 -24.99 35.23 19.43
C THR F 132 -25.53 36.35 18.55
N GLY F 133 -25.96 36.04 17.32
CA GLY F 133 -26.37 37.04 16.37
C GLY F 133 -27.79 37.55 16.62
N ALA F 134 -28.25 38.37 15.68
CA ALA F 134 -29.49 39.13 15.88
C ALA F 134 -30.70 38.23 16.09
N ASP F 135 -30.69 37.02 15.53
CA ASP F 135 -31.83 36.12 15.66
C ASP F 135 -31.91 35.47 17.04
N THR F 136 -30.86 35.58 17.85
CA THR F 136 -30.79 34.81 19.09
C THR F 136 -31.93 35.13 20.06
N PRO F 137 -32.28 36.40 20.33
CA PRO F 137 -33.36 36.64 21.30
C PRO F 137 -34.66 35.95 20.93
N SER F 138 -35.06 36.03 19.66
N SER F 138 -35.05 36.04 19.66
CA SER F 138 -36.27 35.34 19.23
CA SER F 138 -36.25 35.34 19.21
C SER F 138 -36.09 33.82 19.32
C SER F 138 -36.09 33.83 19.32
N ARG F 139 -34.91 33.31 18.98
CA ARG F 139 -34.68 31.88 19.04
C ARG F 139 -34.79 31.38 20.49
N VAL F 140 -34.17 32.09 21.43
CA VAL F 140 -34.23 31.67 22.83
C VAL F 140 -35.67 31.71 23.34
N GLU F 141 -36.41 32.76 22.99
CA GLU F 141 -37.80 32.86 23.43
C GLU F 141 -38.61 31.69 22.91
N ALA F 142 -38.46 31.35 21.63
CA ALA F 142 -39.20 30.22 21.06
C ALA F 142 -38.82 28.92 21.75
N LEU F 143 -37.52 28.69 21.94
CA LEU F 143 -37.08 27.45 22.56
C LEU F 143 -37.59 27.34 24.00
N VAL F 144 -37.50 28.42 24.76
CA VAL F 144 -37.99 28.41 26.14
C VAL F 144 -39.50 28.17 26.16
N GLU F 145 -40.22 28.80 25.24
CA GLU F 145 -41.66 28.60 25.16
C GLU F 145 -42.00 27.15 24.90
N ALA F 146 -41.19 26.47 24.07
CA ALA F 146 -41.44 25.07 23.75
C ALA F 146 -41.07 24.13 24.90
N GLY F 147 -40.40 24.61 25.93
CA GLY F 147 -40.07 23.79 27.09
C GLY F 147 -38.64 23.29 27.15
N VAL F 148 -37.70 23.91 26.41
CA VAL F 148 -36.33 23.45 26.44
C VAL F 148 -35.78 23.52 27.86
N ASP F 149 -34.95 22.55 28.22
CA ASP F 149 -34.38 22.48 29.57
C ASP F 149 -33.12 23.32 29.72
N VAL F 150 -32.33 23.46 28.67
CA VAL F 150 -31.07 24.17 28.75
C VAL F 150 -30.78 24.82 27.40
N ILE F 151 -30.35 26.07 27.44
CA ILE F 151 -29.91 26.80 26.26
C ILE F 151 -28.39 26.72 26.20
N VAL F 152 -27.86 26.36 25.04
CA VAL F 152 -26.42 26.24 24.85
C VAL F 152 -25.99 27.36 23.93
N VAL F 153 -25.40 28.42 24.49
CA VAL F 153 -24.80 29.49 23.69
C VAL F 153 -23.49 28.93 23.15
N ASP F 154 -23.48 28.57 21.87
CA ASP F 154 -22.52 27.60 21.33
C ASP F 154 -21.79 28.22 20.14
N THR F 155 -20.54 28.60 20.35
CA THR F 155 -19.72 29.19 19.30
C THR F 155 -18.32 28.59 19.34
N ALA F 156 -17.56 28.89 18.29
CA ALA F 156 -16.18 28.41 18.23
C ALA F 156 -15.30 29.08 19.27
N HIS F 157 -15.68 30.24 19.80
CA HIS F 157 -14.80 31.02 20.67
C HIS F 157 -15.63 31.64 21.78
N GLY F 158 -15.83 30.88 22.85
CA GLY F 158 -16.65 31.33 23.97
C GLY F 158 -16.01 32.42 24.80
N HIS F 159 -14.69 32.61 24.68
CA HIS F 159 -14.01 33.66 25.44
C HIS F 159 -14.07 34.99 24.68
N SER F 160 -15.28 35.44 24.44
CA SER F 160 -15.51 36.64 23.65
C SER F 160 -16.62 37.46 24.28
N ALA F 161 -16.59 38.76 24.01
CA ALA F 161 -17.64 39.64 24.51
C ALA F 161 -19.01 39.14 24.06
N GLY F 162 -19.12 38.69 22.82
CA GLY F 162 -20.41 38.27 22.30
C GLY F 162 -21.02 37.13 23.08
N VAL F 163 -20.22 36.09 23.36
CA VAL F 163 -20.74 34.93 24.08
C VAL F 163 -20.99 35.28 25.54
N ILE F 164 -20.04 35.97 26.16
CA ILE F 164 -20.17 36.32 27.57
C ILE F 164 -21.43 37.13 27.81
N GLU F 165 -21.66 38.14 26.96
CA GLU F 165 -22.82 39.00 27.19
C GLU F 165 -24.12 38.30 26.82
N ARG F 166 -24.09 37.38 25.85
CA ARG F 166 -25.30 36.64 25.51
C ARG F 166 -25.66 35.65 26.62
N VAL F 167 -24.66 35.04 27.26
CA VAL F 167 -24.93 34.18 28.40
C VAL F 167 -25.57 34.99 29.53
N ARG F 168 -25.02 36.17 29.82
CA ARG F 168 -25.61 37.01 30.86
C ARG F 168 -27.02 37.40 30.50
N TRP F 169 -27.28 37.66 29.21
CA TRP F 169 -28.62 38.07 28.77
C TRP F 169 -29.63 36.94 28.95
N VAL F 170 -29.24 35.71 28.62
CA VAL F 170 -30.15 34.58 28.81
C VAL F 170 -30.44 34.38 30.30
N LYS F 171 -29.40 34.50 31.13
CA LYS F 171 -29.59 34.30 32.56
C LYS F 171 -30.49 35.37 33.17
N GLN F 172 -30.30 36.63 32.79
CA GLN F 172 -31.10 37.71 33.36
C GLN F 172 -32.52 37.68 32.84
N ASN F 173 -32.72 37.29 31.58
CA ASN F 173 -34.03 37.38 30.95
C ASN F 173 -34.83 36.09 31.02
N PHE F 174 -34.18 34.94 31.10
CA PHE F 174 -34.86 33.64 31.18
C PHE F 174 -34.27 32.83 32.32
N PRO F 175 -34.45 33.28 33.57
CA PRO F 175 -33.90 32.53 34.71
C PRO F 175 -34.56 31.17 34.92
N GLN F 176 -35.67 30.86 34.24
CA GLN F 176 -36.31 29.57 34.40
C GLN F 176 -35.65 28.47 33.57
N VAL F 177 -34.65 28.80 32.77
CA VAL F 177 -33.94 27.81 31.96
C VAL F 177 -32.47 27.82 32.37
N GLN F 178 -31.81 26.69 32.17
CA GLN F 178 -30.38 26.58 32.38
C GLN F 178 -29.65 27.03 31.13
N VAL F 179 -28.45 27.57 31.30
CA VAL F 179 -27.69 28.12 30.18
C VAL F 179 -26.26 27.63 30.26
N ILE F 180 -25.74 27.17 29.13
CA ILE F 180 -24.37 26.71 28.99
C ILE F 180 -23.66 27.63 28.00
N GLY F 181 -22.41 27.96 28.29
CA GLY F 181 -21.61 28.80 27.41
C GLY F 181 -20.37 28.05 26.97
N GLY F 182 -19.96 28.28 25.73
CA GLY F 182 -18.75 27.67 25.18
C GLY F 182 -18.58 28.12 23.73
N ASN F 183 -17.52 27.60 23.09
CA ASN F 183 -16.54 26.69 23.69
C ASN F 183 -15.31 27.44 24.21
N ILE F 184 -14.70 26.92 25.27
CA ILE F 184 -13.54 27.54 25.89
C ILE F 184 -12.46 26.48 26.08
N ALA F 185 -11.26 26.94 26.43
CA ALA F 185 -10.15 26.03 26.68
C ALA F 185 -9.25 26.48 27.82
N THR F 186 -9.60 27.55 28.54
CA THR F 186 -8.74 28.05 29.60
C THR F 186 -9.56 28.36 30.83
N GLY F 187 -8.89 28.35 31.98
CA GLY F 187 -9.55 28.76 33.22
C GLY F 187 -10.02 30.20 33.18
N ASP F 188 -9.22 31.09 32.58
CA ASP F 188 -9.63 32.48 32.44
C ASP F 188 -10.98 32.59 31.74
N ALA F 189 -11.15 31.88 30.63
CA ALA F 189 -12.43 31.88 29.94
C ALA F 189 -13.54 31.34 30.84
N ALA F 190 -13.22 30.29 31.61
CA ALA F 190 -14.23 29.68 32.48
C ALA F 190 -14.73 30.67 33.52
N LEU F 191 -13.82 31.44 34.13
CA LEU F 191 -14.24 32.39 35.16
C LEU F 191 -15.07 33.52 34.56
N ALA F 192 -14.73 33.95 33.34
CA ALA F 192 -15.56 34.97 32.68
C ALA F 192 -16.98 34.47 32.48
N LEU F 193 -17.15 33.22 32.06
CA LEU F 193 -18.49 32.70 31.85
C LEU F 193 -19.19 32.43 33.18
N LEU F 194 -18.45 31.99 34.20
CA LEU F 194 -19.03 31.82 35.52
C LEU F 194 -19.60 33.14 36.05
N ASP F 195 -18.82 34.23 35.92
CA ASP F 195 -19.28 35.52 36.42
C ASP F 195 -20.44 36.07 35.59
N ALA F 196 -20.58 35.64 34.34
CA ALA F 196 -21.73 36.06 33.54
C ALA F 196 -22.99 35.30 33.89
N GLY F 197 -22.90 34.22 34.67
CA GLY F 197 -24.07 33.50 35.12
C GLY F 197 -24.27 32.13 34.51
N ALA F 198 -23.30 31.63 33.75
CA ALA F 198 -23.45 30.33 33.13
C ALA F 198 -23.69 29.26 34.19
N ASP F 199 -24.56 28.30 33.87
CA ASP F 199 -24.79 27.17 34.75
C ASP F 199 -23.83 26.02 34.48
N ALA F 200 -23.07 26.09 33.40
CA ALA F 200 -22.02 25.14 33.08
C ALA F 200 -21.24 25.72 31.90
N VAL F 201 -20.06 25.17 31.65
CA VAL F 201 -19.26 25.60 30.52
C VAL F 201 -18.93 24.38 29.68
N LYS F 202 -18.72 24.60 28.38
CA LYS F 202 -18.35 23.55 27.44
C LYS F 202 -16.92 23.79 26.97
N VAL F 203 -16.09 22.77 27.11
CA VAL F 203 -14.65 22.87 26.92
C VAL F 203 -14.26 22.09 25.68
N GLY F 204 -13.53 22.76 24.78
CA GLY F 204 -13.01 22.11 23.60
C GLY F 204 -12.73 23.08 22.47
N ILE F 205 -11.46 23.41 22.27
CA ILE F 205 -11.01 24.19 21.13
C ILE F 205 -9.92 23.37 20.46
N GLY F 206 -10.26 22.71 19.35
CA GLY F 206 -9.27 21.96 18.61
C GLY F 206 -9.36 20.43 18.63
N PRO F 207 -10.01 19.83 19.64
CA PRO F 207 -9.93 18.36 19.76
C PRO F 207 -10.87 17.58 18.85
N GLY F 208 -11.88 18.22 18.26
CA GLY F 208 -12.90 17.47 17.54
C GLY F 208 -12.32 16.66 16.39
N SER F 209 -12.96 15.51 16.12
CA SER F 209 -12.46 14.62 15.09
C SER F 209 -12.46 15.28 13.71
N ILE F 210 -13.42 16.15 13.43
CA ILE F 210 -13.53 16.81 12.14
C ILE F 210 -12.97 18.22 12.18
N CYS F 211 -12.19 18.56 13.21
CA CYS F 211 -11.65 19.90 13.36
C CYS F 211 -10.45 20.12 12.45
N THR F 212 -10.43 21.27 11.76
CA THR F 212 -9.21 21.74 11.12
C THR F 212 -8.77 23.09 11.68
N THR F 213 -9.36 23.53 12.80
CA THR F 213 -8.95 24.78 13.43
C THR F 213 -7.47 24.79 13.74
N ARG F 214 -6.92 23.64 14.17
N ARG F 214 -6.91 23.64 14.16
CA ARG F 214 -5.49 23.58 14.46
CA ARG F 214 -5.49 23.58 14.46
C ARG F 214 -4.66 23.89 13.21
C ARG F 214 -4.65 23.85 13.22
N ILE F 215 -5.12 23.43 12.05
CA ILE F 215 -4.37 23.63 10.80
C ILE F 215 -4.64 25.01 10.22
N VAL F 216 -5.90 25.42 10.20
CA VAL F 216 -6.30 26.67 9.57
C VAL F 216 -5.82 27.87 10.39
N ALA F 217 -6.00 27.80 11.70
CA ALA F 217 -5.75 28.95 12.57
C ALA F 217 -4.54 28.76 13.48
N GLY F 218 -4.02 27.56 13.59
CA GLY F 218 -2.92 27.29 14.49
C GLY F 218 -3.31 27.40 15.95
N ILE F 219 -4.61 27.29 16.24
CA ILE F 219 -5.19 27.52 17.56
C ILE F 219 -5.65 26.19 18.13
N GLY F 220 -5.42 25.99 19.42
CA GLY F 220 -5.94 24.79 20.05
C GLY F 220 -5.38 24.60 21.44
N MET F 221 -6.02 23.67 22.15
CA MET F 221 -5.59 23.28 23.49
C MET F 221 -5.83 21.79 23.68
N PRO F 222 -4.77 20.98 23.79
CA PRO F 222 -4.96 19.54 24.05
C PRO F 222 -5.94 19.33 25.18
N GLN F 223 -6.85 18.37 24.99
CA GLN F 223 -8.11 18.39 25.73
C GLN F 223 -7.94 18.05 27.21
N ILE F 224 -6.98 17.19 27.56
CA ILE F 224 -6.77 16.89 28.97
C ILE F 224 -6.34 18.14 29.73
N SER F 225 -5.41 18.92 29.14
CA SER F 225 -4.98 20.14 29.80
C SER F 225 -6.06 21.22 29.76
N ALA F 226 -6.89 21.22 28.71
CA ALA F 226 -8.03 22.14 28.69
C ALA F 226 -8.98 21.84 29.83
N ILE F 227 -9.36 20.57 30.00
CA ILE F 227 -10.26 20.20 31.08
C ILE F 227 -9.66 20.58 32.43
N ASP F 228 -8.39 20.25 32.65
CA ASP F 228 -7.74 20.57 33.91
C ASP F 228 -7.72 22.07 34.17
N SER F 229 -7.40 22.87 33.15
CA SER F 229 -7.33 24.31 33.35
C SER F 229 -8.69 24.88 33.75
N VAL F 230 -9.74 24.44 33.07
CA VAL F 230 -11.08 24.92 33.37
C VAL F 230 -11.54 24.40 34.73
N ALA F 231 -11.39 23.09 34.96
CA ALA F 231 -11.84 22.51 36.23
C ALA F 231 -11.11 23.15 37.41
N SER F 232 -9.80 23.37 37.27
CA SER F 232 -9.04 23.94 38.39
C SER F 232 -9.51 25.34 38.73
N ALA F 233 -9.88 26.12 37.71
CA ALA F 233 -10.33 27.49 37.96
C ALA F 233 -11.74 27.50 38.57
N LEU F 234 -12.61 26.60 38.12
CA LEU F 234 -14.00 26.62 38.56
C LEU F 234 -14.18 26.16 40.00
N LYS F 235 -13.29 25.29 40.48
CA LYS F 235 -13.39 24.74 41.83
C LYS F 235 -14.79 24.19 42.12
N ASP F 236 -15.36 23.50 41.13
CA ASP F 236 -16.66 22.83 41.24
C ASP F 236 -17.82 23.80 41.41
N GLN F 237 -17.63 25.09 41.18
CA GLN F 237 -18.77 26.02 41.29
C GLN F 237 -19.83 25.70 40.25
N ILE F 238 -19.41 25.36 39.03
CA ILE F 238 -20.30 24.81 38.01
C ILE F 238 -19.58 23.69 37.29
N PRO F 239 -20.34 22.75 36.73
CA PRO F 239 -19.73 21.64 35.99
C PRO F 239 -19.26 22.06 34.60
N LEU F 240 -18.39 21.24 34.02
CA LEU F 240 -17.91 21.44 32.66
C LEU F 240 -18.20 20.24 31.79
N ILE F 241 -18.52 20.50 30.53
CA ILE F 241 -18.75 19.48 29.52
C ILE F 241 -17.51 19.38 28.66
N ALA F 242 -16.92 18.18 28.58
CA ALA F 242 -15.73 17.95 27.76
C ALA F 242 -16.19 17.58 26.35
N ASP F 243 -15.99 18.50 25.40
CA ASP F 243 -16.60 18.44 24.07
C ASP F 243 -15.52 18.24 23.01
N GLY F 244 -15.51 17.06 22.39
CA GLY F 244 -14.69 16.82 21.23
C GLY F 244 -13.50 15.92 21.55
N GLY F 245 -13.08 15.14 20.53
CA GLY F 245 -11.90 14.32 20.65
C GLY F 245 -12.10 12.96 21.29
N ILE F 246 -13.32 12.64 21.69
CA ILE F 246 -13.61 11.34 22.31
C ILE F 246 -13.71 10.29 21.20
N ARG F 247 -12.74 9.38 21.16
CA ARG F 247 -12.78 8.29 20.19
C ARG F 247 -13.09 6.94 20.80
N PHE F 248 -12.70 6.73 22.05
CA PHE F 248 -12.89 5.48 22.75
C PHE F 248 -13.51 5.75 24.11
N SER F 249 -14.10 4.71 24.71
CA SER F 249 -14.64 4.86 26.05
C SER F 249 -13.54 5.22 27.04
N GLY F 250 -12.31 4.79 26.79
CA GLY F 250 -11.21 5.17 27.67
C GLY F 250 -11.01 6.68 27.72
N ASP F 251 -11.27 7.38 26.61
CA ASP F 251 -11.16 8.83 26.62
C ASP F 251 -12.18 9.46 27.57
N MET F 252 -13.36 8.85 27.68
N MET F 252 -13.36 8.85 27.69
CA MET F 252 -14.37 9.38 28.60
CA MET F 252 -14.37 9.39 28.59
C MET F 252 -13.88 9.33 30.04
C MET F 252 -13.91 9.32 30.04
N ALA F 253 -13.33 8.19 30.44
CA ALA F 253 -12.81 8.06 31.80
C ALA F 253 -11.70 9.06 32.06
N LYS F 254 -10.78 9.22 31.11
CA LYS F 254 -9.70 10.20 31.29
C LYS F 254 -10.27 11.61 31.44
N ALA F 255 -11.25 11.97 30.62
CA ALA F 255 -11.83 13.31 30.68
C ALA F 255 -12.46 13.56 32.05
N ILE F 256 -13.21 12.58 32.56
CA ILE F 256 -13.84 12.74 33.85
C ILE F 256 -12.80 12.77 34.96
N GLY F 257 -11.79 11.90 34.88
CA GLY F 257 -10.72 11.94 35.85
C GLY F 257 -9.98 13.27 35.86
N ALA F 258 -9.90 13.92 34.70
CA ALA F 258 -9.26 15.23 34.60
C ALA F 258 -10.15 16.37 35.08
N GLY F 259 -11.44 16.11 35.35
CA GLY F 259 -12.29 17.15 35.91
C GLY F 259 -13.65 17.32 35.25
N ALA F 260 -13.89 16.65 34.13
CA ALA F 260 -15.16 16.80 33.44
C ALA F 260 -16.31 16.17 34.24
N SER F 261 -17.49 16.75 34.09
CA SER F 261 -18.70 16.17 34.65
C SER F 261 -19.51 15.40 33.61
N THR F 262 -19.47 15.84 32.36
CA THR F 262 -20.10 15.14 31.25
C THR F 262 -19.17 15.22 30.05
N ILE F 263 -19.50 14.42 29.04
N ILE F 263 -19.44 14.40 29.04
CA ILE F 263 -18.78 14.31 27.77
CA ILE F 263 -18.68 14.45 27.79
C ILE F 263 -19.76 14.56 26.65
C ILE F 263 -19.66 14.49 26.62
N MET F 264 -19.35 15.34 25.65
CA MET F 264 -20.15 15.52 24.44
C MET F 264 -19.43 14.84 23.28
N VAL F 265 -20.20 14.09 22.49
CA VAL F 265 -19.64 13.31 21.39
C VAL F 265 -20.42 13.60 20.12
N GLY F 266 -19.70 13.68 19.00
CA GLY F 266 -20.29 13.76 17.69
C GLY F 266 -20.02 12.52 16.87
N SER F 267 -18.74 12.28 16.56
N SER F 267 -18.74 12.30 16.55
CA SER F 267 -18.38 11.17 15.67
CA SER F 267 -18.37 11.17 15.69
C SER F 267 -18.92 9.85 16.20
C SER F 267 -18.93 9.85 16.20
N LEU F 268 -18.86 9.62 17.51
CA LEU F 268 -19.28 8.33 18.06
C LEU F 268 -20.76 8.07 17.83
N LEU F 269 -21.58 9.11 17.79
CA LEU F 269 -23.01 8.95 17.56
C LEU F 269 -23.43 9.18 16.10
N ALA F 270 -22.58 9.84 15.30
CA ALA F 270 -22.85 9.91 13.87
C ALA F 270 -22.88 8.50 13.29
N GLY F 271 -23.72 8.32 12.28
CA GLY F 271 -23.87 7.01 11.66
C GLY F 271 -24.83 6.07 12.35
N THR F 272 -25.35 6.42 13.53
CA THR F 272 -26.35 5.58 14.15
C THR F 272 -27.72 5.81 13.51
N GLU F 273 -28.63 4.89 13.77
CA GLU F 273 -29.96 4.96 13.18
C GLU F 273 -30.64 6.28 13.52
N GLU F 274 -30.48 6.74 14.77
CA GLU F 274 -31.18 7.93 15.25
C GLU F 274 -30.55 9.23 14.77
N ALA F 275 -29.30 9.21 14.31
CA ALA F 275 -28.69 10.44 13.82
C ALA F 275 -29.37 10.90 12.53
N PRO F 276 -29.39 12.21 12.28
CA PRO F 276 -30.02 12.72 11.07
C PRO F 276 -29.32 12.20 9.82
N GLY F 277 -30.04 12.21 8.72
CA GLY F 277 -29.49 11.79 7.45
C GLY F 277 -29.90 10.37 7.09
N GLU F 278 -29.90 10.09 5.79
CA GLU F 278 -30.21 8.77 5.27
C GLU F 278 -28.95 7.93 5.19
N VAL F 279 -29.11 6.62 5.39
CA VAL F 279 -28.02 5.70 5.08
C VAL F 279 -27.77 5.73 3.58
N GLU F 280 -26.52 5.47 3.20
CA GLU F 280 -26.15 5.53 1.79
C GLU F 280 -25.33 4.31 1.40
N PHE F 281 -25.74 3.66 0.33
CA PHE F 281 -24.96 2.61 -0.30
C PHE F 281 -23.71 3.20 -0.92
N PHE F 282 -22.55 2.61 -0.63
CA PHE F 282 -21.31 3.06 -1.25
C PHE F 282 -20.27 1.97 -1.11
N GLN F 283 -19.78 1.46 -2.24
CA GLN F 283 -18.77 0.40 -2.25
C GLN F 283 -19.21 -0.79 -1.41
N GLY F 284 -20.47 -1.20 -1.60
CA GLY F 284 -21.08 -2.28 -0.87
C GLY F 284 -21.60 -1.93 0.52
N ARG F 285 -20.88 -1.06 1.23
CA ARG F 285 -21.16 -0.78 2.63
C ARG F 285 -22.14 0.38 2.79
N TYR F 286 -22.68 0.51 4.00
CA TYR F 286 -23.62 1.56 4.35
C TYR F 286 -22.91 2.64 5.17
N TYR F 287 -23.22 3.90 4.86
CA TYR F 287 -22.62 5.04 5.55
C TYR F 287 -23.68 6.09 5.84
N LYS F 288 -23.36 6.97 6.76
CA LYS F 288 -24.09 8.21 6.97
C LYS F 288 -23.09 9.36 6.96
N ALA F 289 -23.58 10.55 6.62
CA ALA F 289 -22.73 11.72 6.57
C ALA F 289 -22.36 12.18 7.97
N TYR F 290 -21.16 12.76 8.08
CA TYR F 290 -20.73 13.44 9.29
C TYR F 290 -19.85 14.60 8.88
N ARG F 291 -20.14 15.79 9.39
CA ARG F 291 -19.43 16.99 8.94
C ARG F 291 -19.36 18.01 10.06
N GLY F 292 -18.24 18.71 10.13
CA GLY F 292 -18.13 19.83 11.05
C GLY F 292 -19.16 20.89 10.73
N MET F 293 -19.61 21.60 11.75
CA MET F 293 -20.50 22.73 11.52
C MET F 293 -19.77 23.92 10.93
N GLY F 294 -18.44 23.87 10.85
CA GLY F 294 -17.66 24.87 10.16
C GLY F 294 -17.13 24.37 8.83
N SER F 295 -17.71 23.27 8.34
CA SER F 295 -17.35 22.77 7.02
C SER F 295 -18.07 23.60 5.95
N LEU F 296 -17.61 23.43 4.71
CA LEU F 296 -18.19 24.19 3.60
C LEU F 296 -19.68 23.89 3.46
N GLY F 297 -20.05 22.61 3.38
CA GLY F 297 -21.44 22.26 3.26
C GLY F 297 -22.27 22.80 4.41
N ALA F 298 -21.78 22.64 5.63
CA ALA F 298 -22.51 23.12 6.80
C ALA F 298 -22.75 24.61 6.73
N MET F 299 -21.75 25.38 6.29
CA MET F 299 -21.92 26.82 6.19
C MET F 299 -22.75 27.25 5.00
N ALA F 300 -23.09 26.32 4.11
CA ALA F 300 -23.94 26.63 2.96
C ALA F 300 -25.28 25.91 3.08
N LYS F 319 -16.54 36.26 4.67
CA LYS F 319 -17.01 35.06 5.36
C LYS F 319 -15.84 34.19 5.79
N LEU F 320 -16.04 33.41 6.85
CA LEU F 320 -14.97 32.61 7.41
C LEU F 320 -14.56 31.49 6.47
N VAL F 321 -13.27 31.20 6.42
CA VAL F 321 -12.78 30.02 5.70
C VAL F 321 -13.21 28.79 6.50
N PRO F 322 -13.43 27.65 5.87
CA PRO F 322 -13.92 26.48 6.60
C PRO F 322 -12.91 26.02 7.66
N GLU F 323 -13.45 25.50 8.76
CA GLU F 323 -12.62 24.97 9.85
C GLU F 323 -13.04 23.56 10.24
N GLY F 324 -13.78 22.88 9.37
CA GLY F 324 -14.15 21.50 9.61
C GLY F 324 -14.25 20.76 8.30
N ILE F 325 -14.15 19.44 8.39
CA ILE F 325 -14.17 18.60 7.22
C ILE F 325 -15.54 17.92 7.09
N GLU F 326 -15.78 17.33 5.93
CA GLU F 326 -17.05 16.67 5.59
C GLU F 326 -16.74 15.26 5.14
N GLY F 327 -17.37 14.27 5.78
CA GLY F 327 -17.05 12.89 5.46
C GLY F 327 -18.18 11.91 5.66
N ARG F 328 -17.84 10.61 5.60
CA ARG F 328 -18.78 9.53 5.87
C ARG F 328 -18.32 8.77 7.10
N VAL F 329 -19.29 8.26 7.86
CA VAL F 329 -19.00 7.34 8.95
C VAL F 329 -19.79 6.06 8.71
N PRO F 330 -19.24 4.90 9.06
CA PRO F 330 -19.97 3.64 8.83
C PRO F 330 -21.29 3.62 9.57
N TYR F 331 -22.27 2.96 8.96
CA TYR F 331 -23.56 2.78 9.61
C TYR F 331 -23.40 1.93 10.87
N LYS F 332 -23.96 2.39 11.98
CA LYS F 332 -23.73 1.77 13.28
C LYS F 332 -24.96 1.10 13.89
N GLY F 333 -26.14 1.23 13.29
CA GLY F 333 -27.34 0.69 13.88
C GLY F 333 -27.86 1.56 15.01
N PRO F 334 -28.74 1.00 15.84
CA PRO F 334 -29.34 1.80 16.91
C PRO F 334 -28.29 2.35 17.86
N MET F 335 -28.49 3.61 18.25
CA MET F 335 -27.50 4.29 19.08
C MET F 335 -27.35 3.63 20.45
N GLY F 336 -28.41 2.97 20.94
CA GLY F 336 -28.32 2.33 22.24
C GLY F 336 -27.16 1.36 22.36
N ASN F 337 -26.83 0.68 21.26
CA ASN F 337 -25.72 -0.27 21.28
C ASN F 337 -24.40 0.45 21.59
N ILE F 338 -24.08 1.48 20.81
CA ILE F 338 -22.82 2.19 21.00
C ILE F 338 -22.78 2.85 22.37
N VAL F 339 -23.92 3.37 22.83
CA VAL F 339 -23.97 3.97 24.16
C VAL F 339 -23.69 2.93 25.23
N HIS F 340 -24.27 1.74 25.09
CA HIS F 340 -24.01 0.68 26.06
C HIS F 340 -22.53 0.29 26.08
N GLN F 341 -21.92 0.16 24.91
CA GLN F 341 -20.49 -0.17 24.84
C GLN F 341 -19.67 0.89 25.55
N MET F 342 -19.95 2.16 25.27
CA MET F 342 -19.17 3.25 25.86
C MET F 342 -19.34 3.29 27.38
N MET F 343 -20.59 3.26 27.86
CA MET F 343 -20.79 3.28 29.30
C MET F 343 -20.20 2.03 29.97
N GLY F 344 -20.21 0.90 29.28
CA GLY F 344 -19.58 -0.28 29.83
C GLY F 344 -18.07 -0.10 30.01
N GLY F 345 -17.44 0.61 29.08
CA GLY F 345 -16.02 0.88 29.22
C GLY F 345 -15.74 1.82 30.39
N LEU F 346 -16.60 2.82 30.58
CA LEU F 346 -16.43 3.73 31.71
C LEU F 346 -16.65 3.00 33.03
N ARG F 347 -17.63 2.09 33.07
CA ARG F 347 -17.82 1.28 34.28
C ARG F 347 -16.58 0.47 34.61
N SER F 348 -15.97 -0.14 33.59
N SER F 348 -15.94 -0.12 33.60
CA SER F 348 -14.74 -0.89 33.80
CA SER F 348 -14.72 -0.87 33.85
C SER F 348 -13.66 0.00 34.39
C SER F 348 -13.62 0.05 34.36
N SER F 349 -13.48 1.19 33.81
N SER F 349 -13.49 1.24 33.77
CA SER F 349 -12.48 2.12 34.34
CA SER F 349 -12.54 2.22 34.29
C SER F 349 -12.76 2.45 35.80
C SER F 349 -12.77 2.47 35.76
N MET F 350 -14.02 2.70 36.16
CA MET F 350 -14.32 3.07 37.53
C MET F 350 -14.10 1.89 38.48
N GLY F 351 -14.31 0.66 38.01
CA GLY F 351 -13.91 -0.50 38.80
C GLY F 351 -12.42 -0.51 39.06
N TYR F 352 -11.61 -0.25 38.02
CA TYR F 352 -10.16 -0.23 38.18
C TYR F 352 -9.70 0.84 39.16
N THR F 353 -10.38 1.98 39.21
CA THR F 353 -9.96 3.10 40.05
C THR F 353 -10.67 3.13 41.40
N GLY F 354 -11.50 2.14 41.69
CA GLY F 354 -12.22 2.15 42.96
C GLY F 354 -13.21 3.29 43.07
N SER F 355 -13.80 3.71 41.95
CA SER F 355 -14.72 4.84 41.93
C SER F 355 -16.15 4.31 41.86
N ALA F 356 -16.88 4.39 42.99
CA ALA F 356 -18.25 3.92 43.01
C ALA F 356 -19.22 4.90 42.35
N VAL F 357 -18.86 6.17 42.32
CA VAL F 357 -19.70 7.21 41.73
C VAL F 357 -18.80 8.16 40.93
N ILE F 358 -19.43 8.94 40.05
CA ILE F 358 -18.69 9.81 39.14
C ILE F 358 -17.76 10.73 39.92
N GLU F 359 -18.27 11.31 41.02
CA GLU F 359 -17.46 12.27 41.77
C GLU F 359 -16.22 11.62 42.37
N ASP F 360 -16.26 10.32 42.65
CA ASP F 360 -15.06 9.61 43.09
C ASP F 360 -13.97 9.68 42.03
N LEU F 361 -14.33 9.42 40.77
CA LEU F 361 -13.35 9.47 39.70
C LEU F 361 -12.82 10.89 39.51
N ARG F 362 -13.72 11.88 39.57
CA ARG F 362 -13.28 13.27 39.40
C ARG F 362 -12.30 13.69 40.49
N GLN F 363 -12.49 13.21 41.72
CA GLN F 363 -11.69 13.69 42.83
C GLN F 363 -10.42 12.87 43.06
N ASN F 364 -10.44 11.57 42.76
CA ASN F 364 -9.37 10.67 43.18
C ASN F 364 -8.53 10.15 42.01
N ALA F 365 -8.89 10.46 40.78
CA ALA F 365 -8.13 9.95 39.64
C ALA F 365 -6.65 10.33 39.75
N LYS F 366 -5.78 9.36 39.45
CA LYS F 366 -4.35 9.60 39.32
C LYS F 366 -3.89 9.13 37.95
N PHE F 367 -3.02 9.91 37.32
CA PHE F 367 -2.55 9.66 35.96
C PHE F 367 -1.05 9.41 35.95
N VAL F 368 -0.60 8.76 34.89
CA VAL F 368 0.80 8.82 34.49
C VAL F 368 0.85 9.38 33.07
N LYS F 369 1.92 10.10 32.78
CA LYS F 369 2.20 10.55 31.42
C LYS F 369 3.00 9.48 30.70
N ILE F 370 2.62 9.20 29.46
CA ILE F 370 3.30 8.17 28.68
C ILE F 370 3.99 8.83 27.50
N THR F 371 4.98 8.11 26.95
CA THR F 371 5.75 8.62 25.83
C THR F 371 5.10 8.23 24.51
N SER F 372 5.70 8.69 23.41
CA SER F 372 5.22 8.30 22.09
C SER F 372 5.28 6.79 21.90
N ALA F 373 6.24 6.11 22.53
CA ALA F 373 6.32 4.66 22.42
C ALA F 373 5.10 3.99 23.05
N GLY F 374 4.50 4.60 24.06
CA GLY F 374 3.32 4.07 24.70
C GLY F 374 2.03 4.52 24.01
N SER G 16 28.31 15.73 28.33
CA SER G 16 29.12 16.41 29.32
C SER G 16 29.95 17.52 28.68
N MET G 17 30.60 17.21 27.55
CA MET G 17 31.16 18.25 26.70
C MET G 17 30.20 18.66 25.59
N LEU G 18 29.07 17.97 25.46
CA LEU G 18 28.11 18.24 24.40
C LEU G 18 27.35 19.52 24.72
N THR G 19 27.45 20.51 23.84
CA THR G 19 26.80 21.79 24.05
C THR G 19 25.45 21.77 23.34
N ILE G 20 24.39 21.58 24.12
CA ILE G 20 23.02 21.64 23.63
C ILE G 20 22.43 22.97 24.09
N VAL G 21 22.25 23.89 23.14
CA VAL G 21 21.84 25.24 23.49
C VAL G 21 20.41 25.29 24.01
N GLN G 22 19.54 24.41 23.51
CA GLN G 22 18.13 24.42 23.88
C GLN G 22 17.46 23.26 23.17
N GLU G 23 16.25 22.92 23.62
CA GLU G 23 15.34 22.13 22.81
C GLU G 23 14.58 23.10 21.91
N ALA G 24 14.77 22.95 20.60
CA ALA G 24 14.25 23.91 19.63
C ALA G 24 12.94 23.40 19.06
N LEU G 25 12.02 24.33 18.79
CA LEU G 25 10.64 24.02 18.46
C LEU G 25 10.32 24.42 17.02
N THR G 26 9.53 23.59 16.35
CA THR G 26 9.00 23.91 15.03
C THR G 26 7.52 24.22 15.13
N PHE G 27 6.89 24.48 13.97
CA PHE G 27 5.48 24.85 13.97
C PHE G 27 4.61 23.76 14.60
N ASP G 28 4.88 22.50 14.29
CA ASP G 28 4.05 21.41 14.79
C ASP G 28 4.23 21.17 16.29
N ASP G 29 5.24 21.76 16.92
CA ASP G 29 5.45 21.58 18.36
C ASP G 29 4.57 22.47 19.23
N VAL G 30 3.89 23.48 18.66
CA VAL G 30 3.19 24.46 19.47
C VAL G 30 1.82 24.75 18.90
N LEU G 31 0.94 25.24 19.77
CA LEU G 31 -0.36 25.77 19.40
C LEU G 31 -0.54 27.12 20.07
N LEU G 32 -1.20 28.05 19.35
CA LEU G 32 -1.63 29.30 19.94
C LEU G 32 -2.84 29.08 20.82
N LEU G 33 -2.89 29.77 21.96
CA LEU G 33 -4.03 29.68 22.86
C LEU G 33 -5.08 30.74 22.51
N PRO G 34 -6.36 30.38 22.50
CA PRO G 34 -7.40 31.40 22.38
C PRO G 34 -7.37 32.31 23.60
N ALA G 35 -7.77 33.56 23.40
CA ALA G 35 -7.75 34.57 24.45
C ALA G 35 -9.02 35.41 24.34
N TYR G 36 -9.25 36.24 25.36
CA TYR G 36 -10.40 37.13 25.33
C TYR G 36 -10.37 38.00 24.08
N SER G 37 -11.48 38.03 23.34
CA SER G 37 -11.50 38.69 22.05
C SER G 37 -12.76 39.53 21.88
N THR G 38 -12.59 40.75 21.35
CA THR G 38 -13.68 41.58 20.90
C THR G 38 -13.50 41.95 19.42
N VAL G 39 -12.80 41.12 18.66
CA VAL G 39 -12.57 41.38 17.25
C VAL G 39 -12.98 40.16 16.44
N LEU G 40 -13.79 40.38 15.42
CA LEU G 40 -14.15 39.31 14.51
C LEU G 40 -13.10 39.15 13.43
N PRO G 41 -12.87 37.92 12.95
CA PRO G 41 -11.88 37.74 11.87
C PRO G 41 -12.04 38.72 10.72
N LYS G 42 -13.27 39.04 10.32
CA LYS G 42 -13.48 39.93 9.19
C LYS G 42 -12.94 41.34 9.44
N ASP G 43 -12.75 41.74 10.70
CA ASP G 43 -12.36 43.10 11.02
C ASP G 43 -10.89 43.25 11.38
N VAL G 44 -10.12 42.16 11.39
CA VAL G 44 -8.71 42.28 11.75
C VAL G 44 -7.97 43.00 10.63
N SER G 45 -6.91 43.70 10.99
CA SER G 45 -6.04 44.36 10.03
C SER G 45 -4.77 43.54 9.85
N LEU G 46 -4.40 43.27 8.60
CA LEU G 46 -3.21 42.48 8.30
C LEU G 46 -2.01 43.34 7.88
N LYS G 47 -2.12 44.65 7.99
CA LYS G 47 -1.00 45.53 7.66
C LYS G 47 0.19 45.22 8.57
N THR G 48 1.40 45.31 8.00
CA THR G 48 2.61 44.98 8.73
C THR G 48 3.77 45.65 7.99
N ARG G 49 4.97 45.52 8.54
CA ARG G 49 6.15 46.10 7.90
C ARG G 49 7.07 45.01 7.40
N LEU G 50 7.53 45.18 6.15
CA LEU G 50 8.53 44.30 5.56
C LEU G 50 9.93 44.67 6.02
N THR G 51 10.23 45.97 6.02
CA THR G 51 11.48 46.53 6.49
C THR G 51 11.15 47.71 7.39
N ARG G 52 12.15 48.35 7.97
CA ARG G 52 11.77 49.48 8.80
C ARG G 52 11.18 50.61 7.97
N GLY G 53 11.37 50.60 6.66
CA GLY G 53 10.84 51.65 5.81
C GLY G 53 9.69 51.26 4.89
N ILE G 54 9.40 49.97 4.75
CA ILE G 54 8.40 49.47 3.81
C ILE G 54 7.32 48.74 4.57
N TYR G 55 6.08 49.17 4.41
CA TYR G 55 4.93 48.48 4.97
C TYR G 55 4.18 47.73 3.88
N LEU G 56 3.60 46.59 4.26
CA LEU G 56 2.74 45.80 3.39
C LEU G 56 1.32 45.81 3.93
N ASN G 57 0.37 45.45 3.05
CA ASN G 57 -1.02 45.35 3.49
C ASN G 57 -1.40 43.94 3.93
N ILE G 58 -0.61 42.93 3.54
CA ILE G 58 -0.72 41.58 4.09
C ILE G 58 0.70 41.09 4.40
N PRO G 59 0.88 40.18 5.36
CA PRO G 59 2.24 39.80 5.75
C PRO G 59 2.85 38.70 4.89
N LEU G 60 2.57 38.70 3.59
CA LEU G 60 2.98 37.60 2.71
C LEU G 60 4.03 38.08 1.71
N VAL G 61 5.10 37.29 1.56
CA VAL G 61 6.21 37.57 0.67
C VAL G 61 6.47 36.31 -0.17
N SER G 62 6.52 36.46 -1.49
CA SER G 62 6.77 35.31 -2.34
C SER G 62 8.27 35.05 -2.47
N ALA G 63 8.63 33.75 -2.46
CA ALA G 63 10.03 33.35 -2.38
C ALA G 63 10.82 33.74 -3.63
N ALA G 64 12.10 34.03 -3.43
CA ALA G 64 13.02 34.36 -4.52
C ALA G 64 13.56 33.08 -5.15
N MET G 65 12.67 32.38 -5.85
CA MET G 65 12.97 31.09 -6.47
C MET G 65 12.51 31.11 -7.91
N ASP G 66 13.27 30.43 -8.78
CA ASP G 66 12.95 30.50 -10.20
C ASP G 66 11.74 29.66 -10.58
N THR G 67 11.09 29.01 -9.62
CA THR G 67 9.78 28.41 -9.87
C THR G 67 8.66 29.10 -9.08
N VAL G 68 8.93 30.28 -8.51
CA VAL G 68 7.90 30.98 -7.74
C VAL G 68 7.70 32.41 -8.22
N THR G 69 8.76 33.22 -8.25
CA THR G 69 8.61 34.66 -8.42
C THR G 69 9.44 35.18 -9.61
N GLU G 70 8.75 35.48 -10.71
CA GLU G 70 9.26 36.45 -11.67
C GLU G 70 8.22 37.59 -11.74
N SER G 71 8.26 38.43 -12.78
CA SER G 71 7.50 39.67 -12.73
C SER G 71 6.00 39.41 -12.58
N ARG G 72 5.48 38.36 -13.22
CA ARG G 72 4.05 38.08 -13.15
C ARG G 72 3.62 37.81 -11.70
N MET G 73 4.38 37.00 -10.98
CA MET G 73 4.07 36.75 -9.59
C MET G 73 4.24 38.01 -8.75
N ALA G 74 5.30 38.78 -9.00
CA ALA G 74 5.53 39.98 -8.21
C ALA G 74 4.37 40.97 -8.35
N ILE G 75 3.87 41.16 -9.57
CA ILE G 75 2.74 42.05 -9.77
C ILE G 75 1.52 41.58 -8.97
N ALA G 76 1.21 40.29 -9.07
CA ALA G 76 0.05 39.74 -8.35
C ALA G 76 0.24 39.87 -6.84
N MET G 77 1.45 39.61 -6.33
CA MET G 77 1.70 39.77 -4.90
C MET G 77 1.42 41.19 -4.45
N ALA G 78 2.01 42.18 -5.13
CA ALA G 78 1.80 43.58 -4.74
C ALA G 78 0.35 43.97 -4.90
N GLN G 79 -0.33 43.46 -5.92
CA GLN G 79 -1.75 43.77 -6.08
C GLN G 79 -2.57 43.26 -4.92
N ASN G 80 -2.14 42.15 -4.31
CA ASN G 80 -2.84 41.59 -3.16
C ASN G 80 -2.37 42.18 -1.84
N GLY G 81 -1.47 43.14 -1.87
CA GLY G 81 -1.01 43.79 -0.66
C GLY G 81 0.31 43.29 -0.11
N GLY G 82 0.87 42.26 -0.70
CA GLY G 82 2.17 41.75 -0.31
C GLY G 82 3.26 42.23 -1.25
N ILE G 83 4.31 41.41 -1.39
CA ILE G 83 5.40 41.77 -2.28
C ILE G 83 6.09 40.48 -2.71
N GLY G 84 6.71 40.52 -3.88
CA GLY G 84 7.50 39.41 -4.40
C GLY G 84 8.96 39.79 -4.49
N ILE G 85 9.83 38.81 -4.21
CA ILE G 85 11.27 38.96 -4.38
C ILE G 85 11.65 38.22 -5.65
N LEU G 86 12.01 38.97 -6.70
CA LEU G 86 12.47 38.37 -7.94
C LEU G 86 13.74 37.57 -7.70
N HIS G 87 13.79 36.36 -8.23
CA HIS G 87 14.96 35.51 -8.01
C HIS G 87 16.14 36.01 -8.84
N LYS G 88 17.33 35.56 -8.46
CA LYS G 88 18.57 35.99 -9.09
C LYS G 88 19.16 34.94 -10.03
N ASN G 89 18.40 33.90 -10.37
CA ASN G 89 18.84 32.90 -11.34
C ASN G 89 18.59 33.41 -12.75
N MET G 90 19.06 34.63 -13.04
CA MET G 90 18.90 35.23 -14.36
C MET G 90 19.92 36.36 -14.50
N ASP G 91 20.12 36.78 -15.74
CA ASP G 91 21.07 37.84 -16.05
C ASP G 91 20.69 39.13 -15.32
N ILE G 92 21.70 39.97 -15.08
CA ILE G 92 21.46 41.28 -14.50
C ILE G 92 20.45 42.05 -15.33
N ALA G 93 20.70 42.18 -16.63
CA ALA G 93 19.76 42.89 -17.49
C ALA G 93 18.38 42.24 -17.44
N ALA G 94 18.33 40.91 -17.36
CA ALA G 94 17.05 40.21 -17.27
C ALA G 94 16.33 40.56 -15.98
N GLN G 95 17.05 40.58 -14.85
CA GLN G 95 16.42 40.89 -13.58
C GLN G 95 15.98 42.35 -13.54
N ALA G 96 16.81 43.26 -14.07
CA ALA G 96 16.43 44.66 -14.12
C ALA G 96 15.17 44.86 -14.97
N ALA G 97 15.08 44.14 -16.09
CA ALA G 97 13.90 44.24 -16.93
C ALA G 97 12.66 43.75 -16.19
N GLU G 98 12.80 42.68 -15.40
CA GLU G 98 11.69 42.19 -14.59
C GLU G 98 11.21 43.26 -13.61
N VAL G 99 12.15 43.98 -12.99
CA VAL G 99 11.78 45.06 -12.08
C VAL G 99 10.99 46.14 -12.81
N ARG G 100 11.49 46.57 -13.97
CA ARG G 100 10.78 47.60 -14.73
C ARG G 100 9.38 47.13 -15.10
N ARG G 101 9.22 45.84 -15.41
CA ARG G 101 7.91 45.29 -15.69
C ARG G 101 6.94 45.56 -14.55
N VAL G 102 7.40 45.39 -13.31
CA VAL G 102 6.55 45.59 -12.15
C VAL G 102 6.32 47.08 -11.88
N LYS G 103 7.41 47.87 -11.90
CA LYS G 103 7.29 49.29 -11.57
C LYS G 103 6.42 50.02 -12.58
N LYS G 104 6.39 49.58 -13.83
CA LYS G 104 5.62 50.25 -14.87
C LYS G 104 4.27 49.60 -15.12
N PHE G 105 3.97 48.46 -14.51
CA PHE G 105 2.70 47.81 -14.77
C PHE G 105 1.54 48.76 -14.48
N GLU G 106 0.59 48.81 -15.41
CA GLU G 106 -0.62 49.61 -15.26
C GLU G 106 -1.81 48.68 -15.31
N ALA G 107 -2.61 48.69 -14.24
CA ALA G 107 -3.81 47.88 -14.21
C ALA G 107 -4.84 48.40 -15.21
N GLY G 108 -5.52 47.48 -15.88
CA GLY G 108 -6.47 47.81 -16.91
C GLY G 108 -7.86 48.07 -16.37
N LYS G 109 -8.82 48.13 -17.30
CA LYS G 109 -10.20 48.42 -16.93
C LYS G 109 -10.72 47.39 -15.94
N ALA G 110 -11.59 47.84 -15.05
CA ALA G 110 -12.25 46.96 -14.08
C ALA G 110 -11.26 46.11 -13.30
N GLU G 111 -10.09 46.68 -13.00
CA GLU G 111 -9.03 45.99 -12.23
C GLU G 111 -8.71 46.82 -11.00
N SER G 112 -9.69 46.95 -10.10
CA SER G 112 -9.50 47.67 -8.85
C SER G 112 -8.89 46.72 -7.83
N TYR G 113 -7.69 47.05 -7.37
CA TYR G 113 -7.01 46.34 -6.28
C TYR G 113 -6.82 47.33 -5.15
N PRO G 114 -7.81 47.48 -4.27
CA PRO G 114 -7.75 48.55 -3.25
C PRO G 114 -6.61 48.38 -2.27
N ASN G 115 -6.17 47.15 -2.01
CA ASN G 115 -5.13 46.88 -1.03
C ASN G 115 -3.74 46.80 -1.63
N SER G 116 -3.57 47.31 -2.86
CA SER G 116 -2.27 47.26 -3.52
C SER G 116 -1.17 47.82 -2.62
N CYS G 117 -0.01 47.17 -2.66
CA CYS G 117 1.19 47.66 -1.99
C CYS G 117 1.98 48.50 -3.00
N LYS G 118 2.03 49.81 -2.79
CA LYS G 118 2.61 50.74 -3.73
C LYS G 118 3.61 51.66 -3.05
N ASP G 119 4.52 52.22 -3.84
CA ASP G 119 5.53 53.15 -3.35
C ASP G 119 4.98 54.58 -3.39
N ASP G 120 5.83 55.56 -3.07
CA ASP G 120 5.39 56.95 -3.01
C ASP G 120 4.87 57.47 -4.34
N LEU G 121 5.27 56.87 -5.46
CA LEU G 121 4.84 57.30 -6.78
C LEU G 121 3.63 56.53 -7.28
N GLY G 122 3.01 55.70 -6.43
CA GLY G 122 1.88 54.92 -6.85
C GLY G 122 2.21 53.69 -7.67
N ARG G 123 3.48 53.28 -7.72
CA ARG G 123 3.88 52.11 -8.47
C ARG G 123 3.89 50.89 -7.56
N LEU G 124 3.50 49.75 -8.10
CA LEU G 124 3.59 48.50 -7.35
C LEU G 124 5.00 48.31 -6.83
N ARG G 125 5.12 47.81 -5.61
CA ARG G 125 6.42 47.54 -5.02
C ARG G 125 6.95 46.18 -5.47
N VAL G 126 8.28 46.05 -5.47
CA VAL G 126 8.92 44.79 -5.81
C VAL G 126 10.30 44.75 -5.15
N GLY G 127 10.75 43.53 -4.83
CA GLY G 127 12.08 43.30 -4.33
C GLY G 127 12.86 42.43 -5.30
N ALA G 128 14.16 42.35 -5.08
CA ALA G 128 15.03 41.55 -5.93
C ALA G 128 16.18 40.99 -5.12
N ALA G 129 16.50 39.72 -5.35
CA ALA G 129 17.56 39.03 -4.64
C ALA G 129 18.89 39.22 -5.35
N VAL G 130 19.95 39.37 -4.55
CA VAL G 130 21.32 39.39 -5.05
C VAL G 130 22.16 38.48 -4.17
N GLY G 131 23.31 38.10 -4.68
CA GLY G 131 24.26 37.29 -3.96
C GLY G 131 25.37 38.13 -3.37
N THR G 132 26.54 37.52 -3.23
CA THR G 132 27.72 38.22 -2.73
C THR G 132 28.89 38.14 -3.71
N GLY G 133 28.67 37.57 -4.89
CA GLY G 133 29.74 37.39 -5.85
C GLY G 133 30.15 38.68 -6.53
N ALA G 134 31.13 38.54 -7.43
CA ALA G 134 31.73 39.71 -8.07
C ALA G 134 30.72 40.48 -8.90
N ASP G 135 29.67 39.82 -9.39
CA ASP G 135 28.64 40.49 -10.18
C ASP G 135 27.73 41.36 -9.33
N THR G 136 27.80 41.26 -8.01
CA THR G 136 26.78 41.89 -7.16
C THR G 136 26.77 43.40 -7.30
N PRO G 137 27.91 44.11 -7.27
CA PRO G 137 27.85 45.58 -7.43
C PRO G 137 27.07 46.02 -8.66
N SER G 138 27.39 45.42 -9.82
N SER G 138 27.39 45.42 -9.82
CA SER G 138 26.67 45.79 -11.04
CA SER G 138 26.67 45.77 -11.04
C SER G 138 25.20 45.41 -10.94
C SER G 138 25.21 45.41 -10.94
N ARG G 139 24.90 44.25 -10.34
CA ARG G 139 23.51 43.83 -10.23
C ARG G 139 22.71 44.84 -9.39
N VAL G 140 23.21 45.17 -8.21
CA VAL G 140 22.51 46.12 -7.35
C VAL G 140 22.27 47.43 -8.08
N GLU G 141 23.30 47.95 -8.75
CA GLU G 141 23.12 49.25 -9.41
C GLU G 141 22.07 49.15 -10.51
N ALA G 142 22.07 48.07 -11.28
CA ALA G 142 21.04 47.89 -12.30
C ALA G 142 19.65 47.82 -11.66
N LEU G 143 19.53 47.10 -10.54
CA LEU G 143 18.24 46.94 -9.90
C LEU G 143 17.74 48.26 -9.32
N VAL G 144 18.64 49.03 -8.69
CA VAL G 144 18.24 50.30 -8.11
C VAL G 144 17.84 51.28 -9.21
N GLU G 145 18.61 51.32 -10.29
CA GLU G 145 18.29 52.19 -11.41
C GLU G 145 16.90 51.88 -11.96
N ALA G 146 16.51 50.61 -11.95
CA ALA G 146 15.21 50.21 -12.46
C ALA G 146 14.07 50.52 -11.50
N GLY G 147 14.36 50.94 -10.28
CA GLY G 147 13.32 51.29 -9.32
C GLY G 147 12.98 50.24 -8.28
N VAL G 148 13.85 49.26 -8.04
CA VAL G 148 13.54 48.24 -7.06
C VAL G 148 13.36 48.90 -5.69
N ASP G 149 12.41 48.38 -4.91
CA ASP G 149 12.13 48.93 -3.59
C ASP G 149 13.04 48.37 -2.51
N VAL G 150 13.51 47.14 -2.66
CA VAL G 150 14.29 46.49 -1.62
C VAL G 150 15.21 45.48 -2.27
N ILE G 151 16.47 45.48 -1.85
CA ILE G 151 17.47 44.51 -2.27
C ILE G 151 17.57 43.44 -1.19
N VAL G 152 17.48 42.18 -1.59
CA VAL G 152 17.58 41.05 -0.66
C VAL G 152 18.92 40.38 -0.90
N VAL G 153 19.87 40.59 0.00
CA VAL G 153 21.14 39.87 -0.04
C VAL G 153 20.85 38.47 0.50
N ASP G 154 20.83 37.49 -0.39
CA ASP G 154 20.08 36.25 -0.18
C ASP G 154 21.00 35.05 -0.39
N THR G 155 21.44 34.44 0.71
CA THR G 155 22.33 33.29 0.66
C THR G 155 21.91 32.26 1.68
N ALA G 156 22.48 31.06 1.56
CA ALA G 156 22.17 30.00 2.51
C ALA G 156 22.67 30.29 3.91
N HIS G 157 23.65 31.20 4.06
CA HIS G 157 24.33 31.37 5.34
C HIS G 157 24.61 32.87 5.52
N GLY G 158 23.61 33.60 6.00
CA GLY G 158 23.72 35.04 6.19
C GLY G 158 24.68 35.45 7.30
N HIS G 159 25.00 34.52 8.22
CA HIS G 159 25.94 34.81 9.31
C HIS G 159 27.37 34.59 8.82
N SER G 160 27.75 35.38 7.83
CA SER G 160 29.06 35.25 7.20
C SER G 160 29.57 36.63 6.86
N ALA G 161 30.89 36.76 6.78
CA ALA G 161 31.48 38.04 6.40
C ALA G 161 30.94 38.50 5.04
N GLY G 162 30.78 37.57 4.10
CA GLY G 162 30.32 37.93 2.77
C GLY G 162 28.99 38.65 2.80
N VAL G 163 28.01 38.08 3.50
CA VAL G 163 26.68 38.69 3.54
C VAL G 163 26.70 39.96 4.38
N ILE G 164 27.30 39.90 5.56
CA ILE G 164 27.32 41.06 6.45
C ILE G 164 27.97 42.25 5.76
N GLU G 165 29.11 42.02 5.11
CA GLU G 165 29.81 43.13 4.48
C GLU G 165 29.09 43.63 3.23
N ARG G 166 28.41 42.73 2.50
CA ARG G 166 27.65 43.17 1.33
C ARG G 166 26.42 43.97 1.74
N VAL G 167 25.77 43.57 2.83
CA VAL G 167 24.68 44.38 3.37
C VAL G 167 25.18 45.78 3.71
N ARG G 168 26.30 45.86 4.42
CA ARG G 168 26.86 47.16 4.79
C ARG G 168 27.19 47.99 3.54
N TRP G 169 27.68 47.33 2.49
CA TRP G 169 28.04 48.03 1.25
C TRP G 169 26.80 48.59 0.55
N VAL G 170 25.72 47.81 0.51
CA VAL G 170 24.49 48.30 -0.12
C VAL G 170 23.95 49.50 0.65
N LYS G 171 23.95 49.42 1.97
CA LYS G 171 23.41 50.51 2.79
C LYS G 171 24.23 51.78 2.64
N GLN G 172 25.56 51.64 2.61
CA GLN G 172 26.41 52.83 2.52
C GLN G 172 26.37 53.44 1.13
N ASN G 173 26.31 52.61 0.08
CA ASN G 173 26.37 53.10 -1.29
C ASN G 173 25.01 53.39 -1.91
N PHE G 174 23.95 52.74 -1.43
CA PHE G 174 22.59 52.95 -1.96
C PHE G 174 21.62 53.17 -0.81
N PRO G 175 21.80 54.25 -0.04
CA PRO G 175 20.89 54.50 1.09
C PRO G 175 19.45 54.74 0.67
N GLN G 176 19.20 55.01 -0.61
CA GLN G 176 17.83 55.25 -1.07
C GLN G 176 17.03 53.97 -1.25
N VAL G 177 17.64 52.80 -1.09
CA VAL G 177 16.93 51.54 -1.20
C VAL G 177 16.98 50.82 0.14
N GLN G 178 15.96 50.02 0.41
CA GLN G 178 15.94 49.15 1.57
C GLN G 178 16.73 47.88 1.27
N VAL G 179 17.35 47.32 2.30
CA VAL G 179 18.16 46.11 2.13
C VAL G 179 17.81 45.10 3.21
N ILE G 180 17.69 43.85 2.80
CA ILE G 180 17.41 42.73 3.68
C ILE G 180 18.59 41.77 3.58
N GLY G 181 18.97 41.18 4.71
CA GLY G 181 20.02 40.19 4.75
C GLY G 181 19.52 38.88 5.33
N GLY G 182 20.06 37.78 4.81
CA GLY G 182 19.69 36.45 5.26
C GLY G 182 20.45 35.42 4.46
N ASN G 183 20.21 34.15 4.77
CA ASN G 183 19.27 33.70 5.80
C ASN G 183 19.99 33.43 7.12
N ILE G 184 19.31 33.66 8.24
CA ILE G 184 19.91 33.45 9.55
C ILE G 184 18.96 32.63 10.42
N ALA G 185 19.49 32.18 11.56
CA ALA G 185 18.70 31.38 12.49
C ALA G 185 18.97 31.69 13.95
N THR G 186 19.80 32.68 14.26
CA THR G 186 20.19 32.95 15.64
C THR G 186 20.18 34.45 15.89
N GLY G 187 19.97 34.82 17.16
CA GLY G 187 20.03 36.22 17.54
C GLY G 187 21.38 36.84 17.28
N ASP G 188 22.46 36.08 17.51
CA ASP G 188 23.80 36.58 17.20
C ASP G 188 23.89 37.06 15.76
N ALA G 189 23.42 36.24 14.82
CA ALA G 189 23.47 36.62 13.41
C ALA G 189 22.58 37.82 13.14
N ALA G 190 21.45 37.91 13.84
CA ALA G 190 20.56 39.04 13.66
C ALA G 190 21.24 40.35 14.07
N LEU G 191 21.93 40.34 15.21
CA LEU G 191 22.60 41.55 15.68
C LEU G 191 23.74 41.94 14.74
N ALA G 192 24.46 40.96 14.19
CA ALA G 192 25.50 41.26 13.23
C ALA G 192 24.93 41.99 12.01
N LEU G 193 23.79 41.53 11.50
CA LEU G 193 23.20 42.18 10.34
C LEU G 193 22.59 43.53 10.71
N LEU G 194 21.99 43.63 11.91
CA LEU G 194 21.51 44.91 12.40
C LEU G 194 22.64 45.93 12.43
N ASP G 195 23.78 45.56 12.99
CA ASP G 195 24.89 46.50 13.07
C ASP G 195 25.43 46.85 11.69
N ALA G 196 25.30 45.94 10.72
CA ALA G 196 25.75 46.22 9.36
C ALA G 196 24.81 47.16 8.62
N GLY G 197 23.64 47.44 9.17
CA GLY G 197 22.69 48.37 8.58
C GLY G 197 21.48 47.75 7.91
N ALA G 198 21.23 46.46 8.09
CA ALA G 198 20.06 45.84 7.46
C ALA G 198 18.78 46.52 7.91
N ASP G 199 17.84 46.66 6.98
CA ASP G 199 16.52 47.18 7.31
C ASP G 199 15.56 46.07 7.72
N ALA G 200 15.93 44.82 7.51
CA ALA G 200 15.20 43.64 7.98
C ALA G 200 16.13 42.45 7.80
N VAL G 201 15.81 41.36 8.49
CA VAL G 201 16.55 40.12 8.34
C VAL G 201 15.59 39.02 7.94
N LYS G 202 16.10 38.03 7.23
CA LYS G 202 15.29 36.89 6.78
C LYS G 202 15.74 35.64 7.53
N VAL G 203 14.78 34.95 8.15
CA VAL G 203 15.05 33.87 9.10
C VAL G 203 14.63 32.55 8.49
N GLY G 204 15.54 31.59 8.47
CA GLY G 204 15.23 30.26 7.99
C GLY G 204 16.45 29.51 7.51
N ILE G 205 16.93 28.57 8.34
CA ILE G 205 17.99 27.64 7.97
C ILE G 205 17.45 26.25 8.28
N GLY G 206 17.04 25.52 7.26
CA GLY G 206 16.53 24.18 7.45
C GLY G 206 15.05 23.93 7.23
N PRO G 207 14.18 24.95 7.37
CA PRO G 207 12.73 24.67 7.41
C PRO G 207 12.08 24.46 6.05
N GLY G 208 12.73 24.84 4.95
CA GLY G 208 12.05 24.85 3.66
C GLY G 208 11.52 23.48 3.27
N SER G 209 10.38 23.48 2.59
CA SER G 209 9.76 22.23 2.17
C SER G 209 10.68 21.41 1.27
N ILE G 210 11.51 22.06 0.46
CA ILE G 210 12.41 21.37 -0.45
C ILE G 210 13.84 21.32 0.10
N CYS G 211 14.02 21.58 1.39
CA CYS G 211 15.35 21.63 1.97
C CYS G 211 15.87 20.22 2.23
N THR G 212 17.13 19.97 1.86
CA THR G 212 17.85 18.80 2.35
C THR G 212 19.08 19.18 3.15
N THR G 213 19.19 20.46 3.55
CA THR G 213 20.34 20.90 4.33
C THR G 213 20.45 20.12 5.64
N ARG G 214 19.31 19.84 6.28
N ARG G 214 19.30 19.83 6.27
CA ARG G 214 19.35 19.05 7.51
CA ARG G 214 19.34 19.05 7.50
C ARG G 214 19.99 17.69 7.28
C ARG G 214 19.96 17.68 7.29
N ILE G 215 19.73 17.08 6.11
CA ILE G 215 20.26 15.76 5.83
C ILE G 215 21.69 15.82 5.31
N VAL G 216 21.96 16.75 4.40
CA VAL G 216 23.28 16.83 3.77
C VAL G 216 24.31 17.37 4.75
N ALA G 217 23.97 18.43 5.47
CA ALA G 217 24.91 19.08 6.35
C ALA G 217 24.63 18.84 7.83
N GLY G 218 23.46 18.31 8.17
CA GLY G 218 23.12 18.16 9.58
C GLY G 218 22.92 19.47 10.28
N ILE G 219 22.63 20.54 9.52
CA ILE G 219 22.51 21.90 10.02
C ILE G 219 21.05 22.31 9.97
N GLY G 220 20.60 23.04 10.99
CA GLY G 220 19.26 23.58 10.96
C GLY G 220 18.85 24.12 12.31
N MET G 221 17.77 24.89 12.27
CA MET G 221 17.18 25.42 13.49
C MET G 221 15.66 25.39 13.35
N PRO G 222 14.96 24.58 14.13
CA PRO G 222 13.49 24.56 14.06
C PRO G 222 12.94 25.98 14.08
N GLN G 223 11.95 26.23 13.22
CA GLN G 223 11.67 27.60 12.80
C GLN G 223 11.04 28.46 13.90
N ILE G 224 10.23 27.86 14.78
CA ILE G 224 9.65 28.67 15.86
C ILE G 224 10.74 29.19 16.78
N SER G 225 11.72 28.34 17.11
CA SER G 225 12.82 28.78 17.94
C SER G 225 13.75 29.73 17.19
N ALA G 226 13.91 29.56 15.89
CA ALA G 226 14.71 30.51 15.12
C ALA G 226 14.06 31.89 15.15
N ILE G 227 12.75 31.97 14.90
CA ILE G 227 12.05 33.25 14.93
C ILE G 227 12.18 33.89 16.30
N ASP G 228 11.97 33.11 17.35
CA ASP G 228 12.05 33.66 18.70
C ASP G 228 13.46 34.15 19.02
N SER G 229 14.48 33.37 18.65
CA SER G 229 15.85 33.78 18.92
C SER G 229 16.17 35.12 18.23
N VAL G 230 15.79 35.24 16.96
CA VAL G 230 16.06 36.47 16.22
C VAL G 230 15.21 37.61 16.77
N ALA G 231 13.91 37.39 16.96
CA ALA G 231 13.05 38.47 17.43
C ALA G 231 13.48 38.97 18.80
N SER G 232 13.87 38.04 19.69
CA SER G 232 14.28 38.44 21.04
C SER G 232 15.55 39.29 21.02
N ALA G 233 16.47 39.01 20.09
CA ALA G 233 17.70 39.79 20.03
C ALA G 233 17.43 41.18 19.45
N LEU G 234 16.55 41.29 18.46
CA LEU G 234 16.35 42.54 17.75
C LEU G 234 15.57 43.57 18.56
N LYS G 235 14.71 43.11 19.47
CA LYS G 235 13.86 44.01 20.26
C LYS G 235 13.15 45.03 19.37
N ASP G 236 12.62 44.57 18.24
CA ASP G 236 11.80 45.34 17.32
C ASP G 236 12.55 46.49 16.64
N GLN G 237 13.88 46.48 16.68
CA GLN G 237 14.63 47.54 15.99
C GLN G 237 14.43 47.43 14.48
N ILE G 238 14.38 46.20 13.96
CA ILE G 238 13.98 45.94 12.58
C ILE G 238 13.15 44.68 12.54
N PRO G 239 12.27 44.57 11.56
CA PRO G 239 11.42 43.38 11.44
C PRO G 239 12.19 42.19 10.89
N LEU G 240 11.60 41.02 11.08
CA LEU G 240 12.16 39.78 10.53
C LEU G 240 11.14 39.10 9.64
N ILE G 241 11.64 38.47 8.57
CA ILE G 241 10.84 37.71 7.63
C ILE G 241 11.02 36.23 7.96
N ALA G 242 9.93 35.54 8.30
CA ALA G 242 9.99 34.11 8.59
C ALA G 242 9.90 33.34 7.28
N ASP G 243 11.01 32.77 6.83
CA ASP G 243 11.16 32.22 5.48
C ASP G 243 11.31 30.70 5.53
N GLY G 244 10.30 30.00 5.06
CA GLY G 244 10.38 28.57 4.84
C GLY G 244 9.58 27.78 5.86
N GLY G 245 9.10 26.61 5.42
CA GLY G 245 8.37 25.70 6.28
C GLY G 245 6.91 26.02 6.50
N ILE G 246 6.38 27.05 5.86
CA ILE G 246 4.97 27.39 5.97
C ILE G 246 4.19 26.42 5.09
N ARG G 247 3.37 25.59 5.72
CA ARG G 247 2.52 24.65 4.99
C ARG G 247 1.04 25.01 5.05
N PHE G 248 0.60 25.61 6.15
CA PHE G 248 -0.80 25.94 6.37
C PHE G 248 -0.90 27.37 6.87
N SER G 249 -2.10 27.95 6.77
CA SER G 249 -2.31 29.27 7.33
C SER G 249 -1.99 29.29 8.83
N GLY G 250 -2.26 28.18 9.53
CA GLY G 250 -1.95 28.15 10.95
C GLY G 250 -0.48 28.38 11.25
N ASP G 251 0.42 27.90 10.38
CA ASP G 251 1.84 28.16 10.54
C ASP G 251 2.14 29.66 10.46
N MET G 252 1.42 30.38 9.62
N MET G 252 1.40 30.39 9.62
CA MET G 252 1.62 31.82 9.52
CA MET G 252 1.62 31.82 9.52
C MET G 252 1.31 32.50 10.85
C MET G 252 1.29 32.52 10.83
N ALA G 253 0.16 32.17 11.44
CA ALA G 253 -0.20 32.74 12.72
C ALA G 253 0.86 32.43 13.77
N LYS G 254 1.32 31.17 13.81
CA LYS G 254 2.34 30.79 14.79
C LYS G 254 3.62 31.59 14.59
N ALA G 255 4.04 31.74 13.32
CA ALA G 255 5.28 32.47 13.05
C ALA G 255 5.17 33.91 13.54
N ILE G 256 4.05 34.56 13.26
CA ILE G 256 3.86 35.95 13.69
C ILE G 256 3.78 36.03 15.22
N GLY G 257 3.04 35.11 15.84
CA GLY G 257 3.02 35.06 17.30
C GLY G 257 4.39 34.86 17.91
N ALA G 258 5.26 34.11 17.24
CA ALA G 258 6.62 33.92 17.71
C ALA G 258 7.50 35.14 17.47
N GLY G 259 7.05 36.13 16.69
CA GLY G 259 7.81 37.36 16.55
C GLY G 259 8.03 37.85 15.13
N ALA G 260 7.64 37.04 14.13
CA ALA G 260 7.80 37.45 12.75
C ALA G 260 6.89 38.64 12.43
N SER G 261 7.33 39.47 11.48
CA SER G 261 6.52 40.53 10.93
C SER G 261 5.92 40.19 9.58
N THR G 262 6.60 39.34 8.80
CA THR G 262 6.12 38.86 7.51
C THR G 262 6.50 37.40 7.38
N ILE G 263 5.91 36.74 6.39
CA ILE G 263 6.14 35.34 6.09
C ILE G 263 6.50 35.22 4.62
N MET G 264 7.55 34.46 4.31
CA MET G 264 7.93 34.17 2.93
C MET G 264 7.57 32.73 2.61
N VAL G 265 6.91 32.52 1.47
CA VAL G 265 6.44 31.19 1.09
C VAL G 265 6.90 30.88 -0.32
N GLY G 266 7.30 29.63 -0.53
CA GLY G 266 7.60 29.12 -1.85
C GLY G 266 6.60 28.10 -2.31
N SER G 267 6.54 26.95 -1.61
N SER G 267 6.56 26.95 -1.61
CA SER G 267 5.71 25.85 -2.06
CA SER G 267 5.70 25.84 -2.04
C SER G 267 4.24 26.22 -2.15
C SER G 267 4.26 26.27 -2.18
N LEU G 268 3.76 27.10 -1.26
CA LEU G 268 2.34 27.46 -1.27
C LEU G 268 1.96 28.24 -2.52
N LEU G 269 2.89 29.02 -3.08
CA LEU G 269 2.62 29.78 -4.30
C LEU G 269 3.13 29.11 -5.56
N ALA G 270 3.99 28.10 -5.44
CA ALA G 270 4.37 27.29 -6.59
C ALA G 270 3.13 26.58 -7.13
N GLY G 271 3.10 26.40 -8.45
CA GLY G 271 1.96 25.77 -9.08
C GLY G 271 0.79 26.69 -9.37
N THR G 272 0.80 27.91 -8.85
CA THR G 272 -0.22 28.87 -9.26
C THR G 272 0.04 29.35 -10.69
N GLU G 273 -0.98 29.96 -11.29
CA GLU G 273 -0.86 30.39 -12.68
C GLU G 273 0.18 31.49 -12.85
N GLU G 274 0.34 32.35 -11.84
CA GLU G 274 1.31 33.44 -11.93
C GLU G 274 2.75 33.00 -11.71
N ALA G 275 2.97 31.83 -11.11
CA ALA G 275 4.33 31.36 -10.90
C ALA G 275 4.99 31.01 -12.23
N PRO G 276 6.32 31.13 -12.33
CA PRO G 276 6.99 30.78 -13.58
C PRO G 276 6.84 29.31 -13.92
N GLY G 277 6.96 29.01 -15.19
CA GLY G 277 6.88 27.64 -15.65
C GLY G 277 5.54 27.32 -16.30
N GLU G 278 5.59 26.41 -17.27
CA GLU G 278 4.38 25.94 -17.93
C GLU G 278 3.72 24.84 -17.11
N VAL G 279 2.43 24.65 -17.33
CA VAL G 279 1.72 23.52 -16.75
C VAL G 279 2.01 22.29 -17.60
N GLU G 280 2.14 21.15 -16.92
CA GLU G 280 2.31 19.86 -17.58
C GLU G 280 1.38 18.87 -16.89
N PHE G 281 0.65 18.10 -17.66
CA PHE G 281 -0.20 17.07 -17.08
C PHE G 281 0.44 15.70 -17.24
N PHE G 282 0.38 14.92 -16.18
CA PHE G 282 1.15 13.69 -16.04
C PHE G 282 0.33 12.76 -15.17
N GLN G 283 -0.15 11.65 -15.76
CA GLN G 283 -1.24 10.87 -15.21
C GLN G 283 -2.57 11.62 -15.31
N GLY G 284 -2.65 12.60 -16.18
CA GLY G 284 -3.87 13.35 -16.37
C GLY G 284 -3.88 14.68 -15.64
N ARG G 285 -3.44 14.68 -14.39
CA ARG G 285 -3.48 15.89 -13.58
C ARG G 285 -2.48 16.91 -14.08
N TYR G 286 -2.80 18.19 -13.85
CA TYR G 286 -1.92 19.29 -14.24
C TYR G 286 -0.96 19.64 -13.10
N TYR G 287 0.30 19.88 -13.46
CA TYR G 287 1.36 20.14 -12.49
C TYR G 287 2.20 21.31 -12.94
N LYS G 288 2.97 21.85 -12.00
CA LYS G 288 4.05 22.78 -12.29
C LYS G 288 5.29 22.34 -11.51
N ALA G 289 6.45 22.74 -12.00
CA ALA G 289 7.70 22.40 -11.34
C ALA G 289 7.91 23.26 -10.11
N TYR G 290 8.55 22.67 -9.10
CA TYR G 290 8.99 23.38 -7.91
C TYR G 290 10.32 22.77 -7.47
N ARG G 291 11.32 23.62 -7.27
CA ARG G 291 12.66 23.11 -6.96
C ARG G 291 13.40 24.08 -6.06
N GLY G 292 14.20 23.52 -5.15
CA GLY G 292 15.10 24.35 -4.38
C GLY G 292 16.13 25.02 -5.28
N MET G 293 16.56 26.20 -4.85
CA MET G 293 17.62 26.89 -5.58
C MET G 293 18.98 26.24 -5.38
N GLY G 294 19.07 25.28 -4.46
CA GLY G 294 20.28 24.50 -4.29
C GLY G 294 20.13 23.09 -4.82
N SER G 295 19.11 22.87 -5.66
CA SER G 295 18.94 21.58 -6.30
C SER G 295 19.90 21.43 -7.47
N LEU G 296 20.08 20.19 -7.92
CA LEU G 296 20.91 19.93 -9.08
C LEU G 296 20.47 20.78 -10.27
N GLY G 297 19.17 20.74 -10.59
CA GLY G 297 18.68 21.47 -11.74
C GLY G 297 18.89 22.97 -11.65
N ALA G 298 18.62 23.55 -10.47
CA ALA G 298 18.78 24.99 -10.31
C ALA G 298 20.24 25.40 -10.47
N MET G 299 21.17 24.60 -9.95
CA MET G 299 22.58 24.94 -10.04
C MET G 299 23.16 24.69 -11.43
N ALA G 300 22.46 23.94 -12.28
CA ALA G 300 22.94 23.65 -13.62
C ALA G 300 22.38 24.64 -14.64
N LYS G 319 32.48 22.87 -6.35
CA LYS G 319 31.02 22.91 -6.54
C LYS G 319 30.31 22.28 -5.35
N LEU G 320 29.26 22.94 -4.86
CA LEU G 320 28.52 22.45 -3.71
C LEU G 320 27.67 21.24 -4.07
N VAL G 321 27.62 20.27 -3.16
CA VAL G 321 26.67 19.17 -3.31
C VAL G 321 25.28 19.77 -3.17
N PRO G 322 24.27 19.24 -3.85
CA PRO G 322 22.95 19.85 -3.80
C PRO G 322 22.37 19.81 -2.39
N GLU G 323 21.58 20.83 -2.06
CA GLU G 323 20.90 20.90 -0.77
C GLU G 323 19.41 21.13 -0.93
N GLY G 324 18.87 20.87 -2.11
CA GLY G 324 17.43 20.95 -2.32
C GLY G 324 16.99 19.89 -3.30
N ILE G 325 15.69 19.60 -3.27
CA ILE G 325 15.10 18.62 -4.14
C ILE G 325 14.37 19.33 -5.28
N GLU G 326 14.03 18.56 -6.31
CA GLU G 326 13.38 19.07 -7.51
C GLU G 326 12.15 18.21 -7.77
N GLY G 327 10.98 18.85 -7.79
CA GLY G 327 9.74 18.11 -7.95
C GLY G 327 8.64 18.87 -8.66
N ARG G 328 7.42 18.38 -8.56
CA ARG G 328 6.27 19.02 -9.20
C ARG G 328 5.14 19.14 -8.20
N VAL G 329 4.45 20.28 -8.23
CA VAL G 329 3.32 20.53 -7.34
C VAL G 329 2.05 20.61 -8.18
N PRO G 330 0.89 20.22 -7.63
CA PRO G 330 -0.35 20.32 -8.40
C PRO G 330 -0.65 21.75 -8.80
N TYR G 331 -1.27 21.90 -9.97
CA TYR G 331 -1.69 23.20 -10.45
C TYR G 331 -2.75 23.78 -9.50
N LYS G 332 -2.60 25.05 -9.16
CA LYS G 332 -3.45 25.69 -8.15
C LYS G 332 -4.35 26.78 -8.71
N GLY G 333 -4.21 27.14 -9.98
CA GLY G 333 -4.98 28.23 -10.54
C GLY G 333 -4.47 29.57 -10.09
N PRO G 334 -5.29 30.62 -10.24
CA PRO G 334 -4.83 31.97 -9.87
C PRO G 334 -4.39 32.03 -8.42
N MET G 335 -3.26 32.70 -8.20
CA MET G 335 -2.69 32.79 -6.85
C MET G 335 -3.62 33.53 -5.89
N GLY G 336 -4.49 34.41 -6.39
CA GLY G 336 -5.39 35.13 -5.49
C GLY G 336 -6.21 34.23 -4.59
N ASN G 337 -6.61 33.06 -5.12
CA ASN G 337 -7.40 32.13 -4.32
C ASN G 337 -6.62 31.63 -3.12
N ILE G 338 -5.42 31.08 -3.35
CA ILE G 338 -4.64 30.54 -2.24
C ILE G 338 -4.27 31.65 -1.26
N VAL G 339 -3.97 32.85 -1.77
CA VAL G 339 -3.64 33.94 -0.87
C VAL G 339 -4.86 34.30 -0.01
N HIS G 340 -6.04 34.34 -0.62
CA HIS G 340 -7.25 34.59 0.14
C HIS G 340 -7.48 33.52 1.20
N GLN G 341 -7.31 32.24 0.83
CA GLN G 341 -7.46 31.17 1.81
C GLN G 341 -6.49 31.35 2.98
N MET G 342 -5.23 31.64 2.68
CA MET G 342 -4.22 31.76 3.72
C MET G 342 -4.53 32.94 4.64
N MET G 343 -4.82 34.10 4.06
CA MET G 343 -5.13 35.27 4.87
C MET G 343 -6.41 35.08 5.67
N GLY G 344 -7.37 34.30 5.13
CA GLY G 344 -8.56 33.99 5.89
C GLY G 344 -8.25 33.19 7.14
N GLY G 345 -7.33 32.22 7.03
CA GLY G 345 -6.93 31.47 8.20
C GLY G 345 -6.24 32.33 9.24
N LEU G 346 -5.39 33.25 8.78
CA LEU G 346 -4.73 34.18 9.71
C LEU G 346 -5.76 35.07 10.41
N ARG G 347 -6.74 35.59 9.66
CA ARG G 347 -7.79 36.38 10.29
C ARG G 347 -8.51 35.59 11.37
N SER G 348 -8.85 34.33 11.06
N SER G 348 -8.85 34.32 11.09
CA SER G 348 -9.46 33.47 12.07
CA SER G 348 -9.51 33.52 12.10
C SER G 348 -8.61 33.39 13.32
C SER G 348 -8.63 33.33 13.32
N SER G 349 -7.32 33.08 13.16
N SER G 349 -7.33 33.07 13.11
CA SER G 349 -6.42 32.98 14.30
CA SER G 349 -6.39 33.00 14.22
C SER G 349 -6.40 34.27 15.10
C SER G 349 -6.46 34.26 15.08
N MET G 350 -6.41 35.42 14.43
CA MET G 350 -6.36 36.68 15.16
C MET G 350 -7.68 36.95 15.88
N GLY G 351 -8.80 36.49 15.32
CA GLY G 351 -10.05 36.53 16.07
C GLY G 351 -9.98 35.73 17.34
N TYR G 352 -9.41 34.52 17.26
CA TYR G 352 -9.27 33.66 18.44
C TYR G 352 -8.37 34.28 19.50
N THR G 353 -7.34 34.99 19.07
CA THR G 353 -6.38 35.56 20.01
C THR G 353 -6.73 36.97 20.43
N GLY G 354 -7.82 37.53 19.94
CA GLY G 354 -8.17 38.89 20.27
C GLY G 354 -7.21 39.93 19.69
N SER G 355 -6.62 39.64 18.53
CA SER G 355 -5.60 40.49 17.93
C SER G 355 -6.23 41.31 16.79
N ALA G 356 -6.46 42.60 17.04
CA ALA G 356 -7.06 43.45 16.01
C ALA G 356 -6.05 43.87 14.95
N VAL G 357 -4.77 43.88 15.28
CA VAL G 357 -3.72 44.25 14.35
C VAL G 357 -2.53 43.30 14.54
N ILE G 358 -1.68 43.24 13.52
CA ILE G 358 -0.56 42.30 13.53
C ILE G 358 0.27 42.46 14.80
N GLU G 359 0.53 43.71 15.20
CA GLU G 359 1.38 43.92 16.38
C GLU G 359 0.76 43.32 17.64
N ASP G 360 -0.58 43.26 17.70
CA ASP G 360 -1.23 42.62 18.86
C ASP G 360 -0.84 41.16 18.95
N LEU G 361 -0.87 40.46 17.81
CA LEU G 361 -0.48 39.05 17.82
C LEU G 361 0.99 38.87 18.16
N ARG G 362 1.85 39.75 17.62
CA ARG G 362 3.28 39.66 17.90
C ARG G 362 3.57 39.86 19.38
N GLN G 363 2.82 40.74 20.05
CA GLN G 363 3.13 41.07 21.44
C GLN G 363 2.37 40.20 22.44
N ASN G 364 1.17 39.72 22.11
CA ASN G 364 0.31 39.08 23.09
C ASN G 364 0.15 37.58 22.91
N ALA G 365 0.71 36.97 21.87
CA ALA G 365 0.48 35.55 21.64
C ALA G 365 0.99 34.72 22.82
N LYS G 366 0.18 33.74 23.22
CA LYS G 366 0.59 32.73 24.19
C LYS G 366 0.51 31.36 23.54
N PHE G 367 1.50 30.52 23.81
CA PHE G 367 1.59 29.20 23.22
C PHE G 367 1.52 28.12 24.30
N VAL G 368 1.12 26.93 23.87
CA VAL G 368 1.41 25.72 24.63
C VAL G 368 2.25 24.82 23.75
N LYS G 369 3.08 24.00 24.38
CA LYS G 369 3.84 22.98 23.68
C LYS G 369 3.04 21.68 23.72
N ILE G 370 3.02 20.98 22.59
CA ILE G 370 2.26 19.74 22.49
C ILE G 370 3.21 18.58 22.23
N THR G 371 2.75 17.37 22.52
CA THR G 371 3.52 16.17 22.30
C THR G 371 3.27 15.62 20.90
N SER G 372 3.95 14.53 20.56
CA SER G 372 3.72 13.88 19.29
C SER G 372 2.27 13.43 19.13
N ALA G 373 1.61 13.09 20.24
CA ALA G 373 0.20 12.70 20.17
C ALA G 373 -0.66 13.84 19.65
N GLY G 374 -0.31 15.07 19.98
CA GLY G 374 -1.06 16.23 19.54
C GLY G 374 -0.81 16.60 18.09
N SER H 16 12.17 4.50 41.20
CA SER H 16 12.82 4.74 42.49
C SER H 16 14.07 3.89 42.64
N MET H 17 13.97 2.62 42.25
CA MET H 17 15.12 1.75 42.15
C MET H 17 15.76 1.78 40.76
N LEU H 18 15.00 2.22 39.75
CA LEU H 18 15.46 2.21 38.37
C LEU H 18 16.60 3.20 38.20
N THR H 19 17.74 2.72 37.70
CA THR H 19 18.89 3.58 37.46
C THR H 19 18.86 4.01 36.00
N ILE H 20 18.48 5.27 35.77
CA ILE H 20 18.46 5.88 34.44
C ILE H 20 19.60 6.88 34.41
N VAL H 21 20.63 6.58 33.61
CA VAL H 21 21.84 7.39 33.63
C VAL H 21 21.59 8.74 32.95
N GLN H 22 20.77 8.75 31.91
CA GLN H 22 20.52 9.95 31.12
C GLN H 22 19.47 9.62 30.08
N GLU H 23 18.89 10.68 29.50
CA GLU H 23 18.20 10.54 28.21
C GLU H 23 19.27 10.61 27.13
N ALA H 24 19.42 9.54 26.36
CA ALA H 24 20.51 9.42 25.40
C ALA H 24 20.02 9.81 24.01
N LEU H 25 20.89 10.48 23.26
CA LEU H 25 20.52 11.09 22.00
C LEU H 25 21.17 10.37 20.83
N THR H 26 20.43 10.23 19.73
CA THR H 26 20.96 9.71 18.48
C THR H 26 21.10 10.87 17.49
N PHE H 27 21.54 10.55 16.28
CA PHE H 27 21.77 11.60 15.27
C PHE H 27 20.50 12.39 14.99
N ASP H 28 19.36 11.70 14.87
CA ASP H 28 18.11 12.39 14.53
C ASP H 28 17.57 13.26 15.65
N ASP H 29 18.11 13.14 16.86
CA ASP H 29 17.66 13.99 17.96
C ASP H 29 18.26 15.39 17.96
N VAL H 30 19.31 15.65 17.17
CA VAL H 30 20.04 16.91 17.28
C VAL H 30 20.26 17.51 15.91
N LEU H 31 20.45 18.83 15.89
CA LEU H 31 20.92 19.56 14.73
C LEU H 31 22.07 20.47 15.14
N LEU H 32 23.04 20.62 14.26
CA LEU H 32 24.10 21.59 14.45
C LEU H 32 23.59 22.98 14.11
N LEU H 33 24.02 23.97 14.89
CA LEU H 33 23.62 25.35 14.62
C LEU H 33 24.61 26.03 13.68
N PRO H 34 24.13 26.82 12.72
CA PRO H 34 25.05 27.67 11.96
C PRO H 34 25.69 28.70 12.88
N ALA H 35 26.91 29.09 12.54
CA ALA H 35 27.66 30.06 13.32
C ALA H 35 28.39 31.00 12.36
N TYR H 36 28.96 32.06 12.91
CA TYR H 36 29.69 33.01 12.08
C TYR H 36 30.80 32.30 11.31
N SER H 37 30.85 32.53 10.00
CA SER H 37 31.77 31.81 9.15
C SER H 37 32.48 32.77 8.20
N THR H 38 33.79 32.56 8.06
CA THR H 38 34.56 33.16 6.98
C THR H 38 35.28 32.08 6.18
N VAL H 39 34.72 30.87 6.14
CA VAL H 39 35.31 29.79 5.36
C VAL H 39 34.25 29.19 4.45
N LEU H 40 34.61 29.00 3.17
CA LEU H 40 33.74 28.36 2.19
C LEU H 40 33.94 26.85 2.23
N PRO H 41 32.87 26.08 1.99
CA PRO H 41 33.03 24.61 1.99
C PRO H 41 34.22 24.12 1.18
N LYS H 42 34.51 24.76 0.04
CA LYS H 42 35.58 24.27 -0.81
C LYS H 42 36.96 24.42 -0.19
N ASP H 43 37.12 25.31 0.79
CA ASP H 43 38.43 25.57 1.39
C ASP H 43 38.61 24.88 2.74
N VAL H 44 37.63 24.10 3.19
CA VAL H 44 37.75 23.41 4.46
C VAL H 44 38.78 22.29 4.36
N SER H 45 39.48 22.02 5.46
CA SER H 45 40.42 20.91 5.53
C SER H 45 39.78 19.75 6.30
N LEU H 46 39.79 18.56 5.69
CA LEU H 46 39.22 17.37 6.29
C LEU H 46 40.26 16.47 6.97
N LYS H 47 41.50 16.95 7.11
CA LYS H 47 42.54 16.13 7.74
C LYS H 47 42.20 15.89 9.20
N THR H 48 42.53 14.69 9.69
CA THR H 48 42.20 14.32 11.06
C THR H 48 43.13 13.19 11.48
N ARG H 49 42.97 12.71 12.70
CA ARG H 49 43.78 11.60 13.17
C ARG H 49 42.93 10.38 13.41
N LEU H 50 43.40 9.23 12.90
CA LEU H 50 42.78 7.95 13.15
C LEU H 50 43.18 7.42 14.52
N THR H 51 44.47 7.49 14.85
CA THR H 51 45.03 7.12 16.13
C THR H 51 46.00 8.24 16.55
N ARG H 52 46.60 8.10 17.72
CA ARG H 52 47.51 9.16 18.11
C ARG H 52 48.71 9.24 17.18
N GLY H 53 49.00 8.17 16.44
CA GLY H 53 50.13 8.16 15.54
C GLY H 53 49.83 8.18 14.05
N ILE H 54 48.57 7.98 13.66
CA ILE H 54 48.20 7.88 12.26
C ILE H 54 47.20 8.99 11.95
N TYR H 55 47.54 9.84 10.99
CA TYR H 55 46.64 10.87 10.50
C TYR H 55 46.05 10.46 9.15
N LEU H 56 44.83 10.92 8.90
CA LEU H 56 44.14 10.69 7.63
C LEU H 56 43.89 12.03 6.95
N ASN H 57 43.69 11.99 5.64
CA ASN H 57 43.33 13.20 4.91
C ASN H 57 41.81 13.41 4.84
N ILE H 58 41.03 12.37 5.09
CA ILE H 58 39.58 12.53 5.31
C ILE H 58 39.17 11.65 6.47
N PRO H 59 38.09 12.01 7.16
CA PRO H 59 37.74 11.29 8.40
C PRO H 59 36.92 10.04 8.19
N LEU H 60 37.15 9.32 7.09
CA LEU H 60 36.31 8.18 6.72
C LEU H 60 37.09 6.88 6.82
N VAL H 61 36.48 5.88 7.45
CA VAL H 61 37.06 4.55 7.64
C VAL H 61 36.02 3.53 7.17
N SER H 62 36.45 2.56 6.35
CA SER H 62 35.55 1.53 5.88
C SER H 62 35.47 0.37 6.89
N ALA H 63 34.26 -0.14 7.08
CA ALA H 63 33.99 -1.11 8.14
C ALA H 63 34.68 -2.45 7.90
N ALA H 64 35.06 -3.10 8.99
CA ALA H 64 35.71 -4.42 8.92
C ALA H 64 34.64 -5.50 8.77
N MET H 65 34.03 -5.53 7.59
CA MET H 65 32.93 -6.43 7.29
C MET H 65 33.21 -7.16 5.98
N ASP H 66 32.81 -8.44 5.91
CA ASP H 66 33.12 -9.22 4.71
C ASP H 66 32.25 -8.84 3.52
N THR H 67 31.34 -7.88 3.67
CA THR H 67 30.64 -7.30 2.53
C THR H 67 31.07 -5.85 2.29
N VAL H 68 32.11 -5.37 2.96
CA VAL H 68 32.55 -3.99 2.79
C VAL H 68 34.03 -3.89 2.41
N THR H 69 34.93 -4.44 3.23
CA THR H 69 36.35 -4.11 3.13
C THR H 69 37.21 -5.36 2.97
N GLU H 70 37.70 -5.57 1.75
CA GLU H 70 38.88 -6.40 1.51
C GLU H 70 39.92 -5.53 0.82
N SER H 71 40.91 -6.11 0.15
CA SER H 71 42.04 -5.30 -0.33
C SER H 71 41.60 -4.26 -1.35
N ARG H 72 40.63 -4.59 -2.20
CA ARG H 72 40.18 -3.64 -3.22
C ARG H 72 39.59 -2.39 -2.59
N MET H 73 38.76 -2.56 -1.55
CA MET H 73 38.20 -1.40 -0.87
C MET H 73 39.26 -0.66 -0.08
N ALA H 74 40.17 -1.39 0.55
CA ALA H 74 41.21 -0.74 1.36
C ALA H 74 42.09 0.16 0.49
N ILE H 75 42.45 -0.31 -0.70
CA ILE H 75 43.25 0.51 -1.60
C ILE H 75 42.50 1.78 -1.97
N ALA H 76 41.23 1.65 -2.37
CA ALA H 76 40.44 2.82 -2.74
C ALA H 76 40.29 3.79 -1.57
N MET H 77 40.07 3.26 -0.36
CA MET H 77 39.94 4.14 0.80
C MET H 77 41.20 4.96 1.00
N ALA H 78 42.37 4.29 0.99
CA ALA H 78 43.63 4.99 1.19
C ALA H 78 43.88 6.00 0.06
N GLN H 79 43.55 5.63 -1.17
CA GLN H 79 43.77 6.56 -2.28
C GLN H 79 42.94 7.82 -2.12
N ASN H 80 41.77 7.72 -1.49
CA ASN H 80 40.93 8.88 -1.23
C ASN H 80 41.28 9.61 0.05
N GLY H 81 42.30 9.16 0.78
CA GLY H 81 42.74 9.84 1.98
C GLY H 81 42.22 9.27 3.27
N GLY H 82 41.42 8.21 3.22
CA GLY H 82 40.97 7.49 4.38
C GLY H 82 41.73 6.19 4.58
N ILE H 83 41.06 5.22 5.21
CA ILE H 83 41.69 3.92 5.44
C ILE H 83 40.59 2.87 5.52
N GLY H 84 40.96 1.65 5.16
CA GLY H 84 40.07 0.50 5.26
C GLY H 84 40.56 -0.46 6.34
N ILE H 85 39.61 -1.05 7.07
CA ILE H 85 39.93 -2.09 8.04
C ILE H 85 39.52 -3.42 7.42
N LEU H 86 40.51 -4.22 7.03
CA LEU H 86 40.25 -5.54 6.47
C LEU H 86 39.55 -6.41 7.51
N HIS H 87 38.49 -7.11 7.08
CA HIS H 87 37.73 -7.91 8.02
C HIS H 87 38.52 -9.18 8.38
N LYS H 88 38.12 -9.79 9.50
CA LYS H 88 38.80 -10.98 10.02
C LYS H 88 38.04 -12.27 9.74
N ASN H 89 37.02 -12.23 8.89
CA ASN H 89 36.28 -13.42 8.50
C ASN H 89 37.05 -14.18 7.43
N MET H 90 38.33 -14.43 7.65
CA MET H 90 39.16 -15.11 6.66
C MET H 90 40.42 -15.62 7.35
N ASP H 91 41.06 -16.60 6.70
CA ASP H 91 42.24 -17.24 7.24
C ASP H 91 43.36 -16.23 7.48
N ILE H 92 44.25 -16.56 8.42
CA ILE H 92 45.37 -15.67 8.73
C ILE H 92 46.18 -15.40 7.49
N ALA H 93 46.59 -16.44 6.78
CA ALA H 93 47.37 -16.25 5.56
C ALA H 93 46.60 -15.38 4.57
N ALA H 94 45.28 -15.55 4.49
CA ALA H 94 44.48 -14.75 3.58
C ALA H 94 44.50 -13.27 3.98
N GLN H 95 44.25 -12.99 5.25
CA GLN H 95 44.24 -11.61 5.70
C GLN H 95 45.61 -10.96 5.53
N ALA H 96 46.67 -11.72 5.80
CA ALA H 96 48.02 -11.19 5.61
C ALA H 96 48.28 -10.88 4.14
N ALA H 97 47.84 -11.77 3.24
CA ALA H 97 47.98 -11.52 1.81
C ALA H 97 47.24 -10.25 1.41
N GLU H 98 46.03 -10.06 1.95
CA GLU H 98 45.29 -8.83 1.68
C GLU H 98 46.10 -7.60 2.11
N VAL H 99 46.75 -7.68 3.27
CA VAL H 99 47.59 -6.58 3.71
C VAL H 99 48.70 -6.31 2.70
N ARG H 100 49.44 -7.36 2.32
CA ARG H 100 50.52 -7.18 1.37
C ARG H 100 50.02 -6.61 0.04
N ARG H 101 48.80 -6.96 -0.36
CA ARG H 101 48.25 -6.44 -1.60
C ARG H 101 48.10 -4.92 -1.54
N VAL H 102 47.76 -4.38 -0.37
CA VAL H 102 47.62 -2.94 -0.21
C VAL H 102 48.97 -2.27 -0.05
N LYS H 103 49.82 -2.81 0.84
CA LYS H 103 51.11 -2.20 1.09
C LYS H 103 51.99 -2.17 -0.16
N LYS H 104 51.81 -3.14 -1.05
CA LYS H 104 52.61 -3.22 -2.26
C LYS H 104 51.96 -2.56 -3.46
N PHE H 105 50.68 -2.19 -3.37
CA PHE H 105 49.96 -1.68 -4.53
C PHE H 105 50.70 -0.52 -5.17
N GLU H 106 50.70 -0.49 -6.50
CA GLU H 106 51.33 0.57 -7.27
C GLU H 106 50.31 1.10 -8.27
N ALA H 107 50.01 2.39 -8.19
CA ALA H 107 49.05 3.00 -9.09
C ALA H 107 49.70 3.30 -10.44
N GLY H 108 48.87 3.33 -11.49
CA GLY H 108 49.37 3.61 -12.82
C GLY H 108 49.83 5.05 -12.96
N LYS H 109 50.84 5.23 -13.83
CA LYS H 109 51.45 6.55 -14.01
C LYS H 109 50.54 7.54 -14.73
N ALA H 110 49.29 7.16 -15.01
CA ALA H 110 48.30 8.09 -15.54
C ALA H 110 47.19 8.36 -14.55
N GLU H 111 47.35 7.93 -13.30
CA GLU H 111 46.35 8.12 -12.24
C GLU H 111 46.98 8.88 -11.09
N SER H 112 46.36 9.99 -10.72
CA SER H 112 46.87 10.85 -9.66
C SER H 112 45.90 10.83 -8.48
N TYR H 113 46.44 10.54 -7.29
CA TYR H 113 45.70 10.59 -6.03
C TYR H 113 46.50 11.43 -5.06
N PRO H 114 46.45 12.76 -5.20
CA PRO H 114 47.30 13.61 -4.36
C PRO H 114 46.99 13.51 -2.88
N ASN H 115 45.76 13.16 -2.51
CA ASN H 115 45.35 13.10 -1.12
C ASN H 115 45.53 11.72 -0.49
N SER H 116 46.31 10.84 -1.13
CA SER H 116 46.47 9.48 -0.63
C SER H 116 46.96 9.46 0.80
N CYS H 117 46.49 8.48 1.57
CA CYS H 117 46.94 8.25 2.94
C CYS H 117 48.03 7.19 2.91
N LYS H 118 49.27 7.58 3.22
CA LYS H 118 50.42 6.72 3.08
C LYS H 118 51.27 6.76 4.35
N ASP H 119 52.08 5.72 4.54
CA ASP H 119 52.98 5.61 5.68
C ASP H 119 54.30 6.30 5.36
N ASP H 120 55.29 6.14 6.25
CA ASP H 120 56.59 6.79 6.07
C ASP H 120 57.31 6.31 4.81
N LEU H 121 57.02 5.08 4.37
CA LEU H 121 57.68 4.51 3.20
C LEU H 121 56.96 4.86 1.89
N GLY H 122 55.93 5.69 1.95
CA GLY H 122 55.16 6.01 0.77
C GLY H 122 54.15 4.97 0.34
N ARG H 123 53.86 3.99 1.20
CA ARG H 123 52.91 2.93 0.89
C ARG H 123 51.54 3.29 1.43
N LEU H 124 50.50 2.90 0.70
CA LEU H 124 49.13 3.10 1.17
C LEU H 124 48.96 2.47 2.56
N ARG H 125 48.20 3.14 3.41
CA ARG H 125 47.88 2.64 4.74
C ARG H 125 46.75 1.62 4.69
N VAL H 126 46.74 0.71 5.65
CA VAL H 126 45.66 -0.27 5.78
C VAL H 126 45.63 -0.75 7.22
N GLY H 127 44.43 -1.10 7.70
CA GLY H 127 44.25 -1.71 8.99
C GLY H 127 43.67 -3.10 8.83
N ALA H 128 43.65 -3.85 9.93
CA ALA H 128 43.12 -5.20 9.92
C ALA H 128 42.52 -5.52 11.28
N ALA H 129 41.35 -6.15 11.26
CA ALA H 129 40.67 -6.53 12.49
C ALA H 129 41.18 -7.88 12.99
N VAL H 130 41.25 -8.02 14.31
CA VAL H 130 41.51 -9.30 14.96
C VAL H 130 40.52 -9.46 16.11
N GLY H 131 40.34 -10.71 16.53
CA GLY H 131 39.50 -11.04 17.67
C GLY H 131 40.32 -11.10 18.94
N THR H 132 39.84 -11.89 19.89
CA THR H 132 40.55 -12.10 21.14
C THR H 132 40.85 -13.58 21.41
N GLY H 133 40.46 -14.48 20.50
CA GLY H 133 40.60 -15.90 20.71
C GLY H 133 42.02 -16.41 20.48
N ALA H 134 42.14 -17.74 20.54
CA ALA H 134 43.45 -18.38 20.58
C ALA H 134 44.29 -18.07 19.35
N ASP H 135 43.65 -17.83 18.20
CA ASP H 135 44.38 -17.55 16.97
C ASP H 135 44.96 -16.15 16.93
N THR H 136 44.58 -15.27 17.86
CA THR H 136 44.96 -13.87 17.75
C THR H 136 46.47 -13.65 17.75
N PRO H 137 47.24 -14.22 18.67
CA PRO H 137 48.69 -13.94 18.66
C PRO H 137 49.33 -14.21 17.30
N SER H 138 49.02 -15.35 16.69
N SER H 138 49.02 -15.35 16.70
CA SER H 138 49.56 -15.65 15.37
CA SER H 138 49.56 -15.66 15.38
C SER H 138 49.05 -14.68 14.34
C SER H 138 49.05 -14.70 14.31
N ARG H 139 47.77 -14.32 14.41
CA ARG H 139 47.19 -13.41 13.42
C ARG H 139 47.86 -12.05 13.48
N VAL H 140 48.02 -11.49 14.68
CA VAL H 140 48.68 -10.19 14.81
C VAL H 140 50.09 -10.27 14.26
N GLU H 141 50.82 -11.34 14.61
CA GLU H 141 52.20 -11.48 14.13
C GLU H 141 52.23 -11.47 12.60
N ALA H 142 51.36 -12.25 11.97
CA ALA H 142 51.32 -12.28 10.51
C ALA H 142 50.99 -10.90 9.94
N LEU H 143 50.02 -10.21 10.55
CA LEU H 143 49.62 -8.90 10.04
C LEU H 143 50.73 -7.87 10.18
N VAL H 144 51.41 -7.84 11.32
CA VAL H 144 52.51 -6.91 11.51
C VAL H 144 53.62 -7.22 10.51
N GLU H 145 53.92 -8.51 10.33
CA GLU H 145 54.94 -8.93 9.38
C GLU H 145 54.63 -8.41 7.98
N ALA H 146 53.35 -8.37 7.62
CA ALA H 146 52.95 -7.95 6.28
C ALA H 146 52.91 -6.43 6.11
N GLY H 147 53.17 -5.66 7.16
CA GLY H 147 53.20 -4.21 7.06
C GLY H 147 51.93 -3.49 7.47
N VAL H 148 51.00 -4.15 8.16
CA VAL H 148 49.76 -3.47 8.55
C VAL H 148 50.10 -2.26 9.40
N ASP H 149 49.32 -1.18 9.22
CA ASP H 149 49.57 0.05 9.94
C ASP H 149 48.89 0.09 11.30
N VAL H 150 47.77 -0.60 11.46
CA VAL H 150 47.00 -0.55 12.71
C VAL H 150 46.25 -1.87 12.86
N ILE H 151 46.29 -2.41 14.07
CA ILE H 151 45.53 -3.61 14.44
C ILE H 151 44.28 -3.15 15.15
N VAL H 152 43.13 -3.67 14.74
CA VAL H 152 41.84 -3.32 15.35
C VAL H 152 41.35 -4.53 16.12
N VAL H 153 41.47 -4.50 17.45
CA VAL H 153 40.92 -5.54 18.29
C VAL H 153 39.42 -5.28 18.35
N ASP H 154 38.65 -6.09 17.64
CA ASP H 154 37.33 -5.72 17.15
C ASP H 154 36.31 -6.76 17.62
N THR H 155 35.50 -6.40 18.61
CA THR H 155 34.47 -7.30 19.11
C THR H 155 33.19 -6.52 19.40
N ALA H 156 32.13 -7.26 19.69
CA ALA H 156 30.86 -6.64 20.03
C ALA H 156 30.90 -5.92 21.38
N HIS H 157 31.82 -6.30 22.27
CA HIS H 157 31.80 -5.79 23.65
C HIS H 157 33.24 -5.53 24.09
N GLY H 158 33.73 -4.33 23.78
CA GLY H 158 35.11 -3.98 24.09
C GLY H 158 35.37 -3.74 25.57
N HIS H 159 34.33 -3.48 26.36
CA HIS H 159 34.48 -3.28 27.80
C HIS H 159 34.52 -4.64 28.51
N SER H 160 35.55 -5.42 28.18
CA SER H 160 35.65 -6.78 28.69
C SER H 160 37.12 -7.09 28.92
N ALA H 161 37.37 -8.02 29.85
CA ALA H 161 38.73 -8.44 30.13
C ALA H 161 39.42 -8.95 28.86
N GLY H 162 38.69 -9.69 28.02
CA GLY H 162 39.31 -10.23 26.82
C GLY H 162 39.87 -9.15 25.91
N VAL H 163 39.07 -8.10 25.66
CA VAL H 163 39.52 -7.06 24.74
C VAL H 163 40.58 -6.18 25.39
N ILE H 164 40.35 -5.78 26.63
CA ILE H 164 41.28 -4.91 27.34
C ILE H 164 42.66 -5.56 27.42
N GLU H 165 42.70 -6.86 27.77
CA GLU H 165 43.99 -7.52 27.93
C GLU H 165 44.65 -7.81 26.58
N ARG H 166 43.85 -8.05 25.54
CA ARG H 166 44.44 -8.26 24.22
C ARG H 166 45.04 -6.97 23.66
N VAL H 167 44.36 -5.84 23.89
CA VAL H 167 44.92 -4.54 23.53
C VAL H 167 46.25 -4.32 24.25
N ARG H 168 46.28 -4.59 25.55
CA ARG H 168 47.53 -4.44 26.30
C ARG H 168 48.62 -5.32 25.71
N TRP H 169 48.28 -6.55 25.32
CA TRP H 169 49.26 -7.48 24.78
C TRP H 169 49.83 -7.00 23.45
N VAL H 170 48.98 -6.46 22.57
CA VAL H 170 49.46 -5.98 21.28
C VAL H 170 50.40 -4.79 21.48
N LYS H 171 50.04 -3.87 22.39
CA LYS H 171 50.88 -2.70 22.63
C LYS H 171 52.21 -3.11 23.25
N GLN H 172 52.19 -4.07 24.17
CA GLN H 172 53.43 -4.46 24.84
C GLN H 172 54.33 -5.26 23.93
N ASN H 173 53.76 -6.12 23.08
CA ASN H 173 54.56 -7.02 22.25
C ASN H 173 54.83 -6.47 20.87
N PHE H 174 53.97 -5.61 20.34
CA PHE H 174 54.16 -5.01 19.02
C PHE H 174 54.03 -3.50 19.11
N PRO H 175 54.91 -2.85 19.86
CA PRO H 175 54.84 -1.38 19.97
C PRO H 175 55.01 -0.66 18.64
N GLN H 176 55.50 -1.34 17.60
CA GLN H 176 55.72 -0.66 16.32
C GLN H 176 54.43 -0.50 15.52
N VAL H 177 53.33 -1.10 15.94
CA VAL H 177 52.05 -0.97 15.25
C VAL H 177 51.09 -0.21 16.16
N GLN H 178 50.18 0.54 15.53
CA GLN H 178 49.10 1.19 16.26
C GLN H 178 47.99 0.17 16.53
N VAL H 179 47.26 0.39 17.62
CA VAL H 179 46.22 -0.55 18.02
C VAL H 179 44.96 0.22 18.43
N ILE H 180 43.81 -0.29 17.99
CA ILE H 180 42.51 0.26 18.31
C ILE H 180 41.72 -0.82 19.03
N GLY H 181 40.94 -0.42 20.04
CA GLY H 181 40.07 -1.34 20.75
C GLY H 181 38.63 -0.88 20.66
N GLY H 182 37.72 -1.85 20.64
CA GLY H 182 36.30 -1.57 20.56
C GLY H 182 35.51 -2.87 20.50
N ASN H 183 34.19 -2.75 20.42
CA ASN H 183 33.47 -1.48 20.43
C ASN H 183 33.01 -1.14 21.84
N ILE H 184 32.88 0.16 22.13
CA ILE H 184 32.48 0.63 23.45
C ILE H 184 31.41 1.71 23.30
N ALA H 185 30.76 2.02 24.43
CA ALA H 185 29.74 3.06 24.39
C ALA H 185 29.76 3.97 25.62
N THR H 186 30.75 3.85 26.50
CA THR H 186 30.77 4.61 27.74
C THR H 186 32.17 5.15 28.01
N GLY H 187 32.23 6.25 28.75
CA GLY H 187 33.51 6.79 29.18
C GLY H 187 34.31 5.80 30.01
N ASP H 188 33.64 5.05 30.90
CA ASP H 188 34.35 4.05 31.69
C ASP H 188 35.09 3.07 30.80
N ALA H 189 34.41 2.57 29.76
CA ALA H 189 35.06 1.65 28.84
C ALA H 189 36.24 2.32 28.12
N ALA H 190 36.08 3.58 27.76
CA ALA H 190 37.15 4.29 27.06
C ALA H 190 38.38 4.42 27.94
N LEU H 191 38.20 4.73 29.22
CA LEU H 191 39.33 4.87 30.13
C LEU H 191 40.02 3.53 30.36
N ALA H 192 39.25 2.45 30.44
CA ALA H 192 39.85 1.12 30.57
C ALA H 192 40.78 0.83 29.40
N LEU H 193 40.35 1.15 28.17
CA LEU H 193 41.18 0.89 27.01
C LEU H 193 42.35 1.86 26.93
N LEU H 194 42.12 3.11 27.29
CA LEU H 194 43.23 4.07 27.38
C LEU H 194 44.33 3.54 28.30
N ASP H 195 43.94 3.09 29.50
CA ASP H 195 44.94 2.58 30.45
C ASP H 195 45.66 1.35 29.91
N ALA H 196 45.00 0.57 29.05
CA ALA H 196 45.62 -0.61 28.46
C ALA H 196 46.56 -0.27 27.32
N GLY H 197 46.59 0.99 26.89
CA GLY H 197 47.51 1.40 25.84
C GLY H 197 46.90 1.59 24.47
N ALA H 198 45.57 1.59 24.35
CA ALA H 198 44.95 1.82 23.06
C ALA H 198 45.42 3.14 22.47
N ASP H 199 45.66 3.14 21.16
CA ASP H 199 45.98 4.37 20.43
C ASP H 199 44.74 5.08 19.92
N ALA H 200 43.58 4.43 20.03
CA ALA H 200 42.27 4.99 19.72
C ALA H 200 41.23 3.97 20.14
N VAL H 201 40.00 4.43 20.29
CA VAL H 201 38.89 3.54 20.64
C VAL H 201 37.82 3.66 19.56
N LYS H 202 37.06 2.59 19.40
CA LYS H 202 35.97 2.57 18.43
C LYS H 202 34.65 2.51 19.19
N VAL H 203 33.76 3.45 18.89
CA VAL H 203 32.55 3.68 19.66
C VAL H 203 31.34 3.27 18.83
N GLY H 204 30.50 2.42 19.40
CA GLY H 204 29.27 2.01 18.74
C GLY H 204 28.75 0.67 19.24
N ILE H 205 27.69 0.71 20.05
CA ILE H 205 26.99 -0.48 20.51
C ILE H 205 25.51 -0.23 20.22
N GLY H 206 25.00 -0.82 19.15
CA GLY H 206 23.60 -0.68 18.82
C GLY H 206 23.23 0.11 17.57
N PRO H 207 24.07 1.05 17.11
CA PRO H 207 23.63 1.99 16.08
C PRO H 207 23.71 1.47 14.64
N GLY H 208 24.38 0.35 14.41
CA GLY H 208 24.60 -0.08 13.03
C GLY H 208 23.30 -0.35 12.29
N SER H 209 23.31 -0.06 10.99
CA SER H 209 22.12 -0.22 10.16
C SER H 209 21.60 -1.66 10.18
N ILE H 210 22.49 -2.63 10.29
CA ILE H 210 22.11 -4.05 10.27
C ILE H 210 22.08 -4.64 11.68
N CYS H 211 22.09 -3.79 12.70
CA CYS H 211 22.14 -4.26 14.08
C CYS H 211 20.77 -4.72 14.55
N THR H 212 20.74 -5.87 15.22
CA THR H 212 19.57 -6.29 15.99
C THR H 212 19.89 -6.46 17.47
N THR H 213 21.06 -5.99 17.91
CA THR H 213 21.42 -6.09 19.33
C THR H 213 20.39 -5.41 20.21
N ARG H 214 19.86 -4.25 19.78
N ARG H 214 19.86 -4.27 19.77
CA ARG H 214 18.85 -3.57 20.59
CA ARG H 214 18.86 -3.56 20.58
C ARG H 214 17.64 -4.46 20.82
C ARG H 214 17.62 -4.42 20.80
N ILE H 215 17.27 -5.25 19.82
CA ILE H 215 16.08 -6.09 19.91
C ILE H 215 16.40 -7.41 20.61
N VAL H 216 17.53 -8.02 20.26
CA VAL H 216 17.87 -9.34 20.79
C VAL H 216 18.28 -9.25 22.25
N ALA H 217 19.09 -8.24 22.59
CA ALA H 217 19.67 -8.13 23.92
C ALA H 217 19.12 -6.97 24.72
N GLY H 218 18.39 -6.05 24.09
CA GLY H 218 17.93 -4.86 24.78
C GLY H 218 19.04 -3.91 25.17
N ILE H 219 20.18 -4.03 24.49
CA ILE H 219 21.43 -3.33 24.83
C ILE H 219 21.70 -2.30 23.76
N GLY H 220 22.14 -1.11 24.17
CA GLY H 220 22.53 -0.11 23.20
C GLY H 220 22.77 1.23 23.84
N MET H 221 23.37 2.12 23.05
CA MET H 221 23.60 3.49 23.46
C MET H 221 23.43 4.38 22.24
N PRO H 222 22.41 5.24 22.22
CA PRO H 222 22.27 6.21 21.12
C PRO H 222 23.60 6.91 20.85
N GLN H 223 23.94 7.00 19.55
CA GLN H 223 25.34 7.19 19.17
C GLN H 223 25.86 8.59 19.52
N ILE H 224 25.02 9.62 19.49
CA ILE H 224 25.51 10.95 19.85
C ILE H 224 25.95 10.97 21.32
N SER H 225 25.14 10.37 22.20
CA SER H 225 25.51 10.32 23.61
C SER H 225 26.68 9.38 23.87
N ALA H 226 26.80 8.31 23.06
CA ALA H 226 27.96 7.44 23.20
C ALA H 226 29.24 8.18 22.84
N ILE H 227 29.23 8.90 21.72
CA ILE H 227 30.40 9.67 21.33
C ILE H 227 30.75 10.68 22.41
N ASP H 228 29.74 11.42 22.89
CA ASP H 228 29.98 12.42 23.92
C ASP H 228 30.53 11.80 25.20
N SER H 229 29.95 10.67 25.64
CA SER H 229 30.44 10.03 26.86
C SER H 229 31.91 9.65 26.71
N VAL H 230 32.26 9.06 25.57
CA VAL H 230 33.64 8.63 25.34
C VAL H 230 34.57 9.81 25.18
N ALA H 231 34.18 10.78 24.34
CA ALA H 231 35.05 11.94 24.13
C ALA H 231 35.27 12.71 25.41
N SER H 232 34.22 12.85 26.22
CA SER H 232 34.35 13.62 27.46
C SER H 232 35.34 12.96 28.43
N ALA H 233 35.33 11.63 28.47
CA ALA H 233 36.22 10.94 29.40
C ALA H 233 37.66 10.95 28.91
N LEU H 234 37.87 10.86 27.60
CA LEU H 234 39.23 10.77 27.05
C LEU H 234 39.97 12.10 27.11
N LYS H 235 39.25 13.22 27.03
CA LYS H 235 39.86 14.55 27.03
C LYS H 235 40.99 14.64 25.99
N ASP H 236 40.74 14.10 24.80
CA ASP H 236 41.62 14.19 23.64
C ASP H 236 42.95 13.46 23.81
N GLN H 237 43.09 12.61 24.83
CA GLN H 237 44.33 11.86 24.98
C GLN H 237 44.52 10.90 23.81
N ILE H 238 43.44 10.27 23.37
CA ILE H 238 43.43 9.51 22.12
C ILE H 238 42.13 9.80 21.38
N PRO H 239 42.14 9.65 20.06
CA PRO H 239 40.92 9.90 19.28
C PRO H 239 39.95 8.73 19.35
N LEU H 240 38.71 9.00 18.95
CA LEU H 240 37.68 7.96 18.88
C LEU H 240 37.12 7.89 17.47
N ILE H 241 36.81 6.66 17.05
CA ILE H 241 36.16 6.36 15.78
C ILE H 241 34.68 6.14 16.07
N ALA H 242 33.81 6.94 15.43
CA ALA H 242 32.36 6.79 15.56
C ALA H 242 31.89 5.76 14.54
N ASP H 243 31.53 4.57 15.03
CA ASP H 243 31.30 3.40 14.18
C ASP H 243 29.82 3.01 14.22
N GLY H 244 29.12 3.20 13.11
CA GLY H 244 27.78 2.68 12.95
C GLY H 244 26.72 3.77 12.98
N GLY H 245 25.62 3.52 12.26
CA GLY H 245 24.49 4.42 12.28
C GLY H 245 24.59 5.61 11.35
N ILE H 246 25.68 5.75 10.59
CA ILE H 246 25.85 6.87 9.67
C ILE H 246 25.02 6.57 8.42
N ARG H 247 23.97 7.35 8.20
CA ARG H 247 23.13 7.19 7.02
C ARG H 247 23.30 8.32 6.01
N PHE H 248 23.62 9.52 6.48
CA PHE H 248 23.76 10.68 5.62
C PHE H 248 25.05 11.41 5.98
N SER H 249 25.49 12.30 5.08
CA SER H 249 26.64 13.12 5.38
C SER H 249 26.40 13.98 6.60
N GLY H 250 25.14 14.38 6.84
CA GLY H 250 24.83 15.16 8.03
C GLY H 250 25.15 14.43 9.32
N ASP H 251 25.01 13.11 9.33
CA ASP H 251 25.37 12.34 10.53
C ASP H 251 26.87 12.42 10.79
N MET H 252 27.67 12.51 9.73
N MET H 252 27.67 12.47 9.74
CA MET H 252 29.11 12.62 9.92
CA MET H 252 29.11 12.62 9.92
C MET H 252 29.49 13.91 10.61
C MET H 252 29.44 13.91 10.65
N ALA H 253 28.90 15.03 10.17
CA ALA H 253 29.16 16.31 10.83
C ALA H 253 28.72 16.25 12.29
N LYS H 254 27.53 15.70 12.56
CA LYS H 254 27.05 15.61 13.94
C LYS H 254 28.01 14.77 14.79
N ALA H 255 28.44 13.63 14.26
CA ALA H 255 29.36 12.76 14.99
C ALA H 255 30.64 13.50 15.34
N ILE H 256 31.22 14.21 14.38
CA ILE H 256 32.44 14.95 14.64
C ILE H 256 32.20 16.09 15.61
N GLY H 257 31.08 16.81 15.45
CA GLY H 257 30.73 17.85 16.40
C GLY H 257 30.56 17.33 17.81
N ALA H 258 30.11 16.08 17.95
CA ALA H 258 29.95 15.47 19.27
C ALA H 258 31.27 14.98 19.86
N GLY H 259 32.37 15.01 19.09
CA GLY H 259 33.66 14.58 19.62
C GLY H 259 34.42 13.55 18.81
N ALA H 260 33.79 12.96 17.80
CA ALA H 260 34.48 11.96 16.99
C ALA H 260 35.61 12.60 16.19
N SER H 261 36.67 11.82 15.97
CA SER H 261 37.77 12.22 15.10
C SER H 261 37.67 11.61 13.72
N THR H 262 37.12 10.41 13.62
CA THR H 262 36.83 9.75 12.37
C THR H 262 35.49 9.04 12.50
N ILE H 263 34.92 8.63 11.37
CA ILE H 263 33.70 7.85 11.37
C ILE H 263 33.92 6.61 10.51
N MET H 264 33.39 5.48 10.97
CA MET H 264 33.43 4.21 10.23
C MET H 264 32.05 3.93 9.66
N VAL H 265 32.01 3.47 8.40
CA VAL H 265 30.75 3.22 7.72
C VAL H 265 30.79 1.85 7.05
N GLY H 266 29.68 1.11 7.17
CA GLY H 266 29.50 -0.12 6.44
C GLY H 266 28.48 0.06 5.33
N SER H 267 27.24 0.37 5.71
N SER H 267 27.24 0.37 5.71
CA SER H 267 26.15 0.44 4.73
CA SER H 267 26.15 0.45 4.73
C SER H 267 26.48 1.41 3.59
C SER H 267 26.47 1.41 3.60
N LEU H 268 27.04 2.57 3.91
CA LEU H 268 27.28 3.58 2.87
C LEU H 268 28.26 3.09 1.80
N LEU H 269 29.22 2.25 2.17
CA LEU H 269 30.18 1.73 1.20
C LEU H 269 29.81 0.35 0.67
N ALA H 270 28.91 -0.37 1.34
CA ALA H 270 28.40 -1.61 0.78
C ALA H 270 27.71 -1.31 -0.55
N GLY H 271 27.77 -2.28 -1.47
CA GLY H 271 27.21 -2.11 -2.79
C GLY H 271 28.04 -1.31 -3.77
N THR H 272 29.18 -0.75 -3.34
CA THR H 272 30.05 -0.10 -4.30
C THR H 272 30.83 -1.15 -5.09
N GLU H 273 31.36 -0.72 -6.24
CA GLU H 273 32.14 -1.63 -7.08
C GLU H 273 33.29 -2.26 -6.30
N GLU H 274 33.95 -1.48 -5.44
CA GLU H 274 35.13 -1.97 -4.73
C GLU H 274 34.79 -2.88 -3.57
N ALA H 275 33.55 -2.88 -3.10
CA ALA H 275 33.16 -3.75 -2.00
C ALA H 275 33.24 -5.22 -2.45
N PRO H 276 33.48 -6.13 -1.52
CA PRO H 276 33.50 -7.55 -1.89
C PRO H 276 32.11 -8.01 -2.34
N GLY H 277 32.10 -9.03 -3.17
CA GLY H 277 30.86 -9.59 -3.64
C GLY H 277 30.57 -9.19 -5.08
N GLU H 278 29.92 -10.09 -5.80
CA GLU H 278 29.52 -9.84 -7.17
C GLU H 278 28.16 -9.16 -7.21
N VAL H 279 27.97 -8.28 -8.20
CA VAL H 279 26.67 -7.70 -8.41
C VAL H 279 25.69 -8.80 -8.80
N GLU H 280 24.44 -8.64 -8.37
CA GLU H 280 23.36 -9.50 -8.80
C GLU H 280 22.18 -8.60 -9.13
N PHE H 281 21.65 -8.72 -10.34
CA PHE H 281 20.48 -7.92 -10.71
C PHE H 281 19.23 -8.75 -10.48
N PHE H 282 18.32 -8.19 -9.69
CA PHE H 282 17.17 -8.90 -9.13
C PHE H 282 15.95 -8.03 -9.34
N GLN H 283 14.97 -8.55 -10.08
CA GLN H 283 13.86 -7.74 -10.56
C GLN H 283 14.37 -6.57 -11.40
N GLY H 284 15.34 -6.86 -12.27
CA GLY H 284 15.88 -5.87 -13.18
C GLY H 284 16.80 -4.83 -12.58
N ARG H 285 17.10 -4.93 -11.29
CA ARG H 285 17.97 -3.98 -10.62
C ARG H 285 19.18 -4.69 -10.03
N TYR H 286 20.32 -3.99 -10.05
CA TYR H 286 21.59 -4.54 -9.57
C TYR H 286 21.76 -4.30 -8.07
N TYR H 287 22.16 -5.33 -7.35
CA TYR H 287 22.37 -5.27 -5.91
C TYR H 287 23.69 -5.92 -5.54
N LYS H 288 24.13 -5.63 -4.31
CA LYS H 288 25.21 -6.36 -3.67
C LYS H 288 24.77 -6.73 -2.26
N ALA H 289 25.31 -7.84 -1.77
CA ALA H 289 24.99 -8.30 -0.42
C ALA H 289 25.58 -7.35 0.62
N TYR H 290 24.86 -7.21 1.72
CA TYR H 290 25.34 -6.52 2.91
C TYR H 290 24.79 -7.24 4.13
N ARG H 291 25.67 -7.64 5.04
CA ARG H 291 25.22 -8.41 6.19
C ARG H 291 26.05 -8.06 7.41
N GLY H 292 25.38 -8.10 8.57
CA GLY H 292 26.12 -7.97 9.81
C GLY H 292 27.07 -9.13 10.00
N MET H 293 28.18 -8.86 10.69
CA MET H 293 29.09 -9.94 11.00
C MET H 293 28.54 -10.85 12.09
N GLY H 294 27.46 -10.46 12.75
CA GLY H 294 26.77 -11.30 13.70
C GLY H 294 25.49 -11.90 13.11
N SER H 295 25.36 -11.84 11.79
CA SER H 295 24.25 -12.49 11.12
C SER H 295 24.48 -13.99 11.03
N LEU H 296 23.39 -14.72 10.76
CA LEU H 296 23.51 -16.17 10.60
C LEU H 296 24.52 -16.54 9.52
N GLY H 297 24.35 -15.99 8.32
CA GLY H 297 25.27 -16.31 7.23
C GLY H 297 26.71 -15.99 7.57
N ALA H 298 26.95 -14.85 8.22
CA ALA H 298 28.31 -14.47 8.57
C ALA H 298 28.93 -15.44 9.58
N MET H 299 28.15 -15.86 10.58
CA MET H 299 28.66 -16.80 11.57
C MET H 299 28.75 -18.22 11.03
N ALA H 300 27.90 -18.57 10.07
CA ALA H 300 27.96 -19.88 9.43
C ALA H 300 29.00 -19.88 8.33
N LYS H 319 26.55 -21.48 21.02
CA LYS H 319 26.60 -20.54 19.91
C LYS H 319 25.67 -19.36 20.12
N LEU H 320 26.17 -18.16 19.82
CA LEU H 320 25.40 -16.95 20.03
C LEU H 320 24.23 -16.87 19.04
N VAL H 321 23.08 -16.42 19.53
CA VAL H 321 21.97 -16.14 18.61
C VAL H 321 22.39 -14.96 17.75
N PRO H 322 21.95 -14.89 16.49
CA PRO H 322 22.40 -13.79 15.62
C PRO H 322 21.97 -12.44 16.15
N GLU H 323 22.81 -11.44 15.88
CA GLU H 323 22.53 -10.05 16.26
C GLU H 323 22.67 -9.11 15.08
N GLY H 324 22.62 -9.62 13.85
CA GLY H 324 22.62 -8.78 12.68
C GLY H 324 21.78 -9.43 11.61
N ILE H 325 21.39 -8.64 10.61
CA ILE H 325 20.59 -9.14 9.51
C ILE H 325 21.46 -9.22 8.25
N GLU H 326 20.90 -9.85 7.22
CA GLU H 326 21.53 -9.99 5.90
C GLU H 326 20.56 -9.47 4.86
N GLY H 327 21.04 -8.62 3.96
CA GLY H 327 20.17 -8.05 2.96
C GLY H 327 20.92 -7.64 1.72
N ARG H 328 20.19 -7.06 0.78
CA ARG H 328 20.74 -6.50 -0.44
C ARG H 328 20.80 -4.98 -0.34
N VAL H 329 21.86 -4.40 -0.89
CA VAL H 329 21.92 -2.95 -1.03
C VAL H 329 22.04 -2.63 -2.52
N PRO H 330 21.46 -1.54 -2.99
CA PRO H 330 21.54 -1.21 -4.42
C PRO H 330 22.98 -0.96 -4.84
N TYR H 331 23.28 -1.34 -6.08
CA TYR H 331 24.60 -1.09 -6.66
C TYR H 331 24.87 0.41 -6.75
N LYS H 332 26.07 0.82 -6.36
CA LYS H 332 26.41 2.23 -6.25
C LYS H 332 27.50 2.70 -7.19
N GLY H 333 28.12 1.81 -7.96
CA GLY H 333 29.24 2.18 -8.79
C GLY H 333 30.50 2.44 -7.98
N PRO H 334 31.46 3.14 -8.59
CA PRO H 334 32.75 3.37 -7.90
C PRO H 334 32.55 4.07 -6.57
N MET H 335 33.31 3.62 -5.56
CA MET H 335 33.16 4.20 -4.22
C MET H 335 33.58 5.66 -4.19
N GLY H 336 34.46 6.07 -5.10
CA GLY H 336 34.90 7.46 -5.10
C GLY H 336 33.75 8.44 -5.19
N ASN H 337 32.68 8.06 -5.89
CA ASN H 337 31.51 8.94 -6.02
C ASN H 337 30.83 9.15 -4.67
N ILE H 338 30.47 8.05 -4.00
CA ILE H 338 29.79 8.17 -2.71
C ILE H 338 30.69 8.88 -1.70
N VAL H 339 31.98 8.59 -1.73
CA VAL H 339 32.90 9.29 -0.82
C VAL H 339 32.90 10.78 -1.12
N HIS H 340 32.89 11.16 -2.40
CA HIS H 340 32.85 12.56 -2.77
C HIS H 340 31.57 13.23 -2.29
N GLN H 341 30.43 12.56 -2.48
CA GLN H 341 29.16 13.10 -1.98
C GLN H 341 29.22 13.33 -0.48
N MET H 342 29.71 12.33 0.27
CA MET H 342 29.72 12.43 1.73
C MET H 342 30.64 13.55 2.20
N MET H 343 31.87 13.59 1.69
CA MET H 343 32.79 14.65 2.11
C MET H 343 32.29 16.02 1.68
N GLY H 344 31.58 16.09 0.55
CA GLY H 344 30.99 17.37 0.16
C GLY H 344 29.94 17.84 1.16
N GLY H 345 29.14 16.90 1.68
CA GLY H 345 28.20 17.27 2.71
C GLY H 345 28.89 17.76 3.98
N LEU H 346 29.95 17.07 4.39
CA LEU H 346 30.70 17.50 5.57
C LEU H 346 31.32 18.87 5.35
N ARG H 347 31.85 19.12 4.15
CA ARG H 347 32.40 20.45 3.84
C ARG H 347 31.33 21.53 3.98
N SER H 348 30.13 21.27 3.49
N SER H 348 30.11 21.26 3.53
CA SER H 348 29.03 22.22 3.64
CA SER H 348 29.05 22.24 3.68
C SER H 348 28.79 22.53 5.11
C SER H 348 28.72 22.47 5.16
N SER H 349 28.68 21.48 5.93
N SER H 349 28.68 21.39 5.96
CA SER H 349 28.43 21.68 7.35
CA SER H 349 28.47 21.55 7.39
C SER H 349 29.54 22.51 7.99
C SER H 349 29.53 22.45 8.00
N MET H 350 30.79 22.26 7.61
CA MET H 350 31.87 23.04 8.20
C MET H 350 31.82 24.48 7.73
N GLY H 351 31.35 24.73 6.51
CA GLY H 351 31.10 26.10 6.09
C GLY H 351 30.06 26.79 6.94
N TYR H 352 28.93 26.10 7.19
CA TYR H 352 27.88 26.63 8.03
C TYR H 352 28.36 26.91 9.46
N THR H 353 29.28 26.09 9.97
CA THR H 353 29.71 26.25 11.35
C THR H 353 30.97 27.10 11.48
N GLY H 354 31.50 27.60 10.37
CA GLY H 354 32.72 28.37 10.42
C GLY H 354 33.94 27.55 10.82
N SER H 355 33.96 26.27 10.47
CA SER H 355 35.02 25.34 10.89
C SER H 355 35.98 25.15 9.72
N ALA H 356 37.16 25.78 9.80
CA ALA H 356 38.14 25.64 8.74
C ALA H 356 38.86 24.29 8.79
N VAL H 357 38.96 23.69 9.98
CA VAL H 357 39.62 22.40 10.14
C VAL H 357 38.76 21.53 11.05
N ILE H 358 39.03 20.22 11.00
CA ILE H 358 38.22 19.25 11.73
C ILE H 358 38.16 19.61 13.22
N GLU H 359 39.30 20.00 13.80
CA GLU H 359 39.34 20.27 15.23
C GLU H 359 38.48 21.48 15.60
N ASP H 360 38.29 22.42 14.67
CA ASP H 360 37.35 23.51 14.91
C ASP H 360 35.94 22.97 15.15
N LEU H 361 35.50 22.04 14.29
CA LEU H 361 34.17 21.47 14.45
C LEU H 361 34.07 20.67 15.75
N ARG H 362 35.12 19.91 16.09
CA ARG H 362 35.09 19.13 17.32
C ARG H 362 35.03 20.02 18.55
N GLN H 363 35.67 21.19 18.50
CA GLN H 363 35.75 22.05 19.68
C GLN H 363 34.61 23.06 19.77
N ASN H 364 34.06 23.51 18.64
CA ASN H 364 33.15 24.65 18.64
C ASN H 364 31.71 24.30 18.33
N ALA H 365 31.43 23.06 17.97
CA ALA H 365 30.07 22.70 17.56
C ALA H 365 29.06 23.01 18.66
N LYS H 366 27.93 23.57 18.26
CA LYS H 366 26.80 23.76 19.16
C LYS H 366 25.58 23.11 18.53
N PHE H 367 24.79 22.43 19.36
CA PHE H 367 23.64 21.66 18.92
C PHE H 367 22.36 22.24 19.52
N VAL H 368 21.24 21.94 18.87
CA VAL H 368 19.94 22.00 19.50
C VAL H 368 19.33 20.61 19.49
N LYS H 369 18.53 20.31 20.49
CA LYS H 369 17.74 19.09 20.51
C LYS H 369 16.40 19.35 19.87
N ILE H 370 15.97 18.44 19.01
CA ILE H 370 14.72 18.62 18.30
C ILE H 370 13.73 17.54 18.75
N THR H 371 12.45 17.82 18.51
CA THR H 371 11.40 16.88 18.86
C THR H 371 11.10 15.95 17.70
N SER H 372 10.14 15.05 17.90
CA SER H 372 9.73 14.14 16.82
C SER H 372 9.18 14.91 15.64
N ALA H 373 8.53 16.06 15.87
CA ALA H 373 8.02 16.85 14.76
C ALA H 373 9.15 17.54 14.00
N GLY H 374 10.26 17.87 14.68
CA GLY H 374 11.39 18.45 14.00
C GLY H 374 12.13 17.45 13.13
N MET H 375 12.06 16.17 13.48
CA MET H 375 12.59 15.11 12.62
C MET H 375 11.67 14.96 11.42
N SER H 376 10.48 14.41 11.65
CA SER H 376 9.46 14.30 10.61
C SER H 376 9.07 15.67 10.07
#